data_7B5L
#
_entry.id   7B5L
#
_cell.length_a   1.00
_cell.length_b   1.00
_cell.length_c   1.00
_cell.angle_alpha   90.00
_cell.angle_beta   90.00
_cell.angle_gamma   90.00
#
_symmetry.space_group_name_H-M   'P 1'
#
loop_
_entity.id
_entity.type
_entity.pdbx_description
1 polymer Cullin-1
2 polymer 'E3 ubiquitin-protein ligase ARIH1'
3 polymer 'S-phase kinase-associated protein 2'
4 polymer 'Cyclin-dependent kinases regulatory subunit 1'
5 polymer 'S-phase kinase-associated protein 1'
6 polymer Polyubiquitin-C
7 polymer NEDD8
8 polymer 'E3 ubiquitin-protein ligase RBX1'
9 polymer 'Ubiquitin-conjugating enzyme E2 L3'
10 polymer 'Cyclin-dependent kinase 2'
11 polymer Cyclin-A2
12 polymer 'Cyclin-dependent kinase inhibitor 1B'
13 non-polymer 'ZINC ION'
14 non-polymer 5-azanylpentan-2-one
#
loop_
_entity_poly.entity_id
_entity_poly.type
_entity_poly.pdbx_seq_one_letter_code
_entity_poly.pdbx_strand_id
1 'polypeptide(L)'
;MSSTRSQNPHGLKQIGLDQIWDDLRAGIQQVYTRQSMAKSRYMELYTHVYNYCTSVHQSNQARGAGVPPSKSKKGQTPGG
AQFVGLELYKRLKEFLKNYLTNLLKDGEDLMDESVLKFYTQQWEDYRFSSKVLNGICAYLNRHWVRRECDEGRKGIYEIY
SLALVTWRDCLFRPLNKQVTNAVLKLIEKERNGETINTRLISGVVQSYVELGLNEDDAFAKGPTLTVYKESFESQFLADT
ERFYTRESTEFLQQNPVTEYMKKAEARLLEEQRRVQVYLHESTQDELARKCEQVLIEKHLEIFHTEFQNLLDADKNEDLG
RMYNLVSRIQDGLGELKKLLETHIHNQGLAAIEKCGEAALNDPKMYVQTVLDVHKKYNALVMSAFNNDAGFVAALDKACG
RFINNNAVTKMAQSSSKSPELLARYCDSLLKKSSKNPEEAELEDTLNQVMVVFKYIEDKDVFQKFYAKMLAKRLVHQNSA
SDDAEASMISKLKQACGFEYTSKLQRMFQDIGVSKDLNEQFKKHLTNSEPLDLDFSIQVLSSGSWPFQQSCTFALPSELE
RSYQRFTAFYASRHSGRKLTWLYQLSKGELVTNCFKNRYTLQASTFQMAILLQYNTEDAYTVQQLTDSTQIKMDILAQVL
QILLKSKLLVLEDENANVDEVELKPDTLIKLYLGYKNKKLRVNINVPMKTEQKQEQETTHKNIEEDRKLLIQAAIVRIMK
MRKVLKHQQLLGEVLTQLSSRFKPRVPVIKKCIDILIEKEYLERVDGEKDTYSYLA
;
C
2 'polypeptide(L)'
;MDSDEGYNYEFDEDEECSEEDSGAEEEEDEDDDEPDDDTLDLGEVELVEPGLGVGGERDGLLCGETGGGGGSALGPGGGG
GGGGGGGGGGPGHEQEEDYRYEVLTAEQILQHMVECIREVNEVIQNPATITRILLSHFNWDKEKLMERYFDGNLEKLFAE
CHVINPSKKSRTRQMNTRSSAQDMPCQICYLNYPNSYFTGLECGHKFCMQCWSEYLTTKIMEEGMGQTISCPAHGCDILV
DDNTVMRLITDSKVKLKYQHLITNSFVECNRLLKWCPAPDCHHVVKVQYPDAKPVRCKCGRQFCFNCGENWHDPVKCKWL
KKWIKKCDDDSETSNWIAANTKECPKCHVTIEKDGGCNHMVCRNQNCKAEFCWVCLGPWEPHGSAWYNCNRYNEDDAKAA
RDAQERSRAALQRYLFYCNRYMNHMQSLRFEHKLYAQVKQKMEEMQQHNMSWIEVQFLKKAVDVLCQCRATLMYTYVFAF
YLKKNNQSIIFENNQADLENATEVLSGYLERDISQDSLQDIKQKVQDKYRYCESRRRVLLQHVHEGYEKDLWEYIED
;
H
3 'polypeptide(L)'
;MHRKHLQEIPDLSSNVATSFTWGWDSSKTSELLSGMGVSALEKEEPDSENIPQELLSNLGHPESPPRKRLKSKGSDKDFV
IVRRPKLNRENFPGVSWDSLPDELLLGIFSCLCLPELLKVSGVCKRWYRLASDESLWQTLDLTGKNLHPDVTGRLLSQGV
IAFRCPRSFMDQPLAEHFSPFRVQHMDLSNSVIEVSTLHGILSQCSKLQNLSLEGLRLSDPIVNTLAKNSNLVRLNLSGC
SGFSEFALQTLLSSCSRLDELNLSWCFDFTEKHVQVAVAHVSETITQLNLSGYRKNLQKSDLSTLVRRCPNLVHLDLSDS
VMLKNDCFQEFFQLNYLQHLSLSRCYDIIPETLLELGEIPTLKTLQVFGIVPDGTLQLLKEALPHLQINCSHFTTIARPT
IGNKKNQEIWGIKCRLTLQKPSCL
;
T
4 'polypeptide(L)' MSHKQIYYSDKYDDEEFEYRHVMLPKDIAKLVPKTHLMSESEWRNLGVQQSQGWVHYMIHEPEPHILLFRRPL K
5 'polypeptide(L)'
;MPSIKLQSSDGEIFEVDVEIAKQSVTIKTMLEDLGMDDEGDDDPVPLPNVNAAILKKVIQWCTHHKDDPPPPEDDENKEK
RTDDIPVWDQEFLKVDQGTLFELILAANYLDIKGLLDVTCKTVANMIKGKTPEEIRKTFNIKNDFTEEEEAQVRKENQWC
EEK
;
S
6 'polypeptide(L)' MQIFVKTLTGKTITLEVEPSDTIENVKAKIQDKEGIPPDQQRLIFAGKQLEDGRTLSDYNIQKESTLHLVLRLRG U
7 'polypeptide(L)' MLIKVKTLTGKEIEIDIEPTDKVERIKERVEEKEGIPPQQQRLIYSGKQMNDEKTAADYKILGGSVLHLVLALRGG N
8 'polypeptide(L)'
;MAAAMDVDTPSGTNSGAGKKRFEVKKWNAVALWAWDIVVDNCAICRNHIMDLCIECQANQASATSEECTVAWGVCNHAFH
FHCISRWLKTRQVCPLDNREWEFQKYGH
;
R
9 'polypeptide(L)'
;MAASRRLMKELEEIRKAGMKNFRNIQVDEANLLTWQGLIVPDNPPYDKGAFRIEINFPAEYPFKPPKITFKTKIYHPNID
EKGQVCLPVISAENWKPATKTDQVIQSLIALVNDPQPEHPLRADLAEEYSKDRKKFAKNAEEFTKKYGEKRPVD
;
D
10 'polypeptide(L)'
;MENFQKVEKIGEGTYGVVYKARNKLTGEVVALKKIRLDTETEGVPSTAIREISLLKELNHPNIVKLLDVIHTENKLYLVF
EFLHQDLKKFMDASALTGIPLPLIKSYLFQLLQGLAFCHSHRVLHRDLKPQNLLINTEGAIKLADFGLARAFGVPVRTY
(TPO)HEVVTLWYRAPEILLGCKYYSTAVDIWSLGCIFAEMVTRRALFPGDSEIDQLFRIFRTLGTPDEVVWPGVTSMPD
YKPSFPKWARQDFSKVVPPLDEDGRSLLSQMLHYDPNKRISAKAALAHPFFQDVTKPVPHLRL
;
L
11 'polypeptide(L)'
;MLGNSAPGPATREAGSALLALQQTALQEDQENINPEKAAPVQQPRTRAALAVLKSGNPRGLAQQQRPKTRRVAPLKDLPV
NDEHVTVPPWKANSKQPAFTIHVDEAEKEAQKKPAESQKIEREDALAFNSAISLPGPRKPLVPLDYPMDGSFESPHTMDM
SIILEDEKPVSVNEVPDYHEDIHTYLREMEVKCKPKVGYMKKQPDITNSMRAILVDWLVEVGEEYKLQNETLHLAVNYID
RFLSSMSVLRGKLQLVGTAAMLLASKFEEIYPPEVAEFVYITDDTYTKKQVLRMEHLVLKVLTFDLAAPTVNQFLTQYFL
HQQPANCKVESLAMFLGELSLIDADPYLKYLPSVIAGAAFHLALYTVTGQSWPESLIRKTGYTLESLKPCLMDLHQTYLK
APQHAQQSIREKYKNSKYHGVSLLNPPETLNL
;
Y
12 'polypeptide(L)'
;MSNVRVSNGSPSLERMDARQAEHPKPSACRNLFGPVDHEELTRDLEKHCRDMEEASQRKWNFDFQNHKPLEGKYEWQEVE
KGSLPEFYYRPPRPPKGACKVPAQESQDVSGSRPAAPLIGAPANSEDTHLVDPKTDPSDSQTGLAEQCAGIRKRPATDDS
STQNKRANRTEENVSDGSPNAGSVEQ(TPO)PKKPGLRRRQT
;
P
#
loop_
_chem_comp.id
_chem_comp.type
_chem_comp.name
_chem_comp.formula
SY8 non-polymer 5-azanylpentan-2-one 'C5 H11 N O'
ZN non-polymer 'ZINC ION' 'Zn 2'
#
# COMPACT_ATOMS: atom_id res chain seq x y z
N LEU A 17 1.67 -52.82 -46.19
CA LEU A 17 1.27 -53.53 -47.39
C LEU A 17 0.25 -54.62 -47.06
N ASP A 18 0.29 -55.71 -47.82
CA ASP A 18 -0.70 -56.77 -47.69
C ASP A 18 -0.11 -58.08 -47.20
N GLN A 19 0.93 -58.59 -47.87
CA GLN A 19 1.56 -59.83 -47.44
C GLN A 19 2.06 -59.71 -46.00
N ILE A 20 2.48 -58.51 -45.60
CA ILE A 20 2.82 -58.27 -44.21
C ILE A 20 1.58 -58.31 -43.33
N TRP A 21 0.46 -57.81 -43.85
CA TRP A 21 -0.71 -57.60 -43.01
C TRP A 21 -1.29 -58.89 -42.47
N ASP A 22 -1.28 -59.95 -43.28
CA ASP A 22 -1.88 -61.20 -42.83
C ASP A 22 -1.13 -61.78 -41.64
N ASP A 23 0.21 -61.86 -41.74
CA ASP A 23 0.98 -62.39 -40.63
C ASP A 23 0.92 -61.46 -39.43
N LEU A 24 0.87 -60.15 -39.65
CA LEU A 24 0.69 -59.23 -38.54
C LEU A 24 -0.62 -59.51 -37.81
N ARG A 25 -1.70 -59.75 -38.58
CA ARG A 25 -2.97 -60.08 -37.98
C ARG A 25 -2.89 -61.39 -37.19
N ALA A 26 -2.20 -62.38 -37.75
CA ALA A 26 -2.06 -63.66 -37.04
C ALA A 26 -1.35 -63.46 -35.71
N GLY A 27 -0.24 -62.73 -35.73
CA GLY A 27 0.49 -62.46 -34.51
C GLY A 27 -0.32 -61.68 -33.49
N ILE A 28 -1.06 -60.68 -33.95
CA ILE A 28 -1.89 -59.90 -33.03
C ILE A 28 -2.98 -60.77 -32.42
N GLN A 29 -3.63 -61.59 -33.25
CA GLN A 29 -4.59 -62.54 -32.71
C GLN A 29 -3.94 -63.43 -31.68
N GLN A 30 -2.66 -63.74 -31.86
CA GLN A 30 -1.94 -64.50 -30.85
C GLN A 30 -1.76 -63.71 -29.56
N VAL A 31 -1.43 -62.42 -29.67
CA VAL A 31 -1.07 -61.69 -28.46
C VAL A 31 -2.29 -61.45 -27.57
N TYR A 32 -3.45 -61.14 -28.15
CA TYR A 32 -4.68 -61.26 -27.38
C TYR A 32 -4.99 -62.73 -27.17
N THR A 33 -5.74 -63.02 -26.11
CA THR A 33 -5.87 -64.38 -25.60
C THR A 33 -4.48 -64.97 -25.37
N ARG A 34 -3.77 -64.37 -24.42
CA ARG A 34 -2.33 -64.57 -24.31
C ARG A 34 -1.99 -66.03 -24.00
N GLN A 35 -0.98 -66.55 -24.69
CA GLN A 35 -0.39 -67.85 -24.39
C GLN A 35 1.12 -67.74 -24.19
N SER A 36 1.59 -66.54 -23.81
CA SER A 36 2.99 -66.31 -23.46
C SER A 36 3.92 -66.67 -24.63
N MET A 37 3.79 -65.90 -25.70
CA MET A 37 4.58 -66.17 -26.88
C MET A 37 6.06 -65.84 -26.65
N ALA A 38 6.88 -66.34 -27.56
CA ALA A 38 8.33 -66.23 -27.46
C ALA A 38 8.85 -65.04 -28.25
N LYS A 39 9.95 -64.47 -27.76
CA LYS A 39 10.47 -63.22 -28.28
C LYS A 39 10.82 -63.29 -29.75
N SER A 40 11.07 -64.49 -30.29
CA SER A 40 11.31 -64.62 -31.72
C SER A 40 10.12 -64.14 -32.52
N ARG A 41 8.92 -64.58 -32.10
CA ARG A 41 7.71 -64.15 -32.77
C ARG A 41 7.57 -62.64 -32.75
N TYR A 42 7.87 -62.03 -31.61
CA TYR A 42 7.72 -60.60 -31.48
C TYR A 42 8.73 -59.82 -32.31
N MET A 43 9.97 -60.31 -32.41
CA MET A 43 10.88 -59.67 -33.35
C MET A 43 10.43 -59.83 -34.79
N GLU A 44 9.84 -60.97 -35.14
CA GLU A 44 9.27 -61.08 -36.48
C GLU A 44 8.23 -59.99 -36.72
N LEU A 45 7.33 -59.81 -35.76
CA LEU A 45 6.26 -58.82 -35.92
C LEU A 45 6.82 -57.40 -35.99
N TYR A 46 7.74 -57.07 -35.09
CA TYR A 46 8.30 -55.74 -35.06
C TYR A 46 9.07 -55.44 -36.34
N THR A 47 9.80 -56.43 -36.85
CA THR A 47 10.49 -56.24 -38.12
C THR A 47 9.50 -56.01 -39.24
N HIS A 48 8.37 -56.72 -39.22
CA HIS A 48 7.35 -56.48 -40.24
C HIS A 48 6.89 -55.03 -40.20
N VAL A 49 6.53 -54.54 -39.02
CA VAL A 49 6.02 -53.18 -38.90
C VAL A 49 7.07 -52.17 -39.33
N TYR A 50 8.32 -52.35 -38.89
CA TYR A 50 9.37 -51.42 -39.26
C TYR A 50 9.61 -51.45 -40.77
N ASN A 51 9.61 -52.63 -41.36
CA ASN A 51 9.84 -52.72 -42.80
C ASN A 51 8.76 -51.97 -43.56
N TYR A 52 7.51 -52.08 -43.12
CA TYR A 52 6.47 -51.38 -43.85
C TYR A 52 6.62 -49.86 -43.77
N CYS A 53 7.11 -49.35 -42.66
CA CYS A 53 7.17 -47.90 -42.47
C CYS A 53 8.38 -47.27 -43.11
N THR A 54 9.02 -47.95 -44.07
CA THR A 54 10.14 -47.38 -44.81
C THR A 54 10.06 -47.88 -46.24
N SER A 55 9.65 -47.00 -47.15
CA SER A 55 9.60 -47.34 -48.56
C SER A 55 9.54 -46.08 -49.43
N VAL A 84 4.47 -42.77 -42.51
CA VAL A 84 3.82 -42.92 -43.80
C VAL A 84 3.05 -44.23 -43.86
N GLY A 85 2.32 -44.52 -42.79
CA GLY A 85 1.60 -45.76 -42.67
C GLY A 85 0.16 -45.62 -42.24
N LEU A 86 -0.53 -44.60 -42.76
CA LEU A 86 -1.90 -44.32 -42.33
C LEU A 86 -2.80 -45.54 -42.47
N GLU A 87 -2.73 -46.22 -43.62
CA GLU A 87 -3.64 -47.33 -43.87
C GLU A 87 -3.45 -48.44 -42.85
N LEU A 88 -2.21 -48.66 -42.41
CA LEU A 88 -1.98 -49.63 -41.35
C LEU A 88 -2.69 -49.23 -40.07
N TYR A 89 -2.67 -47.93 -39.75
CA TYR A 89 -3.40 -47.43 -38.61
C TYR A 89 -4.89 -47.71 -38.75
N LYS A 90 -5.43 -47.50 -39.94
CA LYS A 90 -6.84 -47.79 -40.16
C LYS A 90 -7.13 -49.26 -39.93
N ARG A 91 -6.26 -50.14 -40.44
CA ARG A 91 -6.45 -51.57 -40.22
C ARG A 91 -6.46 -51.90 -38.73
N LEU A 92 -5.53 -51.33 -37.99
CA LEU A 92 -5.46 -51.61 -36.56
C LEU A 92 -6.73 -51.17 -35.86
N LYS A 93 -7.20 -49.95 -36.16
CA LYS A 93 -8.41 -49.45 -35.52
C LYS A 93 -9.59 -50.36 -35.83
N GLU A 94 -9.75 -50.73 -37.10
CA GLU A 94 -10.86 -51.58 -37.49
C GLU A 94 -10.80 -52.92 -36.77
N PHE A 95 -9.62 -53.54 -36.74
CA PHE A 95 -9.50 -54.84 -36.12
C PHE A 95 -9.85 -54.78 -34.64
N LEU A 96 -9.36 -53.75 -33.96
CA LEU A 96 -9.67 -53.63 -32.54
C LEU A 96 -11.18 -53.50 -32.32
N LYS A 97 -11.84 -52.65 -33.10
CA LYS A 97 -13.28 -52.50 -32.94
C LYS A 97 -14.00 -53.81 -33.19
N ASN A 98 -13.59 -54.54 -34.23
CA ASN A 98 -14.23 -55.80 -34.56
C ASN A 98 -14.08 -56.82 -33.43
N TYR A 99 -12.86 -56.99 -32.94
CA TYR A 99 -12.62 -57.97 -31.89
C TYR A 99 -13.40 -57.61 -30.63
N LEU A 100 -13.42 -56.33 -30.28
CA LEU A 100 -14.13 -55.94 -29.06
C LEU A 100 -15.62 -56.18 -29.21
N THR A 101 -16.19 -55.89 -30.38
CA THR A 101 -17.59 -56.18 -30.60
C THR A 101 -17.87 -57.68 -30.47
N ASN A 102 -17.00 -58.50 -31.07
CA ASN A 102 -17.17 -59.94 -30.95
C ASN A 102 -17.20 -60.38 -29.49
N LEU A 103 -16.29 -59.83 -28.68
CA LEU A 103 -16.30 -60.20 -27.27
C LEU A 103 -17.58 -59.73 -26.59
N LEU A 104 -18.01 -58.50 -26.88
CA LEU A 104 -19.20 -57.97 -26.22
C LEU A 104 -20.43 -58.80 -26.56
N LYS A 105 -20.44 -59.45 -27.71
CA LYS A 105 -21.55 -60.33 -28.06
C LYS A 105 -21.79 -61.35 -26.96
N ASP A 106 -20.72 -61.98 -26.47
CA ASP A 106 -20.80 -62.78 -25.27
C ASP A 106 -20.69 -61.88 -24.04
N GLY A 107 -21.09 -62.42 -22.89
CA GLY A 107 -20.96 -61.70 -21.64
C GLY A 107 -21.95 -60.57 -21.45
N GLU A 108 -22.59 -60.12 -22.51
CA GLU A 108 -23.68 -59.16 -22.35
C GLU A 108 -24.78 -59.79 -21.50
N ASP A 109 -25.29 -58.99 -20.56
CA ASP A 109 -26.47 -59.35 -19.77
C ASP A 109 -26.25 -60.65 -18.99
N LEU A 110 -25.29 -60.62 -18.07
CA LEU A 110 -25.16 -61.66 -17.05
C LEU A 110 -25.76 -61.21 -15.71
N MET A 111 -26.31 -60.00 -15.70
CA MET A 111 -27.24 -59.43 -14.72
C MET A 111 -26.67 -59.01 -13.36
N ASP A 112 -25.61 -59.65 -12.89
CA ASP A 112 -24.79 -59.17 -11.78
C ASP A 112 -23.83 -60.29 -11.39
N GLU A 113 -22.85 -59.94 -10.54
CA GLU A 113 -22.13 -60.88 -9.70
C GLU A 113 -21.31 -61.86 -10.55
N SER A 114 -21.52 -61.81 -11.84
CA SER A 114 -20.67 -62.40 -12.84
C SER A 114 -20.20 -61.37 -13.83
N VAL A 115 -21.05 -60.38 -14.13
CA VAL A 115 -20.63 -59.24 -14.92
C VAL A 115 -19.42 -58.59 -14.30
N LEU A 116 -19.25 -58.69 -12.98
CA LEU A 116 -17.98 -58.35 -12.38
C LEU A 116 -16.93 -59.42 -12.66
N LYS A 117 -17.22 -60.66 -12.26
CA LYS A 117 -16.29 -61.75 -12.47
C LYS A 117 -15.89 -61.86 -13.94
N PHE A 118 -16.75 -61.39 -14.84
CA PHE A 118 -16.45 -61.28 -16.26
C PHE A 118 -15.66 -60.02 -16.60
N TYR A 119 -16.21 -58.87 -16.21
CA TYR A 119 -15.68 -57.59 -16.67
C TYR A 119 -14.26 -57.36 -16.17
N THR A 120 -14.01 -57.65 -14.89
CA THR A 120 -12.68 -57.41 -14.36
C THR A 120 -11.64 -58.22 -15.10
N GLN A 121 -11.92 -59.51 -15.32
CA GLN A 121 -10.95 -60.36 -15.99
C GLN A 121 -10.73 -59.92 -17.43
N GLN A 122 -11.82 -59.61 -18.14
CA GLN A 122 -11.69 -59.17 -19.52
C GLN A 122 -10.87 -57.89 -19.59
N TRP A 123 -11.16 -56.93 -18.70
CA TRP A 123 -10.42 -55.68 -18.71
C TRP A 123 -8.96 -55.91 -18.40
N GLU A 124 -8.67 -56.79 -17.44
CA GLU A 124 -7.28 -57.05 -17.07
C GLU A 124 -6.50 -57.60 -18.25
N ASP A 125 -7.03 -58.67 -18.86
CA ASP A 125 -6.31 -59.29 -19.96
C ASP A 125 -6.18 -58.34 -21.13
N TYR A 126 -7.25 -57.60 -21.44
CA TYR A 126 -7.20 -56.66 -22.54
C TYR A 126 -6.15 -55.59 -22.29
N ARG A 127 -6.09 -55.05 -21.08
CA ARG A 127 -5.12 -54.01 -20.79
C ARG A 127 -3.70 -54.53 -20.96
N PHE A 128 -3.42 -55.70 -20.40
CA PHE A 128 -2.06 -56.24 -20.50
C PHE A 128 -1.67 -56.49 -21.95
N SER A 129 -2.53 -57.19 -22.69
CA SER A 129 -2.20 -57.50 -24.07
C SER A 129 -2.07 -56.23 -24.90
N SER A 130 -2.91 -55.23 -24.62
CA SER A 130 -2.79 -53.97 -25.35
C SER A 130 -1.49 -53.28 -25.05
N LYS A 131 -1.02 -53.35 -23.80
CA LYS A 131 0.29 -52.80 -23.51
C LYS A 131 1.36 -53.48 -24.34
N VAL A 132 1.28 -54.80 -24.46
CA VAL A 132 2.24 -55.52 -25.30
C VAL A 132 2.14 -55.02 -26.74
N LEU A 133 0.93 -54.86 -27.25
CA LEU A 133 0.76 -54.43 -28.63
C LEU A 133 1.37 -53.04 -28.86
N ASN A 134 1.12 -52.11 -27.92
CA ASN A 134 1.79 -50.82 -27.98
C ASN A 134 3.29 -51.02 -28.04
N GLY A 135 3.79 -52.01 -27.33
CA GLY A 135 5.20 -52.33 -27.44
C GLY A 135 5.61 -52.70 -28.86
N ILE A 136 4.82 -53.56 -29.50
CA ILE A 136 5.19 -54.06 -30.83
C ILE A 136 5.23 -52.91 -31.82
N CYS A 137 4.09 -52.28 -32.07
CA CYS A 137 3.98 -51.29 -33.14
C CYS A 137 4.47 -49.95 -32.62
N ALA A 138 5.68 -49.96 -32.05
CA ALA A 138 6.22 -48.76 -31.44
C ALA A 138 6.94 -47.86 -32.41
N TYR A 139 7.16 -48.29 -33.65
CA TYR A 139 7.82 -47.38 -34.58
C TYR A 139 6.86 -46.30 -35.05
N LEU A 140 5.56 -46.58 -35.08
CA LEU A 140 4.59 -45.55 -35.44
C LEU A 140 4.67 -44.37 -34.48
N ASN A 141 4.56 -44.65 -33.17
CA ASN A 141 4.45 -43.59 -32.18
C ASN A 141 5.57 -42.56 -32.27
N ARG A 142 6.64 -42.86 -32.98
CA ARG A 142 7.77 -41.95 -33.00
C ARG A 142 7.88 -41.16 -34.28
N HIS A 143 7.31 -41.63 -35.39
CA HIS A 143 7.58 -41.00 -36.67
C HIS A 143 6.38 -40.81 -37.58
N TRP A 144 5.20 -41.28 -37.21
CA TRP A 144 4.02 -40.90 -37.97
C TRP A 144 2.89 -40.39 -37.11
N VAL A 145 2.76 -40.85 -35.87
CA VAL A 145 1.78 -40.31 -34.95
C VAL A 145 2.35 -39.06 -34.26
N ARG A 146 3.53 -38.62 -34.69
CA ARG A 146 3.99 -37.29 -34.32
C ARG A 146 3.40 -36.22 -35.22
N ARG A 147 2.72 -36.60 -36.29
CA ARG A 147 2.07 -35.67 -37.20
C ARG A 147 0.59 -36.00 -37.22
N GLU A 148 -0.12 -35.43 -36.25
CA GLU A 148 -1.49 -35.79 -35.96
C GLU A 148 -2.47 -34.86 -36.67
N TYR A 157 -3.79 -40.75 -30.26
CA TYR A 157 -3.52 -41.55 -31.43
C TYR A 157 -2.38 -42.55 -31.26
N GLU A 158 -1.70 -42.56 -30.10
CA GLU A 158 -0.78 -43.64 -29.82
C GLU A 158 -1.55 -44.92 -29.60
N ILE A 159 -0.98 -46.05 -30.03
CA ILE A 159 -1.76 -47.28 -30.14
C ILE A 159 -2.37 -47.66 -28.80
N TYR A 160 -1.63 -47.46 -27.72
CA TYR A 160 -2.18 -47.75 -26.40
C TYR A 160 -3.43 -46.92 -26.14
N SER A 161 -3.34 -45.62 -26.36
CA SER A 161 -4.50 -44.77 -26.11
C SER A 161 -5.65 -45.11 -27.03
N LEU A 162 -5.36 -45.51 -28.27
CA LEU A 162 -6.43 -45.96 -29.15
C LEU A 162 -7.12 -47.18 -28.57
N ALA A 163 -6.36 -48.13 -28.04
CA ALA A 163 -6.99 -49.30 -27.45
C ALA A 163 -7.84 -48.91 -26.25
N LEU A 164 -7.38 -47.95 -25.46
CA LEU A 164 -8.18 -47.47 -24.35
C LEU A 164 -9.50 -46.87 -24.84
N VAL A 165 -9.44 -46.05 -25.88
CA VAL A 165 -10.67 -45.44 -26.38
C VAL A 165 -11.64 -46.50 -26.89
N THR A 166 -11.12 -47.49 -27.59
CA THR A 166 -12.01 -48.53 -28.07
C THR A 166 -12.63 -49.31 -26.91
N TRP A 167 -11.85 -49.59 -25.87
CA TRP A 167 -12.46 -50.22 -24.70
C TRP A 167 -13.48 -49.30 -24.07
N ARG A 168 -13.31 -47.99 -24.22
CA ARG A 168 -14.33 -47.08 -23.75
C ARG A 168 -15.62 -47.26 -24.52
N ASP A 169 -15.51 -47.51 -25.83
CA ASP A 169 -16.70 -47.90 -26.59
C ASP A 169 -17.23 -49.26 -26.15
N CYS A 170 -16.40 -50.05 -25.47
CA CYS A 170 -16.95 -51.21 -24.78
C CYS A 170 -17.56 -50.85 -23.43
N LEU A 171 -17.24 -49.67 -22.89
CA LEU A 171 -17.90 -49.21 -21.67
C LEU A 171 -19.27 -48.61 -21.96
N PHE A 172 -19.39 -47.72 -22.95
CA PHE A 172 -20.67 -47.11 -23.28
C PHE A 172 -21.54 -48.17 -23.92
N ARG A 173 -21.86 -49.16 -23.12
CA ARG A 173 -22.63 -50.32 -23.53
C ARG A 173 -23.40 -50.80 -22.31
N PRO A 174 -24.28 -51.78 -22.45
CA PRO A 174 -24.88 -52.40 -21.25
C PRO A 174 -23.84 -52.80 -20.21
N LEU A 175 -22.57 -52.88 -20.58
CA LEU A 175 -21.51 -53.10 -19.62
C LEU A 175 -21.20 -51.88 -18.76
N ASN A 176 -21.98 -50.80 -18.84
CA ASN A 176 -21.72 -49.66 -17.99
C ASN A 176 -22.65 -49.61 -16.79
N LYS A 177 -23.96 -49.55 -17.00
CA LYS A 177 -24.88 -49.41 -15.89
C LYS A 177 -25.00 -50.70 -15.10
N GLN A 178 -24.94 -51.85 -15.77
CA GLN A 178 -25.03 -53.11 -15.06
C GLN A 178 -23.88 -53.29 -14.08
N VAL A 179 -22.67 -52.95 -14.51
CA VAL A 179 -21.50 -53.13 -13.65
C VAL A 179 -21.61 -52.26 -12.41
N THR A 180 -21.94 -50.97 -12.59
CA THR A 180 -22.07 -50.09 -11.45
C THR A 180 -23.19 -50.55 -10.52
N ASN A 181 -24.30 -50.99 -11.10
CA ASN A 181 -25.40 -51.44 -10.28
C ASN A 181 -25.01 -52.67 -9.46
N ALA A 182 -24.28 -53.60 -10.07
CA ALA A 182 -23.85 -54.77 -9.34
C ALA A 182 -22.85 -54.42 -8.26
N VAL A 183 -21.95 -53.48 -8.52
CA VAL A 183 -20.99 -53.04 -7.50
C VAL A 183 -21.71 -52.43 -6.32
N LEU A 184 -22.73 -51.60 -6.59
CA LEU A 184 -23.52 -51.04 -5.51
C LEU A 184 -24.25 -52.14 -4.74
N LYS A 185 -24.80 -53.12 -5.46
CA LYS A 185 -25.43 -54.25 -4.78
C LYS A 185 -24.45 -54.97 -3.87
N LEU A 186 -23.19 -55.07 -4.30
CA LEU A 186 -22.18 -55.72 -3.48
C LEU A 186 -21.86 -54.89 -2.24
N ILE A 187 -21.66 -53.58 -2.39
CA ILE A 187 -21.33 -52.74 -1.25
C ILE A 187 -22.52 -52.69 -0.30
N GLU A 188 -23.71 -53.05 -0.79
CA GLU A 188 -24.88 -53.13 0.08
C GLU A 188 -24.70 -54.14 1.21
N LYS A 189 -23.55 -54.80 1.27
CA LYS A 189 -23.13 -55.51 2.47
C LYS A 189 -22.46 -54.57 3.46
N GLU A 190 -22.74 -53.28 3.36
CA GLU A 190 -22.43 -52.35 4.44
C GLU A 190 -23.01 -52.86 5.74
N ARG A 191 -24.19 -53.48 5.68
CA ARG A 191 -24.85 -53.99 6.87
C ARG A 191 -24.01 -55.07 7.54
N ASN A 192 -23.61 -56.08 6.78
CA ASN A 192 -22.93 -57.26 7.32
C ASN A 192 -22.58 -58.19 6.17
N GLY A 193 -21.80 -59.22 6.48
CA GLY A 193 -21.49 -60.24 5.52
C GLY A 193 -20.19 -59.94 4.80
N GLU A 194 -19.12 -60.64 5.13
CA GLU A 194 -17.84 -60.32 4.51
C GLU A 194 -17.74 -60.98 3.15
N THR A 195 -18.76 -60.80 2.33
CA THR A 195 -18.76 -61.29 0.96
C THR A 195 -18.19 -60.26 -0.01
N ILE A 196 -17.80 -59.09 0.49
CA ILE A 196 -17.31 -58.04 -0.39
C ILE A 196 -15.87 -58.36 -0.71
N ASN A 197 -15.68 -59.14 -1.77
CA ASN A 197 -14.33 -59.51 -2.19
C ASN A 197 -13.65 -58.28 -2.76
N THR A 198 -12.81 -57.65 -1.93
CA THR A 198 -12.28 -56.33 -2.25
C THR A 198 -11.62 -56.30 -3.62
N ARG A 199 -11.01 -57.42 -4.02
CA ARG A 199 -10.43 -57.51 -5.35
C ARG A 199 -11.48 -57.57 -6.44
N LEU A 200 -12.74 -57.87 -6.10
CA LEU A 200 -13.81 -57.81 -7.09
C LEU A 200 -14.33 -56.40 -7.31
N ILE A 201 -13.85 -55.43 -6.53
CA ILE A 201 -14.30 -54.05 -6.63
C ILE A 201 -13.17 -53.12 -7.03
N SER A 202 -11.98 -53.35 -6.47
CA SER A 202 -10.84 -52.51 -6.84
C SER A 202 -10.55 -52.59 -8.32
N GLY A 203 -10.80 -53.74 -8.94
CA GLY A 203 -10.59 -53.87 -10.37
C GLY A 203 -11.45 -52.90 -11.15
N VAL A 204 -12.75 -52.90 -10.87
CA VAL A 204 -13.67 -52.01 -11.57
C VAL A 204 -13.30 -50.57 -11.29
N VAL A 205 -13.01 -50.24 -10.04
CA VAL A 205 -12.73 -48.86 -9.69
C VAL A 205 -11.50 -48.35 -10.43
N GLN A 206 -10.42 -49.13 -10.40
CA GLN A 206 -9.23 -48.72 -11.13
C GLN A 206 -9.48 -48.66 -12.61
N SER A 207 -10.34 -49.53 -13.14
CA SER A 207 -10.66 -49.47 -14.55
C SER A 207 -11.33 -48.17 -14.91
N TYR A 208 -12.31 -47.74 -14.09
CA TYR A 208 -12.93 -46.44 -14.32
C TYR A 208 -11.90 -45.33 -14.28
N VAL A 209 -11.07 -45.31 -13.23
CA VAL A 209 -10.12 -44.22 -13.08
C VAL A 209 -9.21 -44.14 -14.29
N GLU A 210 -8.73 -45.29 -14.75
CA GLU A 210 -7.85 -45.32 -15.91
C GLU A 210 -8.57 -44.85 -17.16
N LEU A 211 -9.81 -45.29 -17.36
CA LEU A 211 -10.54 -45.02 -18.59
C LEU A 211 -10.88 -43.56 -18.81
N GLY A 212 -10.48 -42.65 -17.92
CA GLY A 212 -10.69 -41.24 -18.17
C GLY A 212 -10.13 -40.91 -19.54
N LEU A 213 -11.00 -40.55 -20.48
CA LEU A 213 -10.65 -40.51 -21.88
C LEU A 213 -9.51 -39.51 -22.10
N ASN A 214 -8.63 -39.81 -23.05
CA ASN A 214 -7.39 -39.07 -23.21
C ASN A 214 -7.05 -38.79 -24.67
N GLU A 215 -7.89 -39.18 -25.61
CA GLU A 215 -7.55 -39.06 -27.03
C GLU A 215 -7.52 -37.60 -27.40
N ASP A 216 -6.29 -37.04 -27.28
CA ASP A 216 -6.09 -35.63 -27.61
C ASP A 216 -7.02 -34.74 -26.79
N ASP A 217 -7.24 -35.09 -25.53
CA ASP A 217 -8.00 -34.22 -24.64
C ASP A 217 -7.22 -32.92 -24.48
N ALA A 218 -6.08 -32.99 -23.79
CA ALA A 218 -4.99 -32.04 -23.98
C ALA A 218 -3.69 -32.75 -24.35
N PHE A 219 -3.18 -33.69 -23.60
CA PHE A 219 -2.02 -34.55 -23.78
C PHE A 219 -1.88 -35.31 -22.47
N ALA A 220 -0.91 -36.24 -22.38
CA ALA A 220 -0.69 -36.96 -21.13
C ALA A 220 -0.38 -36.01 -19.98
N LYS A 221 -1.29 -35.89 -19.02
CA LYS A 221 -1.10 -35.04 -17.85
C LYS A 221 -1.03 -35.82 -16.56
N GLY A 222 -2.04 -36.63 -16.24
CA GLY A 222 -2.08 -37.34 -14.98
C GLY A 222 -3.45 -37.91 -14.67
N PRO A 223 -3.94 -37.70 -13.45
CA PRO A 223 -5.23 -38.27 -13.05
C PRO A 223 -6.37 -37.61 -13.79
N THR A 224 -6.95 -38.34 -14.73
CA THR A 224 -8.15 -37.91 -15.45
C THR A 224 -9.33 -38.72 -14.91
N LEU A 225 -9.88 -38.26 -13.79
CA LEU A 225 -10.93 -38.99 -13.10
C LEU A 225 -12.31 -38.43 -13.42
N THR A 226 -12.48 -37.91 -14.64
CA THR A 226 -13.79 -37.45 -15.09
C THR A 226 -14.80 -38.58 -15.09
N VAL A 227 -14.44 -39.70 -15.72
CA VAL A 227 -15.37 -40.82 -15.85
C VAL A 227 -15.75 -41.34 -14.48
N TYR A 228 -14.76 -41.49 -13.59
CA TYR A 228 -15.04 -41.92 -12.23
C TYR A 228 -16.07 -41.02 -11.58
N LYS A 229 -15.83 -39.72 -11.61
CA LYS A 229 -16.76 -38.76 -11.01
C LYS A 229 -18.16 -38.91 -11.58
N GLU A 230 -18.27 -38.89 -12.92
CA GLU A 230 -19.57 -38.72 -13.53
C GLU A 230 -20.32 -40.03 -13.74
N SER A 231 -19.69 -41.18 -13.52
CA SER A 231 -20.39 -42.43 -13.73
C SER A 231 -20.35 -43.37 -12.53
N PHE A 232 -19.49 -43.16 -11.57
CA PHE A 232 -19.59 -44.05 -10.42
C PHE A 232 -19.68 -43.32 -9.09
N GLU A 233 -18.98 -42.20 -8.94
CA GLU A 233 -19.00 -41.51 -7.66
C GLU A 233 -20.41 -41.05 -7.31
N SER A 234 -21.14 -40.54 -8.30
CA SER A 234 -22.46 -39.98 -8.04
C SER A 234 -23.39 -41.02 -7.42
N GLN A 235 -23.64 -42.12 -8.16
CA GLN A 235 -24.57 -43.13 -7.65
C GLN A 235 -24.15 -43.63 -6.28
N PHE A 236 -22.84 -43.80 -6.07
CA PHE A 236 -22.36 -44.26 -4.78
C PHE A 236 -22.78 -43.30 -3.68
N LEU A 237 -22.54 -42.01 -3.88
CA LEU A 237 -22.87 -41.03 -2.85
C LEU A 237 -24.37 -40.98 -2.60
N ALA A 238 -25.16 -40.96 -3.67
CA ALA A 238 -26.61 -40.87 -3.52
C ALA A 238 -27.16 -42.07 -2.77
N ASP A 239 -26.74 -43.27 -3.17
CA ASP A 239 -27.23 -44.47 -2.51
C ASP A 239 -26.75 -44.54 -1.07
N THR A 240 -25.53 -44.08 -0.79
CA THR A 240 -25.08 -44.03 0.59
C THR A 240 -25.99 -43.13 1.41
N GLU A 241 -26.30 -41.94 0.89
CA GLU A 241 -27.20 -41.03 1.58
C GLU A 241 -28.53 -41.71 1.87
N ARG A 242 -29.11 -42.36 0.86
CA ARG A 242 -30.43 -42.98 1.03
C ARG A 242 -30.38 -44.08 2.08
N PHE A 243 -29.39 -44.96 2.01
CA PHE A 243 -29.32 -46.09 2.92
C PHE A 243 -29.15 -45.61 4.35
N TYR A 244 -28.27 -44.64 4.56
CA TYR A 244 -28.10 -44.12 5.92
C TYR A 244 -29.37 -43.44 6.40
N THR A 245 -30.01 -42.65 5.54
CA THR A 245 -31.26 -41.99 5.92
C THR A 245 -32.27 -43.01 6.41
N ARG A 246 -32.37 -44.15 5.74
CA ARG A 246 -33.33 -45.15 6.17
C ARG A 246 -32.92 -45.78 7.49
N GLU A 247 -31.76 -46.45 7.51
CA GLU A 247 -31.42 -47.28 8.66
C GLU A 247 -31.22 -46.44 9.93
N SER A 248 -30.78 -45.20 9.76
CA SER A 248 -30.60 -44.32 10.92
C SER A 248 -31.91 -44.16 11.68
N THR A 249 -32.95 -43.65 11.02
CA THR A 249 -34.23 -43.47 11.69
C THR A 249 -34.83 -44.80 12.13
N GLU A 250 -34.61 -45.86 11.34
CA GLU A 250 -35.12 -47.17 11.73
C GLU A 250 -34.58 -47.58 13.09
N PHE A 251 -33.26 -47.45 13.29
CA PHE A 251 -32.68 -47.73 14.60
C PHE A 251 -33.14 -46.71 15.62
N LEU A 252 -33.28 -45.45 15.22
CA LEU A 252 -33.57 -44.39 16.16
C LEU A 252 -34.93 -44.59 16.83
N GLN A 253 -35.89 -45.11 16.09
CA GLN A 253 -37.20 -45.30 16.68
C GLN A 253 -37.25 -46.42 17.71
N GLN A 254 -36.15 -47.03 18.13
CA GLN A 254 -36.21 -48.21 18.97
C GLN A 254 -35.34 -48.17 20.22
N ASN A 255 -34.46 -47.20 20.36
CA ASN A 255 -33.39 -47.32 21.33
C ASN A 255 -33.11 -45.96 21.97
N PRO A 256 -32.56 -45.95 23.18
CA PRO A 256 -32.03 -44.70 23.72
C PRO A 256 -30.92 -44.18 22.82
N VAL A 257 -30.87 -42.87 22.68
CA VAL A 257 -30.00 -42.27 21.67
C VAL A 257 -28.53 -42.58 21.92
N THR A 258 -28.17 -42.97 23.14
CA THR A 258 -26.77 -43.29 23.45
C THR A 258 -26.24 -44.35 22.49
N GLU A 259 -27.00 -45.43 22.33
CA GLU A 259 -26.60 -46.47 21.39
C GLU A 259 -26.53 -45.92 19.98
N TYR A 260 -27.42 -44.98 19.64
CA TYR A 260 -27.34 -44.36 18.33
C TYR A 260 -26.01 -43.65 18.15
N MET A 261 -25.55 -42.95 19.19
CA MET A 261 -24.25 -42.28 19.11
C MET A 261 -23.14 -43.30 18.89
N LYS A 262 -23.16 -44.39 19.64
CA LYS A 262 -22.11 -45.40 19.46
C LYS A 262 -22.10 -45.94 18.04
N LYS A 263 -23.28 -46.28 17.52
CA LYS A 263 -23.34 -46.82 16.17
C LYS A 263 -22.91 -45.80 15.14
N ALA A 264 -23.28 -44.54 15.33
CA ALA A 264 -22.88 -43.50 14.38
C ALA A 264 -21.36 -43.36 14.36
N GLU A 265 -20.74 -43.39 15.54
CA GLU A 265 -19.28 -43.35 15.59
C GLU A 265 -18.68 -44.51 14.82
N ALA A 266 -19.21 -45.72 15.05
CA ALA A 266 -18.69 -46.88 14.35
C ALA A 266 -18.85 -46.75 12.85
N ARG A 267 -20.01 -46.28 12.39
CA ARG A 267 -20.25 -46.17 10.97
C ARG A 267 -19.33 -45.15 10.32
N LEU A 268 -19.11 -44.02 10.99
CA LEU A 268 -18.18 -43.04 10.44
C LEU A 268 -16.78 -43.62 10.33
N LEU A 269 -16.34 -44.33 11.37
CA LEU A 269 -15.04 -44.99 11.31
C LEU A 269 -14.95 -45.92 10.11
N GLU A 270 -15.98 -46.77 9.95
CA GLU A 270 -16.01 -47.69 8.82
C GLU A 270 -15.88 -46.94 7.50
N GLU A 271 -16.84 -46.06 7.21
CA GLU A 271 -16.87 -45.43 5.91
C GLU A 271 -15.67 -44.54 5.65
N GLN A 272 -14.92 -44.17 6.67
CA GLN A 272 -13.61 -43.61 6.38
C GLN A 272 -12.63 -44.69 5.96
N ARG A 273 -12.67 -45.84 6.64
CA ARG A 273 -11.73 -46.90 6.29
C ARG A 273 -11.97 -47.43 4.89
N ARG A 274 -13.24 -47.58 4.52
CA ARG A 274 -13.62 -48.23 3.27
C ARG A 274 -12.93 -47.58 2.08
N VAL A 275 -12.81 -46.26 2.09
CA VAL A 275 -12.18 -45.54 1.01
C VAL A 275 -10.71 -45.90 0.84
N GLN A 276 -10.11 -46.57 1.83
CA GLN A 276 -8.71 -46.96 1.74
C GLN A 276 -8.51 -48.37 1.22
N VAL A 277 -9.58 -49.13 1.01
CA VAL A 277 -9.44 -50.48 0.48
C VAL A 277 -10.14 -50.66 -0.86
N TYR A 278 -11.14 -49.85 -1.20
CA TYR A 278 -11.84 -49.99 -2.46
C TYR A 278 -11.59 -48.82 -3.39
N LEU A 279 -11.94 -47.62 -2.97
CA LEU A 279 -12.18 -46.52 -3.88
C LEU A 279 -10.94 -45.66 -4.02
N HIS A 280 -11.08 -44.55 -4.72
CA HIS A 280 -9.96 -43.67 -5.00
C HIS A 280 -9.87 -42.58 -3.94
N GLU A 281 -8.65 -42.14 -3.66
CA GLU A 281 -8.43 -41.27 -2.50
C GLU A 281 -9.23 -39.98 -2.58
N SER A 282 -9.50 -39.49 -3.78
CA SER A 282 -10.23 -38.24 -3.90
C SER A 282 -11.73 -38.47 -3.76
N THR A 283 -12.11 -39.23 -2.73
CA THR A 283 -13.49 -39.40 -2.34
C THR A 283 -13.65 -39.34 -0.83
N GLN A 284 -12.55 -39.35 -0.09
CA GLN A 284 -12.62 -39.41 1.37
C GLN A 284 -13.40 -38.23 1.94
N ASP A 285 -13.04 -37.02 1.52
CA ASP A 285 -13.69 -35.83 2.07
C ASP A 285 -15.18 -35.83 1.79
N GLU A 286 -15.56 -36.10 0.54
CA GLU A 286 -16.97 -36.03 0.17
C GLU A 286 -17.78 -37.08 0.89
N LEU A 287 -17.29 -38.31 0.96
CA LEU A 287 -18.04 -39.35 1.65
C LEU A 287 -18.15 -39.04 3.13
N ALA A 288 -17.07 -38.53 3.74
CA ALA A 288 -17.16 -38.12 5.13
C ALA A 288 -18.21 -37.04 5.32
N ARG A 289 -18.24 -36.06 4.42
CA ARG A 289 -19.19 -34.97 4.55
C ARG A 289 -20.63 -35.48 4.45
N LYS A 290 -20.90 -36.35 3.48
CA LYS A 290 -22.27 -36.84 3.33
C LYS A 290 -22.68 -37.72 4.52
N CYS A 291 -21.79 -38.62 4.95
CA CYS A 291 -22.14 -39.46 6.09
C CYS A 291 -22.34 -38.63 7.34
N GLU A 292 -21.61 -37.52 7.46
CA GLU A 292 -21.85 -36.61 8.58
C GLU A 292 -23.22 -35.95 8.45
N GLN A 293 -23.52 -35.40 7.28
CA GLN A 293 -24.79 -34.70 7.11
C GLN A 293 -25.98 -35.61 7.33
N VAL A 294 -25.82 -36.91 7.10
CA VAL A 294 -26.94 -37.83 7.22
C VAL A 294 -27.02 -38.45 8.61
N LEU A 295 -25.90 -38.93 9.15
CA LEU A 295 -25.95 -39.57 10.45
C LEU A 295 -26.20 -38.56 11.56
N ILE A 296 -25.52 -37.43 11.50
CA ILE A 296 -25.77 -36.31 12.39
C ILE A 296 -26.16 -35.13 11.51
N GLU A 297 -26.30 -33.95 12.09
CA GLU A 297 -26.57 -32.74 11.32
C GLU A 297 -27.99 -32.77 10.78
N LYS A 298 -28.70 -33.88 11.03
CA LYS A 298 -30.12 -33.96 10.75
C LYS A 298 -30.87 -34.51 11.95
N HIS A 299 -30.23 -34.53 13.11
CA HIS A 299 -30.90 -34.94 14.35
C HIS A 299 -30.49 -34.07 15.53
N LEU A 300 -30.12 -32.82 15.27
CA LEU A 300 -29.63 -31.95 16.34
C LEU A 300 -30.60 -31.82 17.48
N GLU A 301 -31.90 -31.85 17.20
CA GLU A 301 -32.88 -31.60 18.25
C GLU A 301 -32.85 -32.68 19.31
N ILE A 302 -32.87 -33.95 18.88
CA ILE A 302 -32.83 -35.05 19.83
C ILE A 302 -31.49 -35.05 20.54
N PHE A 303 -30.42 -34.65 19.86
CA PHE A 303 -29.13 -34.49 20.51
C PHE A 303 -29.20 -33.46 21.63
N HIS A 304 -29.84 -32.32 21.38
CA HIS A 304 -29.93 -31.28 22.39
C HIS A 304 -30.69 -31.77 23.61
N THR A 305 -31.83 -32.43 23.37
CA THR A 305 -32.60 -32.94 24.48
C THR A 305 -31.81 -33.96 25.28
N GLU A 306 -31.10 -34.85 24.59
CA GLU A 306 -30.32 -35.85 25.32
C GLU A 306 -29.19 -35.19 26.10
N PHE A 307 -28.53 -34.20 25.50
CA PHE A 307 -27.48 -33.48 26.19
C PHE A 307 -28.01 -32.88 27.48
N GLN A 308 -29.20 -32.30 27.43
CA GLN A 308 -29.82 -31.78 28.63
C GLN A 308 -29.98 -32.87 29.67
N ASN A 309 -30.55 -34.00 29.28
CA ASN A 309 -30.77 -35.09 30.23
C ASN A 309 -29.45 -35.62 30.79
N LEU A 310 -28.43 -35.71 29.95
CA LEU A 310 -27.12 -36.16 30.40
C LEU A 310 -26.54 -35.22 31.44
N LEU A 311 -26.69 -33.91 31.22
CA LEU A 311 -26.24 -32.95 32.23
C LEU A 311 -27.03 -33.11 33.51
N ASP A 312 -28.31 -33.44 33.42
CA ASP A 312 -29.06 -33.71 34.64
C ASP A 312 -28.47 -34.89 35.38
N ALA A 313 -28.09 -35.93 34.66
CA ALA A 313 -27.33 -37.03 35.24
C ALA A 313 -25.86 -36.63 35.26
N ASP A 314 -24.97 -37.60 35.49
CA ASP A 314 -23.55 -37.30 35.63
C ASP A 314 -22.67 -38.17 34.73
N LYS A 315 -23.20 -38.66 33.61
CA LYS A 315 -22.42 -39.51 32.71
C LYS A 315 -21.42 -38.64 31.95
N ASN A 316 -20.17 -38.69 32.37
CA ASN A 316 -19.13 -37.83 31.82
C ASN A 316 -18.32 -38.49 30.73
N GLU A 317 -18.81 -39.61 30.18
CA GLU A 317 -18.12 -40.32 29.11
C GLU A 317 -18.84 -40.16 27.78
N ASP A 318 -20.12 -40.49 27.74
CA ASP A 318 -20.91 -40.30 26.54
C ASP A 318 -20.95 -38.83 26.14
N LEU A 319 -20.92 -37.92 27.11
CA LEU A 319 -20.82 -36.50 26.79
C LEU A 319 -19.60 -36.22 25.93
N GLY A 320 -18.50 -36.93 26.17
CA GLY A 320 -17.36 -36.82 25.29
C GLY A 320 -17.71 -37.22 23.87
N ARG A 321 -18.47 -38.30 23.72
CA ARG A 321 -18.90 -38.74 22.40
C ARG A 321 -19.71 -37.67 21.72
N MET A 322 -20.64 -37.06 22.45
CA MET A 322 -21.46 -36.01 21.85
C MET A 322 -20.61 -34.82 21.46
N TYR A 323 -19.61 -34.49 22.26
CA TYR A 323 -18.73 -33.40 21.87
C TYR A 323 -18.03 -33.73 20.57
N ASN A 324 -17.45 -34.91 20.46
CA ASN A 324 -16.78 -35.29 19.22
C ASN A 324 -17.74 -35.16 18.04
N LEU A 325 -18.91 -35.79 18.16
CA LEU A 325 -19.86 -35.82 17.05
C LEU A 325 -20.29 -34.41 16.66
N VAL A 326 -20.89 -33.67 17.59
CA VAL A 326 -21.44 -32.36 17.25
C VAL A 326 -20.34 -31.42 16.78
N SER A 327 -19.13 -31.56 17.32
CA SER A 327 -18.04 -30.73 16.82
C SER A 327 -17.63 -31.10 15.42
N ARG A 328 -17.89 -32.34 14.98
CA ARG A 328 -17.54 -32.71 13.62
C ARG A 328 -18.28 -31.91 12.56
N ILE A 329 -19.40 -31.27 12.89
CA ILE A 329 -20.18 -30.51 11.92
C ILE A 329 -20.04 -29.04 12.23
N GLN A 330 -20.66 -28.23 11.39
CA GLN A 330 -20.50 -26.79 11.48
C GLN A 330 -21.31 -26.23 12.64
N ASP A 331 -20.64 -25.47 13.51
CA ASP A 331 -21.25 -24.62 14.54
C ASP A 331 -22.27 -25.35 15.39
N GLY A 332 -22.23 -26.68 15.47
CA GLY A 332 -23.18 -27.38 16.30
C GLY A 332 -23.06 -27.02 17.77
N LEU A 333 -21.87 -26.60 18.20
CA LEU A 333 -21.64 -26.26 19.59
C LEU A 333 -22.47 -25.07 20.06
N GLY A 334 -22.98 -24.27 19.11
CA GLY A 334 -23.58 -23.00 19.48
C GLY A 334 -24.68 -23.09 20.51
N GLU A 335 -25.48 -24.15 20.46
CA GLU A 335 -26.51 -24.32 21.48
C GLU A 335 -25.98 -25.00 22.73
N LEU A 336 -24.95 -25.82 22.56
CA LEU A 336 -24.40 -26.56 23.69
C LEU A 336 -23.83 -25.63 24.74
N LYS A 337 -23.11 -24.59 24.33
CA LYS A 337 -22.50 -23.69 25.30
C LYS A 337 -23.56 -23.02 26.17
N LYS A 338 -24.60 -22.47 25.53
CA LYS A 338 -25.65 -21.79 26.29
C LYS A 338 -26.37 -22.76 27.20
N LEU A 339 -26.69 -23.95 26.69
CA LEU A 339 -27.38 -24.92 27.52
C LEU A 339 -26.53 -25.29 28.74
N LEU A 340 -25.23 -25.48 28.52
CA LEU A 340 -24.32 -25.73 29.63
C LEU A 340 -24.40 -24.63 30.65
N GLU A 341 -24.06 -23.40 30.22
CA GLU A 341 -24.04 -22.26 31.13
C GLU A 341 -25.31 -22.18 31.96
N THR A 342 -26.46 -22.38 31.31
CA THR A 342 -27.72 -22.35 32.03
C THR A 342 -27.75 -23.42 33.12
N HIS A 343 -27.41 -24.65 32.76
CA HIS A 343 -27.51 -25.73 33.73
C HIS A 343 -26.56 -25.53 34.90
N ILE A 344 -25.33 -25.11 34.61
CA ILE A 344 -24.33 -24.98 35.66
C ILE A 344 -24.68 -23.82 36.59
N HIS A 345 -25.19 -22.72 36.03
CA HIS A 345 -25.72 -21.65 36.86
C HIS A 345 -26.78 -22.20 37.81
N ASN A 346 -27.77 -22.92 37.28
CA ASN A 346 -28.84 -23.40 38.14
C ASN A 346 -28.32 -24.34 39.21
N GLN A 347 -27.38 -25.21 38.84
CA GLN A 347 -26.84 -26.14 39.81
C GLN A 347 -26.12 -25.43 40.95
N GLY A 348 -25.26 -24.47 40.62
CA GLY A 348 -24.53 -23.77 41.67
C GLY A 348 -25.45 -22.99 42.59
N LEU A 349 -26.44 -22.31 42.01
CA LEU A 349 -27.36 -21.53 42.81
C LEU A 349 -28.14 -22.43 43.76
N ALA A 350 -28.73 -23.50 43.23
CA ALA A 350 -29.44 -24.43 44.10
C ALA A 350 -28.51 -25.10 45.10
N ALA A 351 -27.22 -25.25 44.76
CA ALA A 351 -26.28 -25.87 45.67
C ALA A 351 -26.06 -25.01 46.91
N ILE A 352 -25.82 -23.72 46.72
CA ILE A 352 -25.66 -22.88 47.92
C ILE A 352 -27.00 -22.53 48.53
N GLU A 353 -28.12 -22.83 47.86
CA GLU A 353 -29.41 -22.66 48.49
C GLU A 353 -29.57 -23.58 49.71
N LYS A 354 -29.04 -24.80 49.65
CA LYS A 354 -29.18 -25.73 50.77
C LYS A 354 -28.66 -25.12 52.06
N CYS A 355 -27.61 -24.30 51.97
CA CYS A 355 -27.05 -23.69 53.16
C CYS A 355 -28.07 -22.82 53.88
N GLY A 356 -28.88 -22.07 53.13
CA GLY A 356 -29.90 -21.24 53.74
C GLY A 356 -29.29 -20.19 54.63
N GLU A 357 -29.90 -19.99 55.80
CA GLU A 357 -29.41 -18.99 56.73
C GLU A 357 -28.10 -19.41 57.39
N ALA A 358 -27.84 -20.71 57.48
CA ALA A 358 -26.64 -21.18 58.17
C ALA A 358 -25.38 -20.59 57.56
N ALA A 359 -25.40 -20.30 56.25
CA ALA A 359 -24.26 -19.66 55.61
C ALA A 359 -24.14 -18.19 55.96
N LEU A 360 -25.25 -17.48 56.11
CA LEU A 360 -25.22 -16.02 56.25
C LEU A 360 -24.38 -15.58 57.45
N ASN A 361 -23.96 -16.51 58.30
CA ASN A 361 -23.10 -16.19 59.42
C ASN A 361 -21.95 -17.16 59.59
N ASP A 362 -21.68 -18.00 58.60
CA ASP A 362 -20.56 -18.93 58.63
C ASP A 362 -19.80 -18.84 57.32
N PRO A 363 -18.76 -18.00 57.26
CA PRO A 363 -18.06 -17.80 55.98
C PRO A 363 -17.48 -19.09 55.41
N LYS A 364 -16.97 -19.96 56.28
CA LYS A 364 -16.29 -21.16 55.81
C LYS A 364 -17.21 -22.01 54.94
N MET A 365 -18.43 -22.25 55.40
CA MET A 365 -19.33 -23.12 54.66
C MET A 365 -19.70 -22.52 53.32
N TYR A 366 -19.95 -21.20 53.29
CA TYR A 366 -20.30 -20.54 52.05
C TYR A 366 -19.19 -20.63 51.01
N VAL A 367 -17.98 -20.25 51.41
CA VAL A 367 -16.89 -20.28 50.44
C VAL A 367 -16.60 -21.70 50.02
N GLN A 368 -16.72 -22.66 50.96
CA GLN A 368 -16.48 -24.05 50.61
C GLN A 368 -17.49 -24.55 49.58
N THR A 369 -18.75 -24.19 49.74
CA THR A 369 -19.76 -24.62 48.78
C THR A 369 -19.49 -24.07 47.39
N VAL A 370 -19.17 -22.79 47.31
CA VAL A 370 -18.86 -22.20 46.01
C VAL A 370 -17.69 -22.93 45.37
N LEU A 371 -16.64 -23.17 46.15
CA LEU A 371 -15.47 -23.86 45.62
C LEU A 371 -15.82 -25.27 45.16
N ASP A 372 -16.69 -25.96 45.88
CA ASP A 372 -17.06 -27.32 45.50
C ASP A 372 -17.71 -27.34 44.12
N VAL A 373 -18.71 -26.48 43.92
CA VAL A 373 -19.40 -26.47 42.62
C VAL A 373 -18.41 -26.13 41.51
N HIS A 374 -17.60 -25.10 41.74
CA HIS A 374 -16.66 -24.68 40.71
C HIS A 374 -15.70 -25.81 40.37
N LYS A 375 -15.20 -26.52 41.38
CA LYS A 375 -14.23 -27.57 41.12
C LYS A 375 -14.87 -28.70 40.32
N LYS A 376 -16.08 -29.10 40.70
CA LYS A 376 -16.73 -30.17 39.98
C LYS A 376 -16.86 -29.86 38.51
N TYR A 377 -17.41 -28.70 38.18
CA TYR A 377 -17.63 -28.47 36.77
C TYR A 377 -16.37 -28.09 36.01
N ASN A 378 -15.38 -27.50 36.68
CA ASN A 378 -14.10 -27.33 36.03
C ASN A 378 -13.50 -28.67 35.67
N ALA A 379 -13.61 -29.64 36.57
CA ALA A 379 -13.16 -31.00 36.28
C ALA A 379 -13.92 -31.63 35.14
N LEU A 380 -15.22 -31.40 35.04
CA LEU A 380 -15.96 -31.93 33.90
C LEU A 380 -15.57 -31.31 32.57
N VAL A 381 -15.32 -30.00 32.52
CA VAL A 381 -15.10 -29.36 31.23
C VAL A 381 -13.62 -29.27 30.91
N MET A 382 -12.79 -30.02 31.61
CA MET A 382 -11.41 -30.15 31.19
C MET A 382 -11.10 -31.49 30.55
N SER A 383 -11.83 -32.52 30.87
CA SER A 383 -11.66 -33.81 30.23
C SER A 383 -12.68 -34.06 29.12
N ALA A 384 -13.97 -33.96 29.45
CA ALA A 384 -15.01 -34.25 28.46
C ALA A 384 -14.92 -33.31 27.27
N PHE A 385 -14.71 -32.02 27.50
CA PHE A 385 -14.77 -31.03 26.43
C PHE A 385 -13.41 -30.49 26.06
N ASN A 386 -12.35 -31.24 26.32
CA ASN A 386 -11.03 -30.97 25.74
C ASN A 386 -10.55 -29.55 26.07
N ASN A 387 -11.07 -28.97 27.15
CA ASN A 387 -10.73 -27.62 27.56
C ASN A 387 -10.95 -26.63 26.41
N ASP A 388 -12.11 -26.75 25.79
CA ASP A 388 -12.53 -25.79 24.78
C ASP A 388 -12.52 -24.37 25.36
N ALA A 389 -12.38 -23.40 24.47
CA ALA A 389 -12.43 -22.01 24.90
C ALA A 389 -13.84 -21.60 25.30
N GLY A 390 -14.78 -21.69 24.39
CA GLY A 390 -16.12 -21.21 24.66
C GLY A 390 -16.77 -21.91 25.83
N PHE A 391 -16.44 -23.18 26.06
CA PHE A 391 -17.03 -23.88 27.19
C PHE A 391 -16.49 -23.32 28.51
N VAL A 392 -15.19 -23.06 28.57
CA VAL A 392 -14.63 -22.41 29.74
C VAL A 392 -15.28 -21.05 29.93
N ALA A 393 -15.54 -20.35 28.83
CA ALA A 393 -16.25 -19.07 28.93
C ALA A 393 -17.62 -19.27 29.56
N ALA A 394 -18.32 -20.34 29.18
CA ALA A 394 -19.62 -20.60 29.78
C ALA A 394 -19.48 -20.82 31.28
N LEU A 395 -18.49 -21.61 31.68
CA LEU A 395 -18.22 -21.81 33.10
C LEU A 395 -18.05 -20.48 33.82
N ASP A 396 -17.22 -19.61 33.25
CA ASP A 396 -16.88 -18.37 33.94
C ASP A 396 -18.07 -17.45 34.05
N LYS A 397 -18.87 -17.32 32.98
CA LYS A 397 -20.07 -16.49 33.07
C LYS A 397 -21.02 -17.01 34.13
N ALA A 398 -21.25 -18.33 34.17
CA ALA A 398 -22.17 -18.87 35.15
C ALA A 398 -21.66 -18.63 36.57
N CYS A 399 -20.36 -18.83 36.79
CA CYS A 399 -19.82 -18.64 38.13
C CYS A 399 -19.93 -17.20 38.58
N GLY A 400 -19.67 -16.25 37.68
CA GLY A 400 -19.89 -14.86 38.05
C GLY A 400 -21.32 -14.60 38.45
N ARG A 401 -22.27 -15.10 37.65
CA ARG A 401 -23.67 -14.89 37.93
C ARG A 401 -24.04 -15.40 39.32
N PHE A 402 -23.66 -16.64 39.64
CA PHE A 402 -24.16 -17.22 40.88
C PHE A 402 -23.26 -16.96 42.06
N ILE A 403 -22.14 -16.27 41.89
CA ILE A 403 -21.44 -15.75 43.05
C ILE A 403 -21.97 -14.38 43.44
N ASN A 404 -22.32 -13.53 42.47
CA ASN A 404 -22.69 -12.18 42.87
C ASN A 404 -24.15 -12.03 43.31
N ASN A 405 -25.03 -12.97 42.97
CA ASN A 405 -26.43 -12.88 43.39
C ASN A 405 -26.94 -14.28 43.70
N ASN A 406 -27.51 -14.46 44.87
CA ASN A 406 -27.88 -15.79 45.33
C ASN A 406 -28.70 -15.64 46.61
N ALA A 407 -29.01 -16.78 47.25
CA ALA A 407 -29.88 -16.77 48.42
C ALA A 407 -29.28 -15.94 49.55
N VAL A 408 -27.99 -16.08 49.79
CA VAL A 408 -27.36 -15.32 50.87
C VAL A 408 -27.35 -13.84 50.56
N THR A 409 -27.06 -13.47 49.31
CA THR A 409 -27.13 -12.06 48.93
C THR A 409 -28.53 -11.52 49.11
N LYS A 410 -29.54 -12.31 48.77
CA LYS A 410 -30.92 -11.84 48.88
C LYS A 410 -31.34 -11.67 50.33
N MET A 411 -30.97 -12.62 51.18
CA MET A 411 -31.42 -12.59 52.58
C MET A 411 -30.86 -11.38 53.31
N ALA A 412 -29.59 -11.06 53.09
CA ALA A 412 -28.98 -9.92 53.76
C ALA A 412 -29.23 -8.61 53.03
N GLN A 413 -29.92 -8.64 51.90
CA GLN A 413 -30.41 -7.44 51.22
C GLN A 413 -29.26 -6.54 50.75
N SER A 414 -28.41 -7.10 49.92
CA SER A 414 -27.42 -6.34 49.16
C SER A 414 -26.67 -7.32 48.26
N SER A 415 -25.85 -6.76 47.37
CA SER A 415 -24.88 -7.54 46.62
C SER A 415 -23.47 -7.39 47.18
N SER A 416 -23.32 -6.68 48.29
CA SER A 416 -22.03 -6.50 48.95
C SER A 416 -21.92 -7.38 50.19
N LYS A 417 -22.50 -8.58 50.14
CA LYS A 417 -22.33 -9.54 51.21
C LYS A 417 -21.34 -10.63 50.88
N SER A 418 -21.27 -11.05 49.62
CA SER A 418 -20.28 -12.04 49.25
C SER A 418 -18.84 -11.53 49.40
N PRO A 419 -18.49 -10.32 48.95
CA PRO A 419 -17.14 -9.85 49.23
C PRO A 419 -16.83 -9.75 50.71
N GLU A 420 -17.80 -9.32 51.51
CA GLU A 420 -17.59 -9.27 52.95
C GLU A 420 -17.33 -10.65 53.52
N LEU A 421 -18.10 -11.65 53.07
CA LEU A 421 -17.91 -13.00 53.59
C LEU A 421 -16.56 -13.56 53.17
N LEU A 422 -16.12 -13.30 51.95
CA LEU A 422 -14.82 -13.80 51.53
C LEU A 422 -13.70 -13.13 52.32
N ALA A 423 -13.83 -11.82 52.55
CA ALA A 423 -12.84 -11.13 53.37
C ALA A 423 -12.79 -11.72 54.78
N ARG A 424 -13.95 -12.00 55.36
CA ARG A 424 -13.98 -12.56 56.70
C ARG A 424 -13.43 -13.98 56.73
N TYR A 425 -13.64 -14.75 55.67
CA TYR A 425 -13.05 -16.07 55.62
C TYR A 425 -11.53 -15.98 55.59
N CYS A 426 -10.99 -15.08 54.77
CA CYS A 426 -9.54 -14.93 54.73
C CYS A 426 -9.01 -14.46 56.07
N ASP A 427 -9.75 -13.60 56.75
CA ASP A 427 -9.43 -13.23 58.12
C ASP A 427 -9.34 -14.46 59.01
N SER A 428 -10.47 -15.16 59.18
CA SER A 428 -10.56 -16.31 60.06
C SER A 428 -9.54 -17.36 59.69
N LEU A 429 -8.97 -17.24 58.50
CA LEU A 429 -7.94 -18.18 58.09
C LEU A 429 -6.55 -17.74 58.49
N LEU A 430 -6.24 -16.45 58.39
CA LEU A 430 -4.88 -16.00 58.65
C LEU A 430 -4.60 -15.61 60.10
N LYS A 431 -5.58 -15.68 61.00
CA LYS A 431 -5.31 -15.33 62.38
C LYS A 431 -4.40 -16.37 63.02
N LYS A 432 -4.01 -16.10 64.26
CA LYS A 432 -3.21 -17.04 65.05
C LYS A 432 -4.17 -17.75 66.00
N SER A 433 -4.63 -18.93 65.60
CA SER A 433 -5.57 -19.70 66.37
C SER A 433 -4.81 -20.62 67.34
N SER A 434 -5.54 -21.55 67.96
CA SER A 434 -4.91 -22.51 68.86
C SER A 434 -3.94 -23.40 68.10
N LYS A 435 -4.45 -24.11 67.10
CA LYS A 435 -3.58 -24.92 66.25
C LYS A 435 -2.65 -24.04 65.42
N ASN A 436 -1.48 -24.57 65.12
CA ASN A 436 -0.54 -23.88 64.25
C ASN A 436 -0.71 -24.40 62.84
N PRO A 437 -1.17 -23.58 61.89
CA PRO A 437 -1.35 -24.06 60.52
C PRO A 437 -0.03 -24.40 59.88
N GLU A 438 -0.07 -25.35 58.95
CA GLU A 438 1.12 -25.80 58.24
C GLU A 438 1.26 -25.00 56.96
N GLU A 439 2.47 -24.47 56.74
CA GLU A 439 2.68 -23.51 55.66
C GLU A 439 2.22 -24.06 54.31
N ALA A 440 2.47 -25.35 54.06
CA ALA A 440 2.08 -25.94 52.79
C ALA A 440 0.57 -25.90 52.59
N GLU A 441 -0.20 -26.21 53.64
CA GLU A 441 -1.66 -26.14 53.54
C GLU A 441 -2.14 -24.69 53.43
N LEU A 442 -1.50 -23.79 54.19
CA LEU A 442 -1.92 -22.40 54.18
C LEU A 442 -1.79 -21.80 52.79
N GLU A 443 -0.66 -22.06 52.12
CA GLU A 443 -0.45 -21.48 50.81
C GLU A 443 -1.52 -21.94 49.83
N ASP A 444 -1.86 -23.24 49.87
CA ASP A 444 -2.90 -23.77 49.00
C ASP A 444 -4.24 -23.10 49.27
N THR A 445 -4.60 -22.97 50.55
CA THR A 445 -5.92 -22.45 50.85
C THR A 445 -6.03 -20.99 50.42
N LEU A 446 -4.97 -20.21 50.61
CA LEU A 446 -4.96 -18.85 50.08
C LEU A 446 -5.10 -18.87 48.56
N ASN A 447 -4.43 -19.81 47.89
CA ASN A 447 -4.54 -19.88 46.44
C ASN A 447 -5.97 -20.13 45.99
N GLN A 448 -6.77 -20.81 46.81
CA GLN A 448 -8.17 -21.01 46.43
C GLN A 448 -9.02 -19.78 46.72
N VAL A 449 -8.74 -19.11 47.84
CA VAL A 449 -9.44 -17.86 48.11
C VAL A 449 -9.23 -16.90 46.97
N MET A 450 -8.06 -16.95 46.34
CA MET A 450 -7.82 -16.05 45.21
C MET A 450 -8.74 -16.34 44.03
N VAL A 451 -9.06 -17.61 43.77
CA VAL A 451 -10.03 -17.93 42.73
C VAL A 451 -11.36 -17.26 43.03
N VAL A 452 -11.92 -17.58 44.21
CA VAL A 452 -13.23 -17.03 44.51
C VAL A 452 -13.20 -15.52 44.47
N PHE A 453 -12.04 -14.92 44.78
CA PHE A 453 -11.87 -13.49 44.60
C PHE A 453 -12.02 -13.09 43.15
N LYS A 454 -11.23 -13.70 42.27
CA LYS A 454 -11.20 -13.23 40.89
C LYS A 454 -12.55 -13.32 40.23
N TYR A 455 -13.49 -14.05 40.83
CA TYR A 455 -14.84 -13.97 40.26
C TYR A 455 -15.68 -12.80 40.74
N ILE A 456 -15.46 -12.27 41.94
CA ILE A 456 -16.33 -11.19 42.42
C ILE A 456 -16.07 -9.93 41.61
N GLU A 457 -17.11 -9.15 41.38
CA GLU A 457 -17.07 -8.05 40.42
C GLU A 457 -16.99 -6.67 41.07
N ASP A 458 -17.10 -6.59 42.39
CA ASP A 458 -16.95 -5.32 43.11
C ASP A 458 -15.74 -5.47 44.02
N LYS A 459 -14.56 -5.19 43.47
CA LYS A 459 -13.30 -5.46 44.16
C LYS A 459 -12.83 -4.30 45.01
N ASP A 460 -13.70 -3.37 45.37
CA ASP A 460 -13.32 -2.28 46.28
C ASP A 460 -13.88 -2.44 47.67
N VAL A 461 -15.10 -2.95 47.79
CA VAL A 461 -15.62 -3.33 49.10
C VAL A 461 -14.72 -4.36 49.74
N PHE A 462 -14.23 -5.31 48.94
CA PHE A 462 -13.31 -6.30 49.48
C PHE A 462 -12.07 -5.62 50.04
N GLN A 463 -11.56 -4.61 49.35
CA GLN A 463 -10.36 -3.96 49.88
C GLN A 463 -10.66 -3.23 51.18
N LYS A 464 -11.82 -2.57 51.27
CA LYS A 464 -12.15 -1.92 52.54
C LYS A 464 -12.13 -2.90 53.69
N PHE A 465 -12.85 -4.01 53.53
CA PHE A 465 -12.94 -4.97 54.63
C PHE A 465 -11.60 -5.61 54.93
N TYR A 466 -10.83 -5.96 53.90
CA TYR A 466 -9.54 -6.58 54.15
C TYR A 466 -8.59 -5.62 54.83
N ALA A 467 -8.61 -4.35 54.45
CA ALA A 467 -7.76 -3.37 55.12
C ALA A 467 -8.12 -3.26 56.59
N LYS A 468 -9.41 -3.21 56.89
CA LYS A 468 -9.82 -3.10 58.29
C LYS A 468 -9.31 -4.29 59.11
N MET A 469 -9.56 -5.50 58.60
CA MET A 469 -9.20 -6.68 59.38
C MET A 469 -7.68 -6.83 59.51
N LEU A 470 -6.94 -6.53 58.44
CA LEU A 470 -5.49 -6.57 58.54
C LEU A 470 -4.98 -5.56 59.55
N ALA A 471 -5.59 -4.37 59.60
CA ALA A 471 -5.20 -3.39 60.59
C ALA A 471 -5.36 -3.93 62.00
N LYS A 472 -6.52 -4.54 62.28
CA LYS A 472 -6.74 -5.09 63.61
C LYS A 472 -5.68 -6.14 63.95
N ARG A 473 -5.51 -7.13 63.07
CA ARG A 473 -4.63 -8.22 63.48
C ARG A 473 -3.17 -7.82 63.46
N LEU A 474 -2.81 -6.73 62.80
CA LEU A 474 -1.44 -6.25 62.86
C LEU A 474 -1.18 -5.44 64.13
N VAL A 475 -2.15 -4.60 64.52
CA VAL A 475 -1.97 -3.81 65.72
C VAL A 475 -1.89 -4.72 66.94
N HIS A 476 -2.81 -5.67 67.06
CA HIS A 476 -2.86 -6.48 68.27
C HIS A 476 -1.84 -7.61 68.28
N GLN A 477 -0.81 -7.56 67.44
CA GLN A 477 0.26 -8.55 67.40
C GLN A 477 -0.25 -9.97 67.20
N ASN A 478 -1.45 -10.10 66.65
CA ASN A 478 -2.16 -11.38 66.54
C ASN A 478 -2.21 -11.78 65.07
N SER A 479 -1.17 -12.45 64.62
CA SER A 479 -1.09 -12.89 63.23
C SER A 479 -0.41 -14.24 63.15
N ALA A 480 -0.79 -15.02 62.14
CA ALA A 480 -0.25 -16.37 62.01
C ALA A 480 1.19 -16.35 61.51
N SER A 481 1.42 -15.80 60.33
CA SER A 481 2.72 -15.93 59.68
C SER A 481 2.98 -14.70 58.82
N ASP A 482 4.11 -14.04 59.08
CA ASP A 482 4.44 -12.84 58.33
C ASP A 482 4.61 -13.14 56.84
N ASP A 483 5.24 -14.27 56.52
CA ASP A 483 5.34 -14.66 55.13
C ASP A 483 3.96 -14.94 54.53
N ALA A 484 3.01 -15.42 55.34
CA ALA A 484 1.66 -15.62 54.83
C ALA A 484 1.00 -14.29 54.49
N GLU A 485 1.10 -13.31 55.39
CA GLU A 485 0.54 -11.99 55.09
C GLU A 485 1.17 -11.42 53.84
N ALA A 486 2.50 -11.53 53.72
CA ALA A 486 3.17 -10.99 52.56
C ALA A 486 2.72 -11.67 51.29
N SER A 487 2.56 -13.00 51.32
CA SER A 487 2.11 -13.71 50.13
C SER A 487 0.72 -13.29 49.71
N MET A 488 -0.20 -13.15 50.69
CA MET A 488 -1.55 -12.73 50.33
C MET A 488 -1.55 -11.35 49.69
N ILE A 489 -0.80 -10.41 50.29
CA ILE A 489 -0.72 -9.08 49.70
C ILE A 489 -0.12 -9.16 48.31
N SER A 490 0.88 -10.01 48.12
CA SER A 490 1.54 -10.10 46.83
C SER A 490 0.60 -10.59 45.74
N LYS A 491 -0.19 -11.61 46.03
CA LYS A 491 -1.09 -12.08 44.97
C LYS A 491 -2.26 -11.14 44.76
N LEU A 492 -2.71 -10.44 45.79
CA LEU A 492 -3.70 -9.38 45.55
C LEU A 492 -3.14 -8.33 44.60
N LYS A 493 -1.89 -7.92 44.82
CA LYS A 493 -1.27 -6.94 43.94
C LYS A 493 -1.13 -7.47 42.53
N GLN A 494 -0.71 -8.71 42.37
CA GLN A 494 -0.55 -9.28 41.04
C GLN A 494 -1.89 -9.38 40.32
N ALA A 495 -2.98 -9.58 41.04
CA ALA A 495 -4.27 -9.68 40.38
C ALA A 495 -4.99 -8.35 40.23
N CYS A 496 -4.52 -7.27 40.86
CA CYS A 496 -5.17 -5.98 40.65
C CYS A 496 -4.26 -4.76 40.56
N GLY A 497 -2.95 -4.92 40.59
CA GLY A 497 -2.06 -3.83 40.25
C GLY A 497 -1.59 -3.03 41.46
N PHE A 498 -0.49 -2.30 41.26
CA PHE A 498 0.16 -1.58 42.34
C PHE A 498 -0.71 -0.51 42.97
N GLU A 499 -1.73 -0.03 42.28
CA GLU A 499 -2.58 1.00 42.88
C GLU A 499 -3.63 0.40 43.79
N TYR A 500 -4.03 -0.84 43.54
CA TYR A 500 -4.99 -1.50 44.41
C TYR A 500 -4.42 -1.71 45.79
N THR A 501 -3.16 -2.11 45.89
CA THR A 501 -2.61 -2.55 47.17
C THR A 501 -1.49 -1.65 47.66
N SER A 502 -1.67 -0.34 47.59
CA SER A 502 -0.66 0.55 48.13
C SER A 502 -0.83 0.72 49.63
N LYS A 503 -2.07 0.93 50.08
CA LYS A 503 -2.31 1.11 51.50
C LYS A 503 -1.86 -0.10 52.29
N LEU A 504 -2.11 -1.30 51.78
CA LEU A 504 -1.71 -2.50 52.52
C LEU A 504 -0.19 -2.63 52.60
N GLN A 505 0.52 -2.34 51.51
CA GLN A 505 1.98 -2.40 51.58
C GLN A 505 2.54 -1.40 52.57
N ARG A 506 1.98 -0.18 52.61
CA ARG A 506 2.46 0.77 53.60
C ARG A 506 2.12 0.31 55.01
N MET A 507 0.90 -0.20 55.20
CA MET A 507 0.45 -0.68 56.49
C MET A 507 1.28 -1.83 56.99
N PHE A 508 2.00 -2.51 56.10
CA PHE A 508 2.93 -3.58 56.47
C PHE A 508 4.32 -3.04 56.76
N GLN A 509 4.85 -2.24 55.84
CA GLN A 509 6.20 -1.72 55.99
C GLN A 509 6.35 -0.89 57.25
N ASP A 510 5.29 -0.22 57.69
CA ASP A 510 5.47 0.60 58.88
C ASP A 510 5.44 -0.23 60.17
N ILE A 511 4.78 -1.39 60.19
CA ILE A 511 4.98 -2.26 61.35
C ILE A 511 6.41 -2.79 61.35
N GLY A 512 6.97 -3.07 60.17
CA GLY A 512 8.38 -3.44 60.13
C GLY A 512 9.28 -2.36 60.70
N VAL A 513 9.06 -1.12 60.26
CA VAL A 513 9.88 0.00 60.72
C VAL A 513 9.69 0.25 62.21
N SER A 514 8.47 0.06 62.72
CA SER A 514 8.26 0.22 64.16
C SER A 514 9.06 -0.81 64.94
N LYS A 515 9.04 -2.06 64.48
CA LYS A 515 9.84 -3.08 65.15
C LYS A 515 11.31 -2.70 65.14
N ASP A 516 11.80 -2.16 64.03
CA ASP A 516 13.18 -1.69 63.98
C ASP A 516 13.42 -0.59 65.02
N LEU A 517 12.60 0.46 64.97
CA LEU A 517 12.88 1.66 65.76
C LEU A 517 12.83 1.38 67.25
N ASN A 518 12.03 0.40 67.67
CA ASN A 518 12.01 0.07 69.09
C ASN A 518 13.39 -0.39 69.56
N GLU A 519 14.14 -1.10 68.72
CA GLU A 519 15.48 -1.53 69.07
C GLU A 519 16.42 -0.35 69.27
N GLN A 520 16.35 0.65 68.38
CA GLN A 520 17.19 1.82 68.55
C GLN A 520 16.82 2.57 69.82
N PHE A 521 15.52 2.59 70.16
CA PHE A 521 15.14 3.18 71.44
C PHE A 521 15.76 2.41 72.59
N LYS A 522 15.79 1.09 72.50
CA LYS A 522 16.45 0.29 73.54
C LYS A 522 17.93 0.64 73.64
N LYS A 523 18.60 0.80 72.50
CA LYS A 523 20.02 1.12 72.51
C LYS A 523 20.27 2.47 73.17
N HIS A 524 19.57 3.51 72.72
CA HIS A 524 19.71 4.82 73.34
C HIS A 524 19.25 4.81 74.79
N LEU A 525 18.48 3.79 75.17
CA LEU A 525 17.96 3.70 76.53
C LEU A 525 19.02 3.28 77.53
N THR A 526 20.15 2.76 77.06
CA THR A 526 21.21 2.30 77.97
C THR A 526 21.75 3.43 78.84
N ASN A 527 21.57 4.69 78.42
CA ASN A 527 22.12 5.83 79.13
C ASN A 527 21.04 6.72 79.72
N SER A 528 19.81 6.23 79.80
CA SER A 528 18.70 7.02 80.30
C SER A 528 17.94 6.38 81.46
N GLU A 529 18.14 5.09 81.74
CA GLU A 529 17.59 4.42 82.91
C GLU A 529 16.07 4.56 82.97
N PRO A 530 15.34 3.85 82.11
CA PRO A 530 13.88 3.97 82.14
C PRO A 530 13.34 3.56 83.50
N LEU A 531 12.49 4.41 84.06
CA LEU A 531 12.23 4.41 85.49
C LEU A 531 11.95 3.03 86.06
N ASP A 532 10.87 2.38 85.65
CA ASP A 532 10.61 1.04 86.15
C ASP A 532 9.96 0.10 85.16
N LEU A 533 9.69 0.50 83.92
CA LEU A 533 8.75 -0.22 83.08
C LEU A 533 9.39 -0.64 81.76
N ASP A 534 8.93 -1.77 81.25
CA ASP A 534 9.25 -2.21 79.90
C ASP A 534 8.36 -1.44 78.94
N PHE A 535 8.97 -0.56 78.16
CA PHE A 535 8.24 0.26 77.20
C PHE A 535 8.35 -0.33 75.82
N SER A 536 7.23 -0.36 75.10
CA SER A 536 7.25 -0.78 73.71
C SER A 536 6.19 0.01 72.97
N ILE A 537 6.55 0.53 71.81
CA ILE A 537 5.65 1.40 71.07
C ILE A 537 5.53 0.88 69.65
N GLN A 538 4.43 1.24 69.00
CA GLN A 538 4.25 1.03 67.57
C GLN A 538 3.84 2.35 66.95
N VAL A 539 4.61 2.80 65.98
CA VAL A 539 4.44 4.11 65.38
C VAL A 539 3.93 3.91 63.96
N LEU A 540 2.67 4.23 63.75
CA LEU A 540 2.02 4.00 62.47
C LEU A 540 2.02 5.27 61.62
N SER A 541 1.77 5.11 60.33
CA SER A 541 1.60 6.25 59.45
C SER A 541 0.25 6.88 59.74
N SER A 542 -0.16 7.88 58.96
CA SER A 542 -1.39 8.57 59.29
C SER A 542 -2.46 8.49 58.23
N GLY A 543 -2.09 8.37 56.96
CA GLY A 543 -3.10 8.28 55.92
C GLY A 543 -3.53 6.85 55.68
N SER A 544 -2.60 5.92 55.87
CA SER A 544 -2.86 4.53 55.55
C SER A 544 -3.85 3.91 56.53
N TRP A 545 -3.52 3.92 57.80
CA TRP A 545 -4.30 3.18 58.77
C TRP A 545 -5.69 3.80 58.95
N PRO A 546 -6.71 2.99 59.16
CA PRO A 546 -8.06 3.48 59.43
C PRO A 546 -8.32 3.67 60.93
N PHE A 547 -7.70 4.69 61.52
CA PHE A 547 -7.88 5.01 62.92
C PHE A 547 -8.13 6.51 63.05
N GLN A 548 -8.85 6.88 64.11
CA GLN A 548 -9.24 8.27 64.36
C GLN A 548 -8.50 8.79 65.59
N GLN A 549 -8.71 10.07 65.89
CA GLN A 549 -7.74 10.83 66.67
C GLN A 549 -7.50 10.31 68.08
N SER A 550 -8.48 10.44 68.96
CA SER A 550 -8.27 10.12 70.38
C SER A 550 -9.61 10.20 71.09
N CYS A 551 -9.57 10.05 72.41
CA CYS A 551 -10.76 10.18 73.25
C CYS A 551 -10.46 11.01 74.49
N THR A 552 -9.62 12.02 74.36
CA THR A 552 -9.41 13.06 75.37
C THR A 552 -9.01 12.46 76.73
N PHE A 553 -7.84 11.85 76.72
CA PHE A 553 -7.31 11.16 77.90
C PHE A 553 -6.43 12.10 78.70
N ALA A 554 -6.36 11.86 80.01
CA ALA A 554 -5.41 12.54 80.88
C ALA A 554 -4.39 11.51 81.35
N LEU A 555 -3.12 11.75 81.03
CA LEU A 555 -2.10 10.75 81.24
C LEU A 555 -1.78 10.64 82.72
N PRO A 556 -1.85 9.46 83.32
CA PRO A 556 -1.47 9.33 84.73
C PRO A 556 -0.01 9.66 84.94
N SER A 557 0.30 10.15 86.13
CA SER A 557 1.64 10.66 86.42
C SER A 557 2.70 9.57 86.33
N GLU A 558 2.29 8.30 86.40
CA GLU A 558 3.27 7.22 86.44
C GLU A 558 4.02 7.08 85.13
N LEU A 559 3.32 7.22 84.01
CA LEU A 559 3.91 6.98 82.69
C LEU A 559 4.55 8.22 82.08
N GLU A 560 4.34 9.39 82.68
CA GLU A 560 4.74 10.65 82.07
C GLU A 560 6.21 10.68 81.73
N ARG A 561 7.04 10.08 82.59
CA ARG A 561 8.49 10.10 82.38
C ARG A 561 8.84 9.43 81.07
N SER A 562 8.36 8.20 80.87
CA SER A 562 8.65 7.48 79.63
C SER A 562 8.00 8.17 78.44
N TYR A 563 6.80 8.70 78.62
CA TYR A 563 6.13 9.41 77.52
C TYR A 563 7.01 10.53 77.00
N GLN A 564 7.47 11.40 77.91
CA GLN A 564 8.25 12.55 77.48
C GLN A 564 9.61 12.13 76.95
N ARG A 565 10.24 11.13 77.55
CA ARG A 565 11.53 10.71 77.03
C ARG A 565 11.41 10.18 75.61
N PHE A 566 10.39 9.38 75.33
CA PHE A 566 10.26 8.87 73.96
C PHE A 566 9.90 9.97 72.99
N THR A 567 9.02 10.90 73.38
CA THR A 567 8.66 11.93 72.41
C THR A 567 9.87 12.81 72.09
N ALA A 568 10.69 13.11 73.09
CA ALA A 568 11.92 13.85 72.82
C ALA A 568 12.88 13.06 71.94
N PHE A 569 12.99 11.74 72.17
CA PHE A 569 13.86 10.94 71.33
C PHE A 569 13.37 10.92 69.89
N TYR A 570 12.06 10.78 69.68
CA TYR A 570 11.54 10.73 68.33
C TYR A 570 11.77 12.06 67.62
N ALA A 571 11.53 13.17 68.32
CA ALA A 571 11.76 14.46 67.69
C ALA A 571 13.21 14.64 67.27
N SER A 572 14.14 13.90 67.88
CA SER A 572 15.54 14.02 67.53
C SER A 572 15.82 13.49 66.14
N ARG A 573 15.34 12.28 65.83
CA ARG A 573 15.77 11.60 64.62
C ARG A 573 15.02 12.05 63.37
N HIS A 574 14.10 12.99 63.47
CA HIS A 574 13.30 13.39 62.32
C HIS A 574 13.01 14.88 62.38
N SER A 575 12.75 15.46 61.20
CA SER A 575 12.77 16.92 61.09
C SER A 575 11.55 17.56 61.71
N GLY A 576 10.38 17.35 61.12
CA GLY A 576 9.17 17.82 61.74
C GLY A 576 8.09 16.78 61.65
N ARG A 577 7.69 16.23 62.79
CA ARG A 577 6.77 15.11 62.83
C ARG A 577 6.07 15.16 64.18
N LYS A 578 4.78 14.86 64.17
CA LYS A 578 3.94 15.07 65.36
C LYS A 578 3.24 13.78 65.70
N LEU A 579 3.74 13.08 66.72
CA LEU A 579 3.04 11.91 67.23
C LEU A 579 1.73 12.33 67.88
N THR A 580 0.65 11.67 67.52
CA THR A 580 -0.59 11.74 68.29
C THR A 580 -0.79 10.37 68.91
N TRP A 581 -0.57 10.28 70.21
CA TRP A 581 -0.78 9.02 70.90
C TRP A 581 -2.27 8.71 70.91
N LEU A 582 -2.62 7.46 70.67
CA LEU A 582 -4.02 7.07 70.78
C LEU A 582 -4.11 5.94 71.80
N TYR A 583 -4.61 6.29 72.99
CA TYR A 583 -4.61 5.39 74.12
C TYR A 583 -5.72 4.36 74.07
N GLN A 584 -6.76 4.59 73.26
CA GLN A 584 -7.92 3.72 73.30
C GLN A 584 -7.58 2.28 72.96
N LEU A 585 -6.45 2.04 72.29
CA LEU A 585 -5.98 0.70 72.00
C LEU A 585 -4.50 0.60 72.36
N SER A 586 -4.23 0.33 73.63
CA SER A 586 -2.87 0.21 74.13
C SER A 586 -2.93 -0.45 75.49
N LYS A 587 -2.22 -1.56 75.65
CA LYS A 587 -2.32 -2.39 76.85
C LYS A 587 -0.95 -2.55 77.48
N GLY A 588 -0.95 -2.91 78.77
CA GLY A 588 0.27 -3.14 79.52
C GLY A 588 0.07 -4.19 80.60
N GLU A 589 0.58 -3.91 81.79
CA GLU A 589 0.57 -4.90 82.85
C GLU A 589 0.77 -4.29 84.24
N LEU A 590 -0.06 -4.70 85.20
CA LEU A 590 0.01 -4.21 86.57
C LEU A 590 0.40 -5.35 87.50
N VAL A 591 1.06 -5.02 88.61
CA VAL A 591 1.58 -6.05 89.51
C VAL A 591 0.75 -6.19 90.80
N THR A 592 0.03 -5.16 91.21
CA THR A 592 -0.86 -5.21 92.37
C THR A 592 -0.15 -5.70 93.63
N ASN A 593 0.81 -4.89 94.08
CA ASN A 593 1.44 -5.13 95.38
C ASN A 593 0.68 -4.43 96.49
N CYS A 594 -0.63 -4.64 96.50
CA CYS A 594 -1.50 -4.10 97.54
C CYS A 594 -2.47 -5.12 98.13
N PHE A 595 -2.70 -6.24 97.46
CA PHE A 595 -3.62 -7.26 97.93
C PHE A 595 -2.85 -8.36 98.66
N LYS A 596 -3.53 -9.47 98.93
CA LYS A 596 -3.03 -10.51 99.81
C LYS A 596 -2.28 -11.62 99.08
N ASN A 597 -2.43 -11.75 97.76
CA ASN A 597 -1.90 -12.90 97.06
C ASN A 597 -0.98 -12.57 95.89
N ARG A 598 -0.59 -11.31 95.71
CA ARG A 598 0.40 -10.92 94.70
C ARG A 598 -0.05 -11.35 93.30
N TYR A 599 -1.13 -10.73 92.84
CA TYR A 599 -1.68 -11.07 91.53
C TYR A 599 -0.91 -10.33 90.45
N THR A 600 -1.44 -10.35 89.22
CA THR A 600 -0.84 -9.61 88.12
C THR A 600 -1.95 -9.34 87.10
N LEU A 601 -2.33 -8.08 86.98
CA LEU A 601 -3.45 -7.72 86.12
C LEU A 601 -2.96 -7.28 84.75
N GLN A 602 -3.88 -7.28 83.79
CA GLN A 602 -3.52 -7.08 82.39
C GLN A 602 -4.72 -6.43 81.71
N ALA A 603 -4.66 -5.11 81.50
CA ALA A 603 -5.82 -4.39 81.03
C ALA A 603 -5.40 -3.18 80.21
N SER A 604 -6.39 -2.55 79.59
CA SER A 604 -6.16 -1.37 78.77
C SER A 604 -5.72 -0.19 79.63
N THR A 605 -5.24 0.85 78.96
CA THR A 605 -4.71 2.01 79.67
C THR A 605 -5.80 2.73 80.45
N PHE A 606 -7.05 2.66 79.98
CA PHE A 606 -8.15 3.24 80.73
C PHE A 606 -8.26 2.59 82.11
N GLN A 607 -8.23 1.26 82.14
CA GLN A 607 -8.22 0.55 83.41
C GLN A 607 -7.05 0.98 84.26
N MET A 608 -5.89 1.19 83.65
CA MET A 608 -4.72 1.59 84.43
C MET A 608 -4.93 2.95 85.07
N ALA A 609 -5.46 3.91 84.33
CA ALA A 609 -5.73 5.22 84.91
C ALA A 609 -6.67 5.07 86.10
N ILE A 610 -7.79 4.38 85.91
CA ILE A 610 -8.78 4.31 86.98
C ILE A 610 -8.22 3.57 88.19
N LEU A 611 -7.53 2.45 87.97
CA LEU A 611 -6.95 1.70 89.09
C LEU A 611 -5.87 2.50 89.80
N LEU A 612 -4.95 3.10 89.05
CA LEU A 612 -3.88 3.87 89.65
C LEU A 612 -4.41 5.04 90.45
N GLN A 613 -5.60 5.53 90.12
CA GLN A 613 -6.24 6.52 90.98
C GLN A 613 -6.35 6.02 92.41
N TYR A 614 -6.71 4.74 92.58
CA TYR A 614 -6.93 4.21 93.92
C TYR A 614 -5.65 3.87 94.65
N ASN A 615 -4.49 4.23 94.10
CA ASN A 615 -3.26 4.07 94.86
C ASN A 615 -3.28 4.92 96.12
N THR A 616 -3.98 6.05 96.10
CA THR A 616 -4.12 6.88 97.29
C THR A 616 -5.25 6.40 98.19
N GLU A 617 -6.49 6.45 97.69
CA GLU A 617 -7.65 6.14 98.51
C GLU A 617 -8.55 5.12 97.83
N ASP A 618 -9.75 4.89 98.39
CA ASP A 618 -10.69 3.94 97.82
C ASP A 618 -12.13 4.42 97.88
N ALA A 619 -12.36 5.72 97.97
CA ALA A 619 -13.69 6.26 98.23
C ALA A 619 -14.01 7.40 97.26
N TYR A 620 -13.80 7.15 95.98
CA TYR A 620 -14.12 8.13 94.95
C TYR A 620 -15.44 7.79 94.28
N THR A 621 -16.10 8.81 93.74
CA THR A 621 -17.34 8.65 93.01
C THR A 621 -17.09 8.83 91.53
N VAL A 622 -18.15 8.58 90.74
CA VAL A 622 -18.03 8.69 89.29
C VAL A 622 -17.55 10.07 88.89
N GLN A 623 -18.11 11.11 89.51
CA GLN A 623 -17.63 12.46 89.26
C GLN A 623 -16.17 12.61 89.68
N GLN A 624 -15.80 12.04 90.83
CA GLN A 624 -14.42 12.11 91.28
C GLN A 624 -13.47 11.48 90.27
N LEU A 625 -13.84 10.31 89.73
CA LEU A 625 -13.02 9.69 88.70
C LEU A 625 -12.94 10.58 87.46
N THR A 626 -14.07 11.17 87.08
CA THR A 626 -14.07 12.07 85.92
C THR A 626 -13.09 13.22 86.12
N ASP A 627 -13.02 13.76 87.32
CA ASP A 627 -12.18 14.93 87.57
C ASP A 627 -10.71 14.63 87.28
N SER A 628 -10.23 13.46 87.68
CA SER A 628 -8.80 13.20 87.66
C SER A 628 -8.32 12.53 86.38
N THR A 629 -9.21 11.98 85.57
CA THR A 629 -8.80 11.29 84.35
C THR A 629 -9.41 11.87 83.08
N GLN A 630 -10.36 12.79 83.19
CA GLN A 630 -10.88 13.55 82.07
C GLN A 630 -11.54 12.69 81.00
N ILE A 631 -11.82 11.43 81.30
CA ILE A 631 -12.40 10.50 80.34
C ILE A 631 -13.85 10.90 80.08
N LYS A 632 -14.43 10.41 78.98
CA LYS A 632 -15.81 10.73 78.64
C LYS A 632 -16.79 9.89 79.46
N MET A 633 -18.05 10.34 79.46
CA MET A 633 -19.05 9.78 80.37
C MET A 633 -19.38 8.34 80.02
N ASP A 634 -19.79 8.09 78.77
CA ASP A 634 -20.15 6.73 78.38
C ASP A 634 -18.96 5.80 78.46
N ILE A 635 -17.76 6.30 78.14
CA ILE A 635 -16.57 5.47 78.24
C ILE A 635 -16.33 5.06 79.69
N LEU A 636 -16.47 6.02 80.62
CA LEU A 636 -16.37 5.68 82.03
C LEU A 636 -17.43 4.67 82.44
N ALA A 637 -18.65 4.85 81.94
CA ALA A 637 -19.72 3.91 82.26
C ALA A 637 -19.33 2.49 81.86
N GLN A 638 -18.90 2.33 80.60
CA GLN A 638 -18.50 1.01 80.11
C GLN A 638 -17.35 0.44 80.93
N VAL A 639 -16.31 1.24 81.15
CA VAL A 639 -15.10 0.73 81.80
C VAL A 639 -15.39 0.34 83.24
N LEU A 640 -16.06 1.23 83.98
CA LEU A 640 -16.40 0.93 85.36
C LEU A 640 -17.35 -0.26 85.46
N GLN A 641 -18.28 -0.39 84.52
CA GLN A 641 -19.16 -1.55 84.52
C GLN A 641 -18.35 -2.84 84.35
N ILE A 642 -17.40 -2.84 83.42
CA ILE A 642 -16.59 -4.04 83.22
C ILE A 642 -15.72 -4.32 84.44
N LEU A 643 -15.21 -3.27 85.09
CA LEU A 643 -14.43 -3.47 86.32
C LEU A 643 -15.29 -4.08 87.42
N LEU A 644 -16.49 -3.51 87.64
CA LEU A 644 -17.37 -4.05 88.67
C LEU A 644 -17.81 -5.46 88.34
N LYS A 645 -17.84 -5.82 87.05
CA LYS A 645 -18.07 -7.21 86.68
C LYS A 645 -17.00 -8.11 87.28
N SER A 646 -15.75 -7.68 87.21
CA SER A 646 -14.70 -8.34 87.97
C SER A 646 -14.87 -8.03 89.45
N LYS A 647 -14.31 -8.89 90.30
CA LYS A 647 -14.41 -8.73 91.73
C LYS A 647 -13.35 -7.79 92.29
N LEU A 648 -12.76 -6.94 91.46
CA LEU A 648 -11.79 -5.96 91.95
C LEU A 648 -12.49 -4.76 92.58
N LEU A 649 -13.55 -4.27 91.95
CA LEU A 649 -14.28 -3.12 92.43
C LEU A 649 -15.71 -3.53 92.74
N VAL A 650 -16.22 -3.08 93.87
CA VAL A 650 -17.58 -3.40 94.32
C VAL A 650 -18.31 -2.10 94.63
N LEU A 651 -19.63 -2.14 94.44
CA LEU A 651 -20.47 -1.01 94.78
C LEU A 651 -20.69 -0.98 96.30
N GLU A 652 -21.50 -0.03 96.76
CA GLU A 652 -21.91 -0.04 98.16
C GLU A 652 -22.75 -1.27 98.45
N ASP A 653 -23.66 -1.62 97.55
CA ASP A 653 -24.32 -2.91 97.60
C ASP A 653 -23.33 -4.01 97.24
N GLU A 654 -23.64 -5.23 97.66
CA GLU A 654 -22.79 -6.39 97.40
C GLU A 654 -23.38 -7.37 96.42
N ASN A 655 -24.69 -7.58 96.44
CA ASN A 655 -25.35 -8.54 95.58
C ASN A 655 -26.13 -7.90 94.44
N ALA A 656 -26.03 -6.59 94.27
CA ALA A 656 -26.75 -5.92 93.20
C ALA A 656 -26.20 -6.38 91.84
N ASN A 657 -27.09 -6.38 90.85
CA ASN A 657 -26.71 -6.74 89.48
C ASN A 657 -25.90 -5.58 88.90
N VAL A 658 -24.61 -5.54 89.29
CA VAL A 658 -23.73 -4.46 88.85
C VAL A 658 -23.62 -4.41 87.34
N ASP A 659 -23.89 -5.53 86.66
CA ASP A 659 -23.93 -5.53 85.20
C ASP A 659 -25.07 -4.72 84.63
N GLU A 660 -26.07 -4.38 85.45
CA GLU A 660 -27.26 -3.68 84.97
C GLU A 660 -27.48 -2.33 85.64
N VAL A 661 -27.30 -2.24 86.96
CA VAL A 661 -27.54 -1.00 87.67
C VAL A 661 -26.46 0.03 87.33
N GLU A 662 -26.81 1.00 86.51
CA GLU A 662 -25.90 2.10 86.22
C GLU A 662 -25.87 3.07 87.40
N LEU A 663 -24.79 3.84 87.47
CA LEU A 663 -24.57 4.72 88.60
C LEU A 663 -24.53 6.17 88.12
N LYS A 664 -24.52 7.08 89.08
CA LYS A 664 -24.56 8.51 88.84
C LYS A 664 -23.30 9.16 89.38
N PRO A 665 -23.04 10.43 89.03
CA PRO A 665 -21.80 11.08 89.50
C PRO A 665 -21.62 11.05 91.01
N ASP A 666 -22.70 11.04 91.78
CA ASP A 666 -22.62 10.99 93.24
C ASP A 666 -22.77 9.56 93.75
N THR A 667 -21.92 8.65 93.25
CA THR A 667 -22.03 7.24 93.61
C THR A 667 -20.63 6.72 93.92
N LEU A 668 -20.42 6.31 95.17
CA LEU A 668 -19.12 5.83 95.60
C LEU A 668 -18.77 4.51 94.93
N ILE A 669 -17.46 4.28 94.78
CA ILE A 669 -16.94 3.01 94.30
C ILE A 669 -15.98 2.47 95.36
N LYS A 670 -16.18 1.22 95.75
CA LYS A 670 -15.45 0.62 96.86
C LYS A 670 -14.40 -0.34 96.31
N LEU A 671 -13.15 -0.09 96.66
CA LEU A 671 -12.07 -1.02 96.34
C LEU A 671 -12.24 -2.28 97.18
N TYR A 672 -12.60 -3.38 96.55
CA TYR A 672 -12.84 -4.63 97.28
C TYR A 672 -11.49 -5.24 97.63
N LEU A 673 -11.06 -5.04 98.88
CA LEU A 673 -9.77 -5.56 99.32
C LEU A 673 -9.74 -7.08 99.37
N GLY A 674 -10.89 -7.73 99.51
CA GLY A 674 -10.95 -9.16 99.65
C GLY A 674 -10.94 -9.94 98.34
N TYR A 675 -10.64 -9.28 97.22
CA TYR A 675 -10.62 -9.97 95.94
C TYR A 675 -9.57 -11.08 95.95
N LYS A 676 -9.95 -12.23 95.38
CA LYS A 676 -9.03 -13.36 95.30
C LYS A 676 -9.45 -14.24 94.12
N ASN A 677 -8.72 -14.16 93.02
CA ASN A 677 -8.92 -15.09 91.94
C ASN A 677 -8.24 -16.42 92.25
N LYS A 678 -8.74 -17.48 91.62
CA LYS A 678 -8.15 -18.80 91.82
C LYS A 678 -6.71 -18.86 91.31
N LYS A 679 -6.45 -18.25 90.16
CA LYS A 679 -5.16 -18.36 89.50
C LYS A 679 -4.48 -17.00 89.46
N LEU A 680 -3.34 -16.94 88.80
CA LEU A 680 -2.56 -15.72 88.63
C LEU A 680 -2.69 -15.21 87.20
N ARG A 681 -2.24 -13.97 86.99
CA ARG A 681 -2.26 -13.32 85.68
C ARG A 681 -3.68 -13.27 85.11
N VAL A 682 -4.54 -12.56 85.84
CA VAL A 682 -5.91 -12.35 85.40
C VAL A 682 -5.92 -11.42 84.20
N ASN A 683 -6.75 -11.74 83.21
CA ASN A 683 -6.88 -10.94 82.00
C ASN A 683 -8.23 -10.22 82.07
N ILE A 684 -8.21 -9.01 82.60
CA ILE A 684 -9.45 -8.23 82.78
C ILE A 684 -9.62 -7.39 81.52
N ASN A 685 -10.22 -8.00 80.51
CA ASN A 685 -10.41 -7.31 79.24
C ASN A 685 -11.52 -7.99 78.46
N VAL A 686 -12.08 -7.26 77.51
CA VAL A 686 -13.13 -7.81 76.64
C VAL A 686 -12.63 -7.90 75.21
N GLU A 705 -40.23 18.40 52.45
CA GLU A 705 -40.48 17.80 53.76
C GLU A 705 -41.14 18.81 54.70
N ASP A 706 -41.87 18.29 55.69
CA ASP A 706 -42.44 19.16 56.72
C ASP A 706 -41.35 19.95 57.42
N ARG A 707 -40.16 19.37 57.57
CA ARG A 707 -39.04 20.11 58.11
C ARG A 707 -38.72 21.33 57.24
N LYS A 708 -38.67 21.14 55.92
CA LYS A 708 -38.43 22.27 55.02
C LYS A 708 -39.55 23.30 55.12
N LEU A 709 -40.79 22.84 55.26
CA LEU A 709 -41.91 23.75 55.40
C LEU A 709 -41.75 24.63 56.63
N LEU A 710 -41.38 24.02 57.77
CA LEU A 710 -41.20 24.80 58.99
C LEU A 710 -39.99 25.73 58.87
N ILE A 711 -38.92 25.27 58.23
CA ILE A 711 -37.76 26.13 57.99
C ILE A 711 -38.19 27.38 57.22
N GLN A 712 -38.95 27.19 56.15
CA GLN A 712 -39.39 28.32 55.34
C GLN A 712 -40.35 29.22 56.10
N ALA A 713 -41.22 28.64 56.93
CA ALA A 713 -42.13 29.45 57.75
C ALA A 713 -41.34 30.35 58.70
N ALA A 714 -40.36 29.78 59.40
CA ALA A 714 -39.53 30.60 60.28
C ALA A 714 -38.72 31.61 59.50
N ILE A 715 -38.26 31.25 58.30
CA ILE A 715 -37.47 32.17 57.49
C ILE A 715 -38.29 33.40 57.16
N VAL A 716 -39.50 33.19 56.62
CA VAL A 716 -40.34 34.33 56.24
C VAL A 716 -40.79 35.11 57.48
N ARG A 717 -40.97 34.40 58.60
CA ARG A 717 -41.37 35.07 59.84
C ARG A 717 -40.29 36.04 60.31
N ILE A 718 -39.09 35.53 60.56
CA ILE A 718 -37.99 36.39 60.98
C ILE A 718 -37.72 37.45 59.92
N MET A 719 -37.95 37.14 58.65
CA MET A 719 -37.72 38.09 57.58
C MET A 719 -38.67 39.27 57.69
N LYS A 720 -39.95 39.00 58.00
CA LYS A 720 -40.91 40.08 58.10
C LYS A 720 -40.78 40.86 59.40
N MET A 721 -40.27 40.25 60.48
CA MET A 721 -39.91 41.09 61.63
C MET A 721 -38.72 41.99 61.31
N ARG A 722 -37.65 41.43 60.76
CA ARG A 722 -36.44 42.17 60.44
C ARG A 722 -36.12 41.94 58.97
N LYS A 723 -36.69 42.81 58.12
CA LYS A 723 -36.53 42.76 56.67
C LYS A 723 -35.09 42.44 56.25
N VAL A 724 -34.15 43.28 56.64
CA VAL A 724 -32.76 43.13 56.24
C VAL A 724 -31.98 42.46 57.37
N LEU A 725 -31.30 41.36 57.06
CA LEU A 725 -30.48 40.69 58.06
C LEU A 725 -29.52 39.74 57.37
N LYS A 726 -28.41 39.44 58.04
CA LYS A 726 -27.32 38.68 57.45
C LYS A 726 -27.66 37.19 57.36
N HIS A 727 -27.07 36.52 56.38
CA HIS A 727 -27.34 35.10 56.15
C HIS A 727 -27.00 34.25 57.38
N GLN A 728 -25.81 34.44 57.95
CA GLN A 728 -25.39 33.62 59.08
C GLN A 728 -26.28 33.86 60.29
N GLN A 729 -26.65 35.11 60.53
CA GLN A 729 -27.50 35.41 61.68
C GLN A 729 -28.91 34.87 61.47
N LEU A 730 -29.41 34.86 60.23
CA LEU A 730 -30.64 34.14 59.94
C LEU A 730 -30.52 32.66 60.21
N LEU A 731 -29.37 32.07 59.87
CA LEU A 731 -29.17 30.66 60.16
C LEU A 731 -29.26 30.41 61.66
N GLY A 732 -28.57 31.24 62.44
CA GLY A 732 -28.64 31.10 63.89
C GLY A 732 -30.05 31.30 64.42
N GLU A 733 -30.75 32.32 63.90
CA GLU A 733 -32.09 32.62 64.38
C GLU A 733 -33.07 31.49 64.07
N VAL A 734 -33.00 30.93 62.87
CA VAL A 734 -33.90 29.82 62.54
C VAL A 734 -33.53 28.58 63.34
N LEU A 735 -32.24 28.38 63.63
CA LEU A 735 -31.85 27.30 64.52
C LEU A 735 -32.48 27.47 65.89
N THR A 736 -32.45 28.70 66.42
CA THR A 736 -33.09 28.96 67.71
C THR A 736 -34.59 28.72 67.64
N GLN A 737 -35.23 29.18 66.56
CA GLN A 737 -36.67 29.05 66.42
C GLN A 737 -37.11 27.61 66.34
N LEU A 738 -36.36 26.77 65.63
CA LEU A 738 -36.72 25.37 65.43
C LEU A 738 -36.04 24.43 66.42
N SER A 739 -35.26 24.97 67.36
CA SER A 739 -34.57 24.12 68.33
C SER A 739 -35.54 23.26 69.13
N SER A 740 -36.77 23.75 69.35
CA SER A 740 -37.78 22.97 70.04
C SER A 740 -38.22 21.74 69.25
N ARG A 741 -37.91 21.68 67.96
CA ARG A 741 -38.31 20.55 67.12
C ARG A 741 -37.12 19.74 66.64
N PHE A 742 -36.16 20.38 65.97
CA PHE A 742 -35.00 19.68 65.43
C PHE A 742 -33.95 20.72 65.05
N LYS A 743 -32.78 20.25 64.65
CA LYS A 743 -31.69 21.11 64.20
C LYS A 743 -31.43 20.82 62.72
N PRO A 744 -32.02 21.58 61.82
CA PRO A 744 -31.82 21.31 60.39
C PRO A 744 -30.39 21.59 59.95
N ARG A 745 -29.95 20.82 58.96
CA ARG A 745 -28.62 21.02 58.40
C ARG A 745 -28.56 22.34 57.65
N VAL A 746 -27.41 23.00 57.74
CA VAL A 746 -27.15 24.26 57.04
C VAL A 746 -27.38 24.10 55.54
N PRO A 747 -26.95 23.02 54.89
CA PRO A 747 -27.32 22.85 53.47
C PRO A 747 -28.82 22.84 53.24
N VAL A 748 -29.59 22.21 54.13
CA VAL A 748 -31.04 22.17 53.96
C VAL A 748 -31.63 23.56 54.16
N ILE A 749 -31.11 24.31 55.12
CA ILE A 749 -31.61 25.66 55.35
C ILE A 749 -31.30 26.56 54.16
N LYS A 750 -30.10 26.44 53.60
CA LYS A 750 -29.77 27.20 52.40
C LYS A 750 -30.66 26.81 51.24
N LYS A 751 -30.95 25.50 51.11
CA LYS A 751 -31.86 25.03 50.08
C LYS A 751 -33.23 25.67 50.23
N CYS A 752 -33.76 25.68 51.45
CA CYS A 752 -35.07 26.30 51.69
C CYS A 752 -35.03 27.79 51.41
N ILE A 753 -33.92 28.45 51.75
CA ILE A 753 -33.78 29.87 51.46
C ILE A 753 -33.88 30.12 49.96
N ASP A 754 -33.15 29.34 49.17
CA ASP A 754 -33.22 29.50 47.72
C ASP A 754 -34.60 29.11 47.18
N ILE A 755 -35.24 28.13 47.80
CA ILE A 755 -36.61 27.76 47.42
C ILE A 755 -37.54 28.96 47.56
N LEU A 756 -37.50 29.60 48.73
CA LEU A 756 -38.37 30.75 48.96
C LEU A 756 -37.95 31.95 48.11
N ILE A 757 -36.67 32.05 47.76
CA ILE A 757 -36.25 33.06 46.79
C ILE A 757 -36.95 32.82 45.46
N GLU A 758 -36.99 31.56 45.02
CA GLU A 758 -37.71 31.23 43.80
C GLU A 758 -39.21 31.47 43.96
N LYS A 759 -39.73 31.35 45.17
CA LYS A 759 -41.15 31.56 45.44
C LYS A 759 -41.50 33.02 45.73
N GLU A 760 -40.50 33.91 45.68
CA GLU A 760 -40.72 35.36 45.76
C GLU A 760 -41.38 35.75 47.10
N TYR A 761 -40.82 35.24 48.18
CA TYR A 761 -41.15 35.70 49.52
C TYR A 761 -40.02 36.50 50.15
N LEU A 762 -38.80 36.35 49.65
CA LEU A 762 -37.65 37.14 50.04
C LEU A 762 -36.70 37.15 48.85
N GLU A 763 -35.79 38.12 48.85
CA GLU A 763 -34.71 38.15 47.89
C GLU A 763 -33.47 38.75 48.54
N ARG A 764 -32.32 38.24 48.17
CA ARG A 764 -31.07 38.79 48.67
C ARG A 764 -30.96 40.25 48.29
N VAL A 765 -30.47 41.08 49.21
CA VAL A 765 -30.33 42.49 48.92
C VAL A 765 -29.37 42.66 47.74
N ASP A 766 -29.66 43.65 46.90
CA ASP A 766 -28.92 43.82 45.67
C ASP A 766 -27.52 44.37 45.95
N GLY A 767 -26.52 43.73 45.36
CA GLY A 767 -25.13 44.13 45.54
C GLY A 767 -24.39 43.42 46.65
N GLU A 768 -25.07 42.60 47.45
CA GLU A 768 -24.44 41.90 48.56
C GLU A 768 -24.71 40.41 48.42
N LYS A 769 -23.68 39.60 48.68
CA LYS A 769 -23.79 38.16 48.49
C LYS A 769 -24.68 37.52 49.56
N ASP A 770 -24.53 37.93 50.81
CA ASP A 770 -25.24 37.29 51.93
C ASP A 770 -25.93 38.37 52.77
N THR A 771 -27.12 38.78 52.33
CA THR A 771 -28.04 39.57 53.14
C THR A 771 -29.39 39.55 52.44
N TYR A 772 -30.43 39.15 53.15
CA TYR A 772 -31.74 38.95 52.55
C TYR A 772 -32.69 40.02 53.06
N SER A 773 -33.52 40.54 52.16
CA SER A 773 -34.50 41.56 52.49
C SER A 773 -35.90 40.97 52.35
N TYR A 774 -36.83 41.45 53.17
CA TYR A 774 -38.20 40.96 53.12
C TYR A 774 -38.89 41.46 51.86
N LEU A 775 -39.26 40.53 50.98
CA LEU A 775 -39.99 40.89 49.78
C LEU A 775 -41.36 41.43 50.16
N ALA A 776 -41.78 42.48 49.45
CA ALA A 776 -43.07 43.10 49.72
C ALA A 776 -44.21 42.32 49.06
N ASP B 98 -30.41 13.49 47.37
CA ASP B 98 -31.23 12.84 46.36
C ASP B 98 -32.02 13.87 45.57
N TYR B 99 -32.53 13.46 44.41
CA TYR B 99 -33.32 14.34 43.53
C TYR B 99 -34.49 13.51 43.01
N ARG B 100 -35.61 13.56 43.72
CA ARG B 100 -36.75 12.71 43.42
C ARG B 100 -37.53 13.27 42.24
N TYR B 101 -37.70 12.46 41.20
CA TYR B 101 -38.46 12.86 40.03
C TYR B 101 -39.31 11.68 39.58
N GLU B 102 -39.87 11.79 38.39
CA GLU B 102 -40.80 10.78 37.88
C GLU B 102 -41.00 11.03 36.40
N VAL B 103 -41.36 9.97 35.68
CA VAL B 103 -41.57 10.03 34.24
C VAL B 103 -43.01 9.68 33.95
N LEU B 104 -43.65 10.46 33.09
CA LEU B 104 -45.06 10.23 32.78
C LEU B 104 -45.28 10.30 31.28
N THR B 105 -46.43 9.78 30.85
CA THR B 105 -46.88 9.84 29.47
C THR B 105 -47.97 10.91 29.36
N ALA B 106 -48.47 11.11 28.14
CA ALA B 106 -49.47 12.14 27.91
C ALA B 106 -50.76 11.83 28.66
N GLU B 107 -51.19 10.57 28.67
CA GLU B 107 -52.43 10.23 29.34
C GLU B 107 -52.34 10.49 30.85
N GLN B 108 -51.24 10.07 31.46
CA GLN B 108 -51.08 10.28 32.90
C GLN B 108 -50.94 11.76 33.23
N ILE B 109 -50.21 12.51 32.41
CA ILE B 109 -50.07 13.94 32.70
C ILE B 109 -51.40 14.65 32.52
N LEU B 110 -52.28 14.14 31.66
CA LEU B 110 -53.62 14.72 31.57
C LEU B 110 -54.44 14.37 32.80
N GLN B 111 -54.39 13.12 33.25
CA GLN B 111 -55.17 12.75 34.43
C GLN B 111 -54.70 13.47 35.68
N HIS B 112 -53.42 13.82 35.73
CA HIS B 112 -52.91 14.57 36.87
C HIS B 112 -53.58 15.93 37.01
N MET B 113 -54.07 16.50 35.91
CA MET B 113 -54.82 17.75 35.99
C MET B 113 -56.06 17.57 36.84
N VAL B 114 -56.87 16.54 36.54
CA VAL B 114 -58.06 16.29 37.35
C VAL B 114 -57.68 15.94 38.77
N GLU B 115 -56.53 15.29 38.95
CA GLU B 115 -56.05 15.03 40.31
C GLU B 115 -55.84 16.32 41.09
N CYS B 116 -55.11 17.27 40.50
CA CYS B 116 -54.86 18.55 41.16
C CYS B 116 -56.16 19.30 41.38
N ILE B 117 -57.08 19.22 40.42
CA ILE B 117 -58.38 19.87 40.57
C ILE B 117 -59.11 19.31 41.79
N ARG B 118 -59.08 17.99 41.95
CA ARG B 118 -59.69 17.39 43.13
C ARG B 118 -59.04 17.88 44.41
N GLU B 119 -57.70 17.94 44.41
CA GLU B 119 -57.00 18.38 45.61
C GLU B 119 -57.41 19.78 46.02
N VAL B 120 -57.47 20.72 45.07
CA VAL B 120 -57.84 22.09 45.42
C VAL B 120 -59.32 22.18 45.77
N ASN B 121 -60.19 21.53 44.99
CA ASN B 121 -61.61 21.60 45.27
C ASN B 121 -62.00 20.91 46.56
N GLU B 122 -61.10 20.13 47.15
CA GLU B 122 -61.30 19.64 48.50
C GLU B 122 -61.66 20.80 49.44
N VAL B 123 -60.92 21.89 49.35
CA VAL B 123 -61.08 23.01 50.27
C VAL B 123 -61.82 24.18 49.65
N ILE B 124 -61.76 24.37 48.33
CA ILE B 124 -62.46 25.50 47.73
C ILE B 124 -63.96 25.29 47.65
N GLN B 125 -64.42 24.07 47.41
CA GLN B 125 -65.85 23.73 47.30
C GLN B 125 -66.50 24.52 46.16
N ASN B 126 -66.04 24.26 44.94
CA ASN B 126 -66.55 24.89 43.74
C ASN B 126 -66.70 23.83 42.65
N PRO B 127 -67.60 24.05 41.69
CA PRO B 127 -67.69 23.12 40.56
C PRO B 127 -66.37 23.03 39.81
N ALA B 128 -66.12 21.85 39.23
CA ALA B 128 -64.80 21.53 38.72
C ALA B 128 -64.34 22.51 37.64
N THR B 129 -65.26 22.97 36.80
CA THR B 129 -64.89 23.89 35.74
C THR B 129 -64.30 25.18 36.31
N ILE B 130 -64.95 25.72 37.35
CA ILE B 130 -64.47 26.96 37.96
C ILE B 130 -63.09 26.75 38.56
N THR B 131 -62.90 25.61 39.23
CA THR B 131 -61.59 25.32 39.82
C THR B 131 -60.52 25.25 38.74
N ARG B 132 -60.82 24.59 37.62
CA ARG B 132 -59.83 24.48 36.55
C ARG B 132 -59.47 25.85 36.00
N ILE B 133 -60.47 26.69 35.75
CA ILE B 133 -60.18 28.03 35.23
C ILE B 133 -59.32 28.80 36.22
N LEU B 134 -59.74 28.82 37.48
CA LEU B 134 -59.03 29.59 38.49
C LEU B 134 -57.58 29.13 38.59
N LEU B 135 -57.36 27.83 38.71
CA LEU B 135 -56.01 27.31 38.88
C LEU B 135 -55.17 27.57 37.64
N SER B 136 -55.77 27.44 36.45
CA SER B 136 -55.03 27.68 35.22
C SER B 136 -54.60 29.13 35.10
N HIS B 137 -55.39 30.06 35.63
CA HIS B 137 -54.92 31.44 35.64
C HIS B 137 -53.75 31.66 36.57
N PHE B 138 -53.54 30.78 37.55
CA PHE B 138 -52.50 30.95 38.54
C PHE B 138 -51.32 30.01 38.33
N ASN B 139 -51.09 29.60 37.08
CA ASN B 139 -49.87 28.90 36.70
C ASN B 139 -49.73 27.55 37.41
N TRP B 140 -50.86 26.94 37.76
CA TRP B 140 -50.89 25.63 38.41
C TRP B 140 -50.00 25.61 39.66
N ASP B 141 -50.36 26.46 40.62
CA ASP B 141 -49.64 26.56 41.88
C ASP B 141 -50.67 26.66 42.99
N LYS B 142 -50.82 25.59 43.77
CA LYS B 142 -51.90 25.52 44.74
C LYS B 142 -51.78 26.62 45.79
N GLU B 143 -50.57 26.87 46.28
CA GLU B 143 -50.38 27.80 47.39
C GLU B 143 -50.80 29.22 47.00
N LYS B 144 -50.41 29.66 45.80
CA LYS B 144 -50.75 31.00 45.36
C LYS B 144 -52.26 31.18 45.24
N LEU B 145 -52.94 30.18 44.68
CA LEU B 145 -54.39 30.25 44.60
C LEU B 145 -55.02 30.29 45.99
N MET B 146 -54.50 29.49 46.92
CA MET B 146 -55.06 29.48 48.26
C MET B 146 -54.92 30.86 48.90
N GLU B 147 -53.74 31.47 48.79
CA GLU B 147 -53.52 32.79 49.36
C GLU B 147 -54.43 33.83 48.72
N ARG B 148 -54.43 33.90 47.38
CA ARG B 148 -55.19 34.93 46.69
C ARG B 148 -56.70 34.70 46.76
N TYR B 149 -57.14 33.50 47.14
CA TYR B 149 -58.57 33.27 47.30
C TYR B 149 -59.03 33.53 48.72
N PHE B 150 -58.19 33.25 49.71
CA PHE B 150 -58.59 33.43 51.11
C PHE B 150 -57.94 34.66 51.74
N ASP B 151 -57.43 35.58 50.92
CA ASP B 151 -56.88 36.84 51.43
C ASP B 151 -57.92 37.96 51.46
N GLY B 152 -59.20 37.63 51.32
CA GLY B 152 -60.21 38.67 51.37
C GLY B 152 -61.35 38.50 50.38
N ASN B 153 -61.54 39.49 49.51
CA ASN B 153 -62.66 39.51 48.60
C ASN B 153 -62.52 38.43 47.53
N LEU B 154 -63.66 38.05 46.96
CA LEU B 154 -63.73 37.04 45.91
C LEU B 154 -64.18 37.59 44.57
N GLU B 155 -65.15 38.51 44.57
CA GLU B 155 -65.69 39.02 43.31
C GLU B 155 -64.61 39.69 42.46
N LYS B 156 -63.63 40.34 43.09
CA LYS B 156 -62.53 40.90 42.33
C LYS B 156 -61.73 39.81 41.64
N LEU B 157 -61.48 38.70 42.33
CA LEU B 157 -60.78 37.58 41.71
C LEU B 157 -61.58 37.01 40.55
N PHE B 158 -62.90 36.85 40.75
CA PHE B 158 -63.72 36.29 39.68
C PHE B 158 -63.73 37.19 38.46
N ALA B 159 -63.88 38.50 38.66
CA ALA B 159 -63.81 39.42 37.53
C ALA B 159 -62.42 39.47 36.93
N GLU B 160 -61.40 39.13 37.71
CA GLU B 160 -60.03 39.03 37.21
C GLU B 160 -59.71 37.65 36.68
N CYS B 161 -60.69 36.74 36.68
CA CYS B 161 -60.54 35.44 36.04
C CYS B 161 -61.67 35.09 35.09
N HIS B 162 -62.70 35.94 34.96
CA HIS B 162 -63.75 35.83 33.97
C HIS B 162 -64.63 34.61 34.17
N VAL B 163 -65.15 34.37 35.37
CA VAL B 163 -65.83 33.13 35.71
C VAL B 163 -67.20 33.39 36.33
N ILE B 164 -67.47 34.61 36.77
CA ILE B 164 -68.59 34.98 37.64
C ILE B 164 -68.96 33.85 38.61
N MET B 184 -87.59 33.75 17.99
CA MET B 184 -86.43 34.62 17.89
C MET B 184 -85.29 33.95 17.13
N PRO B 185 -84.56 34.72 16.34
CA PRO B 185 -83.50 34.16 15.50
C PRO B 185 -82.14 34.18 16.18
N CYS B 186 -81.26 33.32 15.66
CA CYS B 186 -79.88 33.32 16.11
C CYS B 186 -79.20 34.61 15.70
N GLN B 187 -78.33 35.13 16.56
CA GLN B 187 -77.60 36.34 16.25
C GLN B 187 -76.41 36.09 15.34
N ILE B 188 -76.25 34.88 14.80
CA ILE B 188 -75.12 34.61 13.93
C ILE B 188 -75.62 34.10 12.58
N CYS B 189 -76.38 33.00 12.58
CA CYS B 189 -76.93 32.50 11.33
C CYS B 189 -78.26 33.13 10.96
N TYR B 190 -78.81 33.97 11.83
CA TYR B 190 -80.03 34.75 11.56
C TYR B 190 -81.23 33.88 11.20
N LEU B 191 -81.18 32.59 11.52
CA LEU B 191 -82.28 31.69 11.26
C LEU B 191 -83.11 31.48 12.52
N ASN B 192 -84.34 30.99 12.32
CA ASN B 192 -85.23 30.68 13.41
C ASN B 192 -85.15 29.21 13.77
N TYR B 193 -85.30 28.92 15.05
CA TYR B 193 -85.17 27.56 15.57
C TYR B 193 -86.05 27.43 16.79
N PRO B 194 -86.39 26.21 17.18
CA PRO B 194 -87.06 26.01 18.47
C PRO B 194 -86.12 26.31 19.63
N ASN B 195 -86.72 26.52 20.80
CA ASN B 195 -85.93 26.81 22.00
C ASN B 195 -84.99 25.67 22.36
N SER B 196 -85.25 24.46 21.86
CA SER B 196 -84.40 23.32 22.13
C SER B 196 -83.01 23.46 21.53
N TYR B 197 -82.83 24.29 20.52
CA TYR B 197 -81.53 24.46 19.87
C TYR B 197 -80.74 25.62 20.46
N PHE B 198 -81.27 26.31 21.46
CA PHE B 198 -80.61 27.48 22.01
C PHE B 198 -79.84 27.09 23.28
N THR B 199 -78.58 27.49 23.34
CA THR B 199 -77.75 27.28 24.51
C THR B 199 -76.79 28.44 24.66
N GLY B 200 -76.29 28.61 25.87
CA GLY B 200 -75.32 29.66 26.15
C GLY B 200 -74.74 29.47 27.53
N LEU B 201 -73.63 30.14 27.76
CA LEU B 201 -72.95 30.06 29.04
C LEU B 201 -73.77 30.78 30.10
N GLU B 202 -73.25 30.83 31.32
CA GLU B 202 -73.94 31.44 32.44
C GLU B 202 -74.05 32.96 32.33
N CYS B 203 -73.37 33.57 31.37
CA CYS B 203 -73.46 35.03 31.23
C CYS B 203 -74.82 35.47 30.74
N GLY B 204 -75.47 34.65 29.91
CA GLY B 204 -76.82 34.93 29.44
C GLY B 204 -76.99 34.92 27.93
N HIS B 205 -75.92 35.18 27.18
CA HIS B 205 -76.00 35.13 25.73
C HIS B 205 -76.38 33.73 25.26
N LYS B 206 -77.25 33.65 24.26
CA LYS B 206 -77.80 32.37 23.83
C LYS B 206 -77.76 32.29 22.31
N PHE B 207 -77.03 31.30 21.80
CA PHE B 207 -76.89 31.06 20.37
C PHE B 207 -77.39 29.65 20.06
N CYS B 208 -77.19 29.21 18.82
CA CYS B 208 -77.71 27.93 18.35
C CYS B 208 -76.59 26.91 18.23
N MET B 209 -76.98 25.63 18.23
CA MET B 209 -76.02 24.54 18.32
C MET B 209 -75.07 24.51 17.13
N GLN B 210 -75.60 24.70 15.92
CA GLN B 210 -74.75 24.60 14.73
C GLN B 210 -73.69 25.70 14.70
N CYS B 211 -74.10 26.93 15.02
CA CYS B 211 -73.13 28.03 15.06
C CYS B 211 -72.09 27.79 16.14
N TRP B 212 -72.51 27.27 17.30
CA TRP B 212 -71.57 26.87 18.33
C TRP B 212 -70.55 25.88 17.79
N SER B 213 -71.04 24.83 17.12
CA SER B 213 -70.16 23.78 16.64
C SER B 213 -69.14 24.34 15.65
N GLU B 214 -69.60 25.13 14.69
CA GLU B 214 -68.67 25.63 13.70
C GLU B 214 -67.69 26.63 14.30
N TYR B 215 -68.14 27.47 15.24
CA TYR B 215 -67.24 28.41 15.89
C TYR B 215 -66.13 27.68 16.63
N LEU B 216 -66.50 26.70 17.46
CA LEU B 216 -65.49 25.94 18.19
C LEU B 216 -64.55 25.22 17.22
N THR B 217 -65.11 24.63 16.16
CA THR B 217 -64.28 23.84 15.24
C THR B 217 -63.28 24.72 14.53
N THR B 218 -63.73 25.83 13.94
CA THR B 218 -62.79 26.70 13.26
C THR B 218 -61.76 27.22 14.23
N LYS B 219 -62.16 27.53 15.47
CA LYS B 219 -61.21 28.06 16.44
C LYS B 219 -60.10 27.05 16.71
N ILE B 220 -60.46 25.85 17.18
CA ILE B 220 -59.45 24.91 17.65
C ILE B 220 -58.89 24.07 16.52
N MET B 221 -59.23 24.37 15.27
CA MET B 221 -58.59 23.71 14.15
C MET B 221 -57.85 24.64 13.21
N GLU B 222 -58.09 25.96 13.26
CA GLU B 222 -57.36 26.89 12.42
C GLU B 222 -56.65 27.99 13.18
N GLU B 223 -56.89 28.12 14.49
CA GLU B 223 -56.20 29.12 15.28
C GLU B 223 -55.25 28.51 16.30
N GLY B 224 -55.62 27.38 16.88
CA GLY B 224 -54.82 26.76 17.90
C GLY B 224 -55.14 27.18 19.31
N MET B 225 -55.96 28.21 19.50
CA MET B 225 -56.35 28.58 20.85
C MET B 225 -57.27 27.51 21.41
N GLY B 226 -56.73 26.64 22.25
CA GLY B 226 -57.53 25.55 22.78
C GLY B 226 -58.14 25.85 24.13
N GLN B 227 -57.38 26.53 24.99
CA GLN B 227 -57.83 26.74 26.35
C GLN B 227 -58.58 28.05 26.52
N THR B 228 -58.11 29.14 25.92
CA THR B 228 -58.68 30.46 26.11
C THR B 228 -59.66 30.76 24.98
N ILE B 229 -60.90 30.31 25.16
CA ILE B 229 -61.94 30.43 24.14
C ILE B 229 -63.11 31.16 24.79
N SER B 230 -63.44 32.34 24.28
CA SER B 230 -64.39 33.22 24.93
C SER B 230 -65.79 33.08 24.35
N CYS B 231 -66.74 33.76 24.99
CA CYS B 231 -68.11 33.79 24.49
C CYS B 231 -68.14 34.46 23.12
N PRO B 232 -68.99 33.99 22.21
CA PRO B 232 -68.99 34.55 20.85
C PRO B 232 -69.57 35.95 20.76
N ALA B 233 -70.55 36.30 21.59
CA ALA B 233 -71.22 37.58 21.45
C ALA B 233 -70.23 38.73 21.67
N HIS B 234 -70.64 39.92 21.25
CA HIS B 234 -69.76 41.08 21.30
C HIS B 234 -69.55 41.56 22.73
N GLY B 235 -68.33 42.00 23.02
CA GLY B 235 -68.04 42.62 24.29
C GLY B 235 -67.81 41.65 25.43
N CYS B 236 -68.47 40.49 25.38
CA CYS B 236 -68.36 39.51 26.45
C CYS B 236 -66.97 38.90 26.46
N ASP B 237 -66.53 38.48 27.65
CA ASP B 237 -65.21 37.88 27.78
C ASP B 237 -65.21 36.65 28.68
N ILE B 238 -66.37 36.21 29.17
CA ILE B 238 -66.43 34.98 29.95
C ILE B 238 -66.02 33.81 29.08
N LEU B 239 -64.97 33.11 29.49
CA LEU B 239 -64.40 32.07 28.64
C LEU B 239 -65.08 30.73 28.89
N VAL B 240 -64.91 29.82 27.94
CA VAL B 240 -65.67 28.58 27.87
C VAL B 240 -64.90 27.48 28.59
N ASP B 241 -65.58 26.74 29.44
CA ASP B 241 -64.97 25.69 30.24
C ASP B 241 -64.77 24.44 29.40
N ASP B 242 -64.44 23.33 30.06
CA ASP B 242 -64.17 22.07 29.37
C ASP B 242 -65.46 21.32 29.04
N ASN B 243 -66.39 21.28 29.99
CA ASN B 243 -67.59 20.48 29.82
C ASN B 243 -68.42 20.96 28.63
N THR B 244 -68.55 22.27 28.47
CA THR B 244 -69.33 22.79 27.34
C THR B 244 -68.66 22.43 26.02
N VAL B 245 -67.34 22.53 25.95
CA VAL B 245 -66.64 22.18 24.72
C VAL B 245 -66.85 20.71 24.38
N MET B 246 -66.76 19.83 25.39
CA MET B 246 -66.98 18.43 25.11
C MET B 246 -68.44 18.14 24.77
N ARG B 247 -69.37 18.94 25.28
CA ARG B 247 -70.79 18.71 25.02
C ARG B 247 -71.25 19.24 23.67
N LEU B 248 -70.56 20.24 23.11
CA LEU B 248 -71.07 20.89 21.90
C LEU B 248 -70.55 20.24 20.61
N ILE B 249 -69.22 20.14 20.47
CA ILE B 249 -68.68 19.55 19.24
C ILE B 249 -68.98 18.06 19.22
N THR B 250 -68.97 17.48 18.02
CA THR B 250 -69.32 16.09 17.81
C THR B 250 -68.21 15.26 17.18
N ASP B 251 -67.32 15.87 16.39
CA ASP B 251 -66.25 15.12 15.76
C ASP B 251 -65.31 14.53 16.82
N SER B 252 -64.57 13.52 16.41
CA SER B 252 -63.61 12.86 17.30
C SER B 252 -62.19 13.40 17.15
N LYS B 253 -61.74 13.63 15.91
CA LYS B 253 -60.40 14.15 15.71
C LYS B 253 -60.26 15.55 16.29
N VAL B 254 -61.30 16.37 16.14
CA VAL B 254 -61.29 17.71 16.73
C VAL B 254 -61.18 17.62 18.24
N LYS B 255 -61.95 16.71 18.84
CA LYS B 255 -61.89 16.54 20.29
C LYS B 255 -60.49 16.12 20.73
N LEU B 256 -59.87 15.19 20.00
CA LEU B 256 -58.52 14.77 20.36
C LEU B 256 -57.53 15.92 20.22
N LYS B 257 -57.71 16.76 19.20
CA LYS B 257 -56.85 17.93 19.06
C LYS B 257 -57.00 18.87 20.24
N TYR B 258 -58.24 19.08 20.70
CA TYR B 258 -58.45 19.90 21.88
C TYR B 258 -57.73 19.32 23.09
N GLN B 259 -57.83 18.00 23.27
CA GLN B 259 -57.14 17.36 24.39
C GLN B 259 -55.64 17.60 24.31
N HIS B 260 -55.07 17.43 23.11
CA HIS B 260 -53.63 17.60 22.95
C HIS B 260 -53.22 19.03 23.25
N LEU B 261 -54.02 20.01 22.80
CA LEU B 261 -53.67 21.40 23.02
C LEU B 261 -53.70 21.77 24.50
N ILE B 262 -54.74 21.34 25.21
CA ILE B 262 -54.77 21.68 26.63
C ILE B 262 -53.65 20.95 27.37
N THR B 263 -53.29 19.74 26.93
CA THR B 263 -52.17 19.05 27.56
C THR B 263 -50.87 19.81 27.37
N ASN B 264 -50.62 20.28 26.15
CA ASN B 264 -49.40 21.02 25.90
C ASN B 264 -49.36 22.32 26.70
N SER B 265 -50.51 22.99 26.80
CA SER B 265 -50.56 24.19 27.63
C SER B 265 -50.27 23.88 29.09
N PHE B 266 -50.85 22.79 29.60
CA PHE B 266 -50.60 22.41 30.99
C PHE B 266 -49.12 22.18 31.24
N VAL B 267 -48.45 21.48 30.32
CA VAL B 267 -47.02 21.23 30.53
C VAL B 267 -46.23 22.52 30.48
N GLU B 268 -46.46 23.33 29.44
CA GLU B 268 -45.59 24.50 29.26
C GLU B 268 -45.78 25.52 30.37
N CYS B 269 -47.02 25.73 30.81
CA CYS B 269 -47.26 26.73 31.85
C CYS B 269 -46.59 26.33 33.15
N ASN B 270 -46.78 25.09 33.59
CA ASN B 270 -46.24 24.63 34.85
C ASN B 270 -44.72 24.62 34.83
N ARG B 271 -44.12 24.80 36.00
CA ARG B 271 -42.67 24.84 36.14
C ARG B 271 -42.12 23.62 36.84
N LEU B 272 -42.89 22.54 36.91
CA LEU B 272 -42.41 21.27 37.44
C LEU B 272 -42.44 20.16 36.40
N LEU B 273 -42.71 20.49 35.14
CA LEU B 273 -42.76 19.53 34.07
C LEU B 273 -41.86 20.00 32.93
N LYS B 274 -41.53 19.09 32.04
CA LYS B 274 -40.64 19.40 30.93
C LYS B 274 -40.73 18.28 29.92
N TRP B 275 -40.81 18.63 28.65
CA TRP B 275 -40.80 17.60 27.61
C TRP B 275 -39.39 17.06 27.43
N CYS B 276 -39.31 15.77 27.20
CA CYS B 276 -38.03 15.16 26.90
C CYS B 276 -37.49 15.71 25.59
N PRO B 277 -36.28 16.26 25.56
CA PRO B 277 -35.73 16.81 24.32
C PRO B 277 -35.22 15.76 23.34
N ALA B 278 -35.46 14.48 23.58
CA ALA B 278 -35.06 13.48 22.61
C ALA B 278 -35.85 13.69 21.32
N PRO B 279 -35.26 13.35 20.17
CA PRO B 279 -35.87 13.69 18.89
C PRO B 279 -37.31 13.21 18.70
N ASP B 280 -37.73 12.16 19.41
CA ASP B 280 -39.12 11.77 19.30
C ASP B 280 -39.79 11.34 20.60
N CYS B 281 -39.10 11.33 21.73
CA CYS B 281 -39.68 10.79 22.95
C CYS B 281 -40.88 11.60 23.40
N HIS B 282 -41.83 10.93 24.06
CA HIS B 282 -43.05 11.57 24.57
C HIS B 282 -43.20 11.19 26.04
N HIS B 283 -42.51 11.93 26.91
CA HIS B 283 -42.60 11.70 28.33
C HIS B 283 -42.32 13.02 29.03
N VAL B 284 -43.10 13.35 30.02
CA VAL B 284 -42.86 14.54 30.81
C VAL B 284 -42.13 14.13 32.08
N VAL B 285 -41.10 14.88 32.42
CA VAL B 285 -40.22 14.57 33.54
C VAL B 285 -40.69 15.46 34.69
N LYS B 286 -41.61 14.93 35.50
CA LYS B 286 -42.15 15.70 36.61
C LYS B 286 -41.21 15.61 37.80
N VAL B 287 -40.94 16.74 38.43
CA VAL B 287 -40.03 16.79 39.56
C VAL B 287 -40.63 17.63 40.66
N GLN B 288 -40.14 17.40 41.88
CA GLN B 288 -40.57 18.18 43.02
C GLN B 288 -39.93 19.56 43.04
N TYR B 289 -38.83 19.76 42.33
CA TYR B 289 -38.08 21.00 42.46
C TYR B 289 -37.06 21.18 41.35
N PRO B 290 -37.06 22.35 40.70
CA PRO B 290 -36.09 22.62 39.62
C PRO B 290 -34.76 23.09 40.19
N ASP B 291 -33.71 22.30 39.99
CA ASP B 291 -32.45 22.63 40.65
C ASP B 291 -31.23 22.40 39.78
N ALA B 292 -31.38 22.35 38.45
CA ALA B 292 -30.26 22.16 37.53
C ALA B 292 -29.51 20.86 37.80
N LYS B 293 -30.17 19.89 38.38
CA LYS B 293 -29.62 18.55 38.54
C LYS B 293 -29.94 17.70 37.33
N PRO B 294 -29.17 16.64 37.07
CA PRO B 294 -29.43 15.82 35.90
C PRO B 294 -30.52 14.79 36.15
N VAL B 295 -31.29 14.52 35.11
CA VAL B 295 -32.33 13.50 35.16
C VAL B 295 -32.21 12.59 33.97
N ARG B 296 -32.78 11.40 34.09
CA ARG B 296 -32.78 10.40 33.04
C ARG B 296 -34.22 10.05 32.70
N CYS B 297 -34.52 9.98 31.40
CA CYS B 297 -35.90 10.01 30.95
C CYS B 297 -36.60 8.65 30.94
N LYS B 298 -35.85 7.56 30.86
CA LYS B 298 -36.25 6.17 30.60
C LYS B 298 -36.46 5.91 29.11
N CYS B 299 -36.39 6.93 28.26
CA CYS B 299 -36.23 6.65 26.84
C CYS B 299 -34.78 6.43 26.47
N GLY B 300 -33.86 6.63 27.41
CA GLY B 300 -32.44 6.49 27.17
C GLY B 300 -31.65 7.77 27.23
N ARG B 301 -32.25 8.91 27.58
CA ARG B 301 -31.57 10.19 27.54
C ARG B 301 -31.47 10.78 28.94
N GLN B 302 -30.40 11.54 29.17
CA GLN B 302 -30.15 12.20 30.44
C GLN B 302 -29.83 13.66 30.16
N PHE B 303 -30.59 14.57 30.76
CA PHE B 303 -30.42 15.99 30.49
C PHE B 303 -30.49 16.81 31.77
N CYS B 304 -30.05 18.06 31.66
CA CYS B 304 -30.06 19.01 32.77
C CYS B 304 -31.45 19.61 32.85
N PHE B 305 -32.21 19.23 33.87
CA PHE B 305 -33.62 19.57 33.93
C PHE B 305 -33.87 21.05 33.77
N ASN B 306 -32.93 21.89 34.19
CA ASN B 306 -33.16 23.32 34.09
C ASN B 306 -32.95 23.83 32.67
N CYS B 307 -31.74 23.68 32.13
CA CYS B 307 -31.43 24.33 30.86
C CYS B 307 -31.92 23.52 29.67
N GLY B 308 -31.59 22.24 29.61
CA GLY B 308 -32.09 21.41 28.52
C GLY B 308 -31.02 20.65 27.77
N GLU B 309 -29.77 21.08 27.90
CA GLU B 309 -28.67 20.41 27.21
C GLU B 309 -28.35 19.08 27.89
N ASN B 310 -27.30 18.42 27.41
CA ASN B 310 -26.82 17.24 28.10
C ASN B 310 -26.20 17.64 29.44
N TRP B 311 -25.97 16.64 30.29
CA TRP B 311 -25.50 16.94 31.64
C TRP B 311 -24.09 17.49 31.60
N HIS B 312 -23.90 18.65 32.23
CA HIS B 312 -22.64 19.39 32.19
C HIS B 312 -22.19 19.59 33.62
N ASP B 313 -21.23 18.79 34.08
CA ASP B 313 -21.07 18.69 35.52
C ASP B 313 -20.31 19.86 36.17
N PRO B 314 -19.15 20.27 35.69
CA PRO B 314 -18.45 21.33 36.41
C PRO B 314 -18.97 22.73 36.08
N VAL B 315 -19.39 22.94 34.84
CA VAL B 315 -19.69 24.28 34.36
C VAL B 315 -21.15 24.63 34.64
N LYS B 316 -21.40 25.92 34.85
CA LYS B 316 -22.74 26.41 35.11
C LYS B 316 -23.50 26.62 33.80
N CYS B 317 -24.82 26.68 33.89
CA CYS B 317 -25.65 26.69 32.69
C CYS B 317 -25.39 27.91 31.82
N LYS B 318 -25.34 29.10 32.43
CA LYS B 318 -25.30 30.32 31.64
C LYS B 318 -24.06 30.39 30.77
N TRP B 319 -22.91 29.95 31.29
CA TRP B 319 -21.71 29.96 30.47
C TRP B 319 -21.80 28.91 29.38
N LEU B 320 -22.50 27.81 29.63
CA LEU B 320 -22.70 26.83 28.57
C LEU B 320 -23.50 27.45 27.43
N LYS B 321 -24.55 28.19 27.74
CA LYS B 321 -25.32 28.85 26.69
C LYS B 321 -24.45 29.84 25.93
N LYS B 322 -23.75 30.71 26.65
CA LYS B 322 -22.96 31.74 25.99
C LYS B 322 -21.86 31.12 25.13
N TRP B 323 -21.36 29.95 25.49
CA TRP B 323 -20.36 29.31 24.67
C TRP B 323 -20.96 28.52 23.52
N ILE B 324 -22.20 28.06 23.65
CA ILE B 324 -22.81 27.29 22.58
C ILE B 324 -23.39 28.18 21.50
N LYS B 325 -23.72 29.43 21.81
CA LYS B 325 -24.19 30.35 20.77
C LYS B 325 -23.14 30.51 19.68
N LYS B 326 -21.97 31.03 20.03
CA LYS B 326 -20.87 31.23 19.10
C LYS B 326 -19.96 30.01 19.02
N CYS B 327 -20.50 28.82 19.24
CA CYS B 327 -19.73 27.58 19.25
C CYS B 327 -18.78 27.47 18.08
N ASP B 328 -19.07 28.15 16.97
CA ASP B 328 -18.19 28.50 15.86
C ASP B 328 -17.92 27.36 14.89
N ASP B 329 -18.36 26.12 15.16
CA ASP B 329 -18.10 25.04 14.22
C ASP B 329 -19.26 24.05 14.05
N ASP B 330 -20.42 24.29 14.65
CA ASP B 330 -21.53 23.35 14.54
C ASP B 330 -22.78 23.93 13.89
N SER B 331 -23.04 25.23 14.05
CA SER B 331 -24.28 25.81 13.56
C SER B 331 -24.07 27.28 13.24
N GLU B 332 -24.78 27.75 12.21
CA GLU B 332 -24.80 29.15 11.83
C GLU B 332 -26.15 29.82 12.00
N THR B 333 -27.23 29.04 12.11
CA THR B 333 -28.55 29.63 12.30
C THR B 333 -28.60 30.48 13.57
N SER B 334 -27.75 30.20 14.55
CA SER B 334 -27.68 31.04 15.74
C SER B 334 -27.26 32.45 15.40
N ASN B 335 -26.37 32.60 14.42
CA ASN B 335 -26.01 33.93 13.93
C ASN B 335 -27.25 34.67 13.45
N TRP B 336 -28.07 34.01 12.64
CA TRP B 336 -29.32 34.61 12.18
C TRP B 336 -30.21 34.99 13.35
N ILE B 337 -30.42 34.05 14.27
CA ILE B 337 -31.34 34.28 15.39
C ILE B 337 -30.90 35.50 16.18
N ALA B 338 -29.60 35.62 16.45
CA ALA B 338 -29.10 36.80 17.13
C ALA B 338 -29.24 38.05 16.27
N ALA B 339 -29.22 37.88 14.95
CA ALA B 339 -29.20 39.03 14.04
C ALA B 339 -30.59 39.52 13.65
N ASN B 340 -31.64 38.72 13.85
CA ASN B 340 -32.95 39.11 13.32
C ASN B 340 -34.11 38.83 14.25
N THR B 341 -33.87 38.51 15.52
CA THR B 341 -34.97 38.17 16.41
C THR B 341 -34.72 38.75 17.79
N LYS B 342 -35.81 38.99 18.51
CA LYS B 342 -35.77 39.33 19.92
C LYS B 342 -36.49 38.24 20.69
N GLU B 343 -36.64 38.42 22.01
CA GLU B 343 -37.30 37.43 22.85
C GLU B 343 -38.42 38.10 23.63
N CYS B 344 -39.60 37.49 23.59
CA CYS B 344 -40.70 38.00 24.39
C CYS B 344 -40.31 37.95 25.86
N PRO B 345 -40.41 39.06 26.60
CA PRO B 345 -40.00 39.05 28.00
C PRO B 345 -40.79 38.06 28.86
N LYS B 346 -42.08 37.89 28.57
CA LYS B 346 -42.91 37.04 29.42
C LYS B 346 -42.71 35.57 29.11
N CYS B 347 -42.95 35.16 27.86
CA CYS B 347 -42.95 33.75 27.50
C CYS B 347 -41.59 33.24 27.02
N HIS B 348 -40.70 34.13 26.61
CA HIS B 348 -39.35 33.77 26.18
C HIS B 348 -39.37 32.79 25.00
N VAL B 349 -39.90 33.26 23.89
CA VAL B 349 -39.75 32.59 22.60
C VAL B 349 -39.15 33.59 21.63
N THR B 350 -38.33 33.08 20.71
CA THR B 350 -37.76 33.95 19.69
C THR B 350 -38.86 34.48 18.79
N ILE B 351 -38.83 35.78 18.54
CA ILE B 351 -39.82 36.46 17.72
C ILE B 351 -39.10 37.31 16.69
N GLU B 352 -39.47 37.14 15.42
CA GLU B 352 -39.04 38.00 14.34
C GLU B 352 -40.21 38.87 13.91
N LYS B 353 -39.94 40.16 13.70
CA LYS B 353 -40.98 41.12 13.34
C LYS B 353 -40.89 41.44 11.85
N ASP B 354 -42.04 41.41 11.17
CA ASP B 354 -42.10 41.85 9.79
C ASP B 354 -43.24 42.83 9.59
N GLY B 355 -43.57 43.62 10.62
CA GLY B 355 -44.59 44.64 10.52
C GLY B 355 -44.01 46.03 10.72
N GLY B 356 -44.87 46.96 11.11
CA GLY B 356 -44.46 48.33 11.28
C GLY B 356 -45.06 49.07 12.46
N CYS B 357 -45.90 48.39 13.24
CA CYS B 357 -46.61 49.04 14.34
C CYS B 357 -45.73 49.40 15.53
N ASN B 358 -44.82 48.50 15.92
CA ASN B 358 -44.06 48.52 17.17
C ASN B 358 -44.92 48.19 18.38
N HIS B 359 -46.23 48.00 18.20
CA HIS B 359 -47.14 47.64 19.27
C HIS B 359 -47.39 46.14 19.25
N MET B 360 -46.36 45.37 19.61
CA MET B 360 -46.43 43.94 19.41
C MET B 360 -47.29 43.29 20.49
N VAL B 361 -47.98 42.22 20.11
CA VAL B 361 -48.80 41.41 21.02
C VAL B 361 -48.41 39.95 20.81
N CYS B 362 -47.96 39.29 21.87
CA CYS B 362 -47.42 37.95 21.76
C CYS B 362 -48.55 36.96 21.48
N ARG B 363 -48.55 36.38 20.29
CA ARG B 363 -49.58 35.43 19.90
C ARG B 363 -49.19 34.00 20.24
N ASN B 364 -48.80 33.76 21.49
CA ASN B 364 -48.55 32.41 21.96
C ASN B 364 -49.86 31.85 22.51
N GLN B 365 -49.80 30.66 23.10
CA GLN B 365 -51.01 30.01 23.58
C GLN B 365 -51.61 30.74 24.77
N ASN B 366 -50.79 31.08 25.75
CA ASN B 366 -51.26 31.73 26.98
C ASN B 366 -50.31 32.84 27.41
N CYS B 367 -49.68 33.48 26.44
CA CYS B 367 -48.77 34.60 26.70
C CYS B 367 -49.28 35.85 25.99
N LYS B 368 -50.57 36.14 26.15
CA LYS B 368 -51.15 37.25 25.42
C LYS B 368 -50.73 38.57 26.05
N ALA B 369 -49.42 38.82 26.09
CA ALA B 369 -48.87 40.05 26.59
C ALA B 369 -48.50 40.96 25.42
N GLU B 370 -48.56 42.27 25.65
CA GLU B 370 -48.26 43.25 24.63
C GLU B 370 -47.17 44.18 25.12
N PHE B 371 -46.33 44.62 24.19
CA PHE B 371 -45.14 45.39 24.54
C PHE B 371 -44.67 46.17 23.31
N CYS B 372 -43.52 46.83 23.48
CA CYS B 372 -42.89 47.63 22.45
C CYS B 372 -41.70 46.87 21.88
N TRP B 373 -41.64 46.80 20.55
CA TRP B 373 -40.64 45.96 19.90
C TRP B 373 -39.21 46.44 20.13
N VAL B 374 -39.03 47.72 20.45
CA VAL B 374 -37.68 48.27 20.54
C VAL B 374 -37.19 48.23 21.98
N CYS B 375 -37.88 48.92 22.88
CA CYS B 375 -37.45 48.95 24.27
C CYS B 375 -37.71 47.65 25.01
N LEU B 376 -38.57 46.78 24.47
CA LEU B 376 -38.91 45.50 25.07
C LEU B 376 -39.49 45.65 26.47
N GLY B 377 -40.16 46.77 26.74
CA GLY B 377 -40.82 46.98 28.01
C GLY B 377 -42.32 46.96 27.86
N PRO B 378 -43.04 47.04 28.98
CA PRO B 378 -44.50 47.04 28.92
C PRO B 378 -45.03 48.23 28.14
N TRP B 379 -46.18 48.02 27.49
CA TRP B 379 -46.72 48.98 26.54
C TRP B 379 -47.71 49.95 27.17
N GLU B 380 -48.16 49.70 28.39
CA GLU B 380 -49.22 50.52 28.98
C GLU B 380 -48.83 52.00 29.04
N PRO B 381 -47.63 52.37 29.53
CA PRO B 381 -47.22 53.77 29.44
C PRO B 381 -46.46 54.08 28.16
N HIS B 382 -45.86 53.05 27.56
CA HIS B 382 -44.95 53.24 26.44
C HIS B 382 -45.76 53.65 25.21
N GLY B 383 -45.51 54.88 24.73
CA GLY B 383 -46.28 55.40 23.63
C GLY B 383 -47.74 55.54 23.98
N SER B 384 -48.01 56.05 25.19
CA SER B 384 -49.37 56.30 25.63
C SER B 384 -49.68 57.78 25.74
N ALA B 385 -48.87 58.53 26.49
CA ALA B 385 -48.98 59.98 26.52
C ALA B 385 -47.72 60.66 25.99
N TRP B 386 -46.57 60.44 26.62
CA TRP B 386 -45.33 61.03 26.15
C TRP B 386 -44.13 60.09 26.15
N TYR B 387 -44.20 58.93 26.81
CA TYR B 387 -43.05 58.05 26.94
C TYR B 387 -42.67 57.48 25.58
N ASN B 388 -41.58 57.97 25.01
CA ASN B 388 -41.11 57.54 23.70
C ASN B 388 -39.91 56.62 23.84
N CYS B 389 -39.90 55.55 23.05
CA CYS B 389 -38.80 54.59 23.11
C CYS B 389 -37.51 55.16 22.53
N ASN B 390 -37.62 55.95 21.47
CA ASN B 390 -36.45 56.50 20.80
C ASN B 390 -35.72 57.50 21.68
N ARG B 406 -12.23 41.14 20.57
CA ARG B 406 -11.91 40.08 19.63
C ARG B 406 -10.74 40.46 18.74
N SER B 407 -9.78 41.20 19.28
CA SER B 407 -8.81 41.83 18.40
C SER B 407 -7.70 40.88 17.95
N ARG B 408 -6.81 40.48 18.86
CA ARG B 408 -5.77 39.55 18.47
C ARG B 408 -5.60 38.43 19.50
N ALA B 409 -5.67 38.76 20.78
CA ALA B 409 -5.38 37.77 21.81
C ALA B 409 -6.58 36.88 22.08
N ALA B 410 -7.76 37.49 22.24
CA ALA B 410 -8.98 36.71 22.43
C ALA B 410 -9.17 35.71 21.32
N LEU B 411 -8.78 36.08 20.09
CA LEU B 411 -8.87 35.14 18.98
C LEU B 411 -7.99 33.92 19.23
N GLN B 412 -6.75 34.12 19.68
CA GLN B 412 -5.86 32.99 19.91
C GLN B 412 -6.35 32.11 21.05
N ARG B 413 -6.80 32.73 22.15
CA ARG B 413 -7.35 31.95 23.25
C ARG B 413 -8.52 31.11 22.78
N TYR B 414 -9.54 31.77 22.21
CA TYR B 414 -10.69 31.05 21.68
C TYR B 414 -10.25 29.95 20.73
N LEU B 415 -9.22 30.19 19.92
CA LEU B 415 -8.77 29.16 19.00
C LEU B 415 -8.32 27.93 19.76
N PHE B 416 -7.46 28.12 20.76
CA PHE B 416 -6.93 26.97 21.51
C PHE B 416 -8.06 26.20 22.21
N TYR B 417 -8.93 26.91 22.91
CA TYR B 417 -9.97 26.25 23.68
C TYR B 417 -10.96 25.55 22.76
N CYS B 418 -11.43 26.23 21.72
CA CYS B 418 -12.36 25.61 20.80
C CYS B 418 -11.72 24.43 20.10
N ASN B 419 -10.41 24.49 19.85
CA ASN B 419 -9.71 23.35 19.26
C ASN B 419 -9.85 22.13 20.15
N ARG B 420 -9.52 22.28 21.44
CA ARG B 420 -9.63 21.13 22.34
C ARG B 420 -11.07 20.64 22.43
N TYR B 421 -12.01 21.57 22.55
CA TYR B 421 -13.40 21.18 22.73
C TYR B 421 -13.91 20.40 21.54
N MET B 422 -13.60 20.85 20.33
CA MET B 422 -14.06 20.13 19.14
C MET B 422 -13.37 18.79 19.01
N ASN B 423 -12.08 18.71 19.37
CA ASN B 423 -11.40 17.42 19.33
C ASN B 423 -12.13 16.41 20.20
N HIS B 424 -12.41 16.78 21.44
CA HIS B 424 -13.10 15.84 22.31
C HIS B 424 -14.52 15.57 21.83
N MET B 425 -15.19 16.53 21.20
CA MET B 425 -16.51 16.25 20.65
C MET B 425 -16.43 15.19 19.55
N GLN B 426 -15.45 15.31 18.66
CA GLN B 426 -15.27 14.30 17.63
C GLN B 426 -15.05 12.93 18.25
N SER B 427 -14.17 12.85 19.24
CA SER B 427 -13.89 11.55 19.84
C SER B 427 -15.11 10.97 20.54
N LEU B 428 -15.87 11.81 21.24
CA LEU B 428 -17.08 11.32 21.91
C LEU B 428 -18.15 10.91 20.92
N ARG B 429 -18.10 11.44 19.69
CA ARG B 429 -19.07 10.99 18.70
C ARG B 429 -18.74 9.61 18.14
N PHE B 430 -17.48 9.18 18.22
CA PHE B 430 -17.03 7.94 17.64
C PHE B 430 -16.98 6.78 18.63
N GLU B 431 -17.49 6.99 19.85
CA GLU B 431 -17.34 5.96 20.88
C GLU B 431 -17.95 4.63 20.45
N HIS B 432 -19.00 4.67 19.63
CA HIS B 432 -19.57 3.43 19.11
C HIS B 432 -18.52 2.62 18.38
N LYS B 433 -17.75 3.27 17.51
CA LYS B 433 -16.66 2.58 16.82
C LYS B 433 -15.63 2.07 17.81
N LEU B 434 -15.33 2.85 18.86
CA LEU B 434 -14.36 2.41 19.85
C LEU B 434 -14.86 1.17 20.59
N TYR B 435 -16.14 1.19 21.01
CA TYR B 435 -16.71 0.04 21.69
C TYR B 435 -16.64 -1.20 20.81
N ALA B 436 -17.11 -1.08 19.56
CA ALA B 436 -17.10 -2.24 18.67
C ALA B 436 -15.68 -2.71 18.40
N GLN B 437 -14.75 -1.77 18.25
CA GLN B 437 -13.36 -2.12 18.00
C GLN B 437 -12.79 -2.95 19.13
N VAL B 438 -12.94 -2.47 20.36
CA VAL B 438 -12.38 -3.22 21.49
C VAL B 438 -13.14 -4.53 21.68
N LYS B 439 -14.42 -4.58 21.33
CA LYS B 439 -15.17 -5.83 21.47
C LYS B 439 -14.67 -6.90 20.49
N GLN B 440 -14.56 -6.53 19.23
CA GLN B 440 -14.00 -7.46 18.25
C GLN B 440 -12.60 -7.88 18.63
N LYS B 441 -11.81 -6.93 19.15
CA LYS B 441 -10.47 -7.27 19.57
C LYS B 441 -10.47 -8.21 20.77
N MET B 442 -11.45 -8.05 21.67
CA MET B 442 -11.63 -8.99 22.76
C MET B 442 -11.82 -10.40 22.23
N GLU B 443 -12.72 -10.54 21.25
CA GLU B 443 -12.96 -11.85 20.65
C GLU B 443 -11.69 -12.42 20.06
N GLU B 444 -10.99 -11.61 19.25
CA GLU B 444 -9.79 -12.09 18.58
C GLU B 444 -8.72 -12.52 19.57
N MET B 445 -8.44 -11.69 20.57
CA MET B 445 -7.43 -12.06 21.54
C MET B 445 -7.87 -13.28 22.33
N GLN B 446 -9.17 -13.46 22.52
CA GLN B 446 -9.65 -14.57 23.32
C GLN B 446 -9.45 -15.89 22.60
N GLN B 447 -9.76 -15.95 21.30
CA GLN B 447 -9.66 -17.24 20.61
C GLN B 447 -8.22 -17.75 20.55
N HIS B 448 -7.23 -16.87 20.62
CA HIS B 448 -5.83 -17.25 20.53
C HIS B 448 -5.27 -17.66 21.89
N ASN B 449 -5.97 -18.60 22.54
CA ASN B 449 -5.54 -19.14 23.84
C ASN B 449 -5.44 -18.05 24.90
N MET B 450 -6.50 -17.26 25.03
CA MET B 450 -6.65 -16.31 26.11
C MET B 450 -8.06 -16.42 26.66
N SER B 451 -8.20 -16.33 27.97
CA SER B 451 -9.48 -16.57 28.62
C SER B 451 -10.37 -15.34 28.48
N TRP B 452 -11.42 -15.31 29.31
CA TRP B 452 -12.45 -14.28 29.20
C TRP B 452 -12.20 -13.12 30.17
N ILE B 453 -11.53 -13.39 31.29
CA ILE B 453 -11.42 -12.39 32.35
C ILE B 453 -10.55 -11.22 31.90
N GLU B 454 -9.51 -11.52 31.12
CA GLU B 454 -8.63 -10.47 30.61
C GLU B 454 -9.41 -9.47 29.77
N VAL B 455 -10.14 -9.95 28.77
CA VAL B 455 -10.93 -9.02 27.98
C VAL B 455 -11.95 -8.28 28.84
N GLN B 456 -12.36 -8.87 29.96
CA GLN B 456 -13.19 -8.12 30.89
C GLN B 456 -12.48 -6.85 31.40
N PHE B 457 -11.23 -6.99 31.85
CA PHE B 457 -10.60 -5.78 32.37
C PHE B 457 -10.47 -4.74 31.26
N LEU B 458 -10.24 -5.22 30.04
CA LEU B 458 -10.09 -4.28 28.93
C LEU B 458 -11.35 -3.46 28.73
N LYS B 459 -12.51 -4.11 28.81
CA LYS B 459 -13.77 -3.37 28.69
C LYS B 459 -13.90 -2.30 29.76
N LYS B 460 -13.57 -2.63 31.01
CA LYS B 460 -13.70 -1.62 32.05
C LYS B 460 -12.82 -0.41 31.76
N ALA B 461 -11.60 -0.65 31.28
CA ALA B 461 -10.71 0.45 30.94
C ALA B 461 -11.35 1.37 29.90
N VAL B 462 -11.91 0.79 28.85
CA VAL B 462 -12.55 1.62 27.82
C VAL B 462 -13.61 2.51 28.42
N ASP B 463 -14.45 1.95 29.30
CA ASP B 463 -15.52 2.76 29.87
C ASP B 463 -14.97 3.97 30.61
N VAL B 464 -13.95 3.76 31.45
CA VAL B 464 -13.38 4.88 32.19
C VAL B 464 -12.83 5.94 31.23
N LEU B 465 -12.22 5.50 30.15
CA LEU B 465 -11.67 6.45 29.17
C LEU B 465 -12.75 7.36 28.63
N CYS B 466 -13.86 6.77 28.20
CA CYS B 466 -14.92 7.59 27.64
C CYS B 466 -15.45 8.59 28.66
N GLN B 467 -15.61 8.18 29.91
CA GLN B 467 -16.07 9.11 30.93
C GLN B 467 -15.10 10.28 31.10
N CYS B 468 -13.81 9.99 31.14
CA CYS B 468 -12.83 11.05 31.35
C CYS B 468 -12.83 12.06 30.23
N ARG B 469 -12.96 11.62 28.98
CA ARG B 469 -13.09 12.60 27.90
C ARG B 469 -14.35 13.44 28.07
N ALA B 470 -15.46 12.80 28.39
CA ALA B 470 -16.69 13.55 28.53
C ALA B 470 -16.66 14.56 29.66
N THR B 471 -15.74 14.43 30.61
CA THR B 471 -15.60 15.47 31.62
C THR B 471 -14.47 16.45 31.36
N LEU B 472 -13.48 16.10 30.55
CA LEU B 472 -12.54 17.12 30.10
C LEU B 472 -13.24 18.14 29.20
N MET B 473 -14.29 17.70 28.51
CA MET B 473 -15.04 18.58 27.62
C MET B 473 -15.45 19.86 28.33
N TYR B 474 -16.38 19.72 29.27
CA TYR B 474 -17.00 20.87 29.88
C TYR B 474 -16.02 21.62 30.75
N THR B 475 -14.96 20.96 31.17
CA THR B 475 -13.94 21.65 31.95
C THR B 475 -13.20 22.66 31.09
N TYR B 476 -12.97 22.35 29.81
CA TYR B 476 -12.37 23.37 28.94
C TYR B 476 -13.27 24.61 28.83
N VAL B 477 -14.57 24.38 28.62
CA VAL B 477 -15.53 25.49 28.62
C VAL B 477 -15.38 26.32 29.88
N PHE B 478 -15.42 25.67 31.03
CA PHE B 478 -15.30 26.41 32.28
C PHE B 478 -13.99 27.16 32.35
N ALA B 479 -12.94 26.62 31.75
CA ALA B 479 -11.65 27.28 31.81
C ALA B 479 -11.53 28.40 30.79
N PHE B 480 -12.53 28.59 29.94
CA PHE B 480 -12.52 29.78 29.10
C PHE B 480 -12.77 31.05 29.90
N TYR B 481 -13.95 31.15 30.52
CA TYR B 481 -14.38 32.39 31.17
C TYR B 481 -13.75 32.44 32.55
N LEU B 482 -12.47 32.79 32.59
CA LEU B 482 -11.76 32.72 33.86
C LEU B 482 -10.55 33.65 33.81
N LYS B 483 -10.56 34.71 34.61
CA LYS B 483 -9.46 35.66 34.61
C LYS B 483 -8.26 35.08 35.35
N LYS B 484 -7.09 35.15 34.73
CA LYS B 484 -5.91 34.46 35.24
C LYS B 484 -5.46 34.97 36.60
N ASN B 485 -5.59 34.12 37.62
CA ASN B 485 -5.03 34.37 38.94
C ASN B 485 -4.43 33.06 39.44
N ASN B 486 -3.84 33.09 40.63
CA ASN B 486 -3.12 31.92 41.13
C ASN B 486 -3.99 30.68 41.15
N GLN B 487 -5.18 30.77 41.72
CA GLN B 487 -6.07 29.64 41.82
C GLN B 487 -6.63 29.19 40.47
N SER B 488 -6.14 29.79 39.38
CA SER B 488 -6.49 29.32 38.05
C SER B 488 -5.34 28.64 37.35
N ILE B 489 -4.10 29.03 37.63
CA ILE B 489 -2.97 28.30 37.07
C ILE B 489 -2.92 26.90 37.65
N ILE B 490 -3.28 26.75 38.92
CA ILE B 490 -3.33 25.43 39.54
C ILE B 490 -4.26 24.53 38.76
N PHE B 491 -5.46 25.02 38.46
CA PHE B 491 -6.44 24.22 37.75
C PHE B 491 -6.01 23.95 36.32
N GLU B 492 -5.57 24.98 35.61
CA GLU B 492 -5.19 24.80 34.22
C GLU B 492 -3.90 24.03 34.10
N ASN B 493 -3.24 23.74 35.22
CA ASN B 493 -2.09 22.87 35.22
C ASN B 493 -2.43 21.44 35.58
N ASN B 494 -3.43 21.22 36.45
CA ASN B 494 -3.89 19.85 36.69
C ASN B 494 -4.55 19.27 35.46
N GLN B 495 -5.39 20.05 34.78
CA GLN B 495 -6.14 19.45 33.68
C GLN B 495 -5.25 19.08 32.52
N ALA B 496 -4.14 19.77 32.33
CA ALA B 496 -3.22 19.36 31.26
C ALA B 496 -2.64 17.99 31.55
N ASP B 497 -2.30 17.75 32.81
CA ASP B 497 -1.77 16.43 33.19
C ASP B 497 -2.81 15.34 32.97
N LEU B 498 -4.06 15.61 33.38
CA LEU B 498 -5.10 14.59 33.17
C LEU B 498 -5.33 14.35 31.68
N GLU B 499 -5.28 15.41 30.87
CA GLU B 499 -5.38 15.27 29.42
C GLU B 499 -4.30 14.33 28.90
N ASN B 500 -3.06 14.56 29.32
CA ASN B 500 -1.96 13.74 28.83
C ASN B 500 -2.13 12.28 29.24
N ALA B 501 -2.55 12.05 30.48
CA ALA B 501 -2.77 10.68 30.92
C ALA B 501 -3.87 10.00 30.11
N THR B 502 -4.95 10.73 29.83
CA THR B 502 -6.00 10.19 28.99
C THR B 502 -5.46 9.77 27.63
N GLU B 503 -4.62 10.60 27.04
CA GLU B 503 -4.04 10.24 25.75
C GLU B 503 -3.20 8.98 25.86
N VAL B 504 -2.39 8.87 26.92
CA VAL B 504 -1.54 7.70 27.05
C VAL B 504 -2.37 6.42 27.18
N LEU B 505 -3.48 6.48 27.91
CA LEU B 505 -4.30 5.29 28.07
C LEU B 505 -5.00 4.92 26.77
N SER B 506 -5.63 5.91 26.12
CA SER B 506 -6.26 5.66 24.83
C SER B 506 -5.25 5.16 23.82
N GLY B 507 -3.98 5.45 24.04
CA GLY B 507 -2.93 4.86 23.26
C GLY B 507 -2.68 3.40 23.61
N TYR B 508 -2.39 3.11 24.88
CA TYR B 508 -2.18 1.71 25.30
C TYR B 508 -3.17 0.80 24.62
N LEU B 509 -4.45 1.13 24.70
CA LEU B 509 -5.44 0.20 24.17
C LEU B 509 -5.13 -0.17 22.72
N GLU B 510 -5.26 0.81 21.82
CA GLU B 510 -5.32 0.52 20.39
C GLU B 510 -4.14 -0.31 19.93
N ARG B 511 -2.91 0.19 20.08
CA ARG B 511 -1.81 -0.60 19.56
C ARG B 511 -1.47 -1.75 20.50
N ASP B 512 -1.22 -1.47 21.78
CA ASP B 512 -0.62 -2.52 22.56
C ASP B 512 -1.58 -3.62 22.97
N ILE B 513 -2.78 -3.72 22.37
CA ILE B 513 -3.56 -4.95 22.54
C ILE B 513 -2.86 -6.20 21.98
N SER B 514 -1.76 -6.02 21.26
CA SER B 514 -1.44 -6.99 20.22
C SER B 514 -1.59 -8.45 20.63
N GLN B 515 -0.78 -8.96 21.55
CA GLN B 515 -0.85 -10.36 21.90
C GLN B 515 0.14 -10.71 23.00
N ASP B 516 -0.15 -11.82 23.68
CA ASP B 516 0.79 -12.59 24.51
C ASP B 516 1.79 -11.71 25.25
N SER B 517 1.26 -10.66 25.87
CA SER B 517 2.06 -9.83 26.77
C SER B 517 1.22 -9.47 27.98
N LEU B 518 0.25 -10.32 28.28
CA LEU B 518 -0.83 -10.02 29.22
C LEU B 518 -0.33 -9.52 30.57
N GLN B 519 0.65 -10.22 31.15
CA GLN B 519 1.01 -9.97 32.54
C GLN B 519 1.48 -8.54 32.76
N ASP B 520 2.06 -7.91 31.73
CA ASP B 520 2.53 -6.55 31.90
C ASP B 520 1.56 -5.52 31.34
N ILE B 521 0.99 -5.77 30.16
CA ILE B 521 0.06 -4.81 29.58
C ILE B 521 -1.16 -4.65 30.46
N LYS B 522 -1.68 -5.76 30.98
CA LYS B 522 -2.83 -5.71 31.87
C LYS B 522 -2.53 -4.86 33.10
N GLN B 523 -1.36 -5.07 33.71
CA GLN B 523 -0.97 -4.29 34.87
C GLN B 523 -0.86 -2.81 34.52
N LYS B 524 -0.25 -2.49 33.37
CA LYS B 524 -0.13 -1.10 32.96
C LYS B 524 -1.49 -0.45 32.81
N VAL B 525 -2.42 -1.14 32.14
CA VAL B 525 -3.70 -0.53 31.85
C VAL B 525 -4.49 -0.31 33.14
N GLN B 526 -4.44 -1.27 34.05
CA GLN B 526 -5.16 -1.11 35.32
C GLN B 526 -4.58 0.06 36.12
N ASP B 527 -3.26 0.08 36.29
CA ASP B 527 -2.61 1.19 36.95
C ASP B 527 -2.91 2.52 36.30
N LYS B 528 -3.14 2.53 35.00
CA LYS B 528 -3.34 3.77 34.30
C LYS B 528 -4.78 4.25 34.32
N TYR B 529 -5.76 3.37 34.46
CA TYR B 529 -7.10 3.93 34.54
C TYR B 529 -7.54 4.26 35.96
N ARG B 530 -6.98 3.61 36.98
CA ARG B 530 -7.30 4.09 38.33
C ARG B 530 -6.80 5.51 38.54
N TYR B 531 -5.60 5.82 38.02
CA TYR B 531 -5.05 7.16 38.12
C TYR B 531 -5.94 8.18 37.44
N CYS B 532 -6.40 7.89 36.23
CA CYS B 532 -7.26 8.81 35.51
C CYS B 532 -8.54 9.07 36.26
N GLU B 533 -9.18 8.02 36.79
CA GLU B 533 -10.43 8.23 37.48
C GLU B 533 -10.23 9.11 38.72
N SER B 534 -9.19 8.82 39.49
CA SER B 534 -8.96 9.62 40.68
C SER B 534 -8.72 11.09 40.32
N ARG B 535 -7.94 11.33 39.27
CA ARG B 535 -7.64 12.70 38.90
C ARG B 535 -8.89 13.45 38.48
N ARG B 536 -9.77 12.82 37.69
CA ARG B 536 -10.92 13.61 37.27
C ARG B 536 -11.83 13.90 38.45
N ARG B 537 -11.93 12.99 39.41
CA ARG B 537 -12.70 13.35 40.60
C ARG B 537 -12.07 14.53 41.33
N VAL B 538 -10.73 14.61 41.32
CA VAL B 538 -10.08 15.77 41.92
C VAL B 538 -10.48 17.05 41.20
N LEU B 539 -10.52 17.03 39.88
CA LEU B 539 -10.89 18.23 39.13
C LEU B 539 -12.30 18.70 39.51
N LEU B 540 -13.27 17.78 39.51
CA LEU B 540 -14.63 18.19 39.86
C LEU B 540 -14.69 18.76 41.27
N GLN B 541 -14.02 18.11 42.22
CA GLN B 541 -14.07 18.61 43.59
C GLN B 541 -13.47 20.00 43.69
N HIS B 542 -12.38 20.24 42.96
CA HIS B 542 -11.77 21.56 42.98
C HIS B 542 -12.74 22.62 42.49
N VAL B 543 -13.43 22.34 41.38
CA VAL B 543 -14.37 23.31 40.84
C VAL B 543 -15.47 23.62 41.85
N HIS B 544 -16.08 22.58 42.42
CA HIS B 544 -17.21 22.81 43.31
C HIS B 544 -16.78 23.55 44.58
N GLU B 545 -15.61 23.19 45.12
CA GLU B 545 -15.10 23.94 46.28
C GLU B 545 -14.88 25.39 45.93
N GLY B 546 -14.36 25.66 44.72
CA GLY B 546 -14.19 27.04 44.29
C GLY B 546 -15.50 27.79 44.25
N TYR B 547 -16.56 27.15 43.73
CA TYR B 547 -17.88 27.79 43.76
C TYR B 547 -18.28 28.12 45.19
N GLU B 548 -18.05 27.19 46.11
CA GLU B 548 -18.46 27.43 47.49
C GLU B 548 -17.72 28.61 48.09
N LYS B 549 -16.41 28.69 47.88
CA LYS B 549 -15.60 29.69 48.56
C LYS B 549 -15.46 31.00 47.80
N ASP B 550 -16.14 31.15 46.66
CA ASP B 550 -16.08 32.37 45.86
C ASP B 550 -14.63 32.74 45.53
N LEU B 551 -13.98 31.86 44.78
CA LEU B 551 -12.56 31.97 44.54
C LEU B 551 -12.21 32.28 43.09
N TRP B 552 -13.15 32.14 42.17
CA TRP B 552 -12.87 32.39 40.76
C TRP B 552 -13.21 33.83 40.39
N GLU B 553 -12.65 34.26 39.26
CA GLU B 553 -12.91 35.60 38.74
C GLU B 553 -12.96 35.56 37.22
N TYR B 554 -14.01 36.14 36.66
CA TYR B 554 -14.32 35.99 35.25
C TYR B 554 -13.96 37.22 34.44
N VAL C 95 26.32 -48.20 -52.84
CA VAL C 95 25.19 -48.01 -51.94
C VAL C 95 24.30 -46.90 -52.48
N SER C 96 22.99 -47.05 -52.28
CA SER C 96 22.00 -46.11 -52.81
C SER C 96 21.46 -45.27 -51.67
N TRP C 97 22.08 -44.12 -51.42
CA TRP C 97 21.64 -43.26 -50.34
C TRP C 97 20.33 -42.56 -50.65
N ASP C 98 19.85 -42.64 -51.90
CA ASP C 98 18.49 -42.18 -52.19
C ASP C 98 17.43 -43.08 -51.58
N SER C 99 17.80 -44.30 -51.20
CA SER C 99 16.86 -45.20 -50.55
C SER C 99 16.57 -44.81 -49.11
N LEU C 100 17.22 -43.76 -48.61
CA LEU C 100 17.03 -43.35 -47.23
C LEU C 100 15.59 -42.93 -47.01
N PRO C 101 15.04 -43.18 -45.82
CA PRO C 101 13.67 -42.76 -45.52
C PRO C 101 13.58 -41.32 -45.05
N ASP C 102 12.39 -40.77 -45.23
CA ASP C 102 12.21 -39.32 -45.15
C ASP C 102 12.50 -38.80 -43.74
N GLU C 103 12.09 -39.52 -42.71
CA GLU C 103 12.38 -39.04 -41.36
C GLU C 103 13.87 -39.04 -41.07
N LEU C 104 14.61 -40.03 -41.57
CA LEU C 104 16.06 -39.99 -41.45
C LEU C 104 16.65 -38.80 -42.18
N LEU C 105 16.16 -38.53 -43.39
CA LEU C 105 16.69 -37.38 -44.12
C LEU C 105 16.41 -36.07 -43.39
N LEU C 106 15.21 -35.92 -42.84
CA LEU C 106 14.89 -34.71 -42.09
C LEU C 106 15.76 -34.59 -40.84
N GLY C 107 15.96 -35.70 -40.12
CA GLY C 107 16.85 -35.67 -38.98
C GLY C 107 18.25 -35.26 -39.37
N ILE C 108 18.72 -35.69 -40.55
CA ILE C 108 20.01 -35.23 -41.03
C ILE C 108 19.99 -33.72 -41.28
N PHE C 109 19.00 -33.24 -42.02
CA PHE C 109 18.93 -31.83 -42.42
C PHE C 109 18.70 -30.89 -41.25
N SER C 110 18.30 -31.42 -40.10
CA SER C 110 18.06 -30.58 -38.93
C SER C 110 19.35 -30.25 -38.20
N CYS C 111 20.49 -30.38 -38.89
CA CYS C 111 21.78 -30.07 -38.29
C CYS C 111 22.59 -29.08 -39.11
N LEU C 112 22.01 -28.45 -40.13
CA LEU C 112 22.78 -27.64 -41.07
C LEU C 112 22.69 -26.16 -40.72
N CYS C 113 23.21 -25.32 -41.61
CA CYS C 113 23.07 -23.88 -41.56
C CYS C 113 22.43 -23.40 -42.86
N LEU C 114 21.78 -22.25 -42.79
CA LEU C 114 20.93 -21.80 -43.90
C LEU C 114 21.61 -21.78 -45.25
N PRO C 115 22.83 -21.28 -45.42
CA PRO C 115 23.45 -21.30 -46.76
C PRO C 115 23.54 -22.70 -47.34
N GLU C 116 24.05 -23.66 -46.56
CA GLU C 116 24.16 -25.03 -47.06
C GLU C 116 22.78 -25.64 -47.29
N LEU C 117 21.83 -25.36 -46.39
CA LEU C 117 20.48 -25.88 -46.58
C LEU C 117 19.91 -25.41 -47.90
N LEU C 118 20.16 -24.15 -48.25
CA LEU C 118 19.79 -23.67 -49.57
C LEU C 118 20.54 -24.41 -50.66
N LYS C 119 21.85 -24.62 -50.47
CA LYS C 119 22.67 -25.20 -51.52
C LYS C 119 22.20 -26.61 -51.89
N VAL C 120 21.94 -27.44 -50.88
CA VAL C 120 21.61 -28.83 -51.14
C VAL C 120 20.26 -28.95 -51.85
N SER C 121 19.42 -27.91 -51.76
CA SER C 121 18.10 -27.98 -52.38
C SER C 121 18.20 -28.25 -53.87
N GLY C 122 19.29 -27.83 -54.50
CA GLY C 122 19.51 -28.10 -55.91
C GLY C 122 20.32 -29.34 -56.17
N VAL C 123 19.81 -30.50 -55.77
CA VAL C 123 20.49 -31.77 -56.02
C VAL C 123 19.59 -32.68 -56.83
N CYS C 124 18.43 -33.04 -56.27
CA CYS C 124 17.44 -33.81 -56.99
C CYS C 124 16.08 -33.49 -56.41
N LYS C 125 15.03 -33.73 -57.20
CA LYS C 125 13.70 -33.22 -56.87
C LYS C 125 13.25 -33.65 -55.49
N ARG C 126 13.61 -34.86 -55.06
CA ARG C 126 13.22 -35.30 -53.73
C ARG C 126 13.88 -34.43 -52.67
N TRP C 127 15.19 -34.18 -52.81
CA TRP C 127 15.86 -33.29 -51.87
C TRP C 127 15.31 -31.88 -51.98
N TYR C 128 14.84 -31.48 -53.17
CA TYR C 128 14.21 -30.18 -53.33
C TYR C 128 12.94 -30.09 -52.51
N ARG C 129 12.13 -31.15 -52.53
CA ARG C 129 10.96 -31.20 -51.66
C ARG C 129 11.36 -31.13 -50.20
N LEU C 130 12.36 -31.92 -49.83
CA LEU C 130 12.71 -32.04 -48.42
C LEU C 130 13.48 -30.84 -47.89
N ALA C 131 13.94 -29.94 -48.75
CA ALA C 131 14.55 -28.72 -48.28
C ALA C 131 13.54 -27.80 -47.58
N SER C 132 12.25 -28.05 -47.74
CA SER C 132 11.22 -27.18 -47.18
C SER C 132 10.11 -28.09 -46.65
N ASP C 133 10.17 -28.42 -45.35
CA ASP C 133 9.22 -29.34 -44.77
C ASP C 133 8.58 -28.80 -43.49
N GLU C 134 8.51 -27.48 -43.33
CA GLU C 134 7.75 -26.81 -42.29
C GLU C 134 8.20 -27.20 -40.89
N SER C 135 9.23 -28.03 -40.76
CA SER C 135 9.89 -28.25 -39.49
C SER C 135 11.31 -27.75 -39.47
N LEU C 136 11.92 -27.57 -40.64
CA LEU C 136 13.20 -26.91 -40.73
C LEU C 136 13.06 -25.39 -40.60
N TRP C 137 11.92 -24.85 -41.01
CA TRP C 137 11.68 -23.41 -41.09
C TRP C 137 10.91 -22.89 -39.89
N GLN C 138 11.19 -23.44 -38.71
CA GLN C 138 10.59 -22.93 -37.49
C GLN C 138 10.96 -21.47 -37.26
N THR C 139 12.26 -21.19 -37.14
CA THR C 139 12.74 -19.90 -36.68
C THR C 139 13.74 -19.32 -37.68
N LEU C 140 13.36 -18.23 -38.32
CA LEU C 140 14.20 -17.54 -39.30
C LEU C 140 14.91 -16.36 -38.66
N ASP C 141 15.92 -15.84 -39.37
CA ASP C 141 16.62 -14.65 -38.91
C ASP C 141 17.24 -13.95 -40.11
N LEU C 142 16.88 -12.68 -40.33
CA LEU C 142 17.37 -11.92 -41.46
C LEU C 142 17.78 -10.52 -41.01
N THR C 143 18.57 -10.44 -39.94
CA THR C 143 18.95 -9.16 -39.37
C THR C 143 19.71 -8.31 -40.39
N GLY C 144 19.17 -7.14 -40.70
CA GLY C 144 19.83 -6.17 -41.54
C GLY C 144 19.99 -6.56 -42.99
N LYS C 145 19.71 -7.80 -43.36
CA LYS C 145 19.86 -8.23 -44.74
C LYS C 145 18.84 -7.55 -45.63
N ASN C 146 19.30 -7.02 -46.75
CA ASN C 146 18.39 -6.57 -47.80
C ASN C 146 17.76 -7.78 -48.46
N LEU C 147 16.52 -7.62 -48.90
CA LEU C 147 15.79 -8.72 -49.54
C LEU C 147 14.64 -8.15 -50.35
N HIS C 148 13.77 -9.03 -50.83
CA HIS C 148 12.76 -8.69 -51.80
C HIS C 148 11.39 -9.21 -51.35
N PRO C 149 10.31 -8.50 -51.69
CA PRO C 149 8.98 -8.92 -51.22
C PRO C 149 8.59 -10.33 -51.59
N ASP C 150 8.89 -10.78 -52.81
CA ASP C 150 8.53 -12.13 -53.18
C ASP C 150 9.35 -13.16 -52.40
N VAL C 151 10.63 -12.86 -52.17
CA VAL C 151 11.46 -13.77 -51.37
C VAL C 151 10.87 -13.92 -49.98
N THR C 152 10.57 -12.81 -49.31
CA THR C 152 10.05 -12.93 -47.96
C THR C 152 8.66 -13.56 -47.96
N GLY C 153 7.85 -13.32 -49.00
CA GLY C 153 6.55 -13.95 -49.05
C GLY C 153 6.65 -15.46 -49.17
N ARG C 154 7.51 -15.94 -50.06
CA ARG C 154 7.72 -17.37 -50.18
C ARG C 154 8.21 -17.96 -48.86
N LEU C 155 9.20 -17.30 -48.25
CA LEU C 155 9.76 -17.83 -47.01
C LEU C 155 8.70 -17.91 -45.92
N LEU C 156 7.91 -16.84 -45.74
CA LEU C 156 6.86 -16.86 -44.74
C LEU C 156 5.82 -17.93 -45.05
N SER C 157 5.43 -18.07 -46.32
CA SER C 157 4.49 -19.11 -46.70
C SER C 157 5.01 -20.50 -46.40
N GLN C 158 6.33 -20.68 -46.35
CA GLN C 158 6.88 -21.99 -46.04
C GLN C 158 6.51 -22.44 -44.63
N GLY C 159 6.11 -21.51 -43.77
CA GLY C 159 5.66 -21.90 -42.45
C GLY C 159 6.47 -21.37 -41.29
N VAL C 160 7.00 -20.16 -41.43
CA VAL C 160 7.79 -19.54 -40.36
C VAL C 160 6.89 -19.31 -39.14
N ILE C 161 7.51 -19.33 -37.97
CA ILE C 161 6.85 -18.98 -36.71
C ILE C 161 7.37 -17.65 -36.18
N ALA C 162 8.67 -17.53 -35.99
CA ALA C 162 9.28 -16.35 -35.40
C ALA C 162 10.13 -15.67 -36.46
N PHE C 163 9.64 -14.56 -37.00
CA PHE C 163 10.31 -13.86 -38.10
C PHE C 163 10.95 -12.59 -37.56
N ARG C 164 12.27 -12.60 -37.53
CA ARG C 164 13.08 -11.50 -36.98
C ARG C 164 13.79 -10.83 -38.15
N CYS C 165 13.40 -9.60 -38.45
CA CYS C 165 13.92 -8.88 -39.62
C CYS C 165 14.07 -7.40 -39.30
N PRO C 166 14.88 -7.06 -38.30
CA PRO C 166 15.00 -5.66 -37.90
C PRO C 166 15.96 -4.91 -38.80
N ARG C 167 15.62 -3.65 -39.09
CA ARG C 167 16.50 -2.74 -39.82
C ARG C 167 16.91 -3.32 -41.17
N SER C 168 15.98 -4.00 -41.81
CA SER C 168 16.18 -4.51 -43.16
C SER C 168 15.37 -3.66 -44.12
N PHE C 169 15.74 -3.70 -45.39
CA PHE C 169 15.19 -2.75 -46.35
C PHE C 169 14.44 -3.48 -47.44
N MET C 170 13.18 -3.10 -47.64
CA MET C 170 12.27 -3.88 -48.47
C MET C 170 11.64 -2.99 -49.52
N ASP C 171 12.43 -2.09 -50.09
CA ASP C 171 11.91 -1.00 -50.91
C ASP C 171 11.58 -1.43 -52.33
N GLN C 172 10.75 -2.44 -52.49
CA GLN C 172 10.32 -2.91 -53.79
C GLN C 172 8.89 -3.40 -53.68
N PRO C 173 8.09 -3.30 -54.76
CA PRO C 173 6.67 -3.67 -54.66
C PRO C 173 6.46 -5.17 -54.65
N LEU C 174 5.50 -5.60 -53.83
CA LEU C 174 5.09 -7.00 -53.82
C LEU C 174 4.10 -7.24 -54.94
N ALA C 175 4.32 -8.30 -55.72
CA ALA C 175 3.48 -8.59 -56.88
C ALA C 175 2.70 -9.89 -56.77
N GLU C 176 3.08 -10.79 -55.88
CA GLU C 176 2.46 -12.10 -55.77
C GLU C 176 1.51 -12.17 -54.58
N HIS C 177 0.58 -13.12 -54.65
CA HIS C 177 -0.37 -13.39 -53.58
C HIS C 177 0.03 -14.69 -52.89
N PHE C 178 -0.56 -14.92 -51.72
CA PHE C 178 -0.23 -16.07 -50.91
C PHE C 178 -1.47 -16.56 -50.19
N SER C 179 -1.27 -17.46 -49.24
CA SER C 179 -2.25 -17.93 -48.29
C SER C 179 -2.04 -17.27 -46.94
N PRO C 180 -3.05 -17.28 -46.07
CA PRO C 180 -2.85 -16.74 -44.71
C PRO C 180 -1.64 -17.37 -44.03
N PHE C 181 -0.72 -16.53 -43.56
CA PHE C 181 0.54 -16.99 -43.03
C PHE C 181 0.32 -17.69 -41.69
N ARG C 182 1.41 -18.23 -41.14
CA ARG C 182 1.39 -18.92 -39.86
C ARG C 182 2.31 -18.27 -38.84
N VAL C 183 2.84 -17.09 -39.14
CA VAL C 183 3.76 -16.43 -38.23
C VAL C 183 3.06 -16.11 -36.92
N GLN C 184 3.81 -16.23 -35.82
CA GLN C 184 3.29 -15.92 -34.50
C GLN C 184 4.02 -14.79 -33.80
N HIS C 185 5.30 -14.59 -34.09
CA HIS C 185 6.06 -13.47 -33.55
C HIS C 185 6.71 -12.76 -34.73
N MET C 186 6.49 -11.46 -34.85
CA MET C 186 7.08 -10.70 -35.95
C MET C 186 7.77 -9.46 -35.43
N ASP C 187 9.03 -9.31 -35.81
CA ASP C 187 9.82 -8.13 -35.49
C ASP C 187 10.13 -7.39 -36.80
N LEU C 188 9.83 -6.10 -36.83
CA LEU C 188 10.13 -5.30 -38.00
C LEU C 188 10.69 -3.94 -37.61
N SER C 189 11.30 -3.83 -36.44
CA SER C 189 11.63 -2.53 -35.88
C SER C 189 12.56 -1.76 -36.80
N ASN C 190 12.22 -0.51 -37.07
CA ASN C 190 13.07 0.46 -37.74
C ASN C 190 13.29 0.15 -39.21
N SER C 191 12.76 -0.97 -39.70
CA SER C 191 12.98 -1.35 -41.08
C SER C 191 12.34 -0.34 -42.02
N VAL C 192 13.04 -0.07 -43.11
CA VAL C 192 12.54 0.84 -44.14
C VAL C 192 11.72 0.01 -45.11
N ILE C 193 10.40 0.17 -45.07
CA ILE C 193 9.50 -0.62 -45.89
C ILE C 193 8.51 0.35 -46.53
N GLU C 194 7.88 -0.12 -47.59
CA GLU C 194 6.86 0.66 -48.28
C GLU C 194 5.49 0.41 -47.68
N VAL C 195 4.63 1.42 -47.75
CA VAL C 195 3.30 1.31 -47.17
C VAL C 195 2.48 0.24 -47.88
N SER C 196 2.53 0.21 -49.21
CA SER C 196 1.77 -0.79 -49.95
C SER C 196 2.29 -2.19 -49.69
N THR C 197 3.62 -2.36 -49.67
CA THR C 197 4.20 -3.67 -49.39
C THR C 197 3.83 -4.15 -47.99
N LEU C 198 3.92 -3.26 -47.00
CA LEU C 198 3.57 -3.65 -45.64
C LEU C 198 2.09 -4.00 -45.53
N HIS C 199 1.23 -3.24 -46.22
CA HIS C 199 -0.19 -3.58 -46.23
C HIS C 199 -0.42 -4.96 -46.82
N GLY C 200 0.24 -5.25 -47.95
CA GLY C 200 0.09 -6.55 -48.57
C GLY C 200 0.58 -7.68 -47.67
N ILE C 201 1.71 -7.48 -47.01
CA ILE C 201 2.25 -8.51 -46.13
C ILE C 201 1.31 -8.76 -44.95
N LEU C 202 0.91 -7.68 -44.26
CA LEU C 202 0.07 -7.86 -43.09
C LEU C 202 -1.33 -8.34 -43.43
N SER C 203 -1.77 -8.16 -44.69
CA SER C 203 -3.10 -8.65 -45.04
C SER C 203 -3.19 -10.16 -45.12
N GLN C 204 -2.15 -10.89 -44.72
CA GLN C 204 -2.17 -12.34 -44.70
C GLN C 204 -1.99 -12.94 -43.32
N CYS C 205 -1.19 -12.31 -42.45
CA CYS C 205 -0.94 -12.85 -41.13
C CYS C 205 -2.13 -12.59 -40.21
N SER C 206 -2.56 -13.64 -39.50
CA SER C 206 -3.71 -13.53 -38.61
C SER C 206 -3.48 -14.13 -37.22
N LYS C 207 -2.49 -14.99 -37.05
CA LYS C 207 -2.21 -15.62 -35.77
C LYS C 207 -1.13 -14.90 -34.98
N LEU C 208 -0.92 -13.60 -35.24
CA LEU C 208 0.15 -12.87 -34.57
C LEU C 208 -0.03 -12.89 -33.06
N GLN C 209 0.87 -13.56 -32.37
CA GLN C 209 0.88 -13.53 -30.92
C GLN C 209 1.70 -12.36 -30.38
N ASN C 210 2.70 -11.90 -31.14
CA ASN C 210 3.54 -10.79 -30.71
C ASN C 210 4.00 -10.02 -31.93
N LEU C 211 3.96 -8.69 -31.84
CA LEU C 211 4.25 -7.82 -32.97
C LEU C 211 5.24 -6.74 -32.54
N SER C 212 5.95 -6.20 -33.53
CA SER C 212 6.66 -4.94 -33.33
C SER C 212 6.62 -4.14 -34.62
N LEU C 213 6.44 -2.83 -34.49
CA LEU C 213 6.43 -1.95 -35.65
C LEU C 213 7.13 -0.63 -35.37
N GLU C 214 8.16 -0.66 -34.53
CA GLU C 214 8.80 0.57 -34.09
C GLU C 214 9.30 1.38 -35.28
N GLY C 215 9.16 2.69 -35.18
CA GLY C 215 9.77 3.60 -36.12
C GLY C 215 9.08 3.71 -37.47
N LEU C 216 8.22 2.75 -37.79
CA LEU C 216 7.65 2.68 -39.13
C LEU C 216 6.58 3.76 -39.31
N ARG C 217 5.91 3.72 -40.45
CA ARG C 217 4.79 4.60 -40.75
C ARG C 217 3.61 3.75 -41.20
N LEU C 218 2.44 4.01 -40.64
CA LEU C 218 1.24 3.21 -40.87
C LEU C 218 0.16 4.07 -41.51
N SER C 219 -1.03 3.50 -41.65
CA SER C 219 -2.18 4.24 -42.18
C SER C 219 -3.45 3.43 -41.96
N ASP C 220 -4.56 4.01 -42.43
CA ASP C 220 -5.89 3.45 -42.16
C ASP C 220 -6.07 2.04 -42.70
N PRO C 221 -5.74 1.73 -43.96
CA PRO C 221 -5.89 0.33 -44.40
C PRO C 221 -5.03 -0.62 -43.59
N ILE C 222 -3.83 -0.21 -43.21
CA ILE C 222 -2.95 -1.09 -42.45
C ILE C 222 -3.58 -1.45 -41.12
N VAL C 223 -4.05 -0.44 -40.39
CA VAL C 223 -4.64 -0.74 -39.08
C VAL C 223 -5.98 -1.46 -39.23
N ASN C 224 -6.77 -1.15 -40.26
CA ASN C 224 -8.01 -1.86 -40.47
C ASN C 224 -7.77 -3.35 -40.69
N THR C 225 -6.76 -3.69 -41.50
CA THR C 225 -6.38 -5.09 -41.64
C THR C 225 -5.87 -5.65 -40.33
N LEU C 226 -5.07 -4.88 -39.59
CA LEU C 226 -4.50 -5.35 -38.34
C LEU C 226 -5.57 -5.59 -37.28
N ALA C 227 -6.78 -5.08 -37.49
CA ALA C 227 -7.86 -5.31 -36.53
C ALA C 227 -8.16 -6.80 -36.36
N LYS C 228 -7.89 -7.61 -37.38
CA LYS C 228 -8.27 -9.02 -37.31
C LYS C 228 -7.53 -9.78 -36.23
N ASN C 229 -6.33 -9.32 -35.86
CA ASN C 229 -5.47 -10.09 -34.96
C ASN C 229 -6.07 -10.02 -33.56
N SER C 230 -7.01 -10.92 -33.29
CA SER C 230 -7.72 -10.98 -32.03
C SER C 230 -6.96 -11.71 -30.94
N ASN C 231 -5.66 -11.91 -31.10
CA ASN C 231 -4.87 -12.65 -30.13
C ASN C 231 -3.60 -11.92 -29.73
N LEU C 232 -3.47 -10.64 -30.05
CA LEU C 232 -2.25 -9.91 -29.76
C LEU C 232 -1.99 -9.84 -28.27
N VAL C 233 -0.98 -10.58 -27.79
CA VAL C 233 -0.56 -10.43 -26.41
C VAL C 233 0.14 -9.08 -26.24
N ARG C 234 1.15 -8.82 -27.05
CA ARG C 234 1.87 -7.55 -27.03
C ARG C 234 1.63 -6.79 -28.33
N LEU C 235 2.06 -5.53 -28.30
CA LEU C 235 2.03 -4.65 -29.46
C LEU C 235 3.03 -3.54 -29.18
N ASN C 236 3.47 -2.87 -30.24
CA ASN C 236 4.48 -1.82 -30.09
C ASN C 236 4.40 -0.93 -31.31
N LEU C 237 4.03 0.32 -31.12
CA LEU C 237 3.78 1.23 -32.23
C LEU C 237 4.57 2.53 -32.07
N SER C 238 5.71 2.49 -31.39
CA SER C 238 6.48 3.69 -31.13
C SER C 238 6.83 4.40 -32.42
N GLY C 239 6.81 5.73 -32.37
CA GLY C 239 7.24 6.54 -33.49
C GLY C 239 6.35 6.51 -34.72
N CYS C 240 5.40 5.58 -34.80
CA CYS C 240 4.57 5.49 -35.99
C CYS C 240 3.69 6.74 -36.11
N SER C 241 3.14 6.94 -37.30
CA SER C 241 2.43 8.19 -37.57
C SER C 241 1.62 8.06 -38.83
N GLY C 242 0.45 8.70 -38.85
CA GLY C 242 -0.33 8.81 -40.07
C GLY C 242 -1.78 8.43 -39.96
N PHE C 243 -2.11 7.50 -39.07
CA PHE C 243 -3.45 6.93 -39.00
C PHE C 243 -4.43 7.91 -38.35
N SER C 244 -5.66 7.43 -38.12
CA SER C 244 -6.77 8.29 -37.70
C SER C 244 -7.44 7.71 -36.46
N GLU C 245 -8.30 8.55 -35.86
CA GLU C 245 -8.92 8.21 -34.58
C GLU C 245 -9.89 7.05 -34.72
N PHE C 246 -10.68 7.03 -35.80
CA PHE C 246 -11.57 5.89 -36.03
C PHE C 246 -10.77 4.61 -36.14
N ALA C 247 -9.65 4.67 -36.85
CA ALA C 247 -8.77 3.51 -36.97
C ALA C 247 -8.27 3.07 -35.61
N LEU C 248 -7.81 4.02 -34.79
CA LEU C 248 -7.27 3.65 -33.49
C LEU C 248 -8.32 3.03 -32.60
N GLN C 249 -9.52 3.61 -32.56
CA GLN C 249 -10.57 3.06 -31.72
C GLN C 249 -10.99 1.68 -32.19
N THR C 250 -11.11 1.48 -33.51
CA THR C 250 -11.46 0.16 -34.02
C THR C 250 -10.41 -0.87 -33.65
N LEU C 251 -9.13 -0.52 -33.82
CA LEU C 251 -8.06 -1.42 -33.47
C LEU C 251 -8.11 -1.80 -31.99
N LEU C 252 -8.25 -0.80 -31.13
CA LEU C 252 -8.20 -1.07 -29.69
C LEU C 252 -9.44 -1.83 -29.23
N SER C 253 -10.58 -1.61 -29.88
CA SER C 253 -11.78 -2.36 -29.54
C SER C 253 -11.65 -3.82 -29.95
N SER C 254 -11.22 -4.05 -31.20
CA SER C 254 -11.08 -5.43 -31.68
C SER C 254 -10.04 -6.20 -30.87
N CYS C 255 -8.92 -5.55 -30.56
CA CYS C 255 -7.88 -6.21 -29.79
C CYS C 255 -8.27 -6.21 -28.31
N SER C 256 -8.56 -7.38 -27.78
CA SER C 256 -9.09 -7.50 -26.44
C SER C 256 -8.07 -7.98 -25.42
N ARG C 257 -7.21 -8.92 -25.77
CA ARG C 257 -6.30 -9.55 -24.84
C ARG C 257 -4.99 -8.78 -24.68
N LEU C 258 -4.90 -7.59 -25.28
CA LEU C 258 -3.66 -6.82 -25.29
C LEU C 258 -3.05 -6.73 -23.91
N ASP C 259 -1.87 -7.33 -23.74
CA ASP C 259 -1.23 -7.38 -22.44
C ASP C 259 -0.41 -6.13 -22.16
N GLU C 260 0.50 -5.78 -23.07
CA GLU C 260 1.33 -4.59 -22.93
C GLU C 260 1.15 -3.70 -24.14
N LEU C 261 1.16 -2.39 -23.93
CA LEU C 261 1.01 -1.46 -25.04
C LEU C 261 2.03 -0.33 -24.92
N ASN C 262 2.67 -0.02 -26.04
CA ASN C 262 3.67 1.04 -26.11
C ASN C 262 3.24 1.93 -27.28
N LEU C 263 2.29 2.82 -27.03
CA LEU C 263 1.79 3.75 -28.03
C LEU C 263 2.48 5.08 -27.82
N SER C 264 3.80 5.11 -27.98
CA SER C 264 4.61 6.23 -27.56
C SER C 264 5.04 7.11 -28.72
N TRP C 265 5.31 8.37 -28.40
CA TRP C 265 6.14 9.31 -29.14
C TRP C 265 5.64 9.61 -30.54
N CYS C 266 4.47 9.14 -30.93
CA CYS C 266 3.94 9.44 -32.25
C CYS C 266 3.83 10.94 -32.45
N PHE C 267 4.20 11.40 -33.65
CA PHE C 267 4.41 12.82 -33.88
C PHE C 267 3.31 13.46 -34.74
N ASP C 268 2.10 12.92 -34.66
CA ASP C 268 0.98 13.60 -35.30
C ASP C 268 -0.30 13.53 -34.47
N PHE C 269 -0.24 13.03 -33.24
CA PHE C 269 -1.44 12.78 -32.46
C PHE C 269 -2.17 14.07 -32.11
N THR C 270 -3.36 13.90 -31.55
CA THR C 270 -4.17 14.99 -31.07
C THR C 270 -4.83 14.58 -29.76
N GLU C 271 -5.37 15.58 -29.06
CA GLU C 271 -6.13 15.30 -27.86
C GLU C 271 -7.25 14.31 -28.15
N LYS C 272 -7.86 14.41 -29.32
CA LYS C 272 -8.84 13.40 -29.73
C LYS C 272 -8.22 12.01 -29.75
N HIS C 273 -7.01 11.91 -30.31
CA HIS C 273 -6.35 10.61 -30.40
C HIS C 273 -6.14 10.01 -29.01
N VAL C 274 -5.53 10.78 -28.11
CA VAL C 274 -5.25 10.22 -26.80
C VAL C 274 -6.54 9.95 -26.03
N GLN C 275 -7.55 10.81 -26.19
CA GLN C 275 -8.83 10.61 -25.51
C GLN C 275 -9.46 9.29 -25.92
N VAL C 276 -9.60 9.07 -27.23
CA VAL C 276 -10.24 7.84 -27.68
C VAL C 276 -9.37 6.64 -27.33
N ALA C 277 -8.05 6.82 -27.32
CA ALA C 277 -7.17 5.74 -26.90
C ALA C 277 -7.56 5.31 -25.50
N VAL C 278 -7.39 6.19 -24.51
CA VAL C 278 -7.65 5.80 -23.14
C VAL C 278 -9.10 5.39 -22.93
N ALA C 279 -10.02 5.93 -23.74
CA ALA C 279 -11.42 5.55 -23.60
C ALA C 279 -11.63 4.09 -24.00
N HIS C 280 -10.97 3.63 -25.06
CA HIS C 280 -11.22 2.28 -25.56
C HIS C 280 -10.12 1.29 -25.23
N VAL C 281 -9.12 1.66 -24.43
CA VAL C 281 -8.07 0.71 -24.06
C VAL C 281 -8.67 -0.52 -23.41
N SER C 282 -8.12 -1.68 -23.74
CA SER C 282 -8.58 -2.93 -23.16
C SER C 282 -8.27 -2.96 -21.66
N GLU C 283 -8.82 -3.97 -20.99
CA GLU C 283 -8.90 -3.97 -19.53
C GLU C 283 -7.83 -4.81 -18.86
N THR C 284 -6.89 -5.39 -19.61
CA THR C 284 -5.90 -6.28 -19.05
C THR C 284 -4.50 -5.70 -19.17
N ILE C 285 -4.38 -4.41 -19.47
CA ILE C 285 -3.09 -3.80 -19.76
C ILE C 285 -2.20 -3.90 -18.53
N THR C 286 -1.16 -4.71 -18.62
CA THR C 286 -0.21 -4.85 -17.51
C THR C 286 0.83 -3.75 -17.52
N GLN C 287 1.38 -3.43 -18.69
CA GLN C 287 2.33 -2.34 -18.85
C GLN C 287 1.89 -1.46 -20.01
N LEU C 288 2.04 -0.15 -19.84
CA LEU C 288 1.60 0.79 -20.86
C LEU C 288 2.53 2.00 -20.87
N ASN C 289 2.79 2.51 -22.05
CA ASN C 289 3.59 3.71 -22.24
C ASN C 289 2.80 4.72 -23.04
N LEU C 290 2.80 5.98 -22.58
CA LEU C 290 2.15 7.06 -23.32
C LEU C 290 2.96 8.34 -23.29
N SER C 291 4.28 8.24 -23.39
CA SER C 291 5.13 9.41 -23.26
C SER C 291 4.94 10.34 -24.45
N GLY C 292 5.67 11.46 -24.42
CA GLY C 292 5.74 12.35 -25.55
C GLY C 292 4.62 13.34 -25.67
N TYR C 293 3.38 12.90 -25.45
CA TYR C 293 2.20 13.69 -25.81
C TYR C 293 1.98 14.84 -24.82
N ARG C 294 3.00 15.69 -24.73
CA ARG C 294 3.06 16.75 -23.73
C ARG C 294 1.77 17.55 -23.66
N LYS C 295 1.40 18.19 -24.77
CA LYS C 295 0.26 19.08 -24.78
C LYS C 295 -1.04 18.36 -25.08
N ASN C 296 -1.08 17.03 -24.94
CA ASN C 296 -2.31 16.29 -25.15
C ASN C 296 -2.69 15.38 -23.99
N LEU C 297 -1.77 15.12 -23.06
CA LEU C 297 -2.13 14.34 -21.87
C LEU C 297 -2.74 15.27 -20.84
N GLN C 298 -3.94 14.93 -20.38
CA GLN C 298 -4.65 15.75 -19.41
C GLN C 298 -5.06 14.88 -18.23
N LYS C 299 -5.23 15.55 -17.08
CA LYS C 299 -5.56 14.83 -15.85
C LYS C 299 -6.87 14.08 -15.97
N SER C 300 -7.82 14.60 -16.76
CA SER C 300 -9.06 13.88 -16.99
C SER C 300 -8.82 12.55 -17.66
N ASP C 301 -7.96 12.52 -18.68
CA ASP C 301 -7.71 11.29 -19.41
C ASP C 301 -6.92 10.31 -18.55
N LEU C 302 -5.96 10.79 -17.77
CA LEU C 302 -5.23 9.93 -16.86
C LEU C 302 -6.17 9.35 -15.80
N SER C 303 -7.10 10.15 -15.30
CA SER C 303 -8.10 9.64 -14.37
C SER C 303 -8.96 8.57 -15.02
N THR C 304 -9.38 8.81 -16.27
CA THR C 304 -10.14 7.79 -17.00
C THR C 304 -9.35 6.49 -17.09
N LEU C 305 -8.05 6.59 -17.38
CA LEU C 305 -7.21 5.41 -17.48
C LEU C 305 -7.15 4.66 -16.15
N VAL C 306 -6.82 5.38 -15.07
CA VAL C 306 -6.61 4.72 -13.79
C VAL C 306 -7.92 4.17 -13.24
N ARG C 307 -9.06 4.73 -13.65
CA ARG C 307 -10.34 4.19 -13.21
C ARG C 307 -10.81 3.03 -14.07
N ARG C 308 -10.39 2.95 -15.33
CA ARG C 308 -10.79 1.82 -16.15
C ARG C 308 -9.88 0.61 -15.92
N CYS C 309 -8.58 0.78 -16.11
CA CYS C 309 -7.66 -0.35 -16.00
C CYS C 309 -7.10 -0.42 -14.58
N PRO C 310 -7.31 -1.51 -13.86
CA PRO C 310 -6.75 -1.65 -12.51
C PRO C 310 -5.45 -2.43 -12.42
N ASN C 311 -4.81 -2.78 -13.55
CA ASN C 311 -3.71 -3.74 -13.52
C ASN C 311 -2.44 -3.19 -14.18
N LEU C 312 -2.17 -1.89 -14.02
CA LEU C 312 -0.91 -1.34 -14.52
C LEU C 312 0.23 -1.73 -13.58
N VAL C 313 1.29 -2.30 -14.15
CA VAL C 313 2.44 -2.73 -13.38
C VAL C 313 3.68 -1.92 -13.72
N HIS C 314 3.88 -1.60 -15.00
CA HIS C 314 4.92 -0.68 -15.42
C HIS C 314 4.26 0.50 -16.13
N LEU C 315 4.65 1.71 -15.78
CA LEU C 315 4.05 2.88 -16.40
C LEU C 315 5.08 3.99 -16.57
N ASP C 316 4.88 4.77 -17.63
CA ASP C 316 5.72 5.93 -17.91
C ASP C 316 4.85 6.95 -18.60
N LEU C 317 5.07 8.22 -18.28
CA LEU C 317 4.35 9.32 -18.91
C LEU C 317 5.31 10.46 -19.21
N SER C 318 6.50 10.13 -19.70
CA SER C 318 7.59 11.09 -19.78
C SER C 318 7.23 12.25 -20.70
N ASP C 319 7.89 13.38 -20.43
CA ASP C 319 7.70 14.61 -21.20
C ASP C 319 6.24 15.04 -21.21
N SER C 320 5.53 14.78 -20.12
CA SER C 320 4.18 15.29 -19.92
C SER C 320 4.28 16.56 -19.08
N VAL C 321 3.70 17.65 -19.58
CA VAL C 321 3.84 18.95 -18.93
C VAL C 321 2.56 19.40 -18.24
N MET C 322 1.56 18.54 -18.15
CA MET C 322 0.33 18.84 -17.41
C MET C 322 -0.08 17.69 -16.52
N LEU C 323 0.86 17.19 -15.72
CA LEU C 323 0.52 16.22 -14.70
C LEU C 323 0.90 16.79 -13.35
N LYS C 324 -0.09 16.94 -12.46
CA LYS C 324 0.12 17.50 -11.13
C LYS C 324 0.01 16.42 -10.07
N ASN C 325 0.15 16.83 -8.80
CA ASN C 325 0.10 15.89 -7.69
C ASN C 325 -1.25 15.22 -7.53
N ASP C 326 -2.32 15.79 -8.09
CA ASP C 326 -3.57 15.05 -8.14
C ASP C 326 -3.42 13.78 -8.95
N CYS C 327 -2.75 13.88 -10.10
CA CYS C 327 -2.34 12.67 -10.81
C CYS C 327 -1.60 11.73 -9.88
N PHE C 328 -0.76 12.29 -9.00
CA PHE C 328 -0.12 11.52 -7.93
C PHE C 328 -1.11 10.60 -7.25
N GLN C 329 -2.15 11.16 -6.64
CA GLN C 329 -3.08 10.32 -5.89
C GLN C 329 -3.80 9.36 -6.80
N GLU C 330 -3.93 9.72 -8.09
CA GLU C 330 -4.47 8.79 -9.06
C GLU C 330 -3.68 7.48 -9.06
N PHE C 331 -2.36 7.58 -9.14
CA PHE C 331 -1.52 6.39 -9.14
C PHE C 331 -1.63 5.67 -7.81
N PHE C 332 -2.04 6.37 -6.76
CA PHE C 332 -2.20 5.74 -5.46
C PHE C 332 -3.35 4.73 -5.48
N GLN C 333 -4.28 4.87 -6.41
CA GLN C 333 -5.31 3.86 -6.56
C GLN C 333 -4.77 2.61 -7.25
N LEU C 334 -3.70 2.77 -8.03
CA LEU C 334 -3.09 1.63 -8.68
C LEU C 334 -2.47 0.71 -7.63
N ASN C 335 -2.82 -0.57 -7.70
CA ASN C 335 -2.43 -1.54 -6.69
C ASN C 335 -1.28 -2.43 -7.15
N TYR C 336 -0.71 -2.18 -8.33
CA TYR C 336 0.35 -3.03 -8.84
C TYR C 336 1.46 -2.24 -9.51
N LEU C 337 1.46 -0.91 -9.42
CA LEU C 337 2.48 -0.11 -10.05
C LEU C 337 3.82 -0.38 -9.37
N GLN C 338 4.69 -1.13 -10.04
CA GLN C 338 6.01 -1.44 -9.51
C GLN C 338 7.11 -0.58 -10.09
N HIS C 339 6.93 -0.06 -11.31
CA HIS C 339 7.96 0.74 -11.96
C HIS C 339 7.27 1.89 -12.67
N LEU C 340 7.20 3.04 -12.00
CA LEU C 340 6.68 4.26 -12.60
C LEU C 340 7.86 5.12 -13.05
N SER C 341 7.63 5.94 -14.07
CA SER C 341 8.64 6.89 -14.51
C SER C 341 7.97 8.11 -15.10
N LEU C 342 8.01 9.22 -14.35
CA LEU C 342 7.48 10.49 -14.81
C LEU C 342 8.59 11.45 -15.22
N SER C 343 9.63 10.93 -15.87
CA SER C 343 10.82 11.72 -16.15
C SER C 343 10.47 12.96 -16.99
N ARG C 344 11.06 14.09 -16.61
CA ARG C 344 10.84 15.38 -17.25
C ARG C 344 9.39 15.81 -17.21
N CYS C 345 8.61 15.32 -16.24
CA CYS C 345 7.30 15.89 -15.96
C CYS C 345 7.48 17.15 -15.12
N TYR C 346 7.30 18.31 -15.74
CA TYR C 346 7.69 19.58 -15.13
C TYR C 346 6.71 20.03 -14.04
N ASP C 347 5.42 19.79 -14.23
CA ASP C 347 4.41 20.35 -13.33
C ASP C 347 4.47 19.71 -11.95
N ILE C 348 5.44 18.85 -11.69
CA ILE C 348 5.51 18.09 -10.44
C ILE C 348 6.63 18.70 -9.59
N ILE C 349 6.31 19.04 -8.35
CA ILE C 349 7.31 19.63 -7.46
C ILE C 349 8.14 18.52 -6.81
N PRO C 350 9.47 18.63 -6.80
CA PRO C 350 10.30 17.44 -6.55
C PRO C 350 9.96 16.68 -5.28
N GLU C 351 9.72 17.39 -4.19
CA GLU C 351 9.55 16.72 -2.91
C GLU C 351 8.23 15.96 -2.79
N THR C 352 7.23 16.26 -3.62
CA THR C 352 6.05 15.42 -3.57
C THR C 352 6.38 14.02 -4.07
N LEU C 353 7.49 13.87 -4.79
CA LEU C 353 8.02 12.56 -5.13
C LEU C 353 8.21 11.69 -3.91
N LEU C 354 8.56 12.28 -2.77
CA LEU C 354 8.66 11.51 -1.54
C LEU C 354 7.38 10.72 -1.28
N GLU C 355 6.23 11.37 -1.51
CA GLU C 355 4.94 10.70 -1.29
C GLU C 355 4.79 9.46 -2.14
N LEU C 356 5.44 9.42 -3.31
CA LEU C 356 5.41 8.22 -4.15
C LEU C 356 5.94 7.01 -3.41
N GLY C 357 6.95 7.18 -2.58
CA GLY C 357 7.47 6.07 -1.81
C GLY C 357 6.41 5.42 -0.96
N GLU C 358 5.37 6.19 -0.64
CA GLU C 358 4.28 5.73 0.20
C GLU C 358 3.36 4.76 -0.52
N ILE C 359 3.35 4.77 -1.86
CA ILE C 359 2.63 3.67 -2.52
C ILE C 359 3.37 2.37 -2.22
N PRO C 360 2.70 1.32 -1.78
CA PRO C 360 3.43 0.17 -1.20
C PRO C 360 4.26 -0.61 -2.20
N THR C 361 3.65 -1.01 -3.32
CA THR C 361 4.25 -1.99 -4.22
C THR C 361 5.20 -1.37 -5.24
N LEU C 362 5.72 -0.17 -4.97
CA LEU C 362 6.67 0.45 -5.88
C LEU C 362 8.05 -0.16 -5.73
N LYS C 363 8.79 -0.18 -6.82
CA LYS C 363 10.15 -0.69 -6.82
C LYS C 363 11.15 0.28 -7.42
N THR C 364 10.77 1.01 -8.47
CA THR C 364 11.67 1.94 -9.14
C THR C 364 10.90 3.19 -9.54
N LEU C 365 11.63 4.28 -9.70
CA LEU C 365 11.05 5.55 -10.12
C LEU C 365 12.10 6.35 -10.85
N GLN C 366 11.97 6.45 -12.18
CA GLN C 366 12.92 7.18 -13.01
C GLN C 366 12.34 8.55 -13.30
N VAL C 367 12.94 9.59 -12.74
CA VAL C 367 12.39 10.94 -12.80
C VAL C 367 13.40 11.91 -13.43
N PHE C 368 14.17 11.43 -14.40
CA PHE C 368 15.19 12.26 -15.03
C PHE C 368 14.61 13.60 -15.46
N GLY C 369 15.40 14.66 -15.25
CA GLY C 369 15.06 15.97 -15.75
C GLY C 369 14.62 16.96 -14.71
N ILE C 370 13.80 16.52 -13.76
CA ILE C 370 13.22 17.41 -12.76
C ILE C 370 14.13 17.54 -11.55
N VAL C 371 14.64 16.42 -11.03
CA VAL C 371 15.45 16.41 -9.82
C VAL C 371 16.75 17.16 -10.06
N PRO C 372 16.99 18.28 -9.39
CA PRO C 372 18.33 18.89 -9.46
C PRO C 372 19.35 17.98 -8.80
N ASP C 373 20.57 18.03 -9.32
CA ASP C 373 21.61 17.12 -8.85
C ASP C 373 21.95 17.40 -7.40
N GLY C 374 22.44 16.37 -6.73
CA GLY C 374 22.67 16.46 -5.29
C GLY C 374 21.41 16.23 -4.50
N THR C 375 20.30 16.85 -4.91
CA THR C 375 19.01 16.61 -4.28
C THR C 375 18.54 15.18 -4.51
N LEU C 376 19.17 14.45 -5.43
CA LEU C 376 18.89 13.02 -5.56
C LEU C 376 19.19 12.30 -4.25
N GLN C 377 20.28 12.66 -3.60
CA GLN C 377 20.57 12.07 -2.29
C GLN C 377 19.50 12.45 -1.27
N LEU C 378 18.98 13.67 -1.36
CA LEU C 378 17.87 14.07 -0.50
C LEU C 378 16.66 13.16 -0.71
N LEU C 379 16.33 12.89 -1.97
CA LEU C 379 15.19 12.02 -2.25
C LEU C 379 15.46 10.59 -1.80
N LYS C 380 16.70 10.11 -1.97
CA LYS C 380 17.05 8.78 -1.50
C LYS C 380 16.88 8.67 0.01
N GLU C 381 17.34 9.68 0.74
CA GLU C 381 17.19 9.67 2.20
C GLU C 381 15.72 9.77 2.59
N ALA C 382 14.94 10.57 1.87
CA ALA C 382 13.52 10.70 2.16
C ALA C 382 12.80 9.37 1.97
N LEU C 383 13.11 8.67 0.88
CA LEU C 383 12.54 7.35 0.63
C LEU C 383 13.63 6.39 0.19
N PRO C 384 14.21 5.61 1.10
CA PRO C 384 15.33 4.74 0.73
C PRO C 384 14.90 3.34 0.35
N HIS C 385 13.59 3.11 0.21
CA HIS C 385 13.05 1.79 -0.12
C HIS C 385 12.69 1.68 -1.60
N LEU C 386 13.47 2.29 -2.48
CA LEU C 386 13.13 2.33 -3.89
C LEU C 386 14.42 2.25 -4.72
N GLN C 387 14.29 2.50 -6.01
CA GLN C 387 15.43 2.57 -6.94
C GLN C 387 15.18 3.75 -7.87
N ILE C 388 15.95 4.81 -7.72
CA ILE C 388 15.77 6.03 -8.50
C ILE C 388 16.89 6.11 -9.52
N ASN C 389 16.52 6.22 -10.80
CA ASN C 389 17.47 6.44 -11.90
C ASN C 389 18.52 5.34 -11.95
N CYS C 390 18.03 4.10 -12.11
CA CYS C 390 18.90 2.93 -12.17
C CYS C 390 18.85 2.22 -13.51
N SER C 391 18.02 2.67 -14.44
CA SER C 391 17.94 2.07 -15.77
C SER C 391 17.34 3.09 -16.72
N HIS C 392 18.10 3.49 -17.73
CA HIS C 392 17.64 4.52 -18.66
C HIS C 392 16.60 4.01 -19.64
N PHE C 393 16.62 2.72 -19.97
CA PHE C 393 15.96 2.21 -21.17
C PHE C 393 14.66 1.49 -20.85
N THR C 394 13.71 1.63 -21.76
CA THR C 394 12.39 1.04 -21.60
C THR C 394 12.44 -0.46 -21.85
N THR C 395 11.32 -1.12 -21.53
CA THR C 395 11.17 -2.54 -21.81
C THR C 395 9.76 -2.87 -22.29
N ILE C 396 8.91 -1.87 -22.49
CA ILE C 396 7.51 -2.11 -22.80
C ILE C 396 7.41 -2.61 -24.25
N ALA C 397 7.31 -3.93 -24.42
CA ALA C 397 7.14 -4.55 -25.72
C ALA C 397 8.32 -4.23 -26.65
N ARG C 398 9.52 -4.45 -26.15
CA ARG C 398 10.71 -4.39 -26.98
C ARG C 398 11.24 -5.80 -27.17
N PRO C 399 11.28 -6.32 -28.40
CA PRO C 399 11.65 -7.72 -28.60
C PRO C 399 13.02 -8.08 -28.08
N THR C 400 13.98 -7.16 -28.11
CA THR C 400 15.37 -7.50 -27.80
C THR C 400 15.95 -6.46 -26.86
N ILE C 401 16.40 -6.92 -25.68
CA ILE C 401 17.18 -6.09 -24.77
C ILE C 401 18.34 -6.89 -24.21
N ASN C 406 22.47 -10.89 -27.26
CA ASN C 406 21.10 -11.30 -27.02
C ASN C 406 20.29 -11.30 -28.31
N GLN C 407 20.64 -12.18 -29.24
CA GLN C 407 19.95 -12.22 -30.52
C GLN C 407 18.56 -12.85 -30.41
N GLU C 408 18.20 -13.37 -29.24
CA GLU C 408 16.95 -14.09 -29.06
C GLU C 408 15.78 -13.13 -29.01
N ILE C 409 14.85 -13.27 -29.94
CA ILE C 409 13.62 -12.48 -29.93
C ILE C 409 12.67 -13.04 -28.87
N TRP C 410 12.34 -12.22 -27.88
CA TRP C 410 11.31 -12.53 -26.89
C TRP C 410 11.55 -13.90 -26.25
N GLY C 411 12.82 -14.22 -26.01
CA GLY C 411 13.19 -15.49 -25.43
C GLY C 411 13.21 -16.66 -26.39
N ILE C 412 12.82 -16.46 -27.64
CA ILE C 412 12.86 -17.51 -28.65
C ILE C 412 14.22 -17.49 -29.33
N LYS C 413 14.66 -18.64 -29.79
CA LYS C 413 15.93 -18.76 -30.49
C LYS C 413 15.68 -18.97 -31.98
N CYS C 414 16.38 -18.20 -32.80
CA CYS C 414 16.29 -18.34 -34.26
C CYS C 414 17.34 -19.33 -34.73
N ARG C 415 16.91 -20.41 -35.39
CA ARG C 415 17.84 -21.45 -35.79
C ARG C 415 18.43 -21.21 -37.16
N LEU C 416 17.62 -20.81 -38.14
CA LEU C 416 18.13 -20.49 -39.47
C LEU C 416 18.55 -19.03 -39.49
N THR C 417 19.85 -18.79 -39.64
CA THR C 417 20.42 -17.46 -39.52
C THR C 417 21.50 -17.28 -40.57
N LEU C 418 22.14 -16.11 -40.55
CA LEU C 418 23.19 -15.76 -41.48
C LEU C 418 24.35 -15.11 -40.74
N GLN C 419 24.69 -15.63 -39.57
CA GLN C 419 25.71 -15.06 -38.69
C GLN C 419 25.40 -13.60 -38.36
N GLN D 5 31.84 18.01 -23.06
CA GLN D 5 32.05 16.62 -23.46
C GLN D 5 31.17 16.26 -24.64
N ILE D 6 29.86 16.40 -24.47
CA ILE D 6 28.91 16.06 -25.52
C ILE D 6 29.11 17.02 -26.67
N TYR D 7 29.67 16.54 -27.77
CA TYR D 7 30.01 17.40 -28.90
C TYR D 7 28.92 17.32 -29.94
N TYR D 8 28.47 18.48 -30.42
CA TYR D 8 27.42 18.56 -31.42
C TYR D 8 28.03 18.91 -32.77
N SER D 9 27.23 18.73 -33.80
CA SER D 9 27.63 19.05 -35.16
C SER D 9 26.64 20.03 -35.78
N ASP D 10 27.05 20.63 -36.88
CA ASP D 10 26.18 21.56 -37.58
C ASP D 10 25.00 20.82 -38.19
N LYS D 11 24.13 21.57 -38.84
CA LYS D 11 23.01 20.99 -39.57
C LYS D 11 23.35 20.92 -41.05
N TYR D 12 23.26 19.73 -41.62
CA TYR D 12 23.37 19.54 -43.05
C TYR D 12 22.12 18.81 -43.51
N ASP D 13 21.69 19.11 -44.73
CA ASP D 13 20.38 18.63 -45.15
C ASP D 13 20.32 18.44 -46.65
N ASP D 14 19.39 17.59 -47.06
CA ASP D 14 18.90 17.54 -48.43
C ASP D 14 17.54 18.24 -48.44
N GLU D 15 16.82 18.12 -49.56
CA GLU D 15 15.58 18.86 -49.72
C GLU D 15 14.48 18.41 -48.77
N GLU D 16 14.59 17.22 -48.16
CA GLU D 16 13.45 16.63 -47.46
C GLU D 16 13.67 16.53 -45.95
N PHE D 17 14.85 16.14 -45.50
CA PHE D 17 15.15 16.07 -44.07
C PHE D 17 16.30 17.01 -43.73
N GLU D 18 16.48 17.25 -42.44
CA GLU D 18 17.64 17.95 -41.92
C GLU D 18 18.28 17.09 -40.85
N TYR D 19 19.60 16.93 -40.92
CA TYR D 19 20.31 15.93 -40.14
C TYR D 19 21.22 16.60 -39.11
N ARG D 20 21.78 15.74 -38.26
CA ARG D 20 22.74 16.13 -37.24
C ARG D 20 23.33 14.86 -36.67
N HIS D 21 24.60 14.93 -36.27
CA HIS D 21 25.21 13.84 -35.53
C HIS D 21 25.86 14.38 -34.28
N VAL D 22 26.02 13.51 -33.30
CA VAL D 22 26.51 13.91 -31.98
C VAL D 22 27.53 12.90 -31.51
N MET D 23 28.65 13.39 -30.99
CA MET D 23 29.69 12.55 -30.43
C MET D 23 29.64 12.60 -28.92
N LEU D 24 29.89 11.46 -28.29
CA LEU D 24 29.72 11.27 -26.86
C LEU D 24 31.03 10.81 -26.24
N PRO D 25 31.33 11.23 -25.01
CA PRO D 25 32.51 10.70 -24.32
C PRO D 25 32.34 9.24 -23.95
N LYS D 26 33.39 8.65 -23.38
CA LYS D 26 33.43 7.20 -23.18
C LYS D 26 32.36 6.71 -22.24
N ASP D 27 32.16 7.41 -21.11
CA ASP D 27 31.23 6.93 -20.09
C ASP D 27 29.80 6.83 -20.60
N ILE D 28 29.30 7.88 -21.25
CA ILE D 28 27.98 7.78 -21.85
C ILE D 28 28.00 6.82 -23.03
N ALA D 29 29.11 6.77 -23.77
CA ALA D 29 29.18 5.93 -24.95
C ALA D 29 28.97 4.46 -24.62
N LYS D 30 29.53 4.02 -23.50
CA LYS D 30 29.45 2.59 -23.15
C LYS D 30 28.07 2.16 -22.69
N LEU D 31 27.05 3.01 -22.83
CA LEU D 31 25.69 2.66 -22.45
C LEU D 31 24.76 2.44 -23.63
N VAL D 32 25.12 2.94 -24.81
CA VAL D 32 24.25 2.94 -25.99
C VAL D 32 23.85 1.51 -26.31
N PRO D 33 22.58 1.25 -26.62
CA PRO D 33 22.17 -0.12 -26.93
C PRO D 33 22.63 -0.53 -28.32
N LYS D 34 23.10 -1.77 -28.43
CA LYS D 34 23.56 -2.30 -29.71
C LYS D 34 22.45 -2.99 -30.49
N THR D 35 21.29 -3.19 -29.88
CA THR D 35 20.24 -4.01 -30.47
C THR D 35 19.15 -3.20 -31.15
N HIS D 36 18.49 -2.32 -30.42
CA HIS D 36 17.41 -1.52 -30.95
C HIS D 36 17.84 -0.06 -31.08
N LEU D 37 17.04 0.72 -31.80
CA LEU D 37 17.29 2.15 -31.86
C LEU D 37 16.76 2.80 -30.59
N MET D 38 16.71 4.14 -30.58
CA MET D 38 16.33 4.89 -29.40
C MET D 38 15.07 5.70 -29.67
N SER D 39 14.64 6.40 -28.64
CA SER D 39 13.51 7.33 -28.71
C SER D 39 13.89 8.58 -27.94
N GLU D 40 13.16 9.67 -28.21
CA GLU D 40 13.51 10.96 -27.63
C GLU D 40 13.62 10.88 -26.12
N SER D 41 12.66 10.20 -25.48
CA SER D 41 12.77 9.95 -24.04
C SER D 41 14.10 9.31 -23.70
N GLU D 42 14.49 8.30 -24.48
CA GLU D 42 15.70 7.56 -24.16
C GLU D 42 16.94 8.43 -24.25
N TRP D 43 17.14 9.13 -25.37
CA TRP D 43 18.39 9.87 -25.45
C TRP D 43 18.36 11.15 -24.62
N ARG D 44 17.19 11.67 -24.27
CA ARG D 44 17.16 12.73 -23.28
C ARG D 44 17.58 12.21 -21.92
N ASN D 45 17.17 10.99 -21.57
CA ASN D 45 17.68 10.36 -20.35
C ASN D 45 19.18 10.15 -20.42
N LEU D 46 19.70 9.85 -21.60
CA LEU D 46 21.16 9.84 -21.79
C LEU D 46 21.76 11.20 -21.47
N GLY D 47 21.17 12.27 -21.98
CA GLY D 47 21.75 13.57 -21.70
C GLY D 47 21.93 14.48 -22.88
N VAL D 48 21.23 14.19 -23.98
CA VAL D 48 21.23 15.11 -25.12
C VAL D 48 20.43 16.36 -24.77
N GLN D 49 20.76 17.48 -25.44
CA GLN D 49 20.04 18.74 -25.24
C GLN D 49 19.66 19.26 -26.62
N GLN D 50 18.43 19.01 -27.04
CA GLN D 50 17.97 19.54 -28.33
C GLN D 50 16.45 19.53 -28.37
N SER D 51 15.88 19.80 -29.53
CA SER D 51 14.48 20.16 -29.66
C SER D 51 13.57 18.95 -29.80
N GLN D 52 12.33 19.21 -30.20
CA GLN D 52 11.34 18.19 -30.47
C GLN D 52 11.30 17.94 -31.98
N GLY D 53 11.31 16.66 -32.35
CA GLY D 53 11.26 16.25 -33.74
C GLY D 53 12.47 15.45 -34.18
N TRP D 54 13.59 15.57 -33.46
CA TRP D 54 14.78 14.81 -33.79
C TRP D 54 14.55 13.33 -33.53
N VAL D 55 14.90 12.51 -34.52
CA VAL D 55 14.67 11.07 -34.50
C VAL D 55 16.01 10.38 -34.70
N HIS D 56 16.30 9.40 -33.85
CA HIS D 56 17.52 8.61 -33.96
C HIS D 56 17.33 7.54 -35.03
N TYR D 57 18.03 7.67 -36.16
CA TYR D 57 17.59 6.93 -37.34
C TYR D 57 18.55 5.88 -37.89
N MET D 58 19.71 5.65 -37.27
CA MET D 58 20.53 4.48 -37.61
C MET D 58 21.75 4.46 -36.68
N ILE D 59 22.47 3.35 -36.74
CA ILE D 59 23.70 3.15 -35.98
C ILE D 59 24.81 2.85 -36.96
N HIS D 60 25.94 3.56 -36.84
CA HIS D 60 27.11 3.26 -37.64
C HIS D 60 27.96 2.25 -36.89
N GLU D 61 28.11 1.07 -37.48
CA GLU D 61 28.75 -0.05 -36.78
C GLU D 61 30.19 0.25 -36.37
N PRO D 62 31.09 0.73 -37.24
CA PRO D 62 32.49 0.87 -36.82
C PRO D 62 32.69 1.73 -35.58
N GLU D 63 31.93 2.80 -35.45
CA GLU D 63 32.02 3.69 -34.29
C GLU D 63 30.66 3.80 -33.63
N PRO D 64 30.41 3.05 -32.55
CA PRO D 64 29.09 3.15 -31.91
C PRO D 64 28.87 4.45 -31.17
N HIS D 65 29.93 5.17 -30.80
CA HIS D 65 29.80 6.34 -29.95
C HIS D 65 29.38 7.58 -30.71
N ILE D 66 28.81 7.44 -31.90
CA ILE D 66 28.30 8.57 -32.66
C ILE D 66 26.83 8.31 -32.94
N LEU D 67 25.98 9.27 -32.59
CA LEU D 67 24.55 9.15 -32.82
C LEU D 67 24.13 10.03 -33.99
N LEU D 68 23.09 9.58 -34.70
CA LEU D 68 22.62 10.25 -35.91
C LEU D 68 21.13 10.52 -35.78
N PHE D 69 20.77 11.80 -35.74
CA PHE D 69 19.39 12.24 -35.68
C PHE D 69 19.02 12.99 -36.95
N ARG D 70 17.75 12.88 -37.33
CA ARG D 70 17.21 13.61 -38.45
C ARG D 70 15.81 14.10 -38.08
N ARG D 71 15.33 15.11 -38.80
CA ARG D 71 13.96 15.54 -38.58
C ARG D 71 13.44 16.21 -39.84
N PRO D 72 12.14 16.18 -40.07
CA PRO D 72 11.59 16.67 -41.33
C PRO D 72 11.55 18.19 -41.37
N LEU D 73 11.13 18.70 -42.52
CA LEU D 73 10.96 20.12 -42.72
C LEU D 73 9.49 20.44 -42.88
N PRO E 2 21.87 -60.09 -14.93
CA PRO E 2 21.82 -61.24 -15.87
C PRO E 2 22.44 -60.83 -17.20
N SER E 3 22.06 -61.57 -18.25
CA SER E 3 22.56 -61.30 -19.59
C SER E 3 21.52 -61.76 -20.60
N ILE E 4 21.83 -61.57 -21.88
CA ILE E 4 20.92 -61.95 -22.95
C ILE E 4 21.76 -62.27 -24.19
N LYS E 5 21.31 -63.27 -24.94
CA LYS E 5 22.00 -63.75 -26.13
C LYS E 5 21.30 -63.20 -27.36
N LEU E 6 21.97 -62.28 -28.06
CA LEU E 6 21.44 -61.68 -29.27
C LEU E 6 21.98 -62.42 -30.49
N GLN E 7 21.08 -62.83 -31.38
CA GLN E 7 21.45 -63.53 -32.59
C GLN E 7 21.21 -62.63 -33.79
N SER E 8 22.23 -62.51 -34.65
CA SER E 8 22.14 -61.65 -35.81
C SER E 8 21.42 -62.38 -36.94
N SER E 9 21.51 -61.82 -38.16
CA SER E 9 20.80 -62.36 -39.31
C SER E 9 21.27 -63.76 -39.69
N ASP E 10 22.44 -64.19 -39.20
CA ASP E 10 22.96 -65.51 -39.56
C ASP E 10 23.61 -66.26 -38.39
N GLY E 11 23.15 -66.03 -37.17
CA GLY E 11 23.41 -66.96 -36.08
C GLY E 11 24.57 -66.64 -35.15
N GLU E 12 25.21 -65.49 -35.29
CA GLU E 12 26.34 -65.13 -34.44
C GLU E 12 25.80 -64.67 -33.09
N ILE E 13 25.39 -65.64 -32.28
CA ILE E 13 24.83 -65.35 -30.97
C ILE E 13 25.90 -64.71 -30.11
N PHE E 14 25.74 -63.42 -29.82
CA PHE E 14 26.62 -62.70 -28.92
C PHE E 14 25.88 -62.45 -27.62
N GLU E 15 26.42 -62.98 -26.53
CA GLU E 15 25.86 -62.72 -25.21
C GLU E 15 26.32 -61.35 -24.74
N VAL E 16 25.38 -60.59 -24.19
CA VAL E 16 25.66 -59.24 -23.72
C VAL E 16 24.87 -59.01 -22.44
N ASP E 17 25.48 -58.31 -21.50
CA ASP E 17 24.82 -58.00 -20.24
C ASP E 17 23.49 -57.30 -20.51
N VAL E 18 22.50 -57.64 -19.68
CA VAL E 18 21.19 -56.98 -19.80
C VAL E 18 21.33 -55.47 -19.60
N GLU E 19 22.21 -55.05 -18.68
CA GLU E 19 22.41 -53.63 -18.44
C GLU E 19 23.07 -52.92 -19.60
N ILE E 20 23.63 -53.66 -20.55
CA ILE E 20 24.17 -53.04 -21.76
C ILE E 20 23.11 -52.99 -22.87
N ALA E 21 22.42 -54.11 -23.09
CA ALA E 21 21.34 -54.13 -24.08
C ALA E 21 20.18 -53.23 -23.67
N LYS E 22 20.13 -52.82 -22.41
CA LYS E 22 19.10 -51.88 -21.97
C LYS E 22 19.20 -50.55 -22.71
N GLN E 23 20.35 -50.24 -23.30
CA GLN E 23 20.46 -49.02 -24.08
C GLN E 23 19.48 -49.03 -25.25
N SER E 24 19.37 -50.15 -25.94
CA SER E 24 18.44 -50.27 -27.06
C SER E 24 17.02 -50.24 -26.53
N VAL E 25 16.31 -49.15 -26.81
CA VAL E 25 14.98 -48.93 -26.23
C VAL E 25 14.04 -50.07 -26.61
N THR E 26 14.14 -50.53 -27.85
CA THR E 26 13.32 -51.65 -28.30
C THR E 26 13.51 -52.85 -27.38
N ILE E 27 14.77 -53.25 -27.18
CA ILE E 27 15.04 -54.41 -26.34
C ILE E 27 14.64 -54.12 -24.89
N LYS E 28 14.74 -52.87 -24.47
CA LYS E 28 14.33 -52.51 -23.11
C LYS E 28 12.84 -52.79 -22.90
N THR E 29 12.01 -52.13 -23.69
CA THR E 29 10.58 -52.39 -23.60
C THR E 29 10.26 -53.85 -23.91
N MET E 30 11.17 -54.59 -24.54
CA MET E 30 10.85 -55.98 -24.82
C MET E 30 11.10 -56.85 -23.59
N LEU E 31 12.27 -56.70 -22.96
CA LEU E 31 12.54 -57.40 -21.72
C LEU E 31 11.60 -56.96 -20.61
N GLU E 32 10.91 -55.83 -20.78
CA GLU E 32 9.78 -55.53 -19.92
C GLU E 32 8.78 -56.68 -19.87
N ASP E 33 8.50 -57.31 -21.02
CA ASP E 33 7.50 -58.36 -21.10
C ASP E 33 7.93 -59.53 -21.97
N PRO E 44 17.80 -66.82 -26.85
CA PRO E 44 18.37 -66.17 -28.05
C PRO E 44 17.29 -65.59 -28.97
N VAL E 45 17.51 -64.36 -29.43
CA VAL E 45 16.53 -63.68 -30.28
C VAL E 45 17.18 -63.26 -31.59
N PRO E 46 16.51 -63.46 -32.73
CA PRO E 46 17.06 -63.00 -34.01
C PRO E 46 16.62 -61.58 -34.34
N LEU E 47 17.58 -60.80 -34.81
CA LEU E 47 17.31 -59.43 -35.27
C LEU E 47 17.57 -59.41 -36.77
N PRO E 48 16.67 -59.93 -37.59
CA PRO E 48 16.98 -60.22 -38.99
C PRO E 48 17.28 -58.99 -39.84
N ASN E 49 17.32 -57.81 -39.27
CA ASN E 49 17.65 -56.60 -40.02
C ASN E 49 19.08 -56.14 -39.77
N VAL E 50 19.86 -56.90 -39.01
CA VAL E 50 21.22 -56.50 -38.64
C VAL E 50 22.16 -57.67 -38.87
N ASN E 51 23.19 -57.46 -39.68
CA ASN E 51 24.23 -58.46 -39.83
C ASN E 51 25.23 -58.34 -38.67
N ALA E 52 25.86 -59.46 -38.32
CA ALA E 52 26.69 -59.52 -37.13
C ALA E 52 27.83 -58.52 -37.18
N ALA E 53 28.33 -58.21 -38.38
CA ALA E 53 29.43 -57.27 -38.51
C ALA E 53 29.10 -55.93 -37.85
N ILE E 54 27.97 -55.33 -38.24
CA ILE E 54 27.56 -54.07 -37.65
C ILE E 54 27.17 -54.28 -36.19
N LEU E 55 26.61 -55.45 -35.88
CA LEU E 55 26.12 -55.70 -34.52
C LEU E 55 27.24 -55.64 -33.51
N LYS E 56 28.40 -56.19 -33.86
CA LYS E 56 29.53 -56.16 -32.93
C LYS E 56 29.97 -54.72 -32.65
N LYS E 57 30.01 -53.89 -33.69
CA LYS E 57 30.34 -52.48 -33.48
C LYS E 57 29.30 -51.80 -32.60
N VAL E 58 28.03 -52.14 -32.79
CA VAL E 58 26.98 -51.59 -31.94
C VAL E 58 27.22 -51.96 -30.49
N ILE E 59 27.55 -53.24 -30.26
CA ILE E 59 27.84 -53.70 -28.90
C ILE E 59 29.00 -52.92 -28.31
N GLN E 60 30.05 -52.71 -29.11
CA GLN E 60 31.21 -51.97 -28.65
C GLN E 60 30.82 -50.55 -28.25
N TRP E 61 30.03 -49.89 -29.09
CA TRP E 61 29.60 -48.53 -28.79
C TRP E 61 28.79 -48.48 -27.51
N CYS E 62 27.88 -49.43 -27.33
CA CYS E 62 27.09 -49.48 -26.11
C CYS E 62 27.99 -49.67 -24.89
N THR E 63 28.96 -50.59 -25.00
CA THR E 63 29.83 -50.88 -23.86
C THR E 63 30.63 -49.65 -23.46
N HIS E 64 31.22 -48.95 -24.44
CA HIS E 64 31.96 -47.75 -24.12
C HIS E 64 31.06 -46.69 -23.48
N HIS E 65 29.78 -46.70 -23.84
CA HIS E 65 28.81 -45.75 -23.31
C HIS E 65 27.99 -46.33 -22.17
N LYS E 66 28.31 -47.53 -21.71
CA LYS E 66 27.42 -48.28 -20.83
C LYS E 66 27.05 -47.54 -19.56
N ASP E 67 27.90 -46.64 -19.08
CA ASP E 67 27.64 -45.92 -17.84
C ASP E 67 27.60 -44.41 -18.06
N ASP E 68 27.18 -44.00 -19.25
CA ASP E 68 27.06 -42.57 -19.54
C ASP E 68 25.95 -41.96 -18.69
N PRO E 69 26.03 -40.66 -18.41
CA PRO E 69 25.09 -40.04 -17.47
C PRO E 69 23.65 -40.15 -17.94
N PRO E 70 23.35 -39.69 -19.17
CA PRO E 70 21.98 -39.75 -19.66
C PRO E 70 21.10 -38.70 -18.99
N THR E 82 29.64 -29.33 -35.41
CA THR E 82 29.60 -28.70 -34.10
C THR E 82 29.13 -29.67 -33.04
N ASP E 83 28.78 -29.12 -31.86
CA ASP E 83 28.22 -29.86 -30.74
C ASP E 83 29.19 -30.89 -30.17
N ASP E 84 30.46 -30.83 -30.55
CA ASP E 84 31.54 -31.55 -29.89
C ASP E 84 31.30 -33.07 -29.89
N ILE E 85 31.36 -33.63 -31.09
CA ILE E 85 31.32 -35.08 -31.27
C ILE E 85 32.41 -35.70 -30.40
N PRO E 86 32.08 -36.59 -29.48
CA PRO E 86 33.11 -37.24 -28.66
C PRO E 86 34.12 -37.95 -29.55
N VAL E 87 35.40 -37.73 -29.27
CA VAL E 87 36.45 -38.21 -30.15
C VAL E 87 36.49 -39.74 -30.19
N TRP E 88 36.05 -40.39 -29.11
CA TRP E 88 35.94 -41.84 -29.15
C TRP E 88 35.00 -42.28 -30.27
N ASP E 89 33.81 -41.69 -30.31
CA ASP E 89 32.89 -41.98 -31.40
C ASP E 89 33.50 -41.56 -32.73
N GLN E 90 34.18 -40.41 -32.76
CA GLN E 90 34.76 -39.91 -34.00
C GLN E 90 35.70 -40.95 -34.61
N GLU E 91 36.65 -41.45 -33.82
CA GLU E 91 37.53 -42.49 -34.33
C GLU E 91 36.76 -43.77 -34.64
N PHE E 92 35.75 -44.07 -33.81
CA PHE E 92 34.87 -45.19 -34.10
C PHE E 92 34.14 -45.00 -35.43
N LEU E 93 33.98 -43.75 -35.87
CA LEU E 93 33.28 -43.44 -37.11
C LEU E 93 34.20 -43.32 -38.31
N LYS E 94 35.51 -43.46 -38.12
CA LYS E 94 36.47 -43.23 -39.20
C LYS E 94 36.49 -44.40 -40.19
N VAL E 95 35.37 -44.62 -40.86
CA VAL E 95 35.26 -45.67 -41.86
C VAL E 95 34.42 -45.10 -43.01
N ASP E 96 34.29 -45.86 -44.10
CA ASP E 96 33.80 -45.39 -45.38
C ASP E 96 32.28 -45.24 -45.40
N GLN E 97 31.74 -45.07 -46.61
CA GLN E 97 30.30 -44.90 -46.79
C GLN E 97 29.51 -46.12 -46.30
N GLY E 98 29.75 -47.27 -46.93
CA GLY E 98 28.79 -48.36 -46.85
C GLY E 98 28.44 -48.76 -45.43
N THR E 99 29.46 -48.95 -44.59
CA THR E 99 29.17 -49.34 -43.22
C THR E 99 28.59 -48.17 -42.43
N LEU E 100 28.89 -46.93 -42.80
CA LEU E 100 28.26 -45.79 -42.14
C LEU E 100 26.76 -45.79 -42.42
N PHE E 101 26.40 -45.96 -43.69
CA PHE E 101 25.01 -46.14 -44.09
C PHE E 101 24.34 -47.25 -43.29
N GLU E 102 24.95 -48.42 -43.28
CA GLU E 102 24.35 -49.56 -42.59
C GLU E 102 24.25 -49.31 -41.09
N LEU E 103 25.27 -48.68 -40.51
CA LEU E 103 25.25 -48.39 -39.08
C LEU E 103 24.13 -47.42 -38.72
N ILE E 104 23.93 -46.39 -39.53
CA ILE E 104 22.84 -45.46 -39.27
C ILE E 104 21.51 -46.19 -39.34
N LEU E 105 21.34 -47.03 -40.36
CA LEU E 105 20.09 -47.78 -40.47
C LEU E 105 19.87 -48.68 -39.27
N ALA E 106 20.91 -49.37 -38.82
CA ALA E 106 20.76 -50.25 -37.67
C ALA E 106 20.47 -49.46 -36.41
N ALA E 107 21.14 -48.32 -36.22
CA ALA E 107 20.89 -47.51 -35.05
C ALA E 107 19.45 -47.04 -35.01
N ASN E 108 18.90 -46.67 -36.17
CA ASN E 108 17.48 -46.38 -36.26
C ASN E 108 16.66 -47.60 -35.87
N TYR E 109 16.95 -48.74 -36.48
CA TYR E 109 16.11 -49.92 -36.28
C TYR E 109 16.07 -50.35 -34.82
N LEU E 110 17.16 -50.16 -34.09
CA LEU E 110 17.15 -50.44 -32.67
C LEU E 110 16.78 -49.23 -31.82
N ASP E 111 16.80 -48.03 -32.40
CA ASP E 111 16.34 -46.82 -31.74
C ASP E 111 17.13 -46.54 -30.45
N ILE E 112 18.42 -46.29 -30.62
CA ILE E 112 19.29 -45.86 -29.53
C ILE E 112 19.66 -44.42 -29.81
N LYS E 113 19.27 -43.53 -28.89
CA LYS E 113 19.25 -42.10 -29.14
C LYS E 113 20.62 -41.53 -29.53
N GLY E 114 21.59 -41.62 -28.62
CA GLY E 114 22.84 -40.92 -28.82
C GLY E 114 23.62 -41.40 -30.03
N LEU E 115 23.58 -42.71 -30.30
CA LEU E 115 24.33 -43.23 -31.43
C LEU E 115 23.82 -42.65 -32.73
N LEU E 116 22.50 -42.67 -32.94
CA LEU E 116 21.95 -42.07 -34.14
C LEU E 116 22.23 -40.57 -34.17
N ASP E 117 22.18 -39.92 -33.02
CA ASP E 117 22.50 -38.51 -32.94
C ASP E 117 23.88 -38.22 -33.52
N VAL E 118 24.89 -38.93 -33.01
CA VAL E 118 26.26 -38.62 -33.42
C VAL E 118 26.52 -39.06 -34.85
N THR E 119 25.93 -40.16 -35.30
CA THR E 119 26.11 -40.55 -36.69
C THR E 119 25.50 -39.53 -37.63
N CYS E 120 24.31 -39.03 -37.28
CA CYS E 120 23.68 -37.98 -38.07
C CYS E 120 24.56 -36.75 -38.11
N LYS E 121 25.13 -36.36 -36.97
CA LYS E 121 25.99 -35.19 -36.94
C LYS E 121 27.23 -35.39 -37.81
N THR E 122 27.80 -36.59 -37.77
CA THR E 122 28.97 -36.89 -38.59
C THR E 122 28.65 -36.74 -40.07
N VAL E 123 27.54 -37.34 -40.51
CA VAL E 123 27.17 -37.22 -41.92
C VAL E 123 26.93 -35.76 -42.27
N ALA E 124 26.23 -35.03 -41.39
CA ALA E 124 25.98 -33.62 -41.63
C ALA E 124 27.28 -32.86 -41.87
N ASN E 125 28.25 -33.03 -40.97
CA ASN E 125 29.49 -32.30 -41.10
C ASN E 125 30.27 -32.73 -42.34
N MET E 126 30.19 -34.00 -42.74
CA MET E 126 30.93 -34.40 -43.92
C MET E 126 30.29 -33.82 -45.17
N ILE E 127 28.97 -33.61 -45.15
CA ILE E 127 28.33 -32.90 -46.26
C ILE E 127 28.67 -31.42 -46.26
N LYS E 128 29.03 -30.85 -45.10
CA LYS E 128 29.21 -29.42 -44.97
C LYS E 128 30.25 -28.90 -45.95
N GLY E 129 29.86 -27.91 -46.77
CA GLY E 129 30.81 -27.18 -47.59
C GLY E 129 30.86 -27.53 -49.06
N LYS E 130 30.82 -28.82 -49.39
CA LYS E 130 31.05 -29.24 -50.76
C LYS E 130 29.91 -28.79 -51.69
N THR E 131 30.23 -28.73 -52.98
CA THR E 131 29.32 -28.28 -54.02
C THR E 131 28.31 -29.36 -54.36
N PRO E 132 27.18 -29.00 -54.98
CA PRO E 132 26.22 -30.03 -55.40
C PRO E 132 26.80 -31.12 -56.28
N GLU E 133 27.78 -30.78 -57.13
CA GLU E 133 28.37 -31.80 -57.99
C GLU E 133 29.16 -32.82 -57.17
N GLU E 134 29.99 -32.34 -56.25
CA GLU E 134 30.74 -33.24 -55.38
C GLU E 134 29.80 -34.09 -54.54
N ILE E 135 28.76 -33.47 -53.97
CA ILE E 135 27.79 -34.20 -53.16
C ILE E 135 27.12 -35.29 -53.98
N ARG E 136 26.69 -34.93 -55.20
CA ARG E 136 26.03 -35.89 -56.07
C ARG E 136 26.96 -37.04 -56.41
N LYS E 137 28.23 -36.75 -56.68
CA LYS E 137 29.17 -37.80 -57.02
C LYS E 137 29.43 -38.74 -55.84
N THR E 138 29.73 -38.16 -54.67
CA THR E 138 30.14 -39.00 -53.55
C THR E 138 28.99 -39.83 -53.02
N PHE E 139 27.78 -39.30 -53.02
CA PHE E 139 26.62 -40.00 -52.48
C PHE E 139 25.92 -40.88 -53.52
N ASN E 140 26.41 -40.90 -54.76
CA ASN E 140 25.85 -41.73 -55.82
C ASN E 140 24.37 -41.48 -55.99
N ILE E 141 24.01 -40.20 -56.13
CA ILE E 141 22.64 -39.77 -56.31
C ILE E 141 22.39 -39.56 -57.80
N LYS E 142 21.32 -40.16 -58.30
CA LYS E 142 20.94 -40.00 -59.70
C LYS E 142 20.28 -38.65 -59.88
N ASN E 143 20.94 -37.75 -60.60
CA ASN E 143 20.39 -36.43 -60.85
C ASN E 143 19.19 -36.53 -61.80
N ASP E 144 18.32 -35.54 -61.69
CA ASP E 144 17.11 -35.52 -62.51
C ASP E 144 16.64 -34.07 -62.66
N PHE E 145 15.83 -33.85 -63.69
CA PHE E 145 15.16 -32.58 -63.95
C PHE E 145 16.17 -31.42 -63.93
N THR E 146 17.06 -31.46 -64.90
CA THR E 146 18.26 -30.63 -64.94
C THR E 146 18.31 -29.90 -66.29
N GLU E 147 19.28 -28.97 -66.41
CA GLU E 147 19.66 -28.29 -67.64
C GLU E 147 18.66 -27.22 -68.04
N GLU E 148 17.51 -27.19 -67.39
CA GLU E 148 16.57 -26.08 -67.50
C GLU E 148 16.07 -25.58 -66.16
N GLU E 149 16.05 -26.40 -65.12
CA GLU E 149 15.48 -26.04 -63.84
C GLU E 149 16.52 -25.69 -62.79
N GLU E 150 17.76 -26.16 -62.94
CA GLU E 150 18.81 -25.75 -62.01
C GLU E 150 19.02 -24.24 -62.06
N ALA E 151 18.89 -23.65 -63.25
CA ALA E 151 18.95 -22.19 -63.34
C ALA E 151 17.85 -21.56 -62.49
N GLN E 152 16.65 -22.13 -62.53
CA GLN E 152 15.53 -21.59 -61.76
C GLN E 152 15.76 -21.74 -60.26
N VAL E 153 16.23 -22.91 -59.84
CA VAL E 153 16.44 -23.12 -58.41
C VAL E 153 17.60 -22.27 -57.91
N ARG E 154 18.63 -22.05 -58.74
CA ARG E 154 19.67 -21.10 -58.38
C ARG E 154 19.09 -19.69 -58.30
N LYS E 155 18.14 -19.37 -59.18
CA LYS E 155 17.44 -18.10 -59.07
C LYS E 155 16.73 -17.99 -57.73
N GLU E 156 16.23 -19.09 -57.21
CA GLU E 156 15.60 -19.06 -55.91
C GLU E 156 16.59 -18.88 -54.77
N ASN E 157 17.86 -18.59 -55.07
CA ASN E 157 18.92 -18.53 -54.05
C ASN E 157 19.83 -17.30 -54.17
N GLN E 158 19.40 -16.24 -54.87
CA GLN E 158 20.23 -15.04 -54.90
C GLN E 158 20.42 -14.45 -53.51
N TRP E 159 19.33 -14.32 -52.75
CA TRP E 159 19.39 -13.59 -51.49
C TRP E 159 20.33 -14.22 -50.48
N CYS E 160 20.94 -15.35 -50.80
CA CYS E 160 22.02 -15.90 -50.00
C CYS E 160 23.23 -14.97 -50.03
N MET F 1 -36.59 9.12 4.41
CA MET F 1 -36.76 10.52 4.07
C MET F 1 -37.47 11.28 5.17
N GLN F 2 -36.74 11.60 6.24
CA GLN F 2 -37.31 12.29 7.39
C GLN F 2 -36.39 13.41 7.83
N ILE F 3 -36.98 14.47 8.36
CA ILE F 3 -36.27 15.64 8.84
C ILE F 3 -36.73 15.97 10.26
N PHE F 4 -36.08 16.95 10.87
CA PHE F 4 -36.33 17.31 12.25
C PHE F 4 -36.65 18.80 12.35
N VAL F 5 -37.67 19.12 13.14
CA VAL F 5 -38.07 20.50 13.39
C VAL F 5 -37.96 20.76 14.88
N LYS F 6 -37.26 21.83 15.24
CA LYS F 6 -37.05 22.17 16.65
C LYS F 6 -38.11 23.18 17.06
N THR F 7 -39.11 22.71 17.80
CA THR F 7 -40.28 23.51 18.12
C THR F 7 -39.91 24.58 19.16
N LEU F 8 -40.84 25.50 19.39
CA LEU F 8 -40.60 26.60 20.32
C LEU F 8 -40.36 26.10 21.74
N THR F 9 -41.08 25.06 22.15
CA THR F 9 -41.04 24.57 23.53
C THR F 9 -40.13 23.38 23.72
N GLY F 10 -38.98 23.36 23.07
CA GLY F 10 -38.14 22.16 23.05
C GLY F 10 -38.74 21.12 22.13
N LYS F 11 -39.10 19.96 22.70
CA LYS F 11 -39.97 18.98 22.07
C LYS F 11 -39.69 18.85 20.57
N THR F 12 -38.44 18.52 20.25
CA THR F 12 -38.06 18.33 18.86
C THR F 12 -38.94 17.28 18.21
N ILE F 13 -39.53 17.61 17.07
CA ILE F 13 -40.44 16.69 16.40
C ILE F 13 -39.82 16.28 15.08
N THR F 14 -40.31 15.16 14.55
CA THR F 14 -39.79 14.58 13.33
C THR F 14 -40.89 14.54 12.27
N LEU F 15 -40.48 14.79 11.03
CA LEU F 15 -41.41 14.90 9.91
C LEU F 15 -40.99 13.95 8.81
N GLU F 16 -41.98 13.29 8.20
CA GLU F 16 -41.75 12.45 7.05
C GLU F 16 -42.19 13.22 5.81
N VAL F 17 -41.30 13.28 4.82
CA VAL F 17 -41.52 14.14 3.66
C VAL F 17 -40.60 13.69 2.54
N GLU F 18 -41.05 13.84 1.33
CA GLU F 18 -40.37 13.52 0.08
C GLU F 18 -39.69 14.77 -0.47
N PRO F 19 -38.55 14.62 -1.14
CA PRO F 19 -37.77 15.80 -1.54
C PRO F 19 -38.45 16.67 -2.58
N SER F 20 -39.68 16.33 -2.95
CA SER F 20 -40.45 17.13 -3.90
C SER F 20 -41.46 18.06 -3.23
N ASP F 21 -41.84 17.79 -1.98
CA ASP F 21 -42.88 18.57 -1.33
C ASP F 21 -42.44 20.01 -1.12
N THR F 22 -43.43 20.91 -1.08
CA THR F 22 -43.19 22.33 -0.97
C THR F 22 -43.23 22.79 0.48
N ILE F 23 -42.53 23.90 0.75
CA ILE F 23 -42.40 24.39 2.11
C ILE F 23 -43.75 24.76 2.69
N GLU F 24 -44.71 25.18 1.85
CA GLU F 24 -46.05 25.45 2.36
C GLU F 24 -46.70 24.16 2.86
N ASN F 25 -46.49 23.05 2.15
CA ASN F 25 -46.99 21.78 2.65
C ASN F 25 -46.28 21.36 3.93
N VAL F 26 -44.99 21.67 4.04
CA VAL F 26 -44.28 21.42 5.29
C VAL F 26 -44.91 22.21 6.43
N LYS F 27 -45.25 23.47 6.16
CA LYS F 27 -45.91 24.30 7.17
C LYS F 27 -47.26 23.70 7.57
N ALA F 28 -48.02 23.20 6.60
CA ALA F 28 -49.29 22.57 6.92
C ALA F 28 -49.09 21.34 7.80
N LYS F 29 -48.06 20.54 7.50
CA LYS F 29 -47.75 19.38 8.33
C LYS F 29 -47.42 19.81 9.76
N ILE F 30 -46.60 20.86 9.90
CA ILE F 30 -46.24 21.34 11.22
C ILE F 30 -47.47 21.83 11.97
N GLN F 31 -48.37 22.51 11.28
CA GLN F 31 -49.61 22.95 11.92
C GLN F 31 -50.41 21.76 12.42
N ASP F 32 -50.50 20.71 11.60
CA ASP F 32 -51.24 19.53 12.00
C ASP F 32 -50.63 18.91 13.25
N LYS F 33 -49.31 18.85 13.30
CA LYS F 33 -48.66 18.20 14.44
C LYS F 33 -48.69 19.05 15.70
N GLU F 34 -48.66 20.38 15.60
CA GLU F 34 -48.51 21.23 16.76
C GLU F 34 -49.74 22.09 17.02
N GLY F 35 -50.17 22.89 16.06
CA GLY F 35 -51.31 23.75 16.26
C GLY F 35 -51.04 25.18 15.82
N ILE F 36 -49.78 25.51 15.62
CA ILE F 36 -49.39 26.84 15.16
C ILE F 36 -49.98 27.06 13.78
N PRO F 37 -50.75 28.11 13.56
CA PRO F 37 -51.28 28.38 12.23
C PRO F 37 -50.15 28.62 11.23
N PRO F 38 -50.30 28.17 10.00
CA PRO F 38 -49.19 28.24 9.05
C PRO F 38 -49.03 29.62 8.45
N ASP F 39 -49.11 30.66 9.28
CA ASP F 39 -48.87 32.02 8.81
C ASP F 39 -48.03 32.85 9.77
N GLN F 40 -47.64 32.30 10.92
CA GLN F 40 -46.66 32.94 11.79
C GLN F 40 -45.51 31.99 12.07
N GLN F 41 -45.09 31.25 11.06
CA GLN F 41 -43.97 30.33 11.17
C GLN F 41 -42.93 30.67 10.12
N ARG F 42 -41.71 30.94 10.56
CA ARG F 42 -40.57 31.05 9.66
C ARG F 42 -39.65 29.87 9.97
N LEU F 43 -39.39 29.06 8.95
CA LEU F 43 -38.49 27.93 9.09
C LEU F 43 -37.11 28.37 8.64
N ILE F 44 -36.13 28.27 9.54
CA ILE F 44 -34.77 28.69 9.28
C ILE F 44 -33.91 27.44 9.20
N PHE F 45 -33.09 27.37 8.16
CA PHE F 45 -32.16 26.26 7.99
C PHE F 45 -30.87 26.79 7.39
N ALA F 46 -29.74 26.25 7.88
CA ALA F 46 -28.43 26.57 7.34
C ALA F 46 -28.15 28.07 7.32
N GLY F 47 -28.85 28.81 8.19
CA GLY F 47 -28.64 30.25 8.29
C GLY F 47 -29.31 31.07 7.23
N LYS F 48 -30.04 30.45 6.31
CA LYS F 48 -30.72 31.16 5.24
C LYS F 48 -32.22 31.03 5.41
N GLN F 49 -32.92 32.16 5.26
CA GLN F 49 -34.37 32.18 5.37
C GLN F 49 -34.98 31.25 4.32
N LEU F 50 -36.02 30.53 4.72
CA LEU F 50 -36.76 29.67 3.81
C LEU F 50 -38.06 30.37 3.44
N GLU F 51 -38.27 30.55 2.14
CA GLU F 51 -39.51 31.14 1.64
C GLU F 51 -40.49 30.02 1.29
N ASP F 52 -41.62 30.37 0.69
CA ASP F 52 -42.65 29.39 0.41
C ASP F 52 -42.67 28.89 -1.03
N GLY F 53 -41.95 29.56 -1.94
CA GLY F 53 -41.98 29.19 -3.33
C GLY F 53 -41.31 27.86 -3.61
N ARG F 54 -39.99 27.80 -3.42
CA ARG F 54 -39.23 26.64 -3.83
C ARG F 54 -39.48 25.46 -2.89
N THR F 55 -39.05 24.29 -3.33
CA THR F 55 -39.19 23.05 -2.58
C THR F 55 -37.89 22.71 -1.86
N LEU F 56 -37.97 21.69 -1.00
CA LEU F 56 -36.86 21.34 -0.13
C LEU F 56 -35.59 21.04 -0.93
N SER F 57 -35.73 20.25 -2.00
CA SER F 57 -34.58 19.92 -2.82
C SER F 57 -33.89 21.17 -3.33
N ASP F 58 -34.67 22.20 -3.66
CA ASP F 58 -34.08 23.45 -4.14
C ASP F 58 -33.15 24.05 -3.10
N TYR F 59 -33.54 24.02 -1.84
CA TYR F 59 -32.70 24.55 -0.78
C TYR F 59 -31.66 23.55 -0.30
N ASN F 60 -31.51 22.43 -1.00
CA ASN F 60 -30.50 21.42 -0.67
C ASN F 60 -30.72 20.87 0.73
N ILE F 61 -31.96 20.46 0.98
CA ILE F 61 -32.33 19.86 2.25
C ILE F 61 -31.93 18.39 2.23
N GLN F 62 -30.93 18.04 3.03
CA GLN F 62 -30.51 16.66 3.15
C GLN F 62 -31.56 15.88 3.94
N LYS F 63 -31.27 14.61 4.21
CA LYS F 63 -32.15 13.78 5.00
C LYS F 63 -31.62 13.65 6.42
N GLU F 64 -32.54 13.47 7.36
CA GLU F 64 -32.23 13.50 8.80
C GLU F 64 -31.43 14.75 9.18
N SER F 65 -31.91 15.91 8.71
CA SER F 65 -31.36 17.19 9.09
C SER F 65 -32.37 17.95 9.94
N THR F 66 -31.87 18.95 10.66
CA THR F 66 -32.68 19.74 11.56
C THR F 66 -32.93 21.12 10.98
N LEU F 67 -34.00 21.75 11.46
CA LEU F 67 -34.31 23.12 11.10
C LEU F 67 -35.14 23.74 12.22
N HIS F 68 -34.99 25.05 12.37
CA HIS F 68 -35.59 25.77 13.49
C HIS F 68 -36.84 26.52 13.04
N LEU F 69 -37.67 26.86 14.01
CA LEU F 69 -38.98 27.45 13.76
C LEU F 69 -39.12 28.68 14.65
N VAL F 70 -39.32 29.84 14.04
CA VAL F 70 -39.42 31.08 14.79
C VAL F 70 -40.75 31.75 14.45
N LEU F 71 -41.33 32.38 15.46
CA LEU F 71 -42.58 33.10 15.25
C LEU F 71 -42.38 34.28 14.33
N ARG F 72 -43.46 34.65 13.64
CA ARG F 72 -43.47 35.72 12.65
C ARG F 72 -44.53 36.75 12.99
N LEU F 73 -44.52 37.22 14.23
CA LEU F 73 -45.46 38.24 14.65
C LEU F 73 -45.36 39.46 13.74
N ARG F 74 -46.51 39.92 13.27
CA ARG F 74 -46.62 41.10 12.43
C ARG F 74 -47.67 42.04 13.01
N GLY F 75 -47.95 43.11 12.29
CA GLY F 75 -48.93 44.07 12.72
C GLY F 75 -48.61 44.70 14.05
N MET G 1 -64.11 15.50 72.45
CA MET G 1 -64.59 15.14 71.11
C MET G 1 -63.49 15.38 70.07
N LEU G 2 -63.22 14.35 69.27
CA LEU G 2 -61.94 14.22 68.59
C LEU G 2 -62.12 14.49 67.09
N ILE G 3 -61.39 15.47 66.56
CA ILE G 3 -61.48 15.87 65.16
C ILE G 3 -60.09 15.82 64.51
N LYS G 4 -60.09 16.07 63.20
CA LYS G 4 -58.88 16.00 62.40
C LYS G 4 -58.64 17.34 61.70
N VAL G 5 -57.37 17.64 61.46
CA VAL G 5 -56.95 18.79 60.67
C VAL G 5 -55.95 18.32 59.64
N LYS G 6 -56.17 18.72 58.38
CA LYS G 6 -55.37 18.25 57.26
C LYS G 6 -54.61 19.43 56.66
N THR G 7 -53.31 19.25 56.47
CA THR G 7 -52.49 20.27 55.83
C THR G 7 -52.62 20.13 54.31
N LEU G 8 -51.83 20.90 53.57
CA LEU G 8 -51.96 20.88 52.12
C LEU G 8 -51.33 19.64 51.50
N THR G 9 -50.18 19.21 52.04
CA THR G 9 -49.52 18.02 51.51
C THR G 9 -50.38 16.78 51.70
N GLY G 10 -51.03 16.67 52.85
CA GLY G 10 -51.87 15.51 53.13
C GLY G 10 -51.70 14.98 54.54
N LYS G 11 -50.68 15.48 55.24
CA LYS G 11 -50.44 15.04 56.61
C LYS G 11 -51.64 15.38 57.50
N GLU G 12 -52.08 14.39 58.27
CA GLU G 12 -53.22 14.57 59.15
C GLU G 12 -52.74 14.74 60.59
N ILE G 13 -53.46 15.56 61.34
CA ILE G 13 -53.22 15.74 62.77
C ILE G 13 -54.55 15.53 63.48
N GLU G 14 -54.52 14.87 64.62
CA GLU G 14 -55.74 14.52 65.34
C GLU G 14 -55.75 15.26 66.67
N ILE G 15 -56.82 16.01 66.93
CA ILE G 15 -56.88 16.91 68.08
C ILE G 15 -58.23 16.73 68.76
N ASP G 16 -58.22 16.57 70.08
CA ASP G 16 -59.45 16.57 70.85
C ASP G 16 -59.81 18.00 71.23
N ILE G 17 -61.09 18.33 71.11
CA ILE G 17 -61.60 19.65 71.44
C ILE G 17 -62.83 19.50 72.33
N GLU G 18 -63.26 20.63 72.88
CA GLU G 18 -64.47 20.76 73.67
C GLU G 18 -65.37 21.80 73.03
N PRO G 19 -66.69 21.74 73.27
CA PRO G 19 -67.61 22.65 72.58
C PRO G 19 -67.32 24.13 72.84
N THR G 20 -66.67 24.47 73.95
CA THR G 20 -66.39 25.86 74.29
C THR G 20 -65.03 26.33 73.79
N ASP G 21 -64.29 25.49 73.09
CA ASP G 21 -62.95 25.87 72.63
C ASP G 21 -63.04 26.91 71.52
N LYS G 22 -62.14 27.87 71.57
CA LYS G 22 -62.06 28.91 70.56
C LYS G 22 -61.19 28.47 69.40
N VAL G 23 -61.38 29.13 68.26
CA VAL G 23 -60.55 28.85 67.09
C VAL G 23 -59.10 29.16 67.39
N GLU G 24 -58.84 30.18 68.21
CA GLU G 24 -57.47 30.43 68.65
C GLU G 24 -56.94 29.27 69.49
N ARG G 25 -57.79 28.69 70.33
CA ARG G 25 -57.37 27.51 71.09
C ARG G 25 -57.04 26.35 70.16
N ILE G 26 -57.84 26.17 69.11
CA ILE G 26 -57.55 25.12 68.15
C ILE G 26 -56.23 25.39 67.43
N LYS G 27 -55.98 26.65 67.08
CA LYS G 27 -54.70 27.00 66.47
C LYS G 27 -53.54 26.71 67.40
N GLU G 28 -53.71 27.00 68.69
CA GLU G 28 -52.68 26.69 69.67
C GLU G 28 -52.43 25.20 69.73
N ARG G 29 -53.50 24.41 69.76
CA ARG G 29 -53.33 22.96 69.82
C ARG G 29 -52.68 22.42 68.55
N VAL G 30 -52.95 23.05 67.40
CA VAL G 30 -52.28 22.67 66.17
C VAL G 30 -50.78 22.96 66.26
N GLU G 31 -50.43 24.19 66.66
CA GLU G 31 -49.02 24.56 66.73
C GLU G 31 -48.29 23.86 67.87
N GLU G 32 -49.03 23.18 68.76
CA GLU G 32 -48.37 22.30 69.73
C GLU G 32 -47.46 21.31 69.03
N LYS G 33 -47.94 20.72 67.93
CA LYS G 33 -47.17 19.76 67.16
C LYS G 33 -46.56 20.36 65.90
N GLU G 34 -46.81 21.65 65.63
CA GLU G 34 -46.31 22.29 64.43
C GLU G 34 -45.37 23.46 64.71
N GLY G 35 -45.53 24.15 65.83
CA GLY G 35 -44.67 25.28 66.13
C GLY G 35 -44.80 26.42 65.15
N ILE G 36 -45.99 26.65 64.63
CA ILE G 36 -46.26 27.71 63.66
C ILE G 36 -47.15 28.74 64.34
N PRO G 37 -46.75 30.01 64.41
CA PRO G 37 -47.57 30.99 65.10
C PRO G 37 -48.92 31.12 64.45
N PRO G 38 -49.97 31.41 65.22
CA PRO G 38 -51.32 31.51 64.65
C PRO G 38 -51.46 32.60 63.61
N GLN G 39 -50.52 33.57 63.57
CA GLN G 39 -50.56 34.61 62.56
C GLN G 39 -50.43 34.06 61.15
N GLN G 40 -49.79 32.90 60.99
CA GLN G 40 -49.61 32.31 59.67
C GLN G 40 -50.62 31.21 59.36
N GLN G 41 -51.18 30.56 60.37
CA GLN G 41 -52.13 29.49 60.15
C GLN G 41 -53.50 30.05 59.79
N ARG G 42 -54.22 29.33 58.93
CA ARG G 42 -55.59 29.65 58.61
C ARG G 42 -56.38 28.35 58.59
N LEU G 43 -57.62 28.40 59.08
CA LEU G 43 -58.48 27.23 59.15
C LEU G 43 -59.64 27.42 58.18
N ILE G 44 -59.94 26.36 57.42
CA ILE G 44 -60.97 26.39 56.38
C ILE G 44 -61.97 25.29 56.66
N TYR G 45 -63.25 25.62 56.50
CA TYR G 45 -64.31 24.65 56.72
C TYR G 45 -65.48 24.99 55.82
N SER G 46 -65.89 24.02 55.00
CA SER G 46 -66.98 24.19 54.03
C SER G 46 -66.77 25.43 53.17
N GLY G 47 -65.52 25.64 52.76
CA GLY G 47 -65.19 26.77 51.90
C GLY G 47 -65.17 28.11 52.60
N LYS G 48 -65.38 28.15 53.91
CA LYS G 48 -65.39 29.40 54.66
C LYS G 48 -64.20 29.44 55.61
N GLN G 49 -63.53 30.58 55.67
CA GLN G 49 -62.44 30.75 56.61
C GLN G 49 -62.97 30.76 58.03
N MET G 50 -62.29 30.05 58.92
CA MET G 50 -62.66 30.04 60.33
C MET G 50 -62.41 31.42 60.93
N ASN G 51 -63.44 32.01 61.53
CA ASN G 51 -63.23 33.25 62.26
C ASN G 51 -62.55 32.96 63.58
N ASP G 52 -61.46 33.68 63.85
CA ASP G 52 -60.62 33.36 65.01
C ASP G 52 -61.39 33.50 66.31
N GLU G 53 -62.20 34.56 66.44
CA GLU G 53 -62.90 34.82 67.69
C GLU G 53 -63.93 33.75 68.01
N LYS G 54 -64.58 33.18 66.99
CA LYS G 54 -65.73 32.34 67.21
C LYS G 54 -65.33 31.06 67.97
N THR G 55 -66.36 30.37 68.46
CA THR G 55 -66.21 29.13 69.21
C THR G 55 -66.40 27.93 68.28
N ALA G 56 -65.77 26.82 68.64
CA ALA G 56 -65.86 25.61 67.81
C ALA G 56 -67.31 25.14 67.66
N ALA G 57 -68.16 25.42 68.66
CA ALA G 57 -69.56 25.04 68.56
C ALA G 57 -70.33 25.93 67.58
N ASP G 58 -69.83 27.13 67.30
CA ASP G 58 -70.54 28.04 66.41
C ASP G 58 -70.66 27.47 65.01
N TYR G 59 -69.61 26.84 64.51
CA TYR G 59 -69.63 26.24 63.18
C TYR G 59 -70.24 24.85 63.17
N LYS G 60 -70.75 24.38 64.31
CA LYS G 60 -71.39 23.06 64.42
C LYS G 60 -70.43 21.94 63.99
N ILE G 61 -69.18 22.04 64.44
CA ILE G 61 -68.17 21.04 64.11
C ILE G 61 -68.44 19.77 64.89
N LEU G 62 -68.33 18.63 64.20
CA LEU G 62 -68.47 17.32 64.83
C LEU G 62 -67.16 16.55 64.72
N GLY G 63 -67.11 15.41 65.41
CA GLY G 63 -65.89 14.64 65.44
C GLY G 63 -65.51 14.09 64.08
N GLY G 64 -64.20 14.04 63.83
CA GLY G 64 -63.70 13.48 62.60
C GLY G 64 -63.76 14.44 61.42
N SER G 65 -64.75 15.33 61.44
CA SER G 65 -64.88 16.31 60.37
C SER G 65 -63.61 17.16 60.28
N VAL G 66 -62.97 17.12 59.13
CA VAL G 66 -61.65 17.69 58.95
C VAL G 66 -61.79 19.17 58.66
N LEU G 67 -61.22 20.01 59.53
CA LEU G 67 -61.06 21.43 59.24
C LEU G 67 -59.69 21.62 58.61
N HIS G 68 -59.67 22.01 57.35
CA HIS G 68 -58.45 21.99 56.56
C HIS G 68 -57.55 23.15 56.94
N LEU G 69 -56.31 22.86 57.32
CA LEU G 69 -55.34 23.90 57.58
C LEU G 69 -54.79 24.43 56.26
N VAL G 70 -54.37 25.69 56.27
CA VAL G 70 -53.68 26.28 55.14
C VAL G 70 -52.71 27.33 55.67
N LEU G 71 -51.59 27.47 54.98
CA LEU G 71 -50.57 28.40 55.44
C LEU G 71 -50.80 29.79 54.83
N ALA G 72 -50.26 30.80 55.52
CA ALA G 72 -50.21 32.16 55.02
C ALA G 72 -48.87 32.74 55.45
N LEU G 73 -47.87 32.61 54.59
CA LEU G 73 -46.50 32.87 55.02
C LEU G 73 -46.26 34.34 55.32
N ARG G 74 -46.97 35.24 54.65
CA ARG G 74 -46.95 36.63 55.06
C ARG G 74 -47.57 36.75 56.45
N GLY G 75 -48.86 36.43 56.56
CA GLY G 75 -49.57 36.31 57.82
C GLY G 75 -49.23 37.33 58.89
N GLY G 76 -49.19 38.61 58.53
CA GLY G 76 -48.85 39.65 59.48
C GLY G 76 -47.34 39.80 59.65
N ARG H 21 -0.52 -1.54 94.35
CA ARG H 21 -0.14 -0.14 94.40
C ARG H 21 0.71 0.31 93.22
N PHE H 22 1.96 -0.18 93.17
CA PHE H 22 2.85 0.18 92.06
C PHE H 22 2.21 -0.14 90.73
N GLU H 23 1.95 -1.43 90.47
CA GLU H 23 1.03 -1.87 89.42
C GLU H 23 1.40 -1.32 88.05
N VAL H 24 2.69 -1.12 87.78
CA VAL H 24 3.14 -0.76 86.44
C VAL H 24 4.38 -1.57 86.07
N LYS H 25 4.17 -2.66 85.34
CA LYS H 25 5.28 -3.52 84.97
C LYS H 25 5.67 -3.34 83.52
N LYS H 26 4.70 -3.02 82.67
CA LYS H 26 4.94 -2.99 81.23
C LYS H 26 3.93 -2.05 80.60
N TRP H 27 4.32 -1.46 79.47
CA TRP H 27 3.41 -0.61 78.72
C TRP H 27 3.71 -0.75 77.24
N ASN H 28 2.65 -0.87 76.43
CA ASN H 28 2.77 -0.93 74.99
C ASN H 28 1.79 0.07 74.40
N ALA H 29 2.32 1.06 73.71
CA ALA H 29 1.51 2.18 73.24
C ALA H 29 1.50 2.23 71.73
N VAL H 30 0.49 2.92 71.19
CA VAL H 30 0.31 3.04 69.76
C VAL H 30 0.14 4.51 69.41
N ALA H 31 0.97 4.98 68.47
CA ALA H 31 1.03 6.41 68.19
C ALA H 31 0.95 6.62 66.69
N LEU H 32 0.10 7.55 66.27
CA LEU H 32 -0.01 7.92 64.87
C LEU H 32 1.05 8.97 64.54
N TRP H 33 1.58 8.89 63.33
CA TRP H 33 2.66 9.75 62.88
C TRP H 33 2.20 10.64 61.74
N ALA H 34 2.31 11.95 61.93
CA ALA H 34 1.77 12.86 60.94
C ALA H 34 2.67 14.08 60.79
N TRP H 35 2.65 14.68 59.61
CA TRP H 35 3.36 15.93 59.38
C TRP H 35 2.78 17.02 60.28
N ASP H 36 3.58 18.04 60.55
CA ASP H 36 3.23 19.02 61.58
C ASP H 36 2.49 20.22 60.97
N ILE H 37 1.45 19.91 60.21
CA ILE H 37 0.80 20.89 59.34
C ILE H 37 -0.63 21.11 59.80
N VAL H 38 -1.13 22.33 59.56
CA VAL H 38 -2.47 22.68 60.01
C VAL H 38 -3.52 22.00 59.15
N VAL H 39 -3.46 22.21 57.83
CA VAL H 39 -4.45 21.67 56.92
C VAL H 39 -3.73 21.00 55.75
N ASP H 40 -4.36 20.00 55.14
CA ASP H 40 -3.66 19.09 54.23
C ASP H 40 -4.30 18.97 52.85
N ASN H 41 -3.76 19.71 51.88
CA ASN H 41 -4.03 19.41 50.49
C ASN H 41 -2.86 19.59 49.54
N CYS H 42 -1.79 20.27 49.96
CA CYS H 42 -0.66 20.61 49.12
C CYS H 42 -1.00 21.65 48.06
N ALA H 43 -2.28 21.90 47.83
CA ALA H 43 -2.75 23.03 47.04
C ALA H 43 -2.01 23.24 45.72
N ILE H 44 -1.35 22.21 45.21
CA ILE H 44 -0.76 22.28 43.88
C ILE H 44 -1.27 21.08 43.10
N CYS H 45 -1.14 19.90 43.69
CA CYS H 45 -1.69 18.69 43.13
C CYS H 45 -3.01 18.31 43.76
N ARG H 46 -3.40 18.99 44.84
CA ARG H 46 -4.65 18.76 45.54
C ARG H 46 -4.76 17.37 46.11
N ASN H 47 -3.66 16.65 46.25
CA ASN H 47 -3.65 15.37 46.91
C ASN H 47 -3.75 15.57 48.43
N HIS H 48 -3.62 14.49 49.17
CA HIS H 48 -3.49 14.55 50.62
C HIS H 48 -2.02 14.55 50.94
N ILE H 49 -1.61 15.38 51.91
CA ILE H 49 -0.19 15.65 52.09
C ILE H 49 0.59 14.37 52.30
N MET H 50 0.03 13.46 53.10
CA MET H 50 0.75 12.24 53.42
C MET H 50 0.89 11.30 52.23
N ASP H 51 0.07 11.47 51.19
CA ASP H 51 0.16 10.61 50.03
C ASP H 51 1.32 11.06 49.14
N LEU H 52 1.40 10.50 47.94
CA LEU H 52 2.48 10.79 47.02
C LEU H 52 2.08 11.91 46.08
N CYS H 53 3.07 12.67 45.60
CA CYS H 53 2.70 13.79 44.75
C CYS H 53 2.23 13.27 43.40
N ILE H 54 1.71 14.19 42.60
CA ILE H 54 1.19 13.82 41.31
C ILE H 54 2.25 13.29 40.36
N GLU H 55 3.52 13.44 40.72
CA GLU H 55 4.61 12.92 39.90
C GLU H 55 5.16 11.60 40.41
N CYS H 56 5.41 11.49 41.71
CA CYS H 56 5.87 10.23 42.27
C CYS H 56 4.74 9.21 42.28
N GLN H 57 3.51 9.63 41.97
CA GLN H 57 2.37 8.72 41.96
C GLN H 57 2.14 8.05 40.62
N ALA H 58 2.48 8.68 39.52
CA ALA H 58 2.26 8.05 38.22
C ALA H 58 3.36 7.05 37.92
N ASN H 59 3.63 6.15 38.86
CA ASN H 59 4.71 5.18 38.74
C ASN H 59 4.46 3.93 39.59
N GLU H 67 10.67 9.13 49.30
CA GLU H 67 11.50 10.27 48.95
C GLU H 67 10.68 11.55 48.87
N CYS H 68 9.39 11.40 48.65
CA CYS H 68 8.51 12.56 48.44
C CYS H 68 8.25 13.22 49.79
N THR H 69 9.19 14.06 50.19
CA THR H 69 9.13 14.73 51.47
C THR H 69 8.31 16.02 51.36
N VAL H 70 8.27 16.80 52.43
CA VAL H 70 7.46 18.00 52.52
C VAL H 70 8.36 19.20 52.76
N ALA H 71 8.09 20.29 52.04
CA ALA H 71 8.83 21.53 52.20
C ALA H 71 7.94 22.58 52.81
N TRP H 72 8.55 23.43 53.61
CA TRP H 72 7.85 24.45 54.38
C TRP H 72 8.25 25.84 53.90
N GLY H 73 7.32 26.77 54.07
CA GLY H 73 7.51 28.13 53.60
C GLY H 73 7.66 29.10 54.76
N VAL H 74 8.46 30.15 54.54
CA VAL H 74 8.69 31.16 55.54
C VAL H 74 7.41 31.85 55.99
N CYS H 75 6.31 31.66 55.26
CA CYS H 75 5.02 32.15 55.67
C CYS H 75 4.18 31.08 56.35
N ASN H 76 4.78 29.94 56.69
CA ASN H 76 4.10 28.81 57.31
C ASN H 76 3.03 28.24 56.38
N HIS H 77 3.45 27.97 55.16
CA HIS H 77 2.69 27.15 54.23
C HIS H 77 3.53 25.94 53.89
N ALA H 78 2.85 24.83 53.61
CA ALA H 78 3.51 23.56 53.41
C ALA H 78 3.06 22.92 52.10
N PHE H 79 4.01 22.32 51.39
CA PHE H 79 3.69 21.69 50.13
C PHE H 79 4.55 20.45 49.97
N HIS H 80 4.18 19.60 49.02
CA HIS H 80 5.09 18.56 48.62
C HIS H 80 6.38 19.20 48.12
N PHE H 81 7.39 18.38 47.91
CA PHE H 81 8.64 18.97 47.43
C PHE H 81 8.64 19.07 45.91
N HIS H 82 8.28 18.00 45.22
CA HIS H 82 8.28 18.04 43.77
C HIS H 82 7.25 19.00 43.22
N CYS H 83 6.21 19.34 43.97
CA CYS H 83 5.20 20.27 43.46
C CYS H 83 5.70 21.71 43.54
N ILE H 84 6.13 22.13 44.72
CA ILE H 84 6.63 23.47 44.91
C ILE H 84 7.89 23.72 44.11
N SER H 85 8.66 22.66 43.83
CA SER H 85 9.86 22.84 43.00
C SER H 85 9.50 23.32 41.60
N ARG H 86 8.57 22.63 40.93
CA ARG H 86 8.17 23.07 39.59
C ARG H 86 7.51 24.43 39.64
N TRP H 87 6.69 24.66 40.66
CA TRP H 87 6.02 25.94 40.75
C TRP H 87 7.03 27.09 40.83
N LEU H 88 8.05 26.95 41.68
CA LEU H 88 9.10 27.96 41.74
C LEU H 88 9.95 27.99 40.48
N LYS H 89 10.07 26.87 39.79
CA LYS H 89 10.77 26.90 38.51
C LYS H 89 10.11 27.88 37.56
N THR H 90 8.79 27.87 37.51
CA THR H 90 8.11 28.77 36.59
C THR H 90 7.97 30.18 37.18
N ARG H 91 7.26 30.33 38.30
CA ARG H 91 7.02 31.63 38.90
C ARG H 91 7.46 31.64 40.37
N GLN H 92 7.95 32.79 40.82
CA GLN H 92 8.54 32.90 42.15
C GLN H 92 7.56 33.51 43.15
N VAL H 93 6.42 32.85 43.31
CA VAL H 93 5.38 33.32 44.23
C VAL H 93 4.77 32.13 44.95
N CYS H 94 4.55 32.28 46.24
CA CYS H 94 3.91 31.20 47.00
C CYS H 94 2.44 31.16 46.66
N PRO H 95 1.96 30.12 46.06
CA PRO H 95 0.64 30.12 45.44
C PRO H 95 -0.54 29.95 46.38
N LEU H 96 -0.51 30.66 47.50
CA LEU H 96 -1.72 30.89 48.28
C LEU H 96 -1.75 32.30 48.83
N ASP H 97 -0.71 33.08 48.60
CA ASP H 97 -0.52 34.40 49.17
C ASP H 97 0.47 35.09 48.25
N ASN H 98 0.00 35.99 47.38
CA ASN H 98 0.81 36.36 46.21
C ASN H 98 2.00 37.15 46.69
N ARG H 99 2.95 36.42 47.29
CA ARG H 99 4.11 37.01 47.95
C ARG H 99 5.36 36.26 47.52
N GLU H 100 6.51 36.78 47.92
CA GLU H 100 7.77 36.15 47.61
C GLU H 100 7.99 34.93 48.50
N TRP H 101 8.81 34.00 48.02
CA TRP H 101 8.92 32.68 48.63
C TRP H 101 10.38 32.28 48.76
N GLU H 102 10.74 31.74 49.92
CA GLU H 102 12.04 31.11 50.10
C GLU H 102 11.93 30.07 51.22
N PHE H 103 12.77 29.04 51.11
CA PHE H 103 12.65 27.88 51.98
C PHE H 103 13.04 28.21 53.42
N GLN H 104 12.37 27.56 54.36
CA GLN H 104 12.55 27.86 55.77
C GLN H 104 12.78 26.62 56.63
N LYS H 105 12.23 25.47 56.22
CA LYS H 105 12.39 24.23 56.97
C LYS H 105 12.06 23.07 56.05
N TYR H 106 13.02 22.21 55.76
CA TYR H 106 12.77 21.04 54.94
C TYR H 106 12.03 20.00 55.77
N GLY H 107 11.73 18.86 55.18
CA GLY H 107 11.05 17.83 55.91
C GLY H 107 11.74 16.49 55.81
N HIS H 108 11.75 15.73 56.90
CA HIS H 108 12.38 14.42 56.89
C HIS H 108 11.54 13.41 57.65
N MET I 1 -73.15 30.05 1.68
CA MET I 1 -74.51 30.52 1.43
C MET I 1 -75.00 31.30 2.64
N ALA I 2 -74.72 30.78 3.84
CA ALA I 2 -75.15 31.47 5.05
C ALA I 2 -74.55 32.85 5.16
N ALA I 3 -73.32 33.04 4.68
CA ALA I 3 -72.72 34.36 4.65
C ALA I 3 -73.58 35.32 3.82
N SER I 4 -73.98 34.89 2.62
CA SER I 4 -74.82 35.72 1.78
C SER I 4 -76.17 35.98 2.43
N ARG I 5 -76.75 34.96 3.07
CA ARG I 5 -78.05 35.13 3.70
C ARG I 5 -78.00 36.15 4.82
N ARG I 6 -76.96 36.09 5.65
CA ARG I 6 -76.81 37.08 6.72
C ARG I 6 -76.54 38.46 6.14
N LEU I 7 -75.68 38.53 5.13
CA LEU I 7 -75.31 39.82 4.55
C LEU I 7 -76.52 40.51 3.94
N MET I 8 -77.44 39.73 3.34
CA MET I 8 -78.64 40.32 2.77
C MET I 8 -79.43 41.08 3.84
N LYS I 9 -79.68 40.43 4.97
CA LYS I 9 -80.47 41.09 6.01
C LYS I 9 -79.71 42.25 6.63
N GLU I 10 -78.39 42.11 6.80
CA GLU I 10 -77.62 43.21 7.37
C GLU I 10 -77.64 44.43 6.46
N LEU I 11 -77.43 44.22 5.16
CA LEU I 11 -77.50 45.32 4.20
C LEU I 11 -78.89 45.93 4.19
N GLU I 12 -79.93 45.09 4.24
CA GLU I 12 -81.29 45.60 4.23
C GLU I 12 -81.56 46.50 5.43
N GLU I 13 -81.14 46.07 6.62
CA GLU I 13 -81.41 46.88 7.81
C GLU I 13 -80.57 48.14 7.83
N ILE I 14 -79.33 48.08 7.33
CA ILE I 14 -78.52 49.30 7.24
C ILE I 14 -79.18 50.30 6.32
N ARG I 15 -79.65 49.84 5.16
CA ARG I 15 -80.32 50.74 4.22
C ARG I 15 -81.61 51.29 4.83
N LYS I 16 -82.40 50.44 5.49
CA LYS I 16 -83.67 50.87 6.06
C LYS I 16 -83.45 51.92 7.14
N ALA I 17 -82.46 51.72 8.00
CA ALA I 17 -82.16 52.71 9.04
C ALA I 17 -81.57 53.96 8.43
N GLY I 18 -80.42 53.83 7.77
CA GLY I 18 -79.78 54.98 7.17
C GLY I 18 -78.89 55.72 8.14
N MET I 19 -77.63 55.93 7.77
CA MET I 19 -76.66 56.61 8.61
C MET I 19 -76.24 57.92 7.95
N LYS I 20 -76.27 59.00 8.71
CA LYS I 20 -75.86 60.30 8.19
C LYS I 20 -74.39 60.35 7.80
N ASN I 21 -73.58 59.41 8.28
CA ASN I 21 -72.16 59.37 7.97
C ASN I 21 -71.84 58.39 6.85
N PHE I 22 -72.38 57.17 6.92
CA PHE I 22 -72.19 56.19 5.86
C PHE I 22 -73.22 56.45 4.76
N ARG I 23 -72.75 56.94 3.62
CA ARG I 23 -73.61 57.29 2.51
C ARG I 23 -73.21 56.51 1.27
N ASN I 24 -74.11 56.49 0.28
CA ASN I 24 -73.84 55.89 -1.02
C ASN I 24 -73.41 54.43 -0.86
N ILE I 25 -74.32 53.62 -0.36
CA ILE I 25 -74.04 52.21 -0.12
C ILE I 25 -74.13 51.48 -1.46
N GLN I 26 -73.00 51.30 -2.11
CA GLN I 26 -72.93 50.62 -3.39
C GLN I 26 -72.51 49.17 -3.17
N VAL I 27 -73.21 48.25 -3.84
CA VAL I 27 -72.98 46.83 -3.63
C VAL I 27 -73.36 46.08 -4.91
N ASP I 28 -72.58 45.06 -5.23
CA ASP I 28 -72.90 44.17 -6.32
C ASP I 28 -73.97 43.19 -5.85
N GLU I 29 -75.07 43.10 -6.58
CA GLU I 29 -76.14 42.18 -6.19
C GLU I 29 -75.76 40.74 -6.45
N ALA I 30 -74.88 40.48 -7.41
CA ALA I 30 -74.50 39.11 -7.72
C ALA I 30 -73.50 38.57 -6.70
N ASN I 31 -72.32 39.21 -6.60
CA ASN I 31 -71.30 38.73 -5.69
C ASN I 31 -71.72 38.92 -4.24
N LEU I 32 -72.21 40.12 -3.90
CA LEU I 32 -72.86 40.42 -2.62
C LEU I 32 -71.88 40.38 -1.46
N LEU I 33 -70.62 39.99 -1.71
CA LEU I 33 -69.61 39.92 -0.66
C LEU I 33 -68.59 41.04 -0.76
N THR I 34 -68.88 42.07 -1.54
CA THR I 34 -68.02 43.25 -1.62
C THR I 34 -68.89 44.49 -1.58
N TRP I 35 -68.51 45.45 -0.74
CA TRP I 35 -69.27 46.67 -0.54
C TRP I 35 -68.42 47.88 -0.85
N GLN I 36 -69.04 48.88 -1.46
CA GLN I 36 -68.41 50.17 -1.70
C GLN I 36 -69.29 51.26 -1.11
N GLY I 37 -68.71 52.06 -0.22
CA GLY I 37 -69.46 53.08 0.48
C GLY I 37 -68.77 54.44 0.39
N LEU I 38 -69.48 55.45 0.87
CA LEU I 38 -69.01 56.84 0.84
C LEU I 38 -69.24 57.41 2.23
N ILE I 39 -68.19 57.48 3.04
CA ILE I 39 -68.30 58.01 4.39
C ILE I 39 -67.93 59.48 4.35
N VAL I 40 -68.49 60.25 5.29
CA VAL I 40 -68.21 61.66 5.43
C VAL I 40 -67.91 61.98 6.89
N PRO I 41 -66.78 62.59 7.21
CA PRO I 41 -66.49 62.93 8.60
C PRO I 41 -67.12 64.25 8.99
N ASP I 42 -66.83 64.71 10.21
CA ASP I 42 -67.30 66.01 10.68
C ASP I 42 -66.21 66.88 11.27
N ASN I 43 -65.13 66.32 11.77
CA ASN I 43 -64.02 67.06 12.35
C ASN I 43 -63.07 67.55 11.25
N PRO I 44 -62.61 68.79 11.34
CA PRO I 44 -61.65 69.29 10.35
C PRO I 44 -60.30 68.65 10.54
N PRO I 45 -59.49 68.55 9.46
CA PRO I 45 -59.85 69.02 8.12
C PRO I 45 -60.52 67.95 7.28
N TYR I 46 -60.58 66.73 7.83
CA TYR I 46 -61.11 65.60 7.08
C TYR I 46 -62.59 65.73 6.75
N ASP I 47 -63.30 66.63 7.44
CA ASP I 47 -64.71 66.84 7.16
C ASP I 47 -64.92 67.38 5.75
N LYS I 48 -64.10 68.33 5.32
CA LYS I 48 -64.29 68.97 4.02
C LYS I 48 -63.97 67.96 2.92
N GLY I 49 -65.02 67.50 2.24
CA GLY I 49 -64.85 66.53 1.18
C GLY I 49 -64.91 65.10 1.71
N ALA I 50 -65.85 64.33 1.20
CA ALA I 50 -65.99 62.94 1.61
C ALA I 50 -65.09 62.06 0.74
N PHE I 51 -65.19 60.75 0.93
CA PHE I 51 -64.31 59.81 0.25
C PHE I 51 -64.83 58.39 0.41
N ARG I 52 -64.26 57.48 -0.39
CA ARG I 52 -64.83 56.17 -0.64
C ARG I 52 -63.94 55.07 -0.07
N ILE I 53 -64.56 54.00 0.44
CA ILE I 53 -63.88 52.83 0.96
C ILE I 53 -64.54 51.58 0.38
N GLU I 54 -63.84 50.45 0.49
CA GLU I 54 -64.30 49.18 -0.05
C GLU I 54 -64.12 48.08 0.99
N ILE I 55 -65.15 47.25 1.13
CA ILE I 55 -65.16 46.16 2.12
C ILE I 55 -65.16 44.84 1.38
N ASN I 56 -64.31 43.92 1.82
CA ASN I 56 -64.17 42.60 1.21
C ASN I 56 -64.57 41.53 2.23
N PHE I 57 -65.82 41.09 2.16
CA PHE I 57 -66.26 39.98 3.00
C PHE I 57 -65.64 38.68 2.51
N PRO I 58 -64.86 37.98 3.32
CA PRO I 58 -64.26 36.71 2.89
C PRO I 58 -65.28 35.58 2.99
N ALA I 59 -64.87 34.41 2.51
CA ALA I 59 -65.81 33.30 2.33
C ALA I 59 -66.38 32.83 3.65
N GLU I 60 -65.53 32.56 4.64
CA GLU I 60 -66.00 32.00 5.89
C GLU I 60 -66.48 33.08 6.84
N TYR I 61 -67.35 33.95 6.36
CA TYR I 61 -68.03 34.95 7.18
C TYR I 61 -69.34 34.36 7.71
N PRO I 62 -69.78 34.69 8.93
CA PRO I 62 -69.20 35.62 9.90
C PRO I 62 -68.20 35.00 10.85
N PHE I 63 -67.65 33.84 10.49
CA PHE I 63 -66.69 33.17 11.36
C PHE I 63 -65.26 33.58 11.06
N LYS I 64 -65.06 34.54 10.16
CA LYS I 64 -63.76 35.14 9.91
C LYS I 64 -63.95 36.63 9.72
N PRO I 65 -62.95 37.44 10.03
CA PRO I 65 -63.16 38.89 10.00
C PRO I 65 -63.23 39.41 8.58
N PRO I 66 -64.05 40.43 8.34
CA PRO I 66 -64.06 41.07 7.01
C PRO I 66 -62.98 42.12 6.89
N LYS I 67 -62.04 41.89 5.98
CA LYS I 67 -61.02 42.89 5.71
C LYS I 67 -61.65 44.12 5.06
N ILE I 68 -61.17 45.29 5.45
CA ILE I 68 -61.68 46.56 4.93
C ILE I 68 -60.55 47.28 4.23
N THR I 69 -60.85 47.85 3.07
CA THR I 69 -59.87 48.49 2.21
C THR I 69 -60.25 49.94 2.01
N PHE I 70 -59.24 50.82 2.02
CA PHE I 70 -59.45 52.26 2.02
C PHE I 70 -59.18 52.74 0.59
N LYS I 71 -60.26 52.99 -0.17
CA LYS I 71 -60.12 53.14 -1.62
C LYS I 71 -59.51 54.48 -1.99
N THR I 72 -60.21 55.57 -1.71
CA THR I 72 -59.77 56.89 -2.13
C THR I 72 -58.70 57.41 -1.20
N LYS I 73 -57.56 57.81 -1.77
CA LYS I 73 -56.39 58.18 -0.98
C LYS I 73 -56.70 59.36 -0.07
N ILE I 74 -55.97 59.43 1.04
CA ILE I 74 -56.15 60.46 2.05
C ILE I 74 -54.82 60.68 2.75
N TYR I 75 -54.71 61.78 3.49
CA TYR I 75 -53.50 62.15 4.23
C TYR I 75 -53.82 61.99 5.72
N HIS I 76 -53.60 60.79 6.24
CA HIS I 76 -53.93 60.48 7.62
C HIS I 76 -52.79 59.70 8.24
N PRO I 77 -52.56 59.86 9.55
CA PRO I 77 -51.41 59.16 10.16
C PRO I 77 -51.60 57.66 10.28
N ASN I 78 -52.82 57.19 10.53
CA ASN I 78 -53.05 55.77 10.75
C ASN I 78 -53.47 55.03 9.48
N ILE I 79 -53.44 55.68 8.33
CA ILE I 79 -53.84 55.08 7.07
C ILE I 79 -52.67 55.16 6.10
N ASP I 80 -52.32 54.03 5.50
CA ASP I 80 -51.30 54.01 4.47
C ASP I 80 -51.93 54.35 3.12
N GLU I 81 -51.09 54.85 2.21
CA GLU I 81 -51.55 55.21 0.87
C GLU I 81 -52.17 54.04 0.13
N LYS I 82 -51.76 52.81 0.44
CA LYS I 82 -52.32 51.64 -0.22
C LYS I 82 -53.74 51.32 0.24
N GLY I 83 -54.22 51.95 1.30
CA GLY I 83 -55.56 51.69 1.79
C GLY I 83 -55.63 50.54 2.77
N GLN I 84 -54.83 50.62 3.83
CA GLN I 84 -54.70 49.55 4.82
C GLN I 84 -54.79 50.15 6.21
N VAL I 85 -55.91 49.91 6.89
CA VAL I 85 -56.13 50.42 8.23
C VAL I 85 -55.88 49.31 9.24
N CYS I 86 -55.79 49.68 10.52
CA CYS I 86 -55.56 48.70 11.56
C CYS I 86 -56.86 48.18 12.17
N LEU I 87 -57.64 49.09 12.78
CA LEU I 87 -58.98 48.78 13.28
C LEU I 87 -59.00 47.56 14.17
N PRO I 88 -58.56 47.67 15.43
CA PRO I 88 -58.41 46.47 16.27
C PRO I 88 -59.69 45.66 16.45
N VAL I 89 -60.86 46.24 16.19
CA VAL I 89 -62.11 45.50 16.28
C VAL I 89 -62.23 44.42 15.22
N ILE I 90 -61.34 44.41 14.22
CA ILE I 90 -61.43 43.48 13.11
C ILE I 90 -60.26 42.49 13.12
N SER I 91 -59.16 42.87 13.76
CA SER I 91 -57.99 42.00 13.78
C SER I 91 -58.35 40.63 14.33
N ALA I 92 -57.78 39.59 13.73
CA ALA I 92 -58.22 38.20 13.92
C ALA I 92 -58.08 37.72 15.34
N GLU I 93 -57.61 38.53 16.28
CA GLU I 93 -57.52 38.11 17.68
C GLU I 93 -58.76 38.48 18.47
N ASN I 94 -59.63 39.32 17.92
CA ASN I 94 -60.81 39.79 18.64
C ASN I 94 -62.09 39.68 17.83
N TRP I 95 -62.04 39.13 16.62
CA TRP I 95 -63.22 39.10 15.78
C TRP I 95 -64.23 38.12 16.37
N LYS I 96 -65.30 38.65 16.92
CA LYS I 96 -66.35 37.83 17.50
C LYS I 96 -67.51 37.72 16.53
N PRO I 97 -68.02 36.52 16.30
CA PRO I 97 -68.92 36.30 15.16
C PRO I 97 -70.33 36.85 15.34
N ALA I 98 -70.54 37.72 16.32
CA ALA I 98 -71.84 38.36 16.48
C ALA I 98 -71.83 39.87 16.28
N THR I 99 -70.67 40.47 16.04
CA THR I 99 -70.60 41.92 15.90
C THR I 99 -71.09 42.32 14.52
N LYS I 100 -72.18 43.08 14.48
CA LYS I 100 -72.75 43.53 13.22
C LYS I 100 -71.88 44.61 12.60
N THR I 101 -71.83 44.61 11.26
CA THR I 101 -70.84 45.41 10.54
C THR I 101 -71.01 46.91 10.80
N ASP I 102 -72.22 47.36 11.13
CA ASP I 102 -72.40 48.77 11.42
C ASP I 102 -71.56 49.21 12.62
N GLN I 103 -71.32 48.30 13.57
CA GLN I 103 -70.43 48.62 14.67
C GLN I 103 -68.99 48.79 14.17
N VAL I 104 -68.58 47.97 13.19
CA VAL I 104 -67.30 48.19 12.53
C VAL I 104 -67.25 49.58 11.91
N ILE I 105 -68.34 49.98 11.25
CA ILE I 105 -68.37 51.28 10.60
C ILE I 105 -68.23 52.39 11.63
N GLN I 106 -68.94 52.26 12.75
CA GLN I 106 -68.86 53.27 13.80
C GLN I 106 -67.45 53.36 14.36
N SER I 107 -66.81 52.22 14.59
CA SER I 107 -65.44 52.23 15.10
C SER I 107 -64.49 52.88 14.10
N LEU I 108 -64.66 52.58 12.80
CA LEU I 108 -63.82 53.19 11.78
C LEU I 108 -64.00 54.70 11.74
N ILE I 109 -65.25 55.16 11.84
CA ILE I 109 -65.52 56.59 11.83
C ILE I 109 -64.89 57.27 13.03
N ALA I 110 -65.02 56.64 14.21
CA ALA I 110 -64.38 57.21 15.40
C ALA I 110 -62.87 57.26 15.24
N LEU I 111 -62.27 56.25 14.61
CA LEU I 111 -60.84 56.31 14.33
C LEU I 111 -60.51 57.46 13.38
N VAL I 112 -61.36 57.68 12.37
CA VAL I 112 -61.11 58.75 11.41
C VAL I 112 -61.13 60.11 12.12
N ASN I 113 -62.14 60.34 12.95
CA ASN I 113 -62.26 61.63 13.63
C ASN I 113 -61.11 61.86 14.59
N ASP I 114 -60.71 60.83 15.33
CA ASP I 114 -59.69 60.96 16.36
C ASP I 114 -58.45 60.14 15.99
N PRO I 115 -57.37 60.78 15.56
CA PRO I 115 -56.17 60.02 15.19
C PRO I 115 -55.51 59.40 16.41
N GLN I 116 -54.72 58.35 16.14
CA GLN I 116 -53.96 57.64 17.15
C GLN I 116 -52.48 57.74 16.79
N PRO I 117 -51.77 58.75 17.27
CA PRO I 117 -50.37 58.92 16.86
C PRO I 117 -49.44 57.91 17.51
N GLU I 118 -50.00 56.91 18.19
CA GLU I 118 -49.21 55.92 18.91
C GLU I 118 -49.33 54.50 18.35
N HIS I 119 -50.31 54.24 17.49
CA HIS I 119 -50.33 52.97 16.76
C HIS I 119 -50.35 53.16 15.25
N PRO I 120 -49.54 54.07 14.68
CA PRO I 120 -49.62 54.29 13.23
C PRO I 120 -48.54 53.54 12.47
N LEU I 121 -48.72 53.41 11.17
CA LEU I 121 -47.64 52.94 10.30
C LEU I 121 -46.97 54.07 9.54
N ARG I 122 -47.37 55.32 9.79
CA ARG I 122 -46.72 56.49 9.20
C ARG I 122 -45.90 57.16 10.29
N ALA I 123 -44.66 56.67 10.46
CA ALA I 123 -43.86 57.04 11.63
C ALA I 123 -43.54 58.53 11.64
N ASP I 124 -42.97 59.04 10.54
CA ASP I 124 -42.63 60.46 10.49
C ASP I 124 -43.87 61.34 10.57
N LEU I 125 -44.92 60.95 9.83
CA LEU I 125 -46.16 61.70 9.84
C LEU I 125 -46.72 61.82 11.26
N ALA I 126 -46.79 60.70 11.98
CA ALA I 126 -47.34 60.71 13.32
C ALA I 126 -46.45 61.47 14.29
N GLU I 127 -45.13 61.29 14.18
CA GLU I 127 -44.22 61.99 15.09
C GLU I 127 -44.38 63.50 14.95
N GLU I 128 -44.42 63.99 13.71
CA GLU I 128 -44.52 65.43 13.54
C GLU I 128 -45.93 65.93 13.82
N TYR I 129 -46.95 65.09 13.59
CA TYR I 129 -48.31 65.42 13.96
C TYR I 129 -48.44 65.63 15.45
N SER I 130 -47.88 64.71 16.24
CA SER I 130 -47.84 64.90 17.68
C SER I 130 -47.00 66.11 18.06
N LYS I 131 -45.98 66.41 17.25
CA LYS I 131 -45.13 67.56 17.54
C LYS I 131 -45.84 68.88 17.28
N ASP I 132 -46.47 69.02 16.11
CA ASP I 132 -46.97 70.32 15.63
C ASP I 132 -48.38 70.15 15.09
N ARG I 133 -49.28 69.63 15.92
CA ARG I 133 -50.70 69.52 15.61
C ARG I 133 -51.26 70.73 14.86
N LYS I 134 -50.72 71.91 15.16
CA LYS I 134 -51.27 73.14 14.60
C LYS I 134 -51.24 73.17 13.08
N LYS I 135 -50.14 72.74 12.46
CA LYS I 135 -49.98 72.96 11.03
C LYS I 135 -50.77 72.00 10.16
N PHE I 136 -50.93 70.73 10.55
CA PHE I 136 -51.64 69.78 9.70
C PHE I 136 -53.10 70.13 9.47
N ALA I 137 -53.66 71.04 10.26
CA ALA I 137 -55.04 71.46 10.02
C ALA I 137 -55.23 71.94 8.59
N LYS I 138 -54.17 72.44 7.98
CA LYS I 138 -54.16 72.75 6.55
C LYS I 138 -53.45 71.66 5.74
N ASN I 139 -52.37 71.08 6.28
CA ASN I 139 -51.56 70.17 5.49
C ASN I 139 -52.37 68.97 5.03
N ALA I 140 -53.26 68.47 5.87
CA ALA I 140 -54.19 67.46 5.38
C ALA I 140 -55.34 68.10 4.61
N GLU I 141 -55.68 69.36 4.93
CA GLU I 141 -56.85 69.99 4.34
C GLU I 141 -56.70 70.14 2.84
N GLU I 142 -55.60 70.72 2.38
CA GLU I 142 -55.42 70.90 0.94
C GLU I 142 -55.32 69.57 0.21
N PHE I 143 -54.67 68.58 0.82
CA PHE I 143 -54.56 67.27 0.18
C PHE I 143 -55.93 66.66 -0.02
N THR I 144 -56.78 66.70 1.01
CA THR I 144 -58.15 66.23 0.86
C THR I 144 -58.93 67.08 -0.15
N LYS I 145 -58.71 68.39 -0.12
CA LYS I 145 -59.44 69.31 -0.98
C LYS I 145 -59.18 69.01 -2.45
N LYS I 146 -57.94 68.72 -2.79
CA LYS I 146 -57.58 68.37 -4.17
C LYS I 146 -57.57 66.86 -4.41
N TYR I 147 -58.01 66.07 -3.43
CA TYR I 147 -58.05 64.63 -3.61
C TYR I 147 -59.33 63.97 -3.11
N GLY I 148 -60.26 64.70 -2.52
CA GLY I 148 -61.44 64.13 -1.92
C GLY I 148 -62.54 63.81 -2.91
N GLU I 149 -63.78 63.93 -2.44
CA GLU I 149 -64.95 63.67 -3.26
C GLU I 149 -66.01 64.73 -2.97
N LYS I 150 -66.88 64.94 -3.94
CA LYS I 150 -67.97 65.90 -3.78
C LYS I 150 -68.97 65.37 -2.76
N ARG I 151 -68.92 65.91 -1.55
CA ARG I 151 -69.81 65.45 -0.48
C ARG I 151 -71.23 65.96 -0.68
N GLY J 13 61.17 23.70 -24.89
CA GLY J 13 60.25 23.76 -26.02
C GLY J 13 60.84 23.23 -27.31
N THR J 14 60.09 22.36 -27.99
CA THR J 14 60.49 21.76 -29.25
C THR J 14 61.84 21.05 -29.11
N TYR J 15 61.82 20.02 -28.26
CA TYR J 15 63.05 19.27 -27.97
C TYR J 15 63.54 18.55 -29.22
N GLY J 16 64.85 18.40 -29.31
CA GLY J 16 65.48 17.66 -30.38
C GLY J 16 66.80 18.29 -30.76
N VAL J 17 67.71 17.47 -31.28
CA VAL J 17 68.97 17.96 -31.83
C VAL J 17 69.23 17.23 -33.15
N VAL J 18 69.53 18.00 -34.19
CA VAL J 18 69.78 17.44 -35.51
C VAL J 18 71.05 18.07 -36.07
N TYR J 19 71.72 17.31 -36.94
CA TYR J 19 73.03 17.66 -37.44
C TYR J 19 73.02 17.66 -38.96
N LYS J 20 73.99 18.37 -39.54
CA LYS J 20 74.11 18.51 -40.99
C LYS J 20 75.55 18.23 -41.40
N ALA J 21 75.78 18.14 -42.70
CA ALA J 21 77.13 17.87 -43.21
C ALA J 21 77.23 18.38 -44.63
N ARG J 22 77.99 19.46 -44.84
CA ARG J 22 77.97 20.19 -46.10
C ARG J 22 79.41 20.52 -46.49
N ASN J 23 80.07 19.66 -47.26
CA ASN J 23 81.43 19.98 -47.68
C ASN J 23 81.57 20.19 -49.19
N LYS J 24 81.41 19.14 -50.00
CA LYS J 24 81.78 19.21 -51.41
C LYS J 24 80.94 18.16 -52.14
N LEU J 25 79.84 18.59 -52.74
CA LEU J 25 78.97 17.64 -53.43
C LEU J 25 77.87 18.40 -54.14
N THR J 26 77.42 17.86 -55.28
CA THR J 26 76.25 18.42 -55.96
C THR J 26 75.01 18.28 -55.09
N GLY J 27 74.75 17.06 -54.62
CA GLY J 27 73.68 16.81 -53.67
C GLY J 27 74.20 16.91 -52.26
N GLU J 28 74.86 18.04 -51.97
CA GLU J 28 75.53 18.24 -50.69
C GLU J 28 74.56 18.20 -49.51
N VAL J 29 73.26 18.14 -49.79
CA VAL J 29 72.24 18.14 -48.74
C VAL J 29 72.16 16.75 -48.12
N VAL J 30 72.43 16.67 -46.82
CA VAL J 30 72.26 15.46 -46.03
C VAL J 30 71.64 15.84 -44.68
N ALA J 31 71.13 14.86 -43.97
CA ALA J 31 70.57 15.08 -42.65
C ALA J 31 70.51 13.77 -41.90
N LEU J 32 70.82 13.82 -40.61
CA LEU J 32 70.81 12.63 -39.76
C LEU J 32 69.45 12.47 -39.10
N LYS J 33 68.97 11.23 -39.06
CA LYS J 33 67.69 10.89 -38.43
C LYS J 33 67.93 9.77 -37.43
N LYS J 34 67.79 10.09 -36.15
CA LYS J 34 67.94 9.09 -35.09
C LYS J 34 66.56 8.67 -34.60
N ILE J 35 66.42 7.38 -34.30
CA ILE J 35 65.20 6.85 -33.71
C ILE J 35 65.57 6.05 -32.47
N ARG J 36 64.82 6.27 -31.39
CA ARG J 36 65.07 5.58 -30.15
C ARG J 36 64.67 4.12 -30.26
N LEU J 37 65.47 3.24 -29.65
CA LEU J 37 65.24 1.80 -29.69
C LEU J 37 65.15 1.26 -28.27
N ASP J 38 63.96 0.84 -27.88
CA ASP J 38 63.79 0.11 -26.62
C ASP J 38 64.19 -1.34 -26.85
N THR J 39 65.18 -1.80 -26.08
CA THR J 39 65.85 -3.06 -26.38
C THR J 39 64.97 -4.26 -26.09
N GLU J 40 64.36 -4.31 -24.91
CA GLU J 40 63.67 -5.51 -24.43
C GLU J 40 62.17 -5.48 -24.65
N THR J 41 61.70 -4.85 -25.73
CA THR J 41 60.27 -4.83 -26.04
C THR J 41 60.12 -4.85 -27.56
N GLU J 42 59.81 -6.02 -28.10
CA GLU J 42 59.48 -6.19 -29.52
C GLU J 42 60.71 -5.96 -30.40
N GLY J 43 61.82 -5.55 -29.80
CA GLY J 43 63.01 -5.29 -30.57
C GLY J 43 62.81 -4.13 -31.53
N VAL J 44 63.43 -4.24 -32.70
CA VAL J 44 63.30 -3.20 -33.73
C VAL J 44 61.83 -3.13 -34.18
N PRO J 45 61.25 -1.95 -34.30
CA PRO J 45 59.84 -1.86 -34.72
C PRO J 45 59.65 -2.33 -36.15
N SER J 46 58.46 -2.87 -36.42
CA SER J 46 58.14 -3.32 -37.76
C SER J 46 58.22 -2.18 -38.76
N THR J 47 57.80 -0.98 -38.35
CA THR J 47 57.86 0.17 -39.24
C THR J 47 59.28 0.47 -39.69
N ALA J 48 60.24 0.40 -38.75
CA ALA J 48 61.62 0.67 -39.09
C ALA J 48 62.14 -0.32 -40.14
N ILE J 49 61.87 -1.61 -39.92
CA ILE J 49 62.34 -2.63 -40.85
C ILE J 49 61.70 -2.46 -42.22
N ARG J 50 60.38 -2.25 -42.25
CA ARG J 50 59.71 -2.08 -43.52
C ARG J 50 60.26 -0.87 -44.27
N GLU J 51 60.45 0.26 -43.56
CA GLU J 51 60.96 1.45 -44.21
C GLU J 51 62.36 1.23 -44.75
N ILE J 52 63.25 0.67 -43.93
CA ILE J 52 64.64 0.49 -44.34
C ILE J 52 64.71 -0.41 -45.58
N SER J 53 64.05 -1.57 -45.51
CA SER J 53 64.17 -2.53 -46.59
C SER J 53 63.51 -2.03 -47.86
N LEU J 54 62.31 -1.45 -47.75
CA LEU J 54 61.63 -0.97 -48.94
C LEU J 54 62.27 0.30 -49.49
N LEU J 55 63.09 0.99 -48.70
CA LEU J 55 63.67 2.25 -49.15
C LEU J 55 65.05 2.06 -49.78
N LYS J 56 65.91 1.23 -49.19
CA LYS J 56 67.21 1.02 -49.81
C LYS J 56 67.12 0.18 -51.08
N GLU J 57 65.91 -0.07 -51.56
CA GLU J 57 65.66 -0.82 -52.79
C GLU J 57 65.24 0.07 -53.95
N LEU J 58 64.89 1.33 -53.69
CA LEU J 58 64.38 2.24 -54.70
C LEU J 58 65.35 3.40 -54.91
N ASN J 59 65.52 3.79 -56.17
CA ASN J 59 66.35 4.93 -56.52
C ASN J 59 65.62 5.76 -57.57
N HIS J 60 65.49 7.06 -57.32
CA HIS J 60 64.80 7.95 -58.24
C HIS J 60 64.97 9.40 -57.82
N PRO J 61 65.01 10.35 -58.77
CA PRO J 61 65.06 11.76 -58.39
C PRO J 61 63.82 12.25 -57.65
N ASN J 62 62.64 11.72 -57.97
CA ASN J 62 61.41 12.14 -57.31
C ASN J 62 61.15 11.43 -56.00
N ILE J 63 62.17 10.78 -55.43
CA ILE J 63 62.04 10.08 -54.16
C ILE J 63 63.29 10.38 -53.34
N VAL J 64 63.09 10.64 -52.04
CA VAL J 64 64.23 10.85 -51.16
C VAL J 64 65.10 9.61 -51.17
N LYS J 65 66.41 9.81 -51.23
CA LYS J 65 67.36 8.70 -51.22
C LYS J 65 67.88 8.47 -49.82
N LEU J 66 68.24 7.23 -49.53
CA LEU J 66 68.97 6.87 -48.32
C LEU J 66 70.42 6.63 -48.69
N LEU J 67 71.33 7.04 -47.82
CA LEU J 67 72.76 6.93 -48.10
C LEU J 67 73.44 5.84 -47.30
N ASP J 68 73.10 5.68 -46.03
CA ASP J 68 73.68 4.60 -45.24
C ASP J 68 72.77 4.37 -44.02
N VAL J 69 72.90 3.19 -43.43
CA VAL J 69 72.14 2.81 -42.25
C VAL J 69 73.11 2.59 -41.10
N ILE J 70 72.90 3.30 -40.01
CA ILE J 70 73.78 3.23 -38.84
C ILE J 70 73.01 2.57 -37.70
N HIS J 71 73.37 1.33 -37.39
CA HIS J 71 72.73 0.53 -36.38
C HIS J 71 73.68 0.39 -35.18
N THR J 72 73.42 1.19 -34.15
CA THR J 72 74.18 1.09 -32.91
C THR J 72 73.53 0.04 -32.02
N GLU J 73 73.96 -0.01 -30.75
CA GLU J 73 73.39 -0.97 -29.82
C GLU J 73 71.96 -0.58 -29.44
N ASN J 74 71.69 0.71 -29.29
CA ASN J 74 70.40 1.19 -28.81
C ASN J 74 69.84 2.33 -29.66
N LYS J 75 70.52 2.72 -30.73
CA LYS J 75 70.06 3.82 -31.58
C LYS J 75 70.26 3.47 -33.04
N LEU J 76 69.39 4.00 -33.88
CA LEU J 76 69.47 3.85 -35.32
C LEU J 76 69.67 5.23 -35.95
N TYR J 77 70.73 5.37 -36.73
CA TYR J 77 71.02 6.63 -37.42
C TYR J 77 70.87 6.38 -38.92
N LEU J 78 70.13 7.26 -39.59
CA LEU J 78 69.84 7.12 -41.01
C LEU J 78 70.34 8.36 -41.73
N VAL J 79 71.21 8.16 -42.72
CA VAL J 79 71.80 9.28 -43.46
C VAL J 79 70.86 9.57 -44.62
N PHE J 80 69.84 10.38 -44.33
CA PHE J 80 68.90 10.78 -45.36
C PHE J 80 69.47 11.93 -46.19
N GLU J 81 68.84 12.17 -47.33
CA GLU J 81 69.17 13.30 -48.17
C GLU J 81 68.35 14.51 -47.72
N PHE J 82 69.03 15.61 -47.41
CA PHE J 82 68.34 16.79 -46.91
C PHE J 82 67.55 17.47 -48.01
N LEU J 83 66.51 18.19 -47.60
CA LEU J 83 65.74 19.04 -48.50
C LEU J 83 65.21 20.21 -47.71
N HIS J 84 64.69 21.21 -48.42
CA HIS J 84 64.44 22.53 -47.85
C HIS J 84 63.08 22.65 -47.18
N GLN J 85 62.00 22.44 -47.93
CA GLN J 85 60.67 22.80 -47.46
C GLN J 85 59.65 21.77 -47.92
N ASP J 86 58.69 21.48 -47.04
CA ASP J 86 57.57 20.61 -47.35
C ASP J 86 56.47 21.42 -48.04
N LEU J 87 55.26 20.87 -48.13
CA LEU J 87 54.21 21.55 -48.86
C LEU J 87 53.19 22.27 -47.98
N LYS J 88 53.01 21.82 -46.73
CA LYS J 88 52.06 22.48 -45.85
C LYS J 88 52.44 23.95 -45.62
N LYS J 89 53.65 24.18 -45.13
CA LYS J 89 54.11 25.55 -44.91
C LYS J 89 54.20 26.31 -46.22
N PHE J 90 54.51 25.62 -47.31
CA PHE J 90 54.62 26.31 -48.60
C PHE J 90 53.28 26.86 -49.05
N MET J 91 52.22 26.07 -48.93
CA MET J 91 50.90 26.60 -49.27
C MET J 91 50.48 27.67 -48.29
N ASP J 92 50.79 27.47 -47.00
CA ASP J 92 50.38 28.43 -45.99
C ASP J 92 50.99 29.80 -46.25
N ALA J 93 52.26 29.84 -46.65
CA ALA J 93 52.89 31.13 -46.98
C ALA J 93 52.21 31.81 -48.17
N SER J 94 51.80 31.03 -49.18
CA SER J 94 51.13 31.58 -50.35
C SER J 94 49.63 31.29 -50.34
N ALA J 95 49.04 31.18 -49.16
CA ALA J 95 47.61 30.86 -49.05
C ALA J 95 46.72 31.98 -49.56
N LEU J 96 47.25 33.19 -49.71
CA LEU J 96 46.47 34.33 -50.16
C LEU J 96 46.69 34.69 -51.63
N THR J 97 47.87 34.39 -52.17
CA THR J 97 48.14 34.68 -53.58
C THR J 97 47.83 33.51 -54.50
N GLY J 98 47.89 32.29 -53.99
CA GLY J 98 47.72 31.11 -54.80
C GLY J 98 49.04 30.60 -55.36
N ILE J 99 48.94 29.49 -56.09
CA ILE J 99 50.13 28.86 -56.67
C ILE J 99 50.01 28.92 -58.18
N PRO J 100 51.08 29.27 -58.90
CA PRO J 100 51.02 29.31 -60.36
C PRO J 100 50.66 27.94 -60.93
N LEU J 101 49.79 27.95 -61.95
CA LEU J 101 49.31 26.72 -62.56
C LEU J 101 50.43 25.85 -63.15
N PRO J 102 51.39 26.38 -63.91
CA PRO J 102 52.46 25.50 -64.41
C PRO J 102 53.26 24.86 -63.29
N LEU J 103 53.43 25.55 -62.17
CA LEU J 103 54.10 24.94 -61.02
C LEU J 103 53.32 23.74 -60.52
N ILE J 104 51.99 23.87 -60.43
CA ILE J 104 51.15 22.75 -60.05
C ILE J 104 51.31 21.61 -61.03
N LYS J 105 51.31 21.92 -62.33
CA LYS J 105 51.40 20.86 -63.32
C LYS J 105 52.72 20.11 -63.23
N SER J 106 53.82 20.84 -63.02
CA SER J 106 55.12 20.18 -62.90
C SER J 106 55.21 19.35 -61.62
N TYR J 107 54.70 19.89 -60.51
CA TYR J 107 54.68 19.13 -59.27
C TYR J 107 53.89 17.83 -59.45
N LEU J 108 52.74 17.93 -60.09
CA LEU J 108 51.93 16.74 -60.34
C LEU J 108 52.66 15.77 -61.27
N PHE J 109 53.43 16.29 -62.21
CA PHE J 109 54.24 15.44 -63.07
C PHE J 109 55.20 14.59 -62.25
N GLN J 110 55.97 15.23 -61.38
CA GLN J 110 56.92 14.49 -60.55
C GLN J 110 56.20 13.51 -59.62
N LEU J 111 55.07 13.93 -59.05
CA LEU J 111 54.32 13.06 -58.15
C LEU J 111 53.85 11.81 -58.88
N LEU J 112 53.27 11.96 -60.07
CA LEU J 112 52.78 10.81 -60.81
C LEU J 112 53.94 9.92 -61.26
N GLN J 113 55.08 10.49 -61.60
CA GLN J 113 56.24 9.66 -61.93
C GLN J 113 56.65 8.81 -60.73
N GLY J 114 56.73 9.43 -59.55
CA GLY J 114 57.09 8.68 -58.36
C GLY J 114 56.08 7.59 -58.04
N LEU J 115 54.79 7.89 -58.21
CA LEU J 115 53.75 6.90 -57.96
C LEU J 115 53.88 5.72 -58.91
N ALA J 116 54.12 6.01 -60.19
CA ALA J 116 54.29 4.93 -61.15
C ALA J 116 55.48 4.06 -60.79
N PHE J 117 56.58 4.67 -60.37
CA PHE J 117 57.75 3.90 -59.97
C PHE J 117 57.44 3.01 -58.77
N CYS J 118 56.83 3.59 -57.72
CA CYS J 118 56.54 2.82 -56.51
C CYS J 118 55.60 1.66 -56.78
N HIS J 119 54.55 1.90 -57.59
CA HIS J 119 53.61 0.83 -57.89
C HIS J 119 54.19 -0.18 -58.87
N SER J 120 55.18 0.21 -59.68
CA SER J 120 55.85 -0.76 -60.53
C SER J 120 56.75 -1.68 -59.72
N HIS J 121 57.38 -1.15 -58.68
CA HIS J 121 58.29 -1.96 -57.86
C HIS J 121 57.58 -2.62 -56.68
N ARG J 122 56.27 -2.89 -56.82
CA ARG J 122 55.50 -3.72 -55.90
C ARG J 122 55.42 -3.14 -54.48
N VAL J 123 55.54 -1.82 -54.34
CA VAL J 123 55.48 -1.17 -53.03
C VAL J 123 54.29 -0.24 -52.98
N LEU J 124 53.53 -0.33 -51.89
CA LEU J 124 52.45 0.60 -51.58
C LEU J 124 52.96 1.69 -50.65
N HIS J 125 52.58 2.93 -50.92
CA HIS J 125 52.93 4.01 -50.00
C HIS J 125 51.95 4.08 -48.85
N ARG J 126 50.68 4.33 -49.15
CA ARG J 126 49.58 4.34 -48.19
C ARG J 126 49.66 5.46 -47.16
N ASP J 127 50.58 6.40 -47.32
CA ASP J 127 50.66 7.51 -46.37
C ASP J 127 50.96 8.83 -47.08
N LEU J 128 50.30 9.08 -48.20
CA LEU J 128 50.51 10.35 -48.90
C LEU J 128 49.68 11.46 -48.28
N LYS J 129 50.34 12.57 -47.98
CA LYS J 129 49.72 13.77 -47.45
C LYS J 129 50.73 14.91 -47.56
N PRO J 130 50.27 16.16 -47.71
CA PRO J 130 51.21 17.26 -47.98
C PRO J 130 52.22 17.53 -46.89
N GLN J 131 52.19 16.75 -45.82
CA GLN J 131 53.25 16.79 -44.83
C GLN J 131 54.37 15.82 -45.15
N ASN J 132 54.17 14.92 -46.11
CA ASN J 132 55.16 13.94 -46.51
C ASN J 132 55.74 14.23 -47.89
N LEU J 133 55.42 15.38 -48.47
CA LEU J 133 55.95 15.78 -49.75
C LEU J 133 56.93 16.93 -49.52
N LEU J 134 58.13 16.81 -50.10
CA LEU J 134 59.17 17.80 -49.92
C LEU J 134 59.61 18.34 -51.28
N ILE J 135 59.79 19.66 -51.36
CA ILE J 135 60.20 20.32 -52.59
C ILE J 135 61.60 20.88 -52.41
N ASN J 136 62.31 20.98 -53.53
CA ASN J 136 63.62 21.62 -53.56
C ASN J 136 63.48 23.05 -54.07
N THR J 137 64.57 23.81 -53.96
CA THR J 137 64.55 25.20 -54.40
C THR J 137 64.61 25.34 -55.92
N GLU J 138 64.42 24.26 -56.67
CA GLU J 138 64.45 24.32 -58.13
C GLU J 138 63.20 23.79 -58.80
N GLY J 139 62.25 23.23 -58.05
CA GLY J 139 61.04 22.69 -58.61
C GLY J 139 60.90 21.19 -58.50
N ALA J 140 61.92 20.50 -57.98
CA ALA J 140 61.83 19.06 -57.80
C ALA J 140 61.14 18.74 -56.48
N ILE J 141 60.19 17.81 -56.52
CA ILE J 141 59.44 17.39 -55.34
C ILE J 141 59.60 15.89 -55.18
N LYS J 142 59.85 15.45 -53.94
CA LYS J 142 60.09 14.05 -53.65
C LYS J 142 59.20 13.59 -52.51
N LEU J 143 58.92 12.29 -52.50
CA LEU J 143 58.09 11.67 -51.48
C LEU J 143 58.94 11.23 -50.30
N ALA J 144 58.27 10.83 -49.23
CA ALA J 144 58.94 10.35 -48.02
C ALA J 144 57.94 9.53 -47.22
N ASP J 145 58.32 9.17 -45.99
CA ASP J 145 57.46 8.42 -45.07
C ASP J 145 57.04 7.09 -45.68
N PHE J 146 58.04 6.24 -45.89
CA PHE J 146 57.80 4.85 -46.28
C PHE J 146 57.68 3.93 -45.09
N GLY J 147 57.28 4.46 -43.93
CA GLY J 147 57.06 3.62 -42.76
C GLY J 147 55.79 2.80 -42.80
N LEU J 148 54.82 3.22 -43.62
CA LEU J 148 53.62 2.42 -43.82
C LEU J 148 53.69 1.57 -45.07
N ALA J 149 54.82 1.57 -45.77
CA ALA J 149 54.95 0.79 -46.99
C ALA J 149 54.99 -0.69 -46.69
N ARG J 150 54.42 -1.48 -47.60
CA ARG J 150 54.46 -2.94 -47.48
C ARG J 150 54.53 -3.54 -48.87
N ALA J 151 55.23 -4.65 -48.98
CA ALA J 151 55.46 -5.31 -50.27
C ALA J 151 54.26 -6.17 -50.61
N PHE J 152 53.40 -5.69 -51.50
CA PHE J 152 52.21 -6.42 -51.89
C PHE J 152 52.51 -7.34 -53.06
N GLY J 153 51.93 -8.53 -53.03
CA GLY J 153 52.18 -9.53 -54.06
C GLY J 153 50.99 -9.80 -54.96
N VAL J 156 46.26 -9.89 -54.99
CA VAL J 156 46.12 -9.01 -53.82
C VAL J 156 45.52 -9.77 -52.65
N ARG J 157 46.23 -9.74 -51.53
CA ARG J 157 45.80 -10.39 -50.31
C ARG J 157 44.99 -9.40 -49.47
N THR J 158 44.73 -9.75 -48.22
CA THR J 158 44.13 -8.83 -47.26
C THR J 158 45.23 -8.34 -46.31
N TYR J 159 45.43 -7.04 -46.26
CA TYR J 159 46.51 -6.46 -45.47
C TYR J 159 45.96 -5.73 -44.25
N TPO J 160 46.70 -4.74 -43.78
CA TPO J 160 46.32 -4.01 -42.57
CB TPO J 160 47.53 -3.34 -41.97
CG2 TPO J 160 47.18 -2.79 -40.60
OG1 TPO J 160 48.54 -4.33 -41.83
P TPO J 160 49.92 -3.67 -42.34
O1P TPO J 160 50.61 -3.05 -41.20
O2P TPO J 160 50.86 -4.80 -42.99
O3P TPO J 160 49.58 -2.56 -43.44
C TPO J 160 45.22 -2.99 -42.87
O TPO J 160 45.31 -2.23 -43.83
N HIS J 161 44.17 -2.99 -42.04
CA HIS J 161 42.98 -2.20 -42.33
C HIS J 161 42.87 -0.91 -41.51
N GLU J 162 44.00 -0.20 -41.40
CA GLU J 162 44.04 1.13 -40.81
C GLU J 162 45.07 1.93 -41.59
N VAL J 163 44.60 2.89 -42.38
CA VAL J 163 45.39 3.48 -43.45
C VAL J 163 45.60 4.98 -43.32
N VAL J 164 45.78 5.64 -44.46
CA VAL J 164 46.59 6.85 -44.42
C VAL J 164 46.18 7.91 -43.39
N THR J 165 45.01 8.52 -43.53
CA THR J 165 44.58 9.57 -42.61
C THR J 165 43.17 9.97 -43.01
N LEU J 166 42.34 10.28 -42.02
CA LEU J 166 40.91 10.43 -42.24
C LEU J 166 40.64 11.46 -43.34
N TRP J 167 41.42 12.53 -43.37
CA TRP J 167 41.14 13.58 -44.35
C TRP J 167 41.45 13.13 -45.77
N TYR J 168 42.32 12.14 -45.96
CA TYR J 168 42.70 11.71 -47.30
C TYR J 168 42.42 10.23 -47.57
N ARG J 169 41.55 9.59 -46.78
CA ARG J 169 41.22 8.22 -47.09
C ARG J 169 40.34 8.16 -48.34
N ALA J 170 40.04 6.93 -48.75
CA ALA J 170 39.22 6.68 -49.92
C ALA J 170 38.00 5.85 -49.51
N PRO J 171 36.90 5.96 -50.25
CA PRO J 171 35.67 5.24 -49.84
C PRO J 171 35.84 3.73 -49.80
N GLU J 172 36.89 3.18 -50.42
CA GLU J 172 37.13 1.75 -50.32
C GLU J 172 37.34 1.33 -48.87
N ILE J 173 38.15 2.07 -48.13
CA ILE J 173 38.44 1.69 -46.75
C ILE J 173 37.34 2.15 -45.79
N LEU J 174 36.71 3.30 -46.06
CA LEU J 174 35.69 3.81 -45.16
C LEU J 174 34.50 2.86 -45.07
N LEU J 175 34.14 2.23 -46.19
CA LEU J 175 33.10 1.21 -46.19
C LEU J 175 33.64 -0.17 -45.84
N GLY J 176 34.83 -0.23 -45.24
CA GLY J 176 35.33 -1.49 -44.68
C GLY J 176 35.45 -2.62 -45.67
N CYS J 177 36.02 -2.35 -46.85
CA CYS J 177 36.19 -3.41 -47.83
C CYS J 177 37.33 -4.34 -47.41
N LYS J 178 37.42 -5.47 -48.10
CA LYS J 178 38.38 -6.50 -47.74
C LYS J 178 39.67 -6.42 -48.54
N TYR J 179 39.62 -5.86 -49.75
CA TYR J 179 40.80 -5.72 -50.60
C TYR J 179 40.92 -4.27 -51.02
N TYR J 180 42.09 -3.67 -50.81
CA TYR J 180 42.34 -2.28 -51.14
C TYR J 180 43.55 -2.08 -52.03
N SER J 181 43.62 -2.77 -53.16
CA SER J 181 44.77 -2.82 -54.07
C SER J 181 45.14 -1.39 -54.50
N THR J 182 46.24 -1.21 -55.21
CA THR J 182 46.95 0.06 -55.31
C THR J 182 46.17 1.06 -56.14
N ALA J 183 44.97 1.40 -55.68
CA ALA J 183 44.20 2.50 -56.24
C ALA J 183 43.84 3.54 -55.19
N VAL J 184 44.37 3.40 -53.97
CA VAL J 184 44.04 4.36 -52.91
C VAL J 184 44.96 5.56 -52.97
N ASP J 185 46.22 5.32 -53.34
CA ASP J 185 47.18 6.42 -53.44
C ASP J 185 46.74 7.40 -54.52
N ILE J 186 46.08 6.89 -55.55
CA ILE J 186 45.56 7.76 -56.61
C ILE J 186 44.51 8.72 -56.02
N TRP J 187 43.61 8.19 -55.20
CA TRP J 187 42.58 9.01 -54.58
C TRP J 187 43.20 10.05 -53.66
N SER J 188 44.20 9.64 -52.88
CA SER J 188 44.88 10.58 -52.00
C SER J 188 45.55 11.69 -52.82
N LEU J 189 46.14 11.33 -53.95
CA LEU J 189 46.74 12.32 -54.82
C LEU J 189 45.70 13.28 -55.36
N GLY J 190 44.51 12.76 -55.69
CA GLY J 190 43.44 13.64 -56.13
C GLY J 190 43.09 14.67 -55.08
N CYS J 191 42.93 14.22 -53.83
CA CYS J 191 42.61 15.16 -52.75
C CYS J 191 43.71 16.21 -52.60
N ILE J 192 44.97 15.76 -52.64
CA ILE J 192 46.08 16.70 -52.45
C ILE J 192 46.12 17.72 -53.57
N PHE J 193 45.95 17.27 -54.82
CA PHE J 193 45.97 18.21 -55.94
C PHE J 193 44.82 19.20 -55.86
N ALA J 194 43.64 18.73 -55.45
CA ALA J 194 42.51 19.63 -55.36
C ALA J 194 42.74 20.71 -54.31
N GLU J 195 43.24 20.34 -53.14
CA GLU J 195 43.54 21.35 -52.13
C GLU J 195 44.73 22.21 -52.55
N MET J 196 45.63 21.66 -53.38
CA MET J 196 46.64 22.51 -54.01
C MET J 196 45.97 23.64 -54.76
N VAL J 197 45.02 23.30 -55.62
CA VAL J 197 44.44 24.31 -56.50
C VAL J 197 43.62 25.32 -55.70
N THR J 198 42.80 24.83 -54.76
CA THR J 198 41.83 25.69 -54.10
C THR J 198 42.23 26.14 -52.71
N ARG J 199 43.37 25.67 -52.19
CA ARG J 199 43.84 26.00 -50.84
C ARG J 199 42.81 25.65 -49.77
N ARG J 200 41.93 24.70 -50.06
CA ARG J 200 40.91 24.25 -49.13
C ARG J 200 40.89 22.73 -49.15
N ALA J 201 41.05 22.12 -47.99
CA ALA J 201 40.91 20.67 -47.90
C ALA J 201 39.51 20.27 -48.34
N LEU J 202 39.44 19.39 -49.34
CA LEU J 202 38.13 19.06 -49.92
C LEU J 202 37.19 18.46 -48.88
N PHE J 203 37.70 17.57 -48.05
CA PHE J 203 36.86 16.76 -47.17
C PHE J 203 37.41 16.82 -45.75
N PRO J 204 37.22 17.94 -45.07
CA PRO J 204 37.69 18.09 -43.69
C PRO J 204 36.76 17.37 -42.72
N GLY J 205 36.97 16.06 -42.59
CA GLY J 205 36.09 15.25 -41.80
C GLY J 205 36.27 15.45 -40.31
N ASP J 206 35.20 15.22 -39.57
CA ASP J 206 35.24 15.20 -38.11
C ASP J 206 35.51 13.79 -37.62
N SER J 207 34.65 12.86 -38.00
CA SER J 207 34.90 11.43 -37.84
C SER J 207 34.51 10.74 -39.12
N GLU J 208 34.69 9.42 -39.14
CA GLU J 208 34.53 8.66 -40.37
C GLU J 208 33.16 8.88 -41.02
N ILE J 209 32.11 8.88 -40.20
CA ILE J 209 30.77 9.05 -40.74
C ILE J 209 30.59 10.46 -41.31
N ASP J 210 31.16 11.46 -40.64
CA ASP J 210 31.11 12.80 -41.20
C ASP J 210 31.89 12.87 -42.51
N GLN J 211 32.99 12.13 -42.59
CA GLN J 211 33.77 12.11 -43.82
C GLN J 211 32.95 11.52 -44.97
N LEU J 212 32.26 10.41 -44.71
CA LEU J 212 31.40 9.83 -45.74
C LEU J 212 30.32 10.81 -46.17
N PHE J 213 29.71 11.50 -45.21
CA PHE J 213 28.64 12.42 -45.56
C PHE J 213 29.18 13.58 -46.38
N ARG J 214 30.36 14.09 -46.04
CA ARG J 214 30.96 15.16 -46.83
C ARG J 214 31.25 14.71 -48.25
N ILE J 215 31.85 13.53 -48.40
CA ILE J 215 32.16 13.01 -49.73
C ILE J 215 30.89 12.85 -50.53
N PHE J 216 29.83 12.32 -49.90
CA PHE J 216 28.56 12.17 -50.58
C PHE J 216 28.03 13.51 -51.06
N ARG J 217 27.96 14.48 -50.14
CA ARG J 217 27.39 15.78 -50.48
C ARG J 217 28.16 16.44 -51.60
N THR J 218 29.46 16.19 -51.68
CA THR J 218 30.23 16.72 -52.80
C THR J 218 29.95 15.97 -54.10
N LEU J 219 29.86 14.64 -54.03
CA LEU J 219 29.81 13.82 -55.25
C LEU J 219 28.53 13.01 -55.39
N GLY J 220 27.49 13.29 -54.61
CA GLY J 220 26.24 12.56 -54.74
C GLY J 220 26.29 11.18 -54.13
N THR J 221 25.15 10.70 -53.64
CA THR J 221 25.11 9.41 -52.98
C THR J 221 25.41 8.29 -53.97
N PRO J 222 26.33 7.38 -53.66
CA PRO J 222 26.58 6.25 -54.55
C PRO J 222 25.45 5.24 -54.50
N ASP J 223 25.31 4.51 -55.61
CA ASP J 223 24.35 3.42 -55.70
C ASP J 223 24.88 2.42 -56.73
N GLU J 224 24.02 1.47 -57.10
CA GLU J 224 24.47 0.39 -57.99
C GLU J 224 24.91 0.93 -59.35
N VAL J 225 24.18 1.91 -59.89
CA VAL J 225 24.48 2.40 -61.23
C VAL J 225 25.88 3.00 -61.28
N VAL J 226 26.19 3.88 -60.33
CA VAL J 226 27.52 4.50 -60.31
C VAL J 226 28.56 3.49 -59.84
N TRP J 227 28.35 2.92 -58.66
CA TRP J 227 29.29 1.96 -58.12
C TRP J 227 28.68 0.56 -58.22
N PRO J 228 29.21 -0.31 -59.07
CA PRO J 228 28.71 -1.68 -59.11
C PRO J 228 29.09 -2.44 -57.84
N GLY J 229 28.12 -3.15 -57.28
CA GLY J 229 28.37 -3.90 -56.07
C GLY J 229 28.67 -3.05 -54.85
N VAL J 230 27.97 -1.93 -54.69
CA VAL J 230 28.17 -1.10 -53.51
C VAL J 230 27.19 -1.47 -52.41
N THR J 231 25.95 -1.78 -52.78
CA THR J 231 24.95 -2.14 -51.78
C THR J 231 25.29 -3.44 -51.06
N SER J 232 26.37 -4.11 -51.42
CA SER J 232 26.80 -5.33 -50.76
C SER J 232 28.06 -5.13 -49.91
N MET J 233 28.52 -3.89 -49.76
CA MET J 233 29.64 -3.62 -48.88
C MET J 233 29.21 -3.81 -47.43
N PRO J 234 30.16 -4.07 -46.54
CA PRO J 234 29.78 -4.35 -45.15
C PRO J 234 29.04 -3.22 -44.46
N ASP J 235 29.29 -1.96 -44.84
CA ASP J 235 28.79 -0.82 -44.07
C ASP J 235 28.00 0.13 -44.96
N TYR J 236 27.08 -0.40 -45.74
CA TYR J 236 26.15 0.42 -46.50
C TYR J 236 24.75 0.28 -45.92
N LYS J 237 24.08 1.42 -45.75
CA LYS J 237 22.73 1.46 -45.21
C LYS J 237 21.93 2.49 -46.00
N PRO J 238 20.98 2.05 -46.84
CA PRO J 238 20.20 3.00 -47.64
C PRO J 238 19.47 4.06 -46.84
N SER J 239 19.57 4.07 -45.52
CA SER J 239 19.09 5.22 -44.75
C SER J 239 19.95 6.45 -44.96
N PHE J 240 20.95 6.40 -45.84
CA PHE J 240 21.83 7.53 -46.13
C PHE J 240 21.06 8.70 -46.74
N PRO J 241 21.59 9.91 -46.60
CA PRO J 241 20.97 11.05 -47.29
C PRO J 241 20.98 10.85 -48.80
N LYS J 242 19.97 11.41 -49.46
CA LYS J 242 19.82 11.28 -50.90
C LYS J 242 20.36 12.53 -51.58
N TRP J 243 21.69 12.61 -51.64
CA TRP J 243 22.38 13.73 -52.28
C TRP J 243 22.70 13.39 -53.72
N ALA J 244 22.69 14.42 -54.56
CA ALA J 244 22.97 14.28 -55.98
C ALA J 244 24.29 14.95 -56.31
N ARG J 245 24.97 14.40 -57.32
CA ARG J 245 26.24 14.94 -57.76
C ARG J 245 26.11 16.40 -58.17
N GLN J 246 26.76 17.29 -57.44
CA GLN J 246 26.65 18.71 -57.69
C GLN J 246 27.55 19.12 -58.85
N ASP J 247 27.56 20.42 -59.14
CA ASP J 247 28.34 20.95 -60.25
C ASP J 247 29.82 20.68 -60.02
N PHE J 248 30.46 20.05 -61.01
CA PHE J 248 31.89 19.77 -60.88
C PHE J 248 32.72 21.05 -60.98
N SER J 249 32.28 22.01 -61.81
CA SER J 249 33.03 23.25 -61.95
C SER J 249 33.03 24.06 -60.66
N LYS J 250 31.89 24.08 -59.96
CA LYS J 250 31.82 24.82 -58.70
C LYS J 250 32.63 24.15 -57.60
N VAL J 251 32.91 22.85 -57.73
CA VAL J 251 33.75 22.17 -56.75
C VAL J 251 35.15 22.78 -56.75
N VAL J 252 35.71 22.97 -57.94
CA VAL J 252 37.04 23.59 -58.09
C VAL J 252 36.92 24.73 -59.10
N PRO J 253 36.52 25.91 -58.66
CA PRO J 253 36.19 27.00 -59.60
C PRO J 253 37.37 27.43 -60.46
N PRO J 254 38.55 27.78 -59.88
CA PRO J 254 39.56 28.47 -60.71
C PRO J 254 40.25 27.55 -61.71
N LEU J 255 39.72 26.35 -61.91
CA LEU J 255 40.38 25.34 -62.72
C LEU J 255 39.63 25.12 -64.02
N ASP J 256 40.39 24.78 -65.06
CA ASP J 256 39.88 24.76 -66.43
C ASP J 256 39.07 23.48 -66.72
N GLU J 257 38.74 23.29 -67.99
CA GLU J 257 37.95 22.13 -68.39
C GLU J 257 38.78 20.86 -68.39
N ASP J 258 40.01 20.94 -68.91
CA ASP J 258 40.85 19.74 -69.02
C ASP J 258 41.16 19.17 -67.65
N GLY J 259 41.54 20.04 -66.71
CA GLY J 259 41.72 19.59 -65.34
C GLY J 259 40.44 19.08 -64.72
N ARG J 260 39.30 19.68 -65.08
CA ARG J 260 38.02 19.20 -64.58
C ARG J 260 37.79 17.76 -65.00
N SER J 261 38.04 17.46 -66.27
CA SER J 261 37.96 16.08 -66.73
C SER J 261 38.90 15.19 -65.93
N LEU J 262 40.19 15.54 -65.90
CA LEU J 262 41.17 14.69 -65.22
C LEU J 262 40.76 14.41 -63.78
N LEU J 263 40.25 15.42 -63.08
CA LEU J 263 39.75 15.19 -61.72
C LEU J 263 38.56 14.25 -61.73
N SER J 264 37.67 14.39 -62.73
CA SER J 264 36.51 13.52 -62.79
C SER J 264 36.89 12.05 -62.95
N GLN J 265 37.87 11.75 -63.80
CA GLN J 265 38.34 10.36 -63.80
C GLN J 265 39.44 10.10 -62.79
N MET J 266 39.74 11.04 -61.90
CA MET J 266 40.77 10.79 -60.91
C MET J 266 40.20 10.69 -59.50
N LEU J 267 38.94 11.10 -59.31
CA LEU J 267 38.20 10.91 -58.07
C LEU J 267 36.91 10.13 -58.30
N HIS J 268 36.97 9.02 -59.03
CA HIS J 268 35.79 8.22 -59.30
C HIS J 268 35.65 7.10 -58.28
N TYR J 269 34.41 6.72 -58.00
CA TYR J 269 34.15 5.75 -56.93
C TYR J 269 34.77 4.40 -57.25
N ASP J 270 34.33 3.75 -58.31
CA ASP J 270 34.74 2.38 -58.58
C ASP J 270 36.24 2.32 -58.76
N PRO J 271 36.95 1.52 -57.95
CA PRO J 271 38.43 1.46 -58.10
C PRO J 271 38.86 0.98 -59.47
N ASN J 272 38.13 0.04 -60.06
CA ASN J 272 38.49 -0.43 -61.40
C ASN J 272 38.24 0.66 -62.45
N LYS J 273 37.28 1.55 -62.20
CA LYS J 273 37.02 2.68 -63.09
C LYS J 273 37.79 3.93 -62.67
N ARG J 274 38.92 3.77 -62.00
CA ARG J 274 39.76 4.87 -61.56
C ARG J 274 41.09 4.77 -62.29
N ILE J 275 41.48 5.86 -62.97
CA ILE J 275 42.67 5.81 -63.82
C ILE J 275 43.91 5.56 -62.97
N SER J 276 44.85 4.80 -63.52
CA SER J 276 46.08 4.47 -62.82
C SER J 276 47.14 5.55 -63.11
N ALA J 277 48.39 5.27 -62.72
CA ALA J 277 49.45 6.26 -62.91
C ALA J 277 49.79 6.44 -64.38
N LYS J 278 50.23 5.36 -65.03
CA LYS J 278 50.67 5.47 -66.42
C LYS J 278 49.55 5.94 -67.33
N ALA J 279 48.30 5.56 -67.02
CA ALA J 279 47.17 6.08 -67.79
C ALA J 279 47.05 7.59 -67.64
N ALA J 280 47.30 8.11 -66.44
CA ALA J 280 47.25 9.55 -66.21
C ALA J 280 48.43 10.28 -66.83
N LEU J 281 49.58 9.60 -66.96
CA LEU J 281 50.77 10.24 -67.52
C LEU J 281 50.54 10.75 -68.94
N ALA J 282 49.56 10.21 -69.67
CA ALA J 282 49.32 10.57 -71.05
C ALA J 282 48.07 11.41 -71.24
N HIS J 283 47.69 12.19 -70.25
CA HIS J 283 46.52 13.04 -70.37
C HIS J 283 46.91 14.37 -71.02
N PRO J 284 46.00 15.00 -71.79
CA PRO J 284 46.34 16.25 -72.48
C PRO J 284 46.78 17.39 -71.55
N PHE J 285 45.90 17.76 -70.63
CA PHE J 285 46.20 18.68 -69.55
C PHE J 285 47.58 18.34 -68.99
N PHE J 286 47.87 17.06 -68.92
CA PHE J 286 49.11 16.57 -68.37
C PHE J 286 50.20 16.34 -69.40
N GLN J 287 49.86 16.16 -70.69
CA GLN J 287 50.94 16.09 -71.66
C GLN J 287 51.62 17.43 -71.81
N ASP J 288 50.91 18.52 -71.53
CA ASP J 288 51.58 19.82 -71.46
C ASP J 288 52.30 19.93 -70.13
N VAL J 289 53.62 19.95 -70.15
CA VAL J 289 54.44 19.95 -68.94
C VAL J 289 55.49 21.07 -69.05
N THR J 290 55.58 21.89 -68.01
CA THR J 290 56.63 22.88 -67.87
C THR J 290 57.54 22.48 -66.71
N LYS J 291 58.47 23.35 -66.35
CA LYS J 291 59.34 23.12 -65.18
C LYS J 291 59.70 24.47 -64.56
N PRO J 292 58.78 25.05 -63.77
CA PRO J 292 59.13 26.28 -63.05
C PRO J 292 59.95 26.03 -61.79
N VAL J 293 60.16 27.08 -61.01
CA VAL J 293 60.89 27.01 -59.75
C VAL J 293 59.98 27.56 -58.66
N PRO J 294 60.19 27.17 -57.41
CA PRO J 294 59.36 27.70 -56.32
C PRO J 294 59.54 29.21 -56.17
N HIS J 295 58.47 29.87 -55.73
CA HIS J 295 58.46 31.32 -55.64
C HIS J 295 58.88 31.85 -54.26
N LEU J 296 58.68 31.08 -53.21
CA LEU J 296 58.97 31.53 -51.85
C LEU J 296 60.15 30.76 -51.27
N ARG J 297 60.65 31.27 -50.14
CA ARG J 297 61.86 30.72 -49.54
C ARG J 297 61.65 29.29 -49.08
N LEU J 298 62.66 28.46 -49.26
CA LEU J 298 62.56 27.06 -48.90
C LEU J 298 63.66 26.65 -47.92
N VAL K 175 43.92 -5.73 -62.98
CA VAL K 175 44.38 -4.88 -64.07
C VAL K 175 45.86 -5.15 -64.34
N PRO K 176 46.20 -5.38 -65.61
CA PRO K 176 47.59 -5.73 -65.94
C PRO K 176 48.51 -4.52 -66.06
N ASP K 177 48.09 -3.39 -65.50
CA ASP K 177 48.89 -2.17 -65.60
C ASP K 177 50.25 -2.29 -64.96
N TYR K 178 50.47 -3.29 -64.11
CA TYR K 178 51.78 -3.47 -63.48
C TYR K 178 52.24 -4.92 -63.43
N HIS K 179 51.42 -5.88 -63.87
CA HIS K 179 51.75 -7.29 -63.62
C HIS K 179 53.02 -7.71 -64.33
N GLU K 180 53.12 -7.39 -65.63
CA GLU K 180 54.32 -7.77 -66.37
C GLU K 180 55.55 -7.04 -65.85
N ASP K 181 55.40 -5.78 -65.46
CA ASP K 181 56.54 -5.03 -64.95
C ASP K 181 57.06 -5.64 -63.65
N ILE K 182 56.15 -6.00 -62.75
CA ILE K 182 56.56 -6.68 -61.51
C ILE K 182 57.17 -8.04 -61.82
N HIS K 183 56.65 -8.73 -62.83
CA HIS K 183 57.23 -10.01 -63.22
C HIS K 183 58.68 -9.84 -63.65
N THR K 184 58.94 -8.88 -64.53
CA THR K 184 60.31 -8.64 -64.97
C THR K 184 61.19 -8.22 -63.80
N TYR K 185 60.67 -7.36 -62.93
CA TYR K 185 61.46 -6.91 -61.78
C TYR K 185 61.85 -8.08 -60.90
N LEU K 186 60.90 -8.96 -60.60
CA LEU K 186 61.19 -10.12 -59.76
C LEU K 186 62.16 -11.06 -60.45
N ARG K 187 62.02 -11.24 -61.76
CA ARG K 187 62.96 -12.07 -62.50
C ARG K 187 64.37 -11.53 -62.38
N GLU K 188 64.52 -10.20 -62.38
CA GLU K 188 65.85 -9.62 -62.20
C GLU K 188 66.34 -9.79 -60.76
N MET K 189 65.45 -9.64 -59.79
CA MET K 189 65.89 -9.69 -58.39
C MET K 189 66.22 -11.09 -57.90
N GLU K 190 65.55 -12.12 -58.42
CA GLU K 190 65.76 -13.46 -57.86
C GLU K 190 67.22 -13.91 -57.98
N VAL K 191 67.98 -13.32 -58.89
CA VAL K 191 69.34 -13.78 -59.12
C VAL K 191 70.37 -13.06 -58.24
N LYS K 192 70.13 -11.79 -57.91
CA LYS K 192 71.12 -11.05 -57.12
C LYS K 192 71.25 -11.61 -55.72
N CYS K 193 70.13 -12.08 -55.14
CA CYS K 193 70.13 -12.63 -53.80
C CYS K 193 70.28 -14.14 -53.79
N LYS K 194 70.64 -14.75 -54.91
CA LYS K 194 70.75 -16.19 -55.00
C LYS K 194 71.84 -16.68 -54.05
N PRO K 195 71.53 -17.57 -53.11
CA PRO K 195 72.55 -18.04 -52.18
C PRO K 195 73.50 -19.04 -52.84
N LYS K 196 74.66 -19.21 -52.21
CA LYS K 196 75.63 -20.16 -52.70
C LYS K 196 75.12 -21.59 -52.52
N VAL K 197 75.59 -22.48 -53.39
CA VAL K 197 75.11 -23.86 -53.39
C VAL K 197 75.95 -24.70 -52.45
N GLY K 198 77.26 -24.73 -52.67
CA GLY K 198 78.16 -25.57 -51.91
C GLY K 198 78.50 -25.06 -50.52
N TYR K 199 77.74 -24.10 -50.01
CA TYR K 199 78.05 -23.50 -48.72
C TYR K 199 78.09 -24.52 -47.59
N MET K 200 77.30 -25.58 -47.71
CA MET K 200 77.06 -26.45 -46.56
C MET K 200 78.33 -27.21 -46.16
N LYS K 201 79.17 -27.56 -47.13
CA LYS K 201 80.39 -28.30 -46.80
C LYS K 201 81.39 -27.44 -46.06
N LYS K 202 81.42 -26.13 -46.35
CA LYS K 202 82.41 -25.26 -45.70
C LYS K 202 82.21 -25.21 -44.20
N GLN K 203 80.97 -25.22 -43.74
CA GLN K 203 80.71 -25.16 -42.32
C GLN K 203 81.21 -26.42 -41.63
N PRO K 204 81.78 -26.30 -40.43
CA PRO K 204 82.45 -27.47 -39.84
C PRO K 204 81.52 -28.55 -39.32
N ASP K 205 80.43 -28.19 -38.64
CA ASP K 205 79.67 -29.18 -37.88
C ASP K 205 78.21 -29.30 -38.26
N ILE K 206 77.76 -28.75 -39.38
CA ILE K 206 76.37 -28.85 -39.78
C ILE K 206 76.27 -29.68 -41.04
N THR K 207 75.12 -30.34 -41.21
CA THR K 207 74.89 -31.28 -42.30
C THR K 207 73.56 -30.98 -42.96
N ASN K 208 73.42 -31.40 -44.22
CA ASN K 208 72.17 -31.23 -44.93
C ASN K 208 71.02 -31.95 -44.22
N SER K 209 71.31 -33.12 -43.63
CA SER K 209 70.36 -33.73 -42.71
C SER K 209 69.92 -32.74 -41.64
N MET K 210 70.87 -31.93 -41.17
CA MET K 210 70.52 -31.01 -40.10
C MET K 210 69.72 -29.83 -40.62
N ARG K 211 70.00 -29.39 -41.85
CA ARG K 211 69.16 -28.36 -42.45
C ARG K 211 67.73 -28.86 -42.59
N ALA K 212 67.57 -30.13 -42.97
CA ALA K 212 66.24 -30.71 -43.04
C ALA K 212 65.58 -30.74 -41.67
N ILE K 213 66.33 -31.09 -40.62
CA ILE K 213 65.74 -31.15 -39.28
C ILE K 213 65.31 -29.75 -38.82
N LEU K 214 66.16 -28.75 -39.03
CA LEU K 214 65.77 -27.37 -38.70
C LEU K 214 64.52 -26.96 -39.44
N VAL K 215 64.46 -27.17 -40.76
CA VAL K 215 63.30 -26.69 -41.49
C VAL K 215 62.06 -27.47 -41.08
N ASP K 216 62.22 -28.73 -40.70
CA ASP K 216 61.09 -29.51 -40.21
C ASP K 216 60.53 -28.91 -38.93
N TRP K 217 61.39 -28.70 -37.94
CA TRP K 217 60.93 -28.09 -36.70
C TRP K 217 60.36 -26.71 -36.95
N LEU K 218 60.92 -26.00 -37.94
CA LEU K 218 60.51 -24.63 -38.21
C LEU K 218 59.10 -24.60 -38.79
N VAL K 219 58.82 -25.47 -39.76
CA VAL K 219 57.47 -25.53 -40.31
C VAL K 219 56.49 -26.02 -39.25
N GLU K 220 56.93 -26.90 -38.35
CA GLU K 220 56.07 -27.30 -37.25
C GLU K 220 55.67 -26.09 -36.41
N VAL K 221 56.65 -25.30 -35.98
CA VAL K 221 56.35 -24.13 -35.16
C VAL K 221 55.50 -23.13 -35.92
N GLY K 222 55.79 -22.95 -37.21
CA GLY K 222 55.02 -22.01 -38.01
C GLY K 222 53.55 -22.41 -38.10
N GLU K 223 53.30 -23.70 -38.38
CA GLU K 223 51.92 -24.16 -38.41
C GLU K 223 51.26 -24.06 -37.05
N GLU K 224 52.05 -24.11 -35.98
CA GLU K 224 51.49 -23.93 -34.64
C GLU K 224 50.86 -22.54 -34.50
N TYR K 225 51.65 -21.49 -34.68
CA TYR K 225 51.20 -20.13 -34.41
C TYR K 225 50.24 -19.60 -35.45
N LYS K 226 49.77 -20.40 -36.40
CA LYS K 226 48.83 -19.97 -37.43
C LYS K 226 49.40 -18.78 -38.22
N LEU K 227 50.50 -19.07 -38.90
CA LEU K 227 51.19 -18.09 -39.73
C LEU K 227 50.82 -18.33 -41.19
N GLN K 228 51.50 -17.62 -42.08
CA GLN K 228 51.31 -17.78 -43.51
C GLN K 228 52.53 -18.45 -44.13
N ASN K 229 52.31 -19.08 -45.28
CA ASN K 229 53.38 -19.85 -45.92
C ASN K 229 54.50 -18.96 -46.46
N GLU K 230 54.17 -17.75 -46.95
CA GLU K 230 55.22 -16.86 -47.41
C GLU K 230 56.15 -16.46 -46.27
N THR K 231 55.61 -16.41 -45.05
CA THR K 231 56.47 -16.20 -43.88
C THR K 231 57.54 -17.28 -43.81
N LEU K 232 57.13 -18.54 -43.97
CA LEU K 232 58.10 -19.63 -43.96
C LEU K 232 59.06 -19.52 -45.12
N HIS K 233 58.56 -19.18 -46.31
CA HIS K 233 59.43 -19.03 -47.47
C HIS K 233 60.54 -18.03 -47.20
N LEU K 234 60.16 -16.83 -46.75
CA LEU K 234 61.17 -15.81 -46.49
C LEU K 234 62.06 -16.20 -45.33
N ALA K 235 61.52 -16.88 -44.31
CA ALA K 235 62.33 -17.28 -43.17
C ALA K 235 63.41 -18.28 -43.59
N VAL K 236 63.04 -19.29 -44.39
CA VAL K 236 64.04 -20.26 -44.81
C VAL K 236 65.01 -19.61 -45.80
N ASN K 237 64.54 -18.64 -46.59
CA ASN K 237 65.46 -17.94 -47.47
C ASN K 237 66.51 -17.16 -46.67
N TYR K 238 66.08 -16.49 -45.60
CA TYR K 238 67.02 -15.80 -44.74
C TYR K 238 67.98 -16.79 -44.08
N ILE K 239 67.44 -17.94 -43.65
CA ILE K 239 68.29 -18.97 -43.04
C ILE K 239 69.36 -19.40 -44.02
N ASP K 240 68.96 -19.68 -45.26
CA ASP K 240 69.92 -20.13 -46.27
C ASP K 240 70.96 -19.06 -46.55
N ARG K 241 70.52 -17.84 -46.82
CA ARG K 241 71.46 -16.76 -47.13
C ARG K 241 72.35 -16.43 -45.94
N PHE K 242 71.94 -16.79 -44.73
CA PHE K 242 72.77 -16.52 -43.56
C PHE K 242 73.82 -17.62 -43.35
N LEU K 243 73.36 -18.88 -43.27
CA LEU K 243 74.29 -19.99 -43.10
C LEU K 243 75.35 -20.02 -44.19
N SER K 244 74.98 -19.60 -45.40
CA SER K 244 75.95 -19.55 -46.50
C SER K 244 77.04 -18.52 -46.28
N SER K 245 77.02 -17.79 -45.17
CA SER K 245 78.02 -16.75 -44.95
C SER K 245 78.57 -16.70 -43.54
N MET K 246 78.14 -17.58 -42.63
CA MET K 246 78.58 -17.48 -41.26
C MET K 246 78.73 -18.87 -40.64
N SER K 247 79.86 -19.09 -39.97
CA SER K 247 80.07 -20.31 -39.19
C SER K 247 79.24 -20.26 -37.92
N VAL K 248 78.88 -21.44 -37.41
CA VAL K 248 77.96 -21.54 -36.28
C VAL K 248 78.03 -22.94 -35.68
N LEU K 249 77.89 -23.04 -34.36
CA LEU K 249 77.77 -24.32 -33.69
C LEU K 249 76.32 -24.76 -33.66
N ARG K 250 76.12 -26.08 -33.58
CA ARG K 250 74.79 -26.66 -33.77
C ARG K 250 73.78 -26.16 -32.75
N GLY K 251 74.24 -25.83 -31.53
CA GLY K 251 73.33 -25.37 -30.51
C GLY K 251 72.66 -24.05 -30.82
N LYS K 252 73.20 -23.30 -31.76
CA LYS K 252 72.67 -21.99 -32.12
C LYS K 252 71.76 -22.02 -33.33
N LEU K 253 71.59 -23.19 -33.94
CA LEU K 253 70.76 -23.29 -35.14
C LEU K 253 69.30 -22.98 -34.83
N GLN K 254 68.79 -23.51 -33.72
CA GLN K 254 67.40 -23.22 -33.34
C GLN K 254 67.22 -21.73 -33.07
N LEU K 255 68.19 -21.12 -32.39
CA LEU K 255 68.12 -19.69 -32.10
C LEU K 255 68.07 -18.88 -33.39
N VAL K 256 68.93 -19.22 -34.35
CA VAL K 256 68.96 -18.52 -35.61
C VAL K 256 67.64 -18.72 -36.36
N GLY K 257 67.10 -19.93 -36.34
CA GLY K 257 65.83 -20.18 -37.02
C GLY K 257 64.69 -19.40 -36.40
N THR K 258 64.65 -19.33 -35.08
CA THR K 258 63.63 -18.52 -34.42
C THR K 258 63.77 -17.05 -34.81
N ALA K 259 65.00 -16.55 -34.85
CA ALA K 259 65.21 -15.16 -35.28
C ALA K 259 64.72 -14.96 -36.71
N ALA K 260 65.00 -15.89 -37.60
CA ALA K 260 64.57 -15.76 -38.99
C ALA K 260 63.06 -15.75 -39.11
N MET K 261 62.39 -16.66 -38.39
CA MET K 261 60.93 -16.66 -38.42
C MET K 261 60.35 -15.37 -37.84
N LEU K 262 60.96 -14.85 -36.77
CA LEU K 262 60.50 -13.58 -36.22
C LEU K 262 60.63 -12.46 -37.23
N LEU K 263 61.77 -12.42 -37.94
CA LEU K 263 61.96 -11.39 -38.96
C LEU K 263 60.93 -11.52 -40.08
N ALA K 264 60.66 -12.75 -40.51
CA ALA K 264 59.69 -12.94 -41.58
C ALA K 264 58.30 -12.49 -41.13
N SER K 265 57.93 -12.81 -39.89
CA SER K 265 56.64 -12.39 -39.37
C SER K 265 56.55 -10.87 -39.30
N LYS K 266 57.62 -10.21 -38.82
CA LYS K 266 57.61 -8.75 -38.74
C LYS K 266 57.48 -8.13 -40.10
N PHE K 267 58.16 -8.68 -41.10
CA PHE K 267 58.04 -8.14 -42.46
C PHE K 267 56.63 -8.34 -43.00
N GLU K 268 56.21 -9.60 -43.14
CA GLU K 268 55.02 -9.89 -43.94
C GLU K 268 53.75 -10.01 -43.11
N GLU K 269 53.80 -10.67 -41.97
CA GLU K 269 52.60 -11.03 -41.25
C GLU K 269 51.96 -9.79 -40.61
N ILE K 270 50.64 -9.84 -40.41
CA ILE K 270 49.89 -8.67 -39.96
C ILE K 270 50.10 -8.45 -38.47
N TYR K 271 49.69 -9.41 -37.64
CA TYR K 271 49.75 -9.31 -36.19
C TYR K 271 50.86 -10.21 -35.68
N PRO K 272 52.12 -9.75 -35.69
CA PRO K 272 53.24 -10.66 -35.51
C PRO K 272 53.24 -11.26 -34.11
N PRO K 273 53.45 -12.58 -34.00
CA PRO K 273 53.68 -13.16 -32.69
C PRO K 273 54.89 -12.51 -32.02
N GLU K 274 54.76 -12.25 -30.73
CA GLU K 274 55.74 -11.44 -30.03
C GLU K 274 57.00 -12.25 -29.72
N VAL K 275 58.05 -11.53 -29.32
CA VAL K 275 59.31 -12.17 -28.97
C VAL K 275 59.15 -13.15 -27.82
N ALA K 276 58.16 -12.90 -26.95
CA ALA K 276 57.93 -13.80 -25.82
C ALA K 276 57.53 -15.19 -26.30
N GLU K 277 56.67 -15.26 -27.31
CA GLU K 277 56.24 -16.56 -27.82
C GLU K 277 57.42 -17.36 -28.37
N PHE K 278 58.33 -16.69 -29.07
CA PHE K 278 59.47 -17.39 -29.67
C PHE K 278 60.52 -17.75 -28.64
N VAL K 279 60.71 -16.93 -27.61
CA VAL K 279 61.63 -17.35 -26.55
C VAL K 279 60.99 -18.41 -25.67
N TYR K 280 59.67 -18.59 -25.75
CA TYR K 280 59.02 -19.64 -24.99
C TYR K 280 59.04 -20.97 -25.73
N ILE K 281 58.75 -20.95 -27.03
CA ILE K 281 58.60 -22.19 -27.79
C ILE K 281 59.89 -23.00 -27.81
N THR K 282 61.04 -22.35 -27.61
CA THR K 282 62.33 -23.03 -27.57
C THR K 282 62.58 -23.73 -26.24
N ASP K 283 61.55 -23.92 -25.42
CA ASP K 283 61.68 -24.47 -24.07
C ASP K 283 62.60 -23.64 -23.20
N ASP K 284 62.73 -22.34 -23.53
CA ASP K 284 63.60 -21.41 -22.81
C ASP K 284 65.04 -21.90 -22.76
N THR K 285 65.49 -22.62 -23.80
CA THR K 285 66.90 -22.92 -23.92
C THR K 285 67.72 -21.67 -24.17
N TYR K 286 67.08 -20.59 -24.61
CA TYR K 286 67.73 -19.31 -24.81
C TYR K 286 66.97 -18.22 -24.06
N THR K 287 67.69 -17.17 -23.67
CA THR K 287 67.07 -16.02 -23.03
C THR K 287 66.72 -14.98 -24.08
N LYS K 288 65.94 -13.98 -23.65
CA LYS K 288 65.46 -12.95 -24.57
C LYS K 288 66.61 -12.14 -25.15
N LYS K 289 67.57 -11.75 -24.30
CA LYS K 289 68.65 -10.90 -24.76
C LYS K 289 69.50 -11.59 -25.80
N GLN K 290 69.69 -12.91 -25.69
CA GLN K 290 70.42 -13.64 -26.72
C GLN K 290 69.70 -13.54 -28.06
N VAL K 291 68.38 -13.65 -28.06
CA VAL K 291 67.61 -13.51 -29.30
C VAL K 291 67.76 -12.10 -29.85
N LEU K 292 67.74 -11.10 -28.98
CA LEU K 292 67.90 -9.72 -29.44
C LEU K 292 69.26 -9.50 -30.08
N ARG K 293 70.31 -10.04 -29.47
CA ARG K 293 71.65 -9.86 -30.03
C ARG K 293 71.82 -10.64 -31.34
N MET K 294 71.25 -11.85 -31.40
CA MET K 294 71.20 -12.56 -32.69
C MET K 294 70.47 -11.74 -33.73
N GLU K 295 69.41 -11.04 -33.34
CA GLU K 295 68.69 -10.20 -34.28
C GLU K 295 69.59 -9.08 -34.79
N HIS K 296 70.32 -8.43 -33.88
CA HIS K 296 71.30 -7.43 -34.28
C HIS K 296 72.24 -8.02 -35.32
N LEU K 297 72.78 -9.20 -35.04
CA LEU K 297 73.76 -9.82 -35.92
C LEU K 297 73.16 -10.12 -37.29
N VAL K 298 71.97 -10.72 -37.32
CA VAL K 298 71.40 -11.16 -38.59
C VAL K 298 71.02 -9.95 -39.43
N LEU K 299 70.49 -8.89 -38.81
CA LEU K 299 70.25 -7.67 -39.56
C LEU K 299 71.56 -7.08 -40.07
N LYS K 300 72.64 -7.18 -39.30
CA LYS K 300 73.91 -6.66 -39.77
C LYS K 300 74.39 -7.40 -41.01
N VAL K 301 74.44 -8.73 -40.95
CA VAL K 301 75.02 -9.50 -42.05
C VAL K 301 74.13 -9.43 -43.28
N LEU K 302 72.81 -9.46 -43.09
CA LEU K 302 71.90 -9.42 -44.23
C LEU K 302 71.85 -8.06 -44.90
N THR K 303 72.50 -7.05 -44.33
CA THR K 303 72.57 -5.70 -44.89
C THR K 303 71.18 -5.08 -45.08
N PHE K 304 70.21 -5.52 -44.29
CA PHE K 304 68.86 -4.95 -44.29
C PHE K 304 68.22 -5.01 -45.66
N ASP K 305 68.39 -6.13 -46.36
CA ASP K 305 67.72 -6.38 -47.63
C ASP K 305 66.92 -7.67 -47.46
N LEU K 306 65.70 -7.54 -46.95
CA LEU K 306 64.87 -8.68 -46.63
C LEU K 306 63.74 -8.91 -47.62
N ALA K 307 63.54 -8.01 -48.58
CA ALA K 307 62.44 -8.15 -49.53
C ALA K 307 62.83 -9.04 -50.70
N ALA K 308 63.36 -10.22 -50.40
CA ALA K 308 63.76 -11.14 -51.45
C ALA K 308 62.54 -11.80 -52.09
N PRO K 309 62.61 -12.10 -53.39
CA PRO K 309 61.53 -12.85 -54.01
C PRO K 309 61.54 -14.30 -53.60
N THR K 310 60.36 -14.92 -53.63
CA THR K 310 60.20 -16.32 -53.30
C THR K 310 59.36 -17.00 -54.37
N VAL K 311 59.33 -18.32 -54.31
CA VAL K 311 58.61 -19.09 -55.31
C VAL K 311 57.11 -18.80 -55.25
N ASN K 312 56.58 -18.63 -54.03
CA ASN K 312 55.14 -18.55 -53.85
C ASN K 312 54.54 -17.41 -54.67
N GLN K 313 55.25 -16.29 -54.77
CA GLN K 313 54.77 -15.19 -55.59
C GLN K 313 54.68 -15.61 -57.05
N PHE K 314 55.69 -16.34 -57.54
CA PHE K 314 55.64 -16.83 -58.92
C PHE K 314 54.48 -17.79 -59.12
N LEU K 315 54.26 -18.70 -58.16
CA LEU K 315 53.11 -19.60 -58.25
C LEU K 315 51.81 -18.81 -58.37
N THR K 316 51.62 -17.82 -57.48
CA THR K 316 50.39 -17.05 -57.48
C THR K 316 50.22 -16.28 -58.78
N GLN K 317 51.30 -15.71 -59.30
CA GLN K 317 51.22 -15.01 -60.59
C GLN K 317 50.84 -15.97 -61.70
N TYR K 318 51.43 -17.17 -61.70
CA TYR K 318 51.13 -18.14 -62.74
C TYR K 318 49.67 -18.57 -62.67
N PHE K 319 49.12 -18.71 -61.46
CA PHE K 319 47.74 -19.18 -61.31
C PHE K 319 46.73 -18.26 -61.97
N LEU K 320 47.10 -17.02 -62.28
CA LEU K 320 46.17 -16.10 -62.93
C LEU K 320 45.68 -16.64 -64.26
N HIS K 321 46.46 -17.47 -64.93
CA HIS K 321 46.08 -18.00 -66.24
C HIS K 321 45.61 -19.45 -66.13
N ALA K 325 41.52 -21.82 -63.18
CA ALA K 325 42.22 -21.96 -61.91
C ALA K 325 41.34 -22.70 -60.90
N ASN K 326 41.80 -23.87 -60.47
CA ASN K 326 41.07 -24.70 -59.53
C ASN K 326 41.86 -24.83 -58.23
N CYS K 327 41.16 -24.71 -57.10
CA CYS K 327 41.82 -24.65 -55.79
C CYS K 327 42.74 -25.84 -55.56
N LYS K 328 42.32 -27.04 -55.98
CA LYS K 328 43.14 -28.22 -55.78
C LYS K 328 44.45 -28.09 -56.53
N VAL K 329 44.42 -27.53 -57.73
CA VAL K 329 45.65 -27.37 -58.52
C VAL K 329 46.66 -26.53 -57.74
N GLU K 330 46.20 -25.39 -57.20
CA GLU K 330 47.12 -24.51 -56.49
C GLU K 330 47.60 -25.13 -55.18
N SER K 331 46.71 -25.86 -54.50
CA SER K 331 47.13 -26.52 -53.26
C SER K 331 48.22 -27.53 -53.55
N LEU K 332 48.04 -28.34 -54.60
CA LEU K 332 49.09 -29.29 -54.98
C LEU K 332 50.37 -28.57 -55.36
N ALA K 333 50.27 -27.48 -56.12
CA ALA K 333 51.47 -26.78 -56.56
C ALA K 333 52.26 -26.23 -55.37
N MET K 334 51.56 -25.60 -54.43
CA MET K 334 52.23 -25.11 -53.23
C MET K 334 52.81 -26.25 -52.42
N PHE K 335 52.10 -27.37 -52.35
CA PHE K 335 52.63 -28.56 -51.70
C PHE K 335 53.96 -28.96 -52.30
N LEU K 336 54.02 -29.07 -53.63
CA LEU K 336 55.26 -29.47 -54.29
C LEU K 336 56.37 -28.46 -54.05
N GLY K 337 56.02 -27.16 -54.05
CA GLY K 337 57.04 -26.16 -53.77
C GLY K 337 57.64 -26.31 -52.39
N GLU K 338 56.78 -26.53 -51.38
CA GLU K 338 57.29 -26.75 -50.04
C GLU K 338 58.12 -28.02 -49.97
N LEU K 339 57.67 -29.09 -50.61
CA LEU K 339 58.47 -30.32 -50.69
C LEU K 339 59.84 -30.03 -51.27
N SER K 340 59.89 -29.20 -52.31
CA SER K 340 61.18 -28.84 -52.89
C SER K 340 62.05 -28.11 -51.88
N LEU K 341 61.46 -27.19 -51.11
CA LEU K 341 62.28 -26.48 -50.14
C LEU K 341 62.63 -27.34 -48.94
N ILE K 342 62.03 -28.53 -48.79
CA ILE K 342 62.42 -29.41 -47.69
C ILE K 342 63.89 -29.79 -47.80
N ASP K 343 64.34 -30.13 -49.00
CA ASP K 343 65.75 -30.45 -49.21
C ASP K 343 66.37 -29.51 -50.23
N PRO K 346 68.47 -31.10 -54.83
CA PRO K 346 69.32 -30.40 -55.80
C PRO K 346 68.69 -29.10 -56.28
N TYR K 347 67.65 -28.66 -55.57
CA TYR K 347 66.86 -27.52 -56.03
C TYR K 347 67.57 -26.19 -55.81
N LEU K 348 68.46 -26.12 -54.81
CA LEU K 348 69.20 -24.89 -54.57
C LEU K 348 70.08 -24.49 -55.74
N LYS K 349 70.26 -25.37 -56.72
CA LYS K 349 70.91 -25.01 -57.97
C LYS K 349 69.97 -24.28 -58.92
N TYR K 350 68.69 -24.59 -58.90
CA TYR K 350 67.72 -23.96 -59.77
C TYR K 350 67.20 -22.66 -59.16
N LEU K 351 66.77 -21.75 -60.03
CA LEU K 351 66.19 -20.50 -59.59
C LEU K 351 64.81 -20.74 -58.98
N PRO K 352 64.35 -19.84 -58.11
CA PRO K 352 62.98 -19.96 -57.61
C PRO K 352 61.94 -19.95 -58.71
N SER K 353 62.16 -19.19 -59.78
CA SER K 353 61.26 -19.25 -60.93
C SER K 353 61.29 -20.62 -61.58
N VAL K 354 62.47 -21.22 -61.66
CA VAL K 354 62.62 -22.54 -62.27
C VAL K 354 61.80 -23.57 -61.49
N ILE K 355 61.99 -23.59 -60.16
CA ILE K 355 61.27 -24.54 -59.33
C ILE K 355 59.77 -24.26 -59.34
N ALA K 356 59.40 -22.99 -59.41
CA ALA K 356 57.99 -22.64 -59.49
C ALA K 356 57.35 -23.22 -60.75
N GLY K 357 58.02 -23.04 -61.89
CA GLY K 357 57.50 -23.61 -63.13
C GLY K 357 57.41 -25.13 -63.07
N ALA K 358 58.45 -25.77 -62.54
CA ALA K 358 58.46 -27.23 -62.45
C ALA K 358 57.31 -27.73 -61.59
N ALA K 359 57.16 -27.15 -60.40
CA ALA K 359 56.08 -27.59 -59.50
C ALA K 359 54.72 -27.33 -60.11
N PHE K 360 54.53 -26.16 -60.74
CA PHE K 360 53.25 -25.86 -61.34
C PHE K 360 52.89 -26.87 -62.42
N HIS K 361 53.83 -27.14 -63.34
CA HIS K 361 53.52 -28.06 -64.43
C HIS K 361 53.29 -29.48 -63.91
N LEU K 362 54.10 -29.94 -62.97
CA LEU K 362 53.94 -31.31 -62.48
C LEU K 362 52.63 -31.45 -61.71
N ALA K 363 52.26 -30.45 -60.92
CA ALA K 363 50.98 -30.50 -60.23
C ALA K 363 49.82 -30.48 -61.22
N LEU K 364 49.93 -29.66 -62.27
CA LEU K 364 48.88 -29.61 -63.28
C LEU K 364 48.69 -30.97 -63.93
N TYR K 365 49.80 -31.61 -64.31
CA TYR K 365 49.72 -32.95 -64.91
C TYR K 365 49.15 -33.95 -63.92
N THR K 366 49.56 -33.88 -62.65
CA THR K 366 49.08 -34.83 -61.66
C THR K 366 47.58 -34.72 -61.44
N VAL K 367 47.07 -33.49 -61.38
CA VAL K 367 45.67 -33.30 -61.04
C VAL K 367 44.76 -33.49 -62.26
N THR K 368 45.17 -33.03 -63.45
CA THR K 368 44.29 -33.15 -64.60
C THR K 368 45.00 -33.56 -65.88
N GLY K 369 46.32 -33.72 -65.88
CA GLY K 369 47.03 -34.16 -67.05
C GLY K 369 47.25 -33.09 -68.11
N GLN K 370 46.73 -31.88 -67.92
CA GLN K 370 46.94 -30.83 -68.88
C GLN K 370 48.39 -30.34 -68.82
N SER K 371 48.80 -29.62 -69.86
CA SER K 371 50.19 -29.21 -70.04
C SER K 371 50.33 -27.71 -69.90
N TRP K 372 51.57 -27.29 -69.77
CA TRP K 372 51.98 -25.89 -69.64
C TRP K 372 51.54 -25.09 -70.86
N PRO K 373 50.62 -24.14 -70.69
CA PRO K 373 50.11 -23.40 -71.85
C PRO K 373 51.14 -22.44 -72.41
N GLU K 374 50.85 -21.96 -73.62
CA GLU K 374 51.81 -21.13 -74.35
C GLU K 374 52.01 -19.77 -73.69
N SER K 375 50.94 -19.20 -73.13
CA SER K 375 51.02 -17.83 -72.63
C SER K 375 52.05 -17.69 -71.52
N LEU K 376 52.20 -18.72 -70.69
CA LEU K 376 53.23 -18.67 -69.65
C LEU K 376 54.63 -18.70 -70.26
N ILE K 377 54.83 -19.48 -71.32
CA ILE K 377 56.12 -19.46 -72.01
C ILE K 377 56.39 -18.09 -72.61
N ARG K 378 55.36 -17.44 -73.15
CA ARG K 378 55.53 -16.08 -73.63
C ARG K 378 55.85 -15.11 -72.50
N LYS K 379 55.27 -15.34 -71.33
CA LYS K 379 55.45 -14.42 -70.20
C LYS K 379 56.85 -14.54 -69.61
N THR K 380 57.18 -15.72 -69.09
CA THR K 380 58.44 -15.91 -68.36
C THR K 380 59.58 -16.38 -69.26
N GLY K 381 59.32 -16.63 -70.55
CA GLY K 381 60.34 -17.17 -71.43
C GLY K 381 60.73 -18.60 -71.16
N TYR K 382 60.28 -19.19 -70.07
CA TYR K 382 60.67 -20.55 -69.72
C TYR K 382 59.89 -21.56 -70.56
N THR K 383 60.61 -22.53 -71.11
CA THR K 383 60.02 -23.64 -71.82
C THR K 383 60.15 -24.91 -71.01
N LEU K 384 59.38 -25.93 -71.39
CA LEU K 384 59.44 -27.22 -70.70
C LEU K 384 60.83 -27.82 -70.79
N GLU K 385 61.48 -27.67 -71.95
CA GLU K 385 62.79 -28.26 -72.17
C GLU K 385 63.82 -27.72 -71.21
N SER K 386 63.78 -26.42 -70.92
CA SER K 386 64.71 -25.86 -69.95
C SER K 386 64.49 -26.43 -68.55
N LEU K 387 63.25 -26.70 -68.18
CA LEU K 387 62.91 -27.17 -66.85
C LEU K 387 62.86 -28.69 -66.73
N LYS K 388 63.20 -29.42 -67.79
CA LYS K 388 63.26 -30.89 -67.71
C LYS K 388 64.08 -31.42 -66.53
N PRO K 389 65.31 -30.95 -66.26
CA PRO K 389 66.08 -31.57 -65.16
C PRO K 389 65.43 -31.37 -63.80
N CYS K 390 65.10 -30.12 -63.45
CA CYS K 390 64.41 -29.90 -62.19
C CYS K 390 63.05 -30.59 -62.19
N LEU K 391 62.43 -30.76 -63.36
CA LEU K 391 61.17 -31.48 -63.43
C LEU K 391 61.34 -32.92 -62.97
N MET K 392 62.37 -33.61 -63.47
CA MET K 392 62.55 -35.00 -63.06
C MET K 392 63.04 -35.10 -61.63
N ASP K 393 63.85 -34.13 -61.18
CA ASP K 393 64.23 -34.09 -59.76
C ASP K 393 62.98 -33.99 -58.88
N LEU K 394 62.09 -33.07 -59.23
CA LEU K 394 60.87 -32.89 -58.46
C LEU K 394 60.00 -34.13 -58.51
N HIS K 395 59.94 -34.79 -59.67
CA HIS K 395 59.15 -36.01 -59.79
C HIS K 395 59.68 -37.11 -58.88
N GLN K 396 60.99 -37.35 -58.91
CA GLN K 396 61.55 -38.42 -58.07
C GLN K 396 61.42 -38.09 -56.60
N THR K 397 61.60 -36.82 -56.22
CA THR K 397 61.43 -36.45 -54.82
C THR K 397 59.97 -36.58 -54.41
N TYR K 398 59.04 -36.30 -55.32
CA TYR K 398 57.63 -36.52 -55.05
C TYR K 398 57.36 -37.99 -54.79
N LEU K 399 57.97 -38.86 -55.58
CA LEU K 399 57.83 -40.30 -55.37
C LEU K 399 58.37 -40.72 -54.01
N LYS K 400 59.56 -40.23 -53.65
CA LYS K 400 60.20 -40.66 -52.42
C LYS K 400 59.68 -39.94 -51.18
N ALA K 401 58.87 -38.89 -51.34
CA ALA K 401 58.42 -38.11 -50.18
C ALA K 401 57.56 -38.90 -49.21
N PRO K 402 56.52 -39.66 -49.64
CA PRO K 402 55.61 -40.27 -48.65
C PRO K 402 56.31 -41.20 -47.67
N GLN K 403 57.50 -41.68 -48.01
CA GLN K 403 58.26 -42.58 -47.16
C GLN K 403 59.44 -41.88 -46.47
N HIS K 404 59.43 -40.55 -46.43
CA HIS K 404 60.49 -39.84 -45.73
C HIS K 404 60.37 -40.06 -44.23
N ALA K 405 61.48 -39.83 -43.53
CA ALA K 405 61.49 -39.99 -42.08
C ALA K 405 60.66 -38.92 -41.37
N GLN K 406 60.33 -37.83 -42.05
CA GLN K 406 59.57 -36.74 -41.46
C GLN K 406 58.41 -36.37 -42.38
N GLN K 407 57.22 -36.24 -41.80
CA GLN K 407 56.01 -35.96 -42.57
C GLN K 407 55.21 -34.80 -42.00
N SER K 408 55.90 -33.83 -41.39
CA SER K 408 55.21 -32.70 -40.79
C SER K 408 54.43 -31.92 -41.85
N ILE K 409 55.05 -31.67 -42.99
CA ILE K 409 54.32 -31.04 -44.10
C ILE K 409 53.16 -31.92 -44.53
N ARG K 410 53.36 -33.24 -44.55
CA ARG K 410 52.30 -34.14 -44.95
C ARG K 410 51.12 -34.07 -44.00
N GLU K 411 51.38 -34.18 -42.69
CA GLU K 411 50.29 -34.12 -41.72
C GLU K 411 49.63 -32.76 -41.71
N LYS K 412 50.40 -31.68 -41.95
CA LYS K 412 49.78 -30.36 -42.07
C LYS K 412 48.84 -30.31 -43.27
N TYR K 413 49.25 -30.89 -44.39
CA TYR K 413 48.44 -30.92 -45.59
C TYR K 413 47.44 -32.06 -45.62
N LYS K 414 47.28 -32.79 -44.50
CA LYS K 414 46.19 -33.75 -44.37
C LYS K 414 44.86 -33.09 -44.06
N ASN K 415 44.84 -31.79 -43.79
CA ASN K 415 43.61 -31.10 -43.41
C ASN K 415 42.86 -30.59 -44.63
N SER K 416 41.54 -30.47 -44.47
CA SER K 416 40.70 -30.03 -45.58
C SER K 416 40.95 -28.57 -45.96
N LYS K 417 41.62 -27.80 -45.11
CA LYS K 417 42.01 -26.44 -45.50
C LYS K 417 42.89 -26.47 -46.73
N TYR K 418 43.90 -27.36 -46.73
CA TYR K 418 44.64 -27.69 -47.94
C TYR K 418 44.01 -28.84 -48.70
N HIS K 419 42.74 -29.14 -48.42
CA HIS K 419 41.97 -30.21 -49.06
C HIS K 419 42.55 -31.59 -48.78
N GLY K 420 43.40 -31.70 -47.77
CA GLY K 420 43.96 -33.00 -47.39
C GLY K 420 44.75 -33.68 -48.49
N VAL K 421 45.30 -32.90 -49.42
CA VAL K 421 45.84 -33.47 -50.66
C VAL K 421 47.20 -34.11 -50.50
N SER K 422 47.76 -34.14 -49.30
CA SER K 422 49.08 -34.73 -49.11
C SER K 422 49.10 -36.23 -49.30
N LEU K 423 47.95 -36.88 -49.34
CA LEU K 423 47.87 -38.34 -49.37
C LEU K 423 47.77 -38.91 -50.78
N LEU K 424 47.82 -38.07 -51.81
CA LEU K 424 47.64 -38.57 -53.17
C LEU K 424 48.85 -39.38 -53.62
N ASN K 425 48.65 -40.13 -54.70
CA ASN K 425 49.71 -40.99 -55.25
C ASN K 425 50.66 -40.19 -56.13
N PRO K 426 51.97 -40.37 -55.98
CA PRO K 426 52.91 -39.75 -56.89
C PRO K 426 52.92 -40.47 -58.23
N PRO K 427 52.63 -39.76 -59.32
CA PRO K 427 52.63 -40.42 -60.64
C PRO K 427 53.98 -41.05 -60.95
N GLU K 428 53.95 -42.25 -61.53
CA GLU K 428 55.15 -43.06 -61.67
C GLU K 428 56.08 -42.51 -62.75
N THR K 429 55.54 -42.06 -63.87
CA THR K 429 56.36 -41.57 -64.96
C THR K 429 55.58 -40.52 -65.73
N LEU K 430 56.23 -39.38 -66.00
CA LEU K 430 55.61 -38.31 -66.76
C LEU K 430 55.50 -38.69 -68.23
N ASN K 431 54.69 -37.93 -68.96
CA ASN K 431 54.44 -38.15 -70.38
C ASN K 431 54.97 -36.97 -71.19
N LEU K 432 56.18 -36.53 -70.87
CA LEU K 432 56.82 -35.40 -71.53
C LEU K 432 56.89 -35.56 -73.04
N SER L 27 52.68 -29.58 -28.53
CA SER L 27 53.55 -30.54 -29.18
C SER L 27 54.74 -29.85 -29.83
N ALA L 28 54.53 -28.63 -30.30
CA ALA L 28 55.61 -27.88 -30.93
C ALA L 28 56.72 -27.55 -29.94
N CYS L 29 56.40 -27.52 -28.64
CA CYS L 29 57.41 -27.23 -27.63
C CYS L 29 58.35 -28.42 -27.51
N ARG L 30 59.43 -28.38 -28.27
CA ARG L 30 60.41 -29.47 -28.29
C ARG L 30 61.80 -28.88 -28.22
N ASN L 31 62.75 -29.71 -27.81
CA ASN L 31 64.16 -29.36 -27.88
C ASN L 31 64.80 -30.05 -29.07
N LEU L 32 65.64 -29.30 -29.78
CA LEU L 32 66.40 -29.85 -30.88
C LEU L 32 67.78 -30.32 -30.44
N PHE L 33 68.47 -29.56 -29.57
CA PHE L 33 69.85 -29.90 -29.27
C PHE L 33 70.28 -29.66 -27.83
N GLY L 34 69.39 -29.25 -26.94
CA GLY L 34 69.78 -28.96 -25.58
C GLY L 34 70.62 -27.70 -25.50
N PRO L 35 70.83 -27.20 -24.29
CA PRO L 35 71.56 -25.93 -24.12
C PRO L 35 73.03 -26.06 -24.48
N VAL L 36 73.58 -24.94 -24.96
CA VAL L 36 75.00 -24.77 -25.21
C VAL L 36 75.38 -23.41 -24.63
N ASP L 37 76.68 -23.22 -24.41
CA ASP L 37 77.19 -21.99 -23.81
C ASP L 37 76.67 -20.76 -24.55
N HIS L 38 76.45 -19.68 -23.80
CA HIS L 38 75.94 -18.44 -24.35
C HIS L 38 76.88 -17.25 -24.19
N GLU L 39 77.81 -17.31 -23.23
CA GLU L 39 78.76 -16.22 -23.07
C GLU L 39 79.70 -16.13 -24.28
N GLU L 40 80.16 -17.27 -24.77
CA GLU L 40 80.93 -17.27 -26.01
C GLU L 40 80.08 -16.78 -27.17
N LEU L 41 78.76 -17.01 -27.12
CA LEU L 41 77.88 -16.44 -28.13
C LEU L 41 77.87 -14.92 -28.07
N THR L 42 77.79 -14.36 -26.86
CA THR L 42 77.83 -12.91 -26.73
C THR L 42 79.15 -12.36 -27.26
N ARG L 43 80.26 -13.01 -26.92
CA ARG L 43 81.57 -12.59 -27.40
C ARG L 43 81.64 -12.66 -28.92
N ASP L 44 81.14 -13.75 -29.50
CA ASP L 44 81.20 -13.93 -30.95
C ASP L 44 80.35 -12.89 -31.67
N LEU L 45 79.14 -12.62 -31.16
CA LEU L 45 78.26 -11.66 -31.82
C LEU L 45 78.83 -10.25 -31.71
N GLU L 46 79.38 -9.89 -30.55
CA GLU L 46 79.94 -8.54 -30.43
C GLU L 46 81.16 -8.39 -31.32
N LYS L 47 82.01 -9.42 -31.42
CA LYS L 47 83.15 -9.33 -32.33
C LYS L 47 82.70 -9.23 -33.78
N HIS L 48 81.64 -9.95 -34.15
CA HIS L 48 81.07 -9.79 -35.49
C HIS L 48 80.61 -8.35 -35.71
N CYS L 49 79.94 -7.77 -34.72
CA CYS L 49 79.50 -6.38 -34.81
C CYS L 49 80.64 -5.39 -34.79
N ARG L 50 81.83 -5.79 -34.33
CA ARG L 50 82.99 -4.90 -34.30
C ARG L 50 83.60 -4.77 -35.70
N ASP L 51 82.76 -4.34 -36.65
CA ASP L 51 83.20 -4.01 -37.99
C ASP L 51 82.76 -2.59 -38.29
N MET L 52 81.64 -2.20 -37.71
CA MET L 52 81.00 -0.91 -37.96
C MET L 52 81.46 0.13 -36.93
N GLU L 53 82.77 0.26 -36.80
CA GLU L 53 83.38 1.29 -35.96
C GLU L 53 84.49 2.03 -36.67
N GLU L 54 85.25 1.34 -37.51
CA GLU L 54 86.29 2.00 -38.29
C GLU L 54 85.67 2.78 -39.45
N ALA L 55 84.98 2.06 -40.35
CA ALA L 55 84.45 2.70 -41.55
C ALA L 55 83.45 3.80 -41.22
N SER L 56 82.75 3.68 -40.09
CA SER L 56 81.82 4.73 -39.69
C SER L 56 82.53 6.06 -39.53
N GLN L 57 83.64 6.06 -38.77
CA GLN L 57 84.42 7.27 -38.61
C GLN L 57 85.17 7.63 -39.89
N ARG L 58 85.56 6.62 -40.68
CA ARG L 58 86.29 6.89 -41.91
C ARG L 58 85.44 7.70 -42.88
N LYS L 59 84.34 7.12 -43.34
CA LYS L 59 83.56 7.77 -44.38
C LYS L 59 82.70 8.91 -43.83
N TRP L 60 82.06 8.71 -42.68
CA TRP L 60 81.08 9.67 -42.20
C TRP L 60 81.62 10.65 -41.16
N ASN L 61 82.85 10.45 -40.69
CA ASN L 61 83.51 11.29 -39.68
C ASN L 61 82.54 11.76 -38.59
N PHE L 62 81.82 10.79 -38.01
CA PHE L 62 80.90 11.08 -36.92
C PHE L 62 80.92 9.93 -35.92
N ASP L 63 80.94 10.28 -34.64
CA ASP L 63 80.84 9.29 -33.56
C ASP L 63 79.36 8.99 -33.33
N PHE L 64 78.84 8.06 -34.12
CA PHE L 64 77.44 7.68 -33.97
C PHE L 64 77.19 6.98 -32.64
N GLN L 65 78.17 6.24 -32.14
CA GLN L 65 78.01 5.57 -30.84
C GLN L 65 77.80 6.58 -29.73
N ASN L 66 78.55 7.69 -29.75
CA ASN L 66 78.42 8.74 -28.76
C ASN L 66 77.60 9.91 -29.24
N HIS L 67 77.02 9.83 -30.44
CA HIS L 67 76.18 10.91 -30.99
C HIS L 67 76.93 12.23 -31.05
N LYS L 68 78.21 12.17 -31.40
CA LYS L 68 79.02 13.38 -31.40
C LYS L 68 79.67 13.59 -32.76
N PRO L 69 79.80 14.85 -33.19
CA PRO L 69 80.51 15.14 -34.43
C PRO L 69 82.01 14.97 -34.26
N LEU L 70 82.74 15.27 -35.34
CA LEU L 70 84.19 15.12 -35.34
C LEU L 70 84.89 16.27 -36.06
N GLU L 71 86.16 16.04 -36.40
CA GLU L 71 87.04 17.10 -36.87
C GLU L 71 86.47 17.88 -38.04
N GLY L 72 85.68 17.23 -38.87
CA GLY L 72 85.11 17.92 -40.00
C GLY L 72 85.13 17.05 -41.24
N LYS L 73 85.30 17.72 -42.38
CA LYS L 73 85.17 17.17 -43.73
C LYS L 73 83.70 16.89 -44.02
N TYR L 74 82.88 16.98 -42.98
CA TYR L 74 81.42 16.98 -43.05
C TYR L 74 80.98 18.02 -42.02
N GLU L 75 80.63 19.20 -42.51
CA GLU L 75 80.42 20.36 -41.63
C GLU L 75 79.19 20.11 -40.76
N TRP L 76 79.44 19.80 -39.49
CA TRP L 76 78.38 19.47 -38.55
C TRP L 76 77.88 20.76 -37.89
N GLN L 77 76.60 21.04 -38.05
CA GLN L 77 75.93 22.14 -37.37
C GLN L 77 74.73 21.61 -36.61
N GLU L 78 73.98 22.53 -35.98
CA GLU L 78 72.78 22.20 -35.24
C GLU L 78 71.67 23.14 -35.72
N VAL L 79 71.01 22.76 -36.81
CA VAL L 79 69.90 23.56 -37.32
C VAL L 79 68.70 23.36 -36.39
N GLU L 80 68.06 24.47 -36.02
CA GLU L 80 66.95 24.39 -35.09
C GLU L 80 65.71 23.88 -35.79
N LYS L 81 64.82 23.26 -35.00
CA LYS L 81 63.67 22.56 -35.54
C LYS L 81 62.66 23.47 -36.23
N GLY L 82 62.77 24.78 -36.06
CA GLY L 82 61.83 25.67 -36.72
C GLY L 82 62.07 25.88 -38.19
N SER L 83 63.20 25.38 -38.73
CA SER L 83 63.56 25.63 -40.12
C SER L 83 63.22 24.45 -41.04
N LEU L 84 63.78 23.29 -40.75
CA LEU L 84 63.59 22.14 -41.62
C LEU L 84 62.19 21.56 -41.48
N PRO L 85 61.65 20.94 -42.53
CA PRO L 85 60.31 20.35 -42.44
C PRO L 85 60.27 19.28 -41.36
N GLU L 86 59.13 19.21 -40.67
CA GLU L 86 59.03 18.41 -39.45
C GLU L 86 59.35 16.94 -39.67
N PHE L 87 59.34 16.47 -40.91
CA PHE L 87 59.53 15.06 -41.18
C PHE L 87 60.87 14.56 -40.64
N TYR L 88 61.90 15.39 -40.69
CA TYR L 88 63.22 14.94 -40.27
C TYR L 88 63.33 14.71 -38.78
N TYR L 89 62.34 15.13 -37.98
CA TYR L 89 62.36 14.83 -36.56
C TYR L 89 61.02 14.28 -36.07
N ARG L 90 60.18 13.80 -36.98
CA ARG L 90 58.87 13.31 -36.58
C ARG L 90 59.01 12.09 -35.68
N PRO L 91 58.35 12.06 -34.53
CA PRO L 91 58.40 10.86 -33.70
C PRO L 91 57.64 9.72 -34.34
N PRO L 92 58.02 8.47 -34.06
CA PRO L 92 57.28 7.34 -34.62
C PRO L 92 55.94 7.13 -33.93
N ARG L 93 55.24 6.06 -34.30
CA ARG L 93 53.92 5.79 -33.76
C ARG L 93 53.87 4.46 -33.01
N ALA L 181 8.31 23.15 -14.15
CA ALA L 181 7.49 24.04 -14.97
C ALA L 181 8.20 24.38 -16.28
N GLY L 182 9.48 24.76 -16.18
CA GLY L 182 10.25 25.15 -17.35
C GLY L 182 10.90 23.99 -18.05
N SER L 183 12.21 24.07 -18.28
CA SER L 183 12.99 23.02 -18.93
C SER L 183 12.39 22.65 -20.29
N VAL L 184 12.13 23.68 -21.09
CA VAL L 184 11.45 23.48 -22.37
C VAL L 184 12.22 22.51 -23.24
N GLU L 185 11.49 21.72 -24.04
CA GLU L 185 12.07 20.75 -24.95
C GLU L 185 12.42 21.46 -26.26
N GLN L 186 13.57 22.12 -26.26
CA GLN L 186 14.05 22.81 -27.46
C GLN L 186 15.57 22.67 -27.58
N TPO L 187 16.14 23.21 -28.67
CA TPO L 187 17.59 23.20 -28.85
CB TPO L 187 17.97 22.91 -30.31
CG2 TPO L 187 19.30 22.16 -30.34
OG1 TPO L 187 16.99 22.16 -31.01
P TPO L 187 16.80 22.82 -32.48
O1P TPO L 187 15.77 24.05 -32.40
O2P TPO L 187 18.22 23.35 -33.04
O3P TPO L 187 16.28 21.79 -33.40
C TPO L 187 18.24 24.51 -28.42
O TPO L 187 18.14 25.51 -29.13
N PRO L 188 18.90 24.52 -27.26
CA PRO L 188 19.79 25.64 -26.95
C PRO L 188 21.11 25.46 -27.67
N LYS L 189 21.48 26.43 -28.50
CA LYS L 189 22.71 26.31 -29.28
C LYS L 189 23.93 26.38 -28.37
N LYS L 190 25.08 26.09 -28.97
CA LYS L 190 26.32 25.95 -28.20
C LYS L 190 27.43 26.81 -28.81
ZN ZN M . -44.58 35.76 24.92
ZN ZN N . -40.13 51.12 23.34
ZN ZN O . -37.25 10.69 26.73
ZN ZN P . -27.99 22.87 32.39
ZN ZN Q . -76.73 30.37 14.48
ZN ZN R . -71.24 35.77 26.89
N SY8 S . -49.53 45.31 14.74
C SY8 S . -53.50 46.41 12.94
O SY8 S . -51.59 45.19 12.22
C1 SY8 S . -52.03 46.24 12.67
C2 SY8 S . -51.07 47.37 12.94
C3 SY8 S . -50.66 47.46 14.40
C4 SY8 S . -50.69 46.11 15.13
ZN ZN T . 1.66 17.98 46.08
ZN ZN U . 2.55 31.25 51.63
ZN ZN V . 6.98 13.45 44.72
#